data_5MHR
#
_entry.id   5MHR
#
_cell.length_a   103.163
_cell.length_b   109.306
_cell.length_c   131.699
_cell.angle_alpha   103.13
_cell.angle_beta   113.56
_cell.angle_gamma   103.48
#
_symmetry.space_group_name_H-M   'P 1'
#
loop_
_entity.id
_entity.type
_entity.pdbx_description
1 polymer 'Viral attachment protein sigma 1'
2 polymer '9BG5 Fab light chain,LOC100046793 protein,MAb 110 light chain'
3 polymer '9BG5 Fab heavy chain'
#
loop_
_entity_poly.entity_id
_entity_poly.type
_entity_poly.pdbx_seq_one_letter_code
_entity_poly.pdbx_strand_id
1 'polypeptide(L)'
;GSSPNLRYPIADVSGGIGMSPNYRFRQSMWIGIVSYSGSGLNWRVQVNSDIFIVDDYIHICLPAFDGFSIADGGDLSLNF
VTGLLPPLLTGDTEPAFHNDVVTYGAQTVAIGLSSGGTPQYMSKNLWVEQWQDGVLRLRVEGGGSITHSNSKWPAMTVSY
PRSFT
;
A,B,C,D,E,F
2 'polypeptide(L)'
;EIVLTQSPTTMAASPGEKIIITCSASSSISSNYLHWYQQKPGCSPKLLIYRTSKLASGVPARFSGSGSGTSYSLTIGTME
AEDVATYYCQQGSSIYTFGGGTKLEIKRADAAPTVSIFPPSSEQLTSGGASVVCFLNNFYPKDINVKWKIDGSERQNGVL
NSWTDQDSKDSTYSMSSTLTLTKDEYERHNSYTCEATHKTSTSPIVKSFNRNEC
;
G,H,J,L,O,Q
3 'polypeptide(L)'
;EVQLQQSGPELVKPGASMKISCKASGYSFTGYTMNWVKQSHGKNLEWIGLINPYNDGPSYNQNFKGKATLTVDKSSSTAY
MELLSLTSEDSAVYYCAIHYYGISYWYFDVWGAGTTVTVSSAKTTAPSVYPLVPVCGGTTGSSVTLGCLVKGYFPEPVTL
TWNSGSLSSGVHTFPALLQSGLYTLSSSVTVTSNTWPSQTITCNVAHPASSTKVDKKIE
;
I,K,M,N,P,R
#
# COMPACT_ATOMS: atom_id res chain seq x y z
N PRO A 4 -38.91 -25.84 -56.51
CA PRO A 4 -39.17 -27.28 -56.39
C PRO A 4 -39.78 -27.65 -55.05
N ASN A 5 -39.59 -28.90 -54.63
CA ASN A 5 -40.06 -29.35 -53.34
C ASN A 5 -39.14 -28.87 -52.22
N LEU A 6 -39.73 -28.36 -51.15
CA LEU A 6 -38.99 -27.79 -50.04
C LEU A 6 -39.28 -28.59 -48.77
N ARG A 7 -38.24 -28.78 -47.96
CA ARG A 7 -38.36 -29.51 -46.70
C ARG A 7 -38.01 -28.57 -45.56
N TYR A 8 -38.89 -28.49 -44.56
CA TYR A 8 -38.66 -27.69 -43.36
C TYR A 8 -37.31 -28.08 -42.75
N PRO A 9 -36.53 -27.10 -42.29
CA PRO A 9 -36.83 -25.66 -42.18
C PRO A 9 -36.76 -24.85 -43.48
N ILE A 10 -36.36 -25.45 -44.58
CA ILE A 10 -36.39 -24.74 -45.86
C ILE A 10 -37.83 -24.62 -46.33
N ALA A 11 -38.29 -23.39 -46.53
CA ALA A 11 -39.68 -23.15 -46.88
C ALA A 11 -39.78 -21.90 -47.75
N ASP A 12 -40.98 -21.66 -48.27
CA ASP A 12 -41.23 -20.49 -49.11
C ASP A 12 -41.23 -19.22 -48.25
N VAL A 13 -40.34 -18.30 -48.59
CA VAL A 13 -40.23 -17.02 -47.88
C VAL A 13 -40.46 -15.92 -48.91
N SER A 14 -41.64 -15.31 -48.89
CA SER A 14 -42.01 -14.23 -49.81
C SER A 14 -41.74 -14.64 -51.26
N GLY A 15 -42.21 -15.83 -51.62
CA GLY A 15 -42.02 -16.34 -52.97
C GLY A 15 -40.58 -16.67 -53.30
N GLY A 16 -39.83 -17.22 -52.36
CA GLY A 16 -38.45 -17.57 -52.61
C GLY A 16 -37.97 -18.62 -51.63
N ILE A 17 -36.90 -19.30 -52.02
CA ILE A 17 -36.31 -20.32 -51.16
C ILE A 17 -35.59 -19.63 -50.00
N GLY A 18 -36.07 -19.84 -48.79
CA GLY A 18 -35.47 -19.22 -47.64
C GLY A 18 -35.55 -20.07 -46.39
N MET A 19 -35.29 -19.47 -45.23
CA MET A 19 -35.33 -20.19 -43.96
C MET A 19 -36.62 -19.82 -43.23
N SER A 20 -37.32 -20.83 -42.74
CA SER A 20 -38.59 -20.59 -42.08
C SER A 20 -38.40 -19.75 -40.83
N PRO A 21 -39.16 -18.66 -40.67
CA PRO A 21 -39.05 -17.87 -39.43
C PRO A 21 -39.40 -18.66 -38.19
N ASN A 22 -40.23 -19.70 -38.32
CA ASN A 22 -40.57 -20.54 -37.18
C ASN A 22 -39.34 -21.31 -36.70
N TYR A 23 -38.49 -21.72 -37.63
CA TYR A 23 -37.24 -22.37 -37.25
C TYR A 23 -36.28 -21.40 -36.59
N ARG A 24 -36.25 -20.15 -37.07
CA ARG A 24 -35.32 -19.17 -36.56
C ARG A 24 -35.69 -18.71 -35.15
N PHE A 25 -36.98 -18.51 -34.89
CA PHE A 25 -37.41 -18.11 -33.55
C PHE A 25 -38.84 -18.59 -33.29
N ARG A 26 -39.03 -19.19 -32.12
CA ARG A 26 -40.35 -19.65 -31.67
C ARG A 26 -40.43 -19.46 -30.16
N GLN A 27 -41.52 -18.89 -29.69
CA GLN A 27 -41.69 -18.58 -28.27
C GLN A 27 -42.88 -19.34 -27.71
N SER A 28 -42.71 -19.88 -26.50
CA SER A 28 -43.76 -20.65 -25.86
C SER A 28 -43.67 -20.41 -24.35
N MET A 29 -44.43 -21.20 -23.59
CA MET A 29 -44.53 -21.02 -22.16
C MET A 29 -44.78 -22.38 -21.51
N TRP A 30 -44.33 -22.53 -20.27
CA TRP A 30 -44.60 -23.74 -19.51
C TRP A 30 -44.97 -23.37 -18.08
N ILE A 31 -46.11 -23.88 -17.63
CA ILE A 31 -46.57 -23.76 -16.24
C ILE A 31 -46.73 -25.18 -15.73
N GLY A 32 -45.87 -25.59 -14.81
CA GLY A 32 -45.89 -26.96 -14.35
C GLY A 32 -45.16 -27.15 -13.04
N ILE A 33 -44.88 -28.42 -12.73
CA ILE A 33 -44.27 -28.82 -11.48
C ILE A 33 -42.79 -29.09 -11.71
N VAL A 34 -41.94 -28.49 -10.89
CA VAL A 34 -40.54 -28.82 -10.78
C VAL A 34 -40.38 -29.62 -9.49
N SER A 35 -39.94 -30.86 -9.60
CA SER A 35 -39.83 -31.77 -8.46
C SER A 35 -38.37 -32.00 -8.13
N TYR A 36 -38.03 -31.92 -6.84
CA TYR A 36 -36.68 -32.22 -6.39
C TYR A 36 -36.66 -33.59 -5.74
N SER A 37 -35.68 -34.41 -6.12
CA SER A 37 -35.46 -35.71 -5.48
C SER A 37 -34.02 -35.80 -5.03
N GLY A 38 -33.81 -35.89 -3.73
CA GLY A 38 -32.49 -36.07 -3.17
C GLY A 38 -32.42 -37.38 -2.41
N SER A 39 -31.44 -37.51 -1.53
CA SER A 39 -31.28 -38.72 -0.73
C SER A 39 -32.29 -38.65 0.41
N GLY A 40 -33.49 -39.20 0.16
CA GLY A 40 -34.54 -39.14 1.15
C GLY A 40 -35.32 -37.84 1.21
N LEU A 41 -35.07 -36.92 0.27
CA LEU A 41 -35.72 -35.62 0.26
C LEU A 41 -36.53 -35.48 -1.01
N ASN A 42 -37.78 -35.02 -0.88
CA ASN A 42 -38.67 -34.82 -2.01
C ASN A 42 -39.56 -33.61 -1.76
N TRP A 43 -39.57 -32.68 -2.70
CA TRP A 43 -40.50 -31.55 -2.65
C TRP A 43 -40.83 -31.08 -4.06
N ARG A 44 -41.94 -30.35 -4.17
CA ARG A 44 -42.48 -29.91 -5.45
C ARG A 44 -42.68 -28.40 -5.44
N VAL A 45 -42.47 -27.79 -6.60
CA VAL A 45 -42.69 -26.36 -6.80
C VAL A 45 -43.43 -26.17 -8.11
N GLN A 46 -44.29 -25.16 -8.16
CA GLN A 46 -44.97 -24.77 -9.38
C GLN A 46 -44.24 -23.56 -9.95
N VAL A 47 -43.96 -23.60 -11.25
CA VAL A 47 -43.18 -22.57 -11.91
C VAL A 47 -43.91 -22.14 -13.19
N ASN A 48 -43.61 -20.92 -13.64
CA ASN A 48 -44.06 -20.41 -14.93
C ASN A 48 -42.82 -20.05 -15.72
N SER A 49 -42.48 -20.87 -16.71
CA SER A 49 -41.23 -20.74 -17.43
C SER A 49 -41.48 -20.28 -18.86
N ASP A 50 -40.59 -19.42 -19.36
CA ASP A 50 -40.58 -19.03 -20.74
C ASP A 50 -39.78 -20.05 -21.54
N ILE A 51 -40.25 -20.38 -22.73
CA ILE A 51 -39.60 -21.34 -23.60
C ILE A 51 -39.24 -20.63 -24.90
N PHE A 52 -37.98 -20.75 -25.31
CA PHE A 52 -37.53 -20.24 -26.60
C PHE A 52 -36.92 -21.36 -27.42
N ILE A 53 -37.35 -21.48 -28.67
CA ILE A 53 -36.79 -22.43 -29.62
C ILE A 53 -36.11 -21.63 -30.72
N VAL A 54 -34.79 -21.73 -30.80
CA VAL A 54 -33.99 -21.00 -31.77
C VAL A 54 -33.15 -22.01 -32.51
N ASP A 55 -33.30 -22.06 -33.84
CA ASP A 55 -32.61 -23.02 -34.69
C ASP A 55 -32.90 -24.41 -34.13
N ASP A 56 -31.88 -25.26 -33.92
CA ASP A 56 -32.11 -26.60 -33.38
C ASP A 56 -31.82 -26.67 -31.89
N TYR A 57 -32.07 -25.58 -31.16
CA TYR A 57 -31.94 -25.53 -29.72
C TYR A 57 -33.27 -25.17 -29.08
N ILE A 58 -33.47 -25.65 -27.85
CA ILE A 58 -34.60 -25.23 -27.03
C ILE A 58 -34.04 -24.66 -25.74
N HIS A 59 -34.59 -23.54 -25.31
CA HIS A 59 -34.15 -22.83 -24.11
C HIS A 59 -35.31 -22.80 -23.14
N ILE A 60 -35.11 -23.38 -21.97
CA ILE A 60 -36.10 -23.37 -20.90
C ILE A 60 -35.65 -22.30 -19.91
N CYS A 61 -36.32 -21.15 -19.91
CA CYS A 61 -35.92 -20.04 -19.06
C CYS A 61 -36.70 -20.12 -17.76
N LEU A 62 -36.12 -20.81 -16.80
CA LEU A 62 -36.73 -20.95 -15.49
C LEU A 62 -36.46 -19.69 -14.68
N PRO A 63 -37.46 -19.13 -14.02
CA PRO A 63 -37.23 -18.02 -13.09
C PRO A 63 -36.82 -18.56 -11.72
N ALA A 64 -36.43 -17.64 -10.84
CA ALA A 64 -36.07 -18.02 -9.49
C ALA A 64 -37.26 -18.64 -8.77
N PHE A 65 -37.01 -19.75 -8.07
CA PHE A 65 -38.01 -20.40 -7.24
C PHE A 65 -37.39 -20.78 -5.90
N ASP A 66 -38.24 -21.01 -4.91
CA ASP A 66 -37.81 -21.38 -3.57
C ASP A 66 -38.32 -22.76 -3.23
N GLY A 67 -37.43 -23.61 -2.72
CA GLY A 67 -37.76 -24.97 -2.36
C GLY A 67 -37.36 -25.29 -0.93
N PHE A 68 -37.17 -26.58 -0.65
CA PHE A 68 -36.84 -27.00 0.71
C PHE A 68 -35.50 -27.73 0.73
N SER A 69 -35.28 -28.59 1.72
CA SER A 69 -33.99 -29.22 1.90
C SER A 69 -33.53 -29.94 0.63
N ILE A 70 -32.23 -29.86 0.37
CA ILE A 70 -31.60 -30.56 -0.75
C ILE A 70 -30.44 -31.38 -0.23
N ALA A 71 -30.17 -32.47 -0.92
CA ALA A 71 -29.03 -33.33 -0.62
C ALA A 71 -27.78 -32.80 -1.32
N ASP A 72 -26.63 -33.31 -0.91
CA ASP A 72 -25.39 -32.96 -1.61
C ASP A 72 -25.47 -33.35 -3.08
N GLY A 73 -26.11 -34.49 -3.37
CA GLY A 73 -26.35 -34.91 -4.73
C GLY A 73 -27.83 -35.20 -4.92
N GLY A 74 -28.43 -34.60 -5.94
CA GLY A 74 -29.85 -34.77 -6.18
C GLY A 74 -30.18 -34.42 -7.61
N ASP A 75 -31.46 -34.50 -7.93
CA ASP A 75 -31.95 -34.20 -9.27
C ASP A 75 -33.18 -33.29 -9.23
N LEU A 76 -33.33 -32.52 -10.29
CA LEU A 76 -34.48 -31.65 -10.52
C LEU A 76 -35.19 -32.15 -11.77
N SER A 77 -36.51 -32.31 -11.69
CA SER A 77 -37.28 -32.90 -12.78
C SER A 77 -38.35 -31.92 -13.23
N LEU A 78 -38.44 -31.71 -14.54
CA LEU A 78 -39.47 -30.87 -15.14
C LEU A 78 -40.42 -31.77 -15.92
N ASN A 79 -41.70 -31.75 -15.54
CA ASN A 79 -42.71 -32.61 -16.16
C ASN A 79 -43.40 -31.81 -17.27
N PHE A 80 -43.07 -32.12 -18.53
CA PHE A 80 -43.65 -31.44 -19.68
C PHE A 80 -44.84 -32.19 -20.25
N VAL A 81 -45.32 -33.24 -19.58
CA VAL A 81 -46.49 -33.97 -20.08
C VAL A 81 -47.71 -33.05 -20.10
N THR A 82 -47.77 -32.10 -19.16
CA THR A 82 -48.81 -31.08 -19.15
C THR A 82 -48.19 -29.75 -18.77
N GLY A 83 -48.82 -28.67 -19.20
CA GLY A 83 -48.41 -27.33 -18.86
C GLY A 83 -47.93 -26.50 -20.02
N LEU A 84 -47.56 -27.11 -21.14
CA LEU A 84 -47.04 -26.35 -22.27
C LEU A 84 -48.18 -25.63 -22.99
N LEU A 85 -47.92 -24.37 -23.34
CA LEU A 85 -48.89 -23.57 -24.06
C LEU A 85 -49.01 -24.05 -25.51
N PRO A 86 -50.21 -24.44 -25.96
CA PRO A 86 -50.46 -24.86 -27.35
C PRO A 86 -50.02 -23.81 -28.36
N PRO A 87 -49.61 -24.22 -29.57
CA PRO A 87 -49.58 -25.61 -30.08
C PRO A 87 -48.33 -26.42 -29.72
N LEU A 88 -47.50 -25.93 -28.81
CA LEU A 88 -46.31 -26.69 -28.42
C LEU A 88 -46.73 -27.94 -27.66
N LEU A 89 -46.19 -29.08 -28.05
CA LEU A 89 -46.54 -30.36 -27.44
C LEU A 89 -45.38 -30.91 -26.63
N THR A 90 -45.66 -31.93 -25.81
CA THR A 90 -44.63 -32.54 -24.99
C THR A 90 -43.48 -33.09 -25.82
N GLY A 91 -43.78 -33.71 -26.95
CA GLY A 91 -42.73 -34.24 -27.80
C GLY A 91 -41.80 -33.18 -28.34
N ASP A 92 -42.24 -31.92 -28.36
CA ASP A 92 -41.39 -30.83 -28.85
C ASP A 92 -40.22 -30.54 -27.91
N THR A 93 -40.30 -30.99 -26.66
CA THR A 93 -39.23 -30.79 -25.70
C THR A 93 -38.21 -31.91 -25.69
N GLU A 94 -38.42 -32.96 -26.51
CA GLU A 94 -37.47 -34.06 -26.56
C GLU A 94 -36.15 -33.60 -27.18
N PRO A 95 -35.00 -33.93 -26.59
CA PRO A 95 -33.72 -33.52 -27.16
C PRO A 95 -33.34 -34.36 -28.36
N ALA A 96 -32.33 -33.88 -29.09
CA ALA A 96 -31.82 -34.59 -30.25
C ALA A 96 -31.14 -35.90 -29.87
N PHE A 97 -30.65 -36.02 -28.65
CA PHE A 97 -30.13 -37.29 -28.15
C PHE A 97 -31.21 -38.14 -27.48
N HIS A 98 -32.48 -37.73 -27.61
CA HIS A 98 -33.64 -38.54 -27.20
C HIS A 98 -33.49 -38.87 -25.71
N ASN A 99 -33.71 -40.12 -25.28
CA ASN A 99 -33.66 -40.48 -23.88
C ASN A 99 -32.29 -40.99 -23.44
N ASP A 100 -31.23 -40.60 -24.15
CA ASP A 100 -29.90 -41.00 -23.74
C ASP A 100 -29.49 -40.29 -22.46
N VAL A 101 -28.66 -40.97 -21.67
CA VAL A 101 -28.06 -40.37 -20.48
C VAL A 101 -26.82 -39.61 -20.91
N VAL A 102 -26.80 -38.31 -20.64
CA VAL A 102 -25.75 -37.40 -21.08
C VAL A 102 -25.36 -36.52 -19.90
N THR A 103 -24.34 -35.69 -20.11
CA THR A 103 -23.94 -34.67 -19.16
C THR A 103 -23.77 -33.35 -19.92
N TYR A 104 -24.88 -32.83 -20.42
CA TYR A 104 -24.89 -31.72 -21.38
C TYR A 104 -25.26 -30.43 -20.67
N GLY A 105 -24.62 -29.35 -21.09
CA GLY A 105 -24.84 -28.03 -20.54
C GLY A 105 -24.48 -27.89 -19.09
N ALA A 106 -23.38 -28.48 -18.65
CA ALA A 106 -23.02 -28.43 -17.25
C ALA A 106 -22.63 -27.01 -16.86
N GLN A 107 -23.33 -26.46 -15.89
CA GLN A 107 -23.08 -25.10 -15.43
C GLN A 107 -22.94 -25.13 -13.92
N THR A 108 -22.50 -23.99 -13.38
CA THR A 108 -22.42 -23.79 -11.95
C THR A 108 -23.62 -22.95 -11.53
N VAL A 109 -24.39 -23.44 -10.57
CA VAL A 109 -25.53 -22.72 -10.04
C VAL A 109 -25.31 -22.49 -8.55
N ALA A 110 -25.63 -21.28 -8.10
CA ALA A 110 -25.47 -20.90 -6.70
C ALA A 110 -26.82 -20.93 -6.01
N ILE A 111 -27.00 -21.87 -5.09
CA ILE A 111 -28.25 -22.04 -4.36
C ILE A 111 -28.02 -21.59 -2.93
N GLY A 112 -28.92 -20.75 -2.42
CA GLY A 112 -28.83 -20.27 -1.05
C GLY A 112 -29.58 -21.13 -0.07
N LEU A 113 -28.86 -21.78 0.84
CA LEU A 113 -29.46 -22.64 1.84
C LEU A 113 -29.61 -21.89 3.16
N SER A 114 -30.76 -22.05 3.79
CA SER A 114 -31.06 -21.36 5.04
C SER A 114 -32.04 -22.18 5.87
N SER A 115 -32.10 -21.85 7.15
CA SER A 115 -33.07 -22.43 8.07
C SER A 115 -34.07 -21.37 8.54
N GLY A 116 -34.38 -20.43 7.65
CA GLY A 116 -35.19 -19.29 7.97
C GLY A 116 -34.41 -18.01 8.18
N GLY A 117 -33.10 -18.10 8.38
CA GLY A 117 -32.25 -16.94 8.56
C GLY A 117 -31.60 -16.50 7.26
N THR A 118 -30.49 -15.78 7.39
CA THR A 118 -29.75 -15.36 6.22
C THR A 118 -29.20 -16.59 5.49
N PRO A 119 -29.43 -16.71 4.18
CA PRO A 119 -28.95 -17.89 3.47
C PRO A 119 -27.46 -17.86 3.24
N GLN A 120 -26.88 -19.06 3.11
CA GLN A 120 -25.50 -19.25 2.73
C GLN A 120 -25.48 -19.94 1.37
N TYR A 121 -24.77 -19.36 0.41
CA TYR A 121 -24.88 -19.80 -0.97
C TYR A 121 -23.84 -20.86 -1.29
N MET A 122 -24.31 -21.99 -1.80
CA MET A 122 -23.47 -23.09 -2.20
C MET A 122 -23.41 -23.13 -3.71
N SER A 123 -22.22 -23.38 -4.25
CA SER A 123 -22.04 -23.44 -5.71
C SER A 123 -22.20 -24.89 -6.15
N LYS A 124 -23.39 -25.20 -6.68
CA LYS A 124 -23.72 -26.54 -7.13
C LYS A 124 -23.41 -26.69 -8.61
N ASN A 125 -23.34 -27.93 -9.05
CA ASN A 125 -23.04 -28.29 -10.43
C ASN A 125 -24.31 -28.86 -11.05
N LEU A 126 -24.79 -28.22 -12.12
CA LEU A 126 -26.03 -28.63 -12.78
C LEU A 126 -25.75 -28.97 -14.24
N TRP A 127 -26.36 -30.05 -14.71
CA TRP A 127 -26.30 -30.43 -16.12
C TRP A 127 -27.56 -31.20 -16.51
N VAL A 128 -27.87 -31.17 -17.80
CA VAL A 128 -28.94 -31.99 -18.34
C VAL A 128 -28.50 -33.45 -18.40
N GLU A 129 -29.29 -34.34 -17.80
CA GLU A 129 -28.91 -35.75 -17.78
C GLU A 129 -29.80 -36.61 -18.66
N GLN A 130 -31.11 -36.45 -18.60
CA GLN A 130 -31.96 -37.35 -19.36
C GLN A 130 -33.34 -36.75 -19.51
N TRP A 131 -33.95 -37.04 -20.66
CA TRP A 131 -35.34 -36.73 -20.95
C TRP A 131 -36.04 -38.04 -21.27
N GLN A 132 -37.06 -38.39 -20.49
CA GLN A 132 -37.74 -39.66 -20.67
C GLN A 132 -39.23 -39.49 -20.42
N ASP A 133 -40.03 -39.82 -21.43
CA ASP A 133 -41.48 -39.79 -21.32
C ASP A 133 -41.98 -38.41 -20.92
N GLY A 134 -41.35 -37.37 -21.48
CA GLY A 134 -41.78 -36.01 -21.24
C GLY A 134 -41.25 -35.36 -19.98
N VAL A 135 -40.34 -36.01 -19.26
CA VAL A 135 -39.75 -35.44 -18.05
C VAL A 135 -38.26 -35.20 -18.29
N LEU A 136 -37.83 -33.95 -18.14
CA LEU A 136 -36.43 -33.57 -18.29
C LEU A 136 -35.79 -33.55 -16.90
N ARG A 137 -34.72 -34.32 -16.73
CA ARG A 137 -34.07 -34.48 -15.44
C ARG A 137 -32.75 -33.72 -15.44
N LEU A 138 -32.59 -32.80 -14.48
CA LEU A 138 -31.35 -32.07 -14.30
C LEU A 138 -30.65 -32.55 -13.04
N ARG A 139 -29.34 -32.78 -13.14
CA ARG A 139 -28.55 -33.23 -12.00
C ARG A 139 -27.99 -32.04 -11.26
N VAL A 140 -28.11 -32.07 -9.92
CA VAL A 140 -27.57 -31.03 -9.06
C VAL A 140 -26.73 -31.71 -7.99
N GLU A 141 -25.42 -31.53 -8.05
CA GLU A 141 -24.53 -32.15 -7.06
C GLU A 141 -23.27 -31.31 -6.90
N GLY A 142 -22.54 -31.61 -5.82
CA GLY A 142 -21.27 -30.96 -5.55
C GLY A 142 -21.41 -29.70 -4.71
N GLY A 143 -20.28 -29.19 -4.27
CA GLY A 143 -20.26 -27.94 -3.54
C GLY A 143 -20.45 -28.05 -2.04
N GLY A 144 -20.73 -29.23 -1.52
CA GLY A 144 -20.96 -29.39 -0.10
C GLY A 144 -22.36 -28.94 0.28
N SER A 145 -22.63 -28.99 1.58
CA SER A 145 -23.95 -28.65 2.08
C SER A 145 -23.83 -28.16 3.51
N ILE A 146 -24.94 -27.65 4.03
CA ILE A 146 -25.09 -27.29 5.43
C ILE A 146 -26.45 -27.77 5.90
N THR A 147 -26.67 -27.68 7.20
CA THR A 147 -27.99 -27.98 7.74
C THR A 147 -28.95 -26.86 7.37
N HIS A 148 -30.01 -27.21 6.66
CA HIS A 148 -30.95 -26.21 6.19
C HIS A 148 -32.33 -26.84 6.04
N SER A 149 -33.34 -25.98 6.01
CA SER A 149 -34.71 -26.40 5.73
C SER A 149 -35.26 -25.80 4.46
N ASN A 150 -34.65 -24.74 3.93
CA ASN A 150 -35.13 -24.06 2.73
C ASN A 150 -33.98 -23.82 1.78
N SER A 151 -34.29 -23.83 0.49
CA SER A 151 -33.30 -23.62 -0.57
C SER A 151 -33.77 -22.49 -1.47
N LYS A 152 -32.87 -21.55 -1.75
CA LYS A 152 -33.15 -20.43 -2.64
C LYS A 152 -32.54 -20.73 -4.01
N TRP A 153 -33.39 -20.99 -4.97
CA TRP A 153 -32.86 -21.33 -6.28
C TRP A 153 -32.83 -20.08 -7.16
N PRO A 154 -31.75 -19.90 -7.92
CA PRO A 154 -31.67 -18.76 -8.82
C PRO A 154 -32.43 -19.03 -10.11
N ALA A 155 -32.63 -17.98 -10.88
CA ALA A 155 -33.11 -18.17 -12.24
C ALA A 155 -32.07 -18.98 -13.00
N MET A 156 -32.51 -20.03 -13.67
CA MET A 156 -31.62 -20.91 -14.41
C MET A 156 -32.18 -21.15 -15.79
N THR A 157 -31.36 -20.97 -16.82
CA THR A 157 -31.75 -21.28 -18.19
C THR A 157 -31.14 -22.61 -18.59
N VAL A 158 -31.98 -23.54 -19.01
CA VAL A 158 -31.58 -24.88 -19.40
C VAL A 158 -31.75 -25.01 -20.91
N SER A 159 -30.65 -25.25 -21.62
CA SER A 159 -30.69 -25.36 -23.07
C SER A 159 -30.11 -26.71 -23.50
N TYR A 160 -30.62 -27.21 -24.62
CA TYR A 160 -30.12 -28.44 -25.22
C TYR A 160 -30.62 -28.53 -26.66
N PRO A 161 -29.98 -29.36 -27.49
CA PRO A 161 -30.46 -29.53 -28.88
C PRO A 161 -31.83 -30.19 -28.91
N ARG A 162 -32.63 -29.79 -29.89
CA ARG A 162 -34.00 -30.26 -30.02
C ARG A 162 -34.11 -31.29 -31.13
N SER A 163 -34.83 -32.38 -30.85
CA SER A 163 -35.01 -33.43 -31.84
C SER A 163 -35.88 -32.94 -32.99
N PHE A 164 -35.53 -33.36 -34.20
CA PHE A 164 -36.26 -32.99 -35.41
C PHE A 164 -36.75 -34.19 -36.21
N THR A 165 -36.27 -35.40 -35.92
CA THR A 165 -36.67 -36.58 -36.67
C THR A 165 -37.57 -37.47 -35.83
N SER B 3 -26.74 -32.47 -54.79
CA SER B 3 -25.29 -32.19 -54.73
C SER B 3 -24.79 -31.27 -55.85
N PRO B 4 -25.24 -31.48 -57.10
CA PRO B 4 -24.84 -30.53 -58.16
C PRO B 4 -25.29 -29.11 -57.90
N ASN B 5 -26.53 -28.90 -57.48
CA ASN B 5 -27.07 -27.57 -57.24
C ASN B 5 -27.34 -27.30 -55.75
N LEU B 6 -26.92 -28.18 -54.86
CA LEU B 6 -27.08 -27.97 -53.42
C LEU B 6 -25.73 -28.02 -52.74
N ARG B 7 -25.53 -27.13 -51.76
CA ARG B 7 -24.31 -27.06 -50.98
C ARG B 7 -24.64 -27.30 -49.52
N TYR B 8 -23.88 -28.20 -48.89
CA TYR B 8 -24.03 -28.47 -47.46
C TYR B 8 -23.96 -27.14 -46.71
N PRO B 9 -24.82 -26.95 -45.69
CA PRO B 9 -25.79 -27.91 -45.14
C PRO B 9 -27.08 -28.09 -45.95
N ILE B 10 -27.28 -27.32 -47.02
CA ILE B 10 -28.45 -27.53 -47.86
C ILE B 10 -28.23 -28.79 -48.69
N ALA B 11 -29.12 -29.77 -48.54
CA ALA B 11 -28.94 -31.05 -49.19
C ALA B 11 -30.30 -31.68 -49.48
N ASP B 12 -30.26 -32.79 -50.21
CA ASP B 12 -31.49 -33.50 -50.55
C ASP B 12 -32.07 -34.16 -49.32
N VAL B 13 -33.30 -33.80 -48.97
CA VAL B 13 -34.00 -34.35 -47.82
C VAL B 13 -35.28 -35.00 -48.35
N SER B 14 -35.27 -36.33 -48.43
CA SER B 14 -36.43 -37.10 -48.91
C SER B 14 -36.93 -36.56 -50.24
N GLY B 15 -36.01 -36.36 -51.17
CA GLY B 15 -36.35 -35.82 -52.48
C GLY B 15 -36.80 -34.37 -52.46
N GLY B 16 -36.17 -33.54 -51.64
CA GLY B 16 -36.52 -32.14 -51.57
C GLY B 16 -35.39 -31.32 -51.01
N ILE B 17 -35.43 -30.01 -51.29
CA ILE B 17 -34.43 -29.10 -50.78
C ILE B 17 -34.66 -28.90 -49.29
N GLY B 18 -33.70 -29.31 -48.47
CA GLY B 18 -33.84 -29.20 -47.04
C GLY B 18 -32.53 -28.98 -46.31
N MET B 19 -32.54 -29.17 -44.99
CA MET B 19 -31.36 -29.00 -44.16
C MET B 19 -30.80 -30.36 -43.78
N SER B 20 -29.49 -30.53 -43.95
CA SER B 20 -28.87 -31.83 -43.70
C SER B 20 -29.02 -32.21 -42.23
N PRO B 21 -29.49 -33.43 -41.93
CA PRO B 21 -29.55 -33.86 -40.52
C PRO B 21 -28.21 -33.90 -39.83
N ASN B 22 -27.12 -34.08 -40.58
CA ASN B 22 -25.80 -34.05 -39.97
C ASN B 22 -25.46 -32.65 -39.46
N TYR B 23 -25.92 -31.62 -40.18
CA TYR B 23 -25.70 -30.26 -39.72
C TYR B 23 -26.52 -29.94 -38.48
N ARG B 24 -27.74 -30.45 -38.42
CA ARG B 24 -28.64 -30.13 -37.31
C ARG B 24 -28.18 -30.80 -36.02
N PHE B 25 -27.70 -32.04 -36.10
CA PHE B 25 -27.21 -32.73 -34.91
C PHE B 25 -26.19 -33.78 -35.30
N ARG B 26 -25.08 -33.81 -34.57
CA ARG B 26 -24.03 -34.79 -34.76
C ARG B 26 -23.42 -35.12 -33.40
N GLN B 27 -23.18 -36.41 -33.16
CA GLN B 27 -22.67 -36.90 -31.89
C GLN B 27 -21.30 -37.52 -32.09
N SER B 28 -20.38 -37.21 -31.19
CA SER B 28 -19.03 -37.76 -31.25
C SER B 28 -18.52 -37.94 -29.83
N MET B 29 -17.25 -38.32 -29.71
CA MET B 29 -16.67 -38.64 -28.42
C MET B 29 -15.18 -38.31 -28.47
N TRP B 30 -14.63 -37.94 -27.32
CA TRP B 30 -13.20 -37.67 -27.21
C TRP B 30 -12.65 -38.27 -25.93
N ILE B 31 -11.60 -39.07 -26.07
CA ILE B 31 -10.87 -39.64 -24.93
C ILE B 31 -9.43 -39.17 -25.05
N GLY B 32 -9.01 -38.29 -24.16
CA GLY B 32 -7.71 -37.69 -24.28
C GLY B 32 -7.24 -37.07 -22.98
N ILE B 33 -6.21 -36.23 -23.10
CA ILE B 33 -5.54 -35.61 -21.96
C ILE B 33 -6.06 -34.21 -21.77
N VAL B 34 -6.45 -33.89 -20.53
CA VAL B 34 -6.68 -32.52 -20.10
C VAL B 34 -5.48 -32.10 -19.28
N SER B 35 -4.75 -31.10 -19.77
CA SER B 35 -3.53 -30.64 -19.11
C SER B 35 -3.78 -29.27 -18.50
N TYR B 36 -3.38 -29.11 -17.24
CA TYR B 36 -3.43 -27.83 -16.56
C TYR B 36 -2.03 -27.23 -16.48
N SER B 37 -1.92 -25.96 -16.84
CA SER B 37 -0.67 -25.21 -16.70
C SER B 37 -0.96 -23.94 -15.92
N GLY B 38 -0.35 -23.83 -14.75
CA GLY B 38 -0.46 -22.63 -13.95
C GLY B 38 0.91 -22.01 -13.75
N SER B 39 1.04 -21.18 -12.72
CA SER B 39 2.31 -20.53 -12.42
C SER B 39 3.21 -21.52 -11.69
N GLY B 40 4.00 -22.26 -12.46
CA GLY B 40 4.87 -23.28 -11.91
C GLY B 40 4.21 -24.61 -11.62
N LEU B 41 2.95 -24.79 -11.98
CA LEU B 41 2.21 -26.02 -11.72
C LEU B 41 1.77 -26.65 -13.04
N ASN B 42 1.95 -27.97 -13.15
CA ASN B 42 1.56 -28.72 -14.34
C ASN B 42 1.09 -30.11 -13.94
N TRP B 43 -0.10 -30.50 -14.43
CA TRP B 43 -0.57 -31.86 -14.25
C TRP B 43 -1.50 -32.24 -15.39
N ARG B 44 -1.71 -33.54 -15.57
CA ARG B 44 -2.50 -34.09 -16.66
C ARG B 44 -3.56 -35.02 -16.10
N VAL B 45 -4.73 -35.02 -16.75
CA VAL B 45 -5.82 -35.91 -16.42
C VAL B 45 -6.39 -36.48 -17.72
N GLN B 46 -6.84 -37.73 -17.67
CA GLN B 46 -7.49 -38.37 -18.79
C GLN B 46 -8.99 -38.30 -18.58
N VAL B 47 -9.74 -37.86 -19.61
CA VAL B 47 -11.19 -37.79 -19.51
C VAL B 47 -11.81 -38.38 -20.76
N ASN B 48 -13.08 -38.76 -20.62
CA ASN B 48 -13.91 -39.23 -21.73
C ASN B 48 -15.08 -38.27 -21.86
N SER B 49 -15.06 -37.44 -22.90
CA SER B 49 -16.03 -36.38 -23.07
C SER B 49 -16.97 -36.68 -24.22
N ASP B 50 -18.22 -36.25 -24.06
CA ASP B 50 -19.18 -36.28 -25.15
C ASP B 50 -19.03 -35.01 -25.97
N ILE B 51 -19.13 -35.15 -27.28
CA ILE B 51 -19.06 -34.03 -28.21
C ILE B 51 -20.37 -33.98 -28.98
N PHE B 52 -20.99 -32.80 -29.00
CA PHE B 52 -22.21 -32.58 -29.76
C PHE B 52 -21.96 -31.44 -30.73
N ILE B 53 -22.30 -31.65 -32.00
CA ILE B 53 -22.18 -30.63 -33.03
C ILE B 53 -23.59 -30.29 -33.48
N VAL B 54 -24.04 -29.07 -33.16
CA VAL B 54 -25.39 -28.63 -33.49
C VAL B 54 -25.29 -27.31 -34.24
N ASP B 55 -25.84 -27.28 -35.45
CA ASP B 55 -25.77 -26.11 -36.33
C ASP B 55 -24.30 -25.73 -36.46
N ASP B 56 -23.94 -24.46 -36.29
CA ASP B 56 -22.55 -24.04 -36.41
C ASP B 56 -21.86 -23.90 -35.05
N TYR B 57 -22.24 -24.73 -34.08
CA TYR B 57 -21.61 -24.77 -32.77
C TYR B 57 -21.09 -26.18 -32.49
N ILE B 58 -20.03 -26.26 -31.69
CA ILE B 58 -19.53 -27.54 -31.20
C ILE B 58 -19.52 -27.48 -29.67
N HIS B 59 -19.97 -28.55 -29.04
CA HIS B 59 -20.07 -28.63 -27.58
C HIS B 59 -19.19 -29.76 -27.10
N ILE B 60 -18.23 -29.43 -26.25
CA ILE B 60 -17.39 -30.42 -25.57
C ILE B 60 -17.90 -30.54 -24.16
N CYS B 61 -18.58 -31.66 -23.88
CA CYS B 61 -19.21 -31.88 -22.57
C CYS B 61 -18.21 -32.62 -21.70
N LEU B 62 -17.41 -31.87 -20.98
CA LEU B 62 -16.42 -32.46 -20.09
C LEU B 62 -17.12 -32.93 -18.82
N PRO B 63 -16.84 -34.14 -18.35
CA PRO B 63 -17.38 -34.57 -17.06
C PRO B 63 -16.49 -34.07 -15.94
N ALA B 64 -16.97 -34.27 -14.72
CA ALA B 64 -16.17 -33.89 -13.56
C ALA B 64 -14.88 -34.70 -13.55
N PHE B 65 -13.77 -34.03 -13.29
CA PHE B 65 -12.49 -34.68 -13.15
C PHE B 65 -11.79 -34.09 -11.92
N ASP B 66 -10.81 -34.83 -11.41
CA ASP B 66 -10.06 -34.40 -10.25
C ASP B 66 -8.61 -34.20 -10.65
N GLY B 67 -8.05 -33.05 -10.25
CA GLY B 67 -6.67 -32.72 -10.54
C GLY B 67 -5.96 -32.36 -9.27
N PHE B 68 -4.87 -31.61 -9.41
CA PHE B 68 -4.05 -31.24 -8.27
C PHE B 68 -3.97 -29.73 -8.13
N SER B 69 -2.91 -29.20 -7.52
CA SER B 69 -2.83 -27.78 -7.23
C SER B 69 -3.06 -26.94 -8.48
N ILE B 70 -3.73 -25.81 -8.31
CA ILE B 70 -3.94 -24.85 -9.38
C ILE B 70 -3.48 -23.49 -8.90
N ALA B 71 -3.03 -22.67 -9.84
CA ALA B 71 -2.64 -21.30 -9.55
C ALA B 71 -3.86 -20.40 -9.58
N ASP B 72 -3.69 -19.17 -9.09
CA ASP B 72 -4.76 -18.19 -9.24
C ASP B 72 -5.06 -17.95 -10.71
N GLY B 73 -4.02 -17.96 -11.54
CA GLY B 73 -4.15 -17.84 -12.98
C GLY B 73 -3.50 -19.01 -13.68
N GLY B 74 -4.23 -19.65 -14.58
CA GLY B 74 -3.73 -20.84 -15.25
C GLY B 74 -4.48 -21.09 -16.53
N ASP B 75 -4.14 -22.22 -17.16
CA ASP B 75 -4.74 -22.63 -18.42
C ASP B 75 -5.19 -24.08 -18.32
N LEU B 76 -6.23 -24.41 -19.08
CA LEU B 76 -6.69 -25.77 -19.26
C LEU B 76 -6.57 -26.07 -20.74
N SER B 77 -5.92 -27.17 -21.10
CA SER B 77 -5.64 -27.49 -22.49
C SER B 77 -6.21 -28.86 -22.85
N LEU B 78 -6.93 -28.93 -23.96
CA LEU B 78 -7.50 -30.17 -24.48
C LEU B 78 -6.77 -30.54 -25.77
N ASN B 79 -6.18 -31.74 -25.79
CA ASN B 79 -5.40 -32.21 -26.93
C ASN B 79 -6.31 -32.99 -27.87
N PHE B 80 -6.71 -32.37 -28.97
CA PHE B 80 -7.57 -33.03 -29.96
C PHE B 80 -6.79 -33.65 -31.12
N VAL B 81 -5.45 -33.65 -31.07
CA VAL B 81 -4.71 -34.30 -32.15
C VAL B 81 -4.96 -35.80 -32.15
N THR B 82 -5.27 -36.36 -30.98
CA THR B 82 -5.68 -37.76 -30.86
C THR B 82 -6.82 -37.83 -29.87
N GLY B 83 -7.63 -38.87 -30.00
CA GLY B 83 -8.71 -39.15 -29.07
C GLY B 83 -10.09 -39.06 -29.66
N LEU B 84 -10.25 -38.37 -30.78
CA LEU B 84 -11.58 -38.22 -31.37
C LEU B 84 -12.03 -39.51 -32.01
N LEU B 85 -13.27 -39.87 -31.77
CA LEU B 85 -13.86 -41.06 -32.36
C LEU B 85 -14.13 -40.81 -33.84
N PRO B 86 -13.59 -41.64 -34.75
CA PRO B 86 -13.85 -41.51 -36.18
C PRO B 86 -15.35 -41.53 -36.49
N PRO B 87 -15.76 -40.83 -37.56
CA PRO B 87 -14.91 -40.11 -38.51
C PRO B 87 -14.57 -38.68 -38.10
N LEU B 88 -14.81 -38.31 -36.84
CA LEU B 88 -14.49 -36.95 -36.42
C LEU B 88 -12.98 -36.76 -36.38
N LEU B 89 -12.49 -35.68 -36.98
CA LEU B 89 -11.08 -35.38 -37.09
C LEU B 89 -10.70 -34.18 -36.24
N THR B 90 -9.39 -34.01 -36.05
CA THR B 90 -8.90 -32.89 -35.24
C THR B 90 -9.36 -31.55 -35.82
N GLY B 91 -9.31 -31.42 -37.15
CA GLY B 91 -9.74 -30.18 -37.78
C GLY B 91 -11.20 -29.86 -37.57
N ASP B 92 -12.02 -30.85 -37.21
CA ASP B 92 -13.43 -30.59 -36.97
C ASP B 92 -13.68 -29.80 -35.70
N THR B 93 -12.71 -29.75 -34.79
CA THR B 93 -12.84 -28.98 -33.56
C THR B 93 -12.34 -27.56 -33.71
N GLU B 94 -11.82 -27.19 -34.89
CA GLU B 94 -11.32 -25.84 -35.09
C GLU B 94 -12.46 -24.83 -35.01
N PRO B 95 -12.30 -23.74 -34.27
CA PRO B 95 -13.38 -22.75 -34.15
C PRO B 95 -13.51 -21.91 -35.42
N ALA B 96 -14.64 -21.22 -35.51
CA ALA B 96 -14.89 -20.34 -36.64
C ALA B 96 -13.98 -19.13 -36.63
N PHE B 97 -13.48 -18.73 -35.46
CA PHE B 97 -12.45 -17.70 -35.38
C PHE B 97 -11.05 -18.28 -35.46
N HIS B 98 -10.91 -19.56 -35.81
CA HIS B 98 -9.63 -20.21 -36.12
C HIS B 98 -8.71 -20.09 -34.91
N ASN B 99 -7.44 -19.70 -35.09
CA ASN B 99 -6.49 -19.61 -34.00
C ASN B 99 -6.43 -18.22 -33.37
N ASP B 100 -7.50 -17.44 -33.49
CA ASP B 100 -7.54 -16.13 -32.86
C ASP B 100 -7.60 -16.24 -31.34
N VAL B 101 -7.02 -15.24 -30.68
CA VAL B 101 -7.12 -15.11 -29.22
C VAL B 101 -8.42 -14.40 -28.91
N VAL B 102 -9.26 -15.04 -28.09
CA VAL B 102 -10.62 -14.56 -27.83
C VAL B 102 -10.89 -14.70 -26.34
N THR B 103 -12.04 -14.15 -25.92
CA THR B 103 -12.57 -14.31 -24.57
C THR B 103 -14.02 -14.79 -24.74
N TYR B 104 -14.18 -16.01 -25.23
CA TYR B 104 -15.47 -16.52 -25.66
C TYR B 104 -16.05 -17.50 -24.65
N GLY B 105 -17.37 -17.42 -24.45
CA GLY B 105 -18.06 -18.31 -23.54
C GLY B 105 -17.63 -18.19 -22.10
N ALA B 106 -17.41 -16.96 -21.64
CA ALA B 106 -16.91 -16.75 -20.28
C ALA B 106 -17.97 -17.12 -19.26
N GLN B 107 -17.65 -18.07 -18.40
CA GLN B 107 -18.57 -18.57 -17.38
C GLN B 107 -17.87 -18.58 -16.03
N THR B 108 -18.67 -18.82 -14.99
CA THR B 108 -18.17 -19.02 -13.64
C THR B 108 -18.16 -20.52 -13.33
N VAL B 109 -17.00 -21.04 -12.96
CA VAL B 109 -16.86 -22.43 -12.56
C VAL B 109 -16.38 -22.47 -11.12
N ALA B 110 -16.97 -23.37 -10.33
CA ALA B 110 -16.61 -23.53 -8.93
C ALA B 110 -15.74 -24.78 -8.78
N ILE B 111 -14.48 -24.58 -8.39
CA ILE B 111 -13.54 -25.67 -8.20
C ILE B 111 -13.31 -25.86 -6.71
N GLY B 112 -13.37 -27.11 -6.25
CA GLY B 112 -13.13 -27.42 -4.86
C GLY B 112 -11.68 -27.73 -4.58
N LEU B 113 -11.02 -26.88 -3.79
CA LEU B 113 -9.62 -27.07 -3.44
C LEU B 113 -9.50 -27.73 -2.08
N SER B 114 -8.63 -28.73 -1.98
CA SER B 114 -8.48 -29.48 -0.74
C SER B 114 -7.08 -30.03 -0.65
N SER B 115 -6.71 -30.44 0.56
CA SER B 115 -5.47 -31.14 0.82
C SER B 115 -5.74 -32.58 1.27
N GLY B 116 -6.81 -33.17 0.73
CA GLY B 116 -7.27 -34.48 1.14
C GLY B 116 -8.47 -34.45 2.06
N GLY B 117 -8.78 -33.31 2.66
CA GLY B 117 -9.93 -33.15 3.53
C GLY B 117 -11.12 -32.59 2.80
N THR B 118 -12.03 -31.99 3.58
CA THR B 118 -13.21 -31.37 3.01
C THR B 118 -12.80 -30.23 2.08
N PRO B 119 -13.30 -30.20 0.85
CA PRO B 119 -12.88 -29.14 -0.09
C PRO B 119 -13.51 -27.79 0.23
N GLN B 120 -12.82 -26.76 -0.23
CA GLN B 120 -13.32 -25.39 -0.19
C GLN B 120 -13.49 -24.92 -1.63
N TYR B 121 -14.67 -24.43 -1.98
CA TYR B 121 -15.01 -24.17 -3.37
C TYR B 121 -14.72 -22.71 -3.73
N MET B 122 -13.90 -22.52 -4.76
CA MET B 122 -13.52 -21.20 -5.25
C MET B 122 -14.23 -20.92 -6.57
N SER B 123 -14.71 -19.70 -6.75
CA SER B 123 -15.41 -19.31 -7.97
C SER B 123 -14.41 -18.72 -8.96
N LYS B 124 -13.93 -19.54 -9.88
CA LYS B 124 -12.97 -19.12 -10.89
C LYS B 124 -13.69 -18.73 -12.18
N ASN B 125 -12.97 -18.04 -13.05
CA ASN B 125 -13.51 -17.54 -14.32
C ASN B 125 -12.90 -18.35 -15.46
N LEU B 126 -13.76 -18.98 -16.26
CA LEU B 126 -13.37 -19.84 -17.37
C LEU B 126 -13.85 -19.27 -18.68
N TRP B 127 -12.98 -19.29 -19.70
CA TRP B 127 -13.38 -18.91 -21.04
C TRP B 127 -12.51 -19.62 -22.07
N VAL B 128 -13.05 -19.76 -23.27
CA VAL B 128 -12.30 -20.25 -24.42
C VAL B 128 -11.40 -19.12 -24.91
N GLU B 129 -10.11 -19.37 -25.00
CA GLU B 129 -9.16 -18.35 -25.42
C GLU B 129 -8.54 -18.62 -26.79
N GLN B 130 -8.10 -19.85 -27.05
CA GLN B 130 -7.42 -20.10 -28.31
C GLN B 130 -7.41 -21.59 -28.63
N TRP B 131 -7.48 -21.88 -29.92
CA TRP B 131 -7.29 -23.20 -30.49
C TRP B 131 -6.15 -23.10 -31.49
N GLN B 132 -5.10 -23.89 -31.29
CA GLN B 132 -3.93 -23.85 -32.16
C GLN B 132 -3.36 -25.25 -32.30
N ASP B 133 -3.24 -25.71 -33.56
CA ASP B 133 -2.67 -27.03 -33.85
C ASP B 133 -3.44 -28.13 -33.14
N GLY B 134 -4.75 -28.01 -33.08
CA GLY B 134 -5.57 -29.05 -32.52
C GLY B 134 -5.68 -29.07 -31.02
N VAL B 135 -5.12 -28.07 -30.33
CA VAL B 135 -5.20 -27.99 -28.87
C VAL B 135 -6.04 -26.77 -28.51
N LEU B 136 -7.11 -27.00 -27.76
CA LEU B 136 -8.00 -25.93 -27.31
C LEU B 136 -7.59 -25.47 -25.92
N ARG B 137 -7.30 -24.17 -25.77
CA ARG B 137 -6.81 -23.63 -24.51
C ARG B 137 -7.95 -22.88 -23.82
N LEU B 138 -8.24 -23.28 -22.59
CA LEU B 138 -9.21 -22.60 -21.75
C LEU B 138 -8.50 -21.85 -20.64
N ARG B 139 -8.91 -20.62 -20.40
CA ARG B 139 -8.32 -19.81 -19.34
C ARG B 139 -9.13 -19.98 -18.07
N VAL B 140 -8.43 -20.19 -16.95
CA VAL B 140 -9.04 -20.34 -15.63
C VAL B 140 -8.32 -19.38 -14.70
N GLU B 141 -9.02 -18.34 -14.25
CA GLU B 141 -8.40 -17.37 -13.36
C GLU B 141 -9.48 -16.73 -12.49
N GLY B 142 -9.03 -16.04 -11.45
CA GLY B 142 -9.90 -15.27 -10.59
C GLY B 142 -10.46 -16.08 -9.43
N GLY B 143 -11.06 -15.35 -8.49
CA GLY B 143 -11.69 -15.94 -7.33
C GLY B 143 -10.76 -16.21 -6.15
N GLY B 144 -9.47 -16.01 -6.31
CA GLY B 144 -8.56 -16.28 -5.23
C GLY B 144 -8.27 -17.77 -5.09
N SER B 145 -7.48 -18.09 -4.08
CA SER B 145 -7.05 -19.46 -3.87
C SER B 145 -6.76 -19.67 -2.40
N ILE B 146 -6.49 -20.92 -2.04
CA ILE B 146 -6.02 -21.30 -0.73
C ILE B 146 -4.88 -22.29 -0.91
N THR B 147 -4.22 -22.61 0.19
CA THR B 147 -3.17 -23.62 0.15
C THR B 147 -3.82 -24.98 -0.03
N HIS B 148 -3.50 -25.66 -1.13
CA HIS B 148 -4.14 -26.93 -1.43
C HIS B 148 -3.20 -27.79 -2.26
N SER B 149 -3.47 -29.10 -2.25
CA SER B 149 -2.75 -30.05 -3.08
C SER B 149 -3.62 -30.74 -4.10
N ASN B 150 -4.94 -30.70 -3.96
CA ASN B 150 -5.87 -31.35 -4.87
C ASN B 150 -6.99 -30.38 -5.26
N SER B 151 -7.47 -30.53 -6.48
CA SER B 151 -8.54 -29.70 -7.01
C SER B 151 -9.67 -30.58 -7.50
N LYS B 152 -10.91 -30.25 -7.11
CA LYS B 152 -12.11 -30.97 -7.55
C LYS B 152 -12.78 -30.16 -8.64
N TRP B 153 -12.72 -30.66 -9.87
CA TRP B 153 -13.33 -29.91 -10.96
C TRP B 153 -14.73 -30.40 -11.25
N PRO B 154 -15.66 -29.48 -11.47
CA PRO B 154 -17.04 -29.88 -11.80
C PRO B 154 -17.15 -30.26 -13.28
N ALA B 155 -18.30 -30.83 -13.60
CA ALA B 155 -18.64 -31.01 -15.00
C ALA B 155 -18.75 -29.65 -15.66
N MET B 156 -18.08 -29.48 -16.80
CA MET B 156 -18.08 -28.23 -17.54
C MET B 156 -18.35 -28.48 -19.01
N THR B 157 -19.30 -27.75 -19.58
CA THR B 157 -19.59 -27.81 -21.00
C THR B 157 -18.95 -26.60 -21.67
N VAL B 158 -18.10 -26.85 -22.66
CA VAL B 158 -17.35 -25.82 -23.38
C VAL B 158 -17.88 -25.76 -24.80
N SER B 159 -18.41 -24.60 -25.19
CA SER B 159 -18.99 -24.40 -26.51
C SER B 159 -18.33 -23.24 -27.22
N TYR B 160 -18.29 -23.32 -28.55
CA TYR B 160 -17.77 -22.26 -29.40
C TYR B 160 -18.22 -22.53 -30.84
N PRO B 161 -18.21 -21.52 -31.70
CA PRO B 161 -18.58 -21.74 -33.10
C PRO B 161 -17.59 -22.67 -33.78
N ARG B 162 -18.10 -23.47 -34.73
CA ARG B 162 -17.30 -24.45 -35.44
C ARG B 162 -16.97 -23.93 -36.82
N SER B 163 -15.71 -24.10 -37.23
CA SER B 163 -15.27 -23.66 -38.53
C SER B 163 -15.88 -24.52 -39.63
N PHE B 164 -16.26 -23.87 -40.73
CA PHE B 164 -16.82 -24.55 -41.90
C PHE B 164 -16.03 -24.29 -43.16
N THR B 165 -15.05 -23.39 -43.13
CA THR B 165 -14.16 -23.14 -44.25
C THR B 165 -12.81 -23.79 -43.98
N SER C 3 -30.12 -14.32 -56.50
CA SER C 3 -31.20 -14.70 -57.41
C SER C 3 -32.56 -14.27 -56.86
N PRO C 4 -33.52 -13.99 -57.77
CA PRO C 4 -34.87 -13.61 -57.32
C PRO C 4 -35.65 -14.77 -56.72
N ASN C 5 -35.01 -15.91 -56.53
CA ASN C 5 -35.65 -17.09 -55.95
C ASN C 5 -35.00 -17.55 -54.66
N LEU C 6 -33.99 -16.84 -54.14
CA LEU C 6 -33.36 -17.19 -52.89
C LEU C 6 -33.50 -16.04 -51.90
N ARG C 7 -33.77 -16.38 -50.64
CA ARG C 7 -33.90 -15.40 -49.56
C ARG C 7 -32.87 -15.69 -48.47
N TYR C 8 -32.15 -14.67 -48.04
CA TYR C 8 -31.17 -14.77 -46.95
C TYR C 8 -31.83 -15.41 -45.73
N PRO C 9 -31.11 -16.32 -45.03
CA PRO C 9 -29.72 -16.74 -45.21
C PRO C 9 -29.44 -17.72 -46.35
N ILE C 10 -30.47 -18.20 -47.05
CA ILE C 10 -30.23 -19.06 -48.20
C ILE C 10 -29.74 -18.21 -49.36
N ALA C 11 -28.55 -18.52 -49.87
CA ALA C 11 -27.94 -17.70 -50.91
C ALA C 11 -27.04 -18.57 -51.77
N ASP C 12 -26.54 -17.98 -52.85
CA ASP C 12 -25.67 -18.70 -53.77
C ASP C 12 -24.32 -18.96 -53.11
N VAL C 13 -23.94 -20.23 -53.03
CA VAL C 13 -22.67 -20.65 -52.44
C VAL C 13 -21.89 -21.35 -53.54
N SER C 14 -20.88 -20.67 -54.09
CA SER C 14 -20.04 -21.21 -55.15
C SER C 14 -20.89 -21.77 -56.30
N GLY C 15 -21.84 -20.96 -56.75
CA GLY C 15 -22.73 -21.38 -57.82
C GLY C 15 -23.68 -22.49 -57.45
N GLY C 16 -24.22 -22.46 -56.23
CA GLY C 16 -25.15 -23.47 -55.78
C GLY C 16 -25.97 -22.97 -54.61
N ILE C 17 -27.12 -23.59 -54.41
CA ILE C 17 -28.00 -23.21 -53.31
C ILE C 17 -27.36 -23.67 -51.99
N GLY C 18 -27.02 -22.71 -51.14
CA GLY C 18 -26.40 -23.03 -49.88
C GLY C 18 -26.75 -22.04 -48.79
N MET C 19 -26.00 -22.07 -47.68
CA MET C 19 -26.21 -21.20 -46.54
C MET C 19 -25.15 -20.11 -46.55
N SER C 20 -25.58 -18.86 -46.40
CA SER C 20 -24.65 -17.75 -46.47
C SER C 20 -23.62 -17.84 -45.34
N PRO C 21 -22.33 -17.74 -45.64
CA PRO C 21 -21.32 -17.76 -44.57
C PRO C 21 -21.47 -16.61 -43.59
N ASN C 22 -22.06 -15.49 -44.02
CA ASN C 22 -22.29 -14.40 -43.09
C ASN C 22 -23.30 -14.78 -42.02
N TYR C 23 -24.29 -15.59 -42.38
CA TYR C 23 -25.23 -16.10 -41.39
C TYR C 23 -24.54 -17.08 -40.45
N ARG C 24 -23.63 -17.90 -40.98
CA ARG C 24 -22.97 -18.91 -40.16
C ARG C 24 -21.99 -18.30 -39.17
N PHE C 25 -21.22 -17.29 -39.59
CA PHE C 25 -20.29 -16.67 -38.67
C PHE C 25 -20.01 -15.24 -39.09
N ARG C 26 -20.08 -14.33 -38.12
CA ARG C 26 -19.79 -12.91 -38.32
C ARG C 26 -19.12 -12.40 -37.06
N GLN C 27 -18.06 -11.62 -37.23
CA GLN C 27 -17.28 -11.13 -36.10
C GLN C 27 -17.31 -9.61 -36.09
N SER C 28 -17.51 -9.04 -34.91
CA SER C 28 -17.57 -7.59 -34.76
C SER C 28 -16.98 -7.22 -33.40
N MET C 29 -17.13 -5.95 -33.04
CA MET C 29 -16.51 -5.41 -31.84
C MET C 29 -17.37 -4.29 -31.30
N TRP C 30 -17.32 -4.07 -29.99
CA TRP C 30 -18.06 -2.98 -29.36
C TRP C 30 -17.18 -2.28 -28.33
N ILE C 31 -17.09 -0.96 -28.43
CA ILE C 31 -16.42 -0.10 -27.45
C ILE C 31 -17.45 0.90 -26.95
N GLY C 32 -17.88 0.76 -25.71
CA GLY C 32 -18.93 1.59 -25.19
C GLY C 32 -18.98 1.58 -23.68
N ILE C 33 -20.10 2.10 -23.15
CA ILE C 33 -20.28 2.29 -21.71
C ILE C 33 -21.10 1.16 -21.14
N VAL C 34 -20.61 0.53 -20.08
CA VAL C 34 -21.42 -0.36 -19.25
C VAL C 34 -21.78 0.40 -17.99
N SER C 35 -23.07 0.61 -17.78
CA SER C 35 -23.57 1.38 -16.66
C SER C 35 -24.23 0.45 -15.66
N TYR C 36 -23.89 0.62 -14.38
CA TYR C 36 -24.53 -0.12 -13.31
C TYR C 36 -25.50 0.81 -12.60
N SER C 37 -26.72 0.30 -12.36
CA SER C 37 -27.72 1.02 -11.58
C SER C 37 -28.18 0.09 -10.48
N GLY C 38 -27.96 0.49 -9.23
CA GLY C 38 -28.46 -0.26 -8.11
C GLY C 38 -29.40 0.60 -7.29
N SER C 39 -29.63 0.22 -6.05
CA SER C 39 -30.51 0.98 -5.16
C SER C 39 -29.69 2.16 -4.64
N GLY C 40 -29.76 3.28 -5.35
CA GLY C 40 -29.01 4.47 -5.01
C GLY C 40 -27.57 4.49 -5.48
N LEU C 41 -27.14 3.53 -6.28
CA LEU C 41 -25.76 3.43 -6.75
C LEU C 41 -25.73 3.56 -8.27
N ASN C 42 -24.80 4.37 -8.78
CA ASN C 42 -24.63 4.55 -10.22
C ASN C 42 -23.16 4.76 -10.57
N TRP C 43 -22.64 3.95 -11.48
CA TRP C 43 -21.31 4.16 -12.03
C TRP C 43 -21.23 3.61 -13.45
N ARG C 44 -20.20 4.06 -14.17
CA ARG C 44 -20.00 3.77 -15.59
C ARG C 44 -18.61 3.19 -15.81
N VAL C 45 -18.50 2.25 -16.74
CA VAL C 45 -17.22 1.69 -17.17
C VAL C 45 -17.21 1.58 -18.69
N GLN C 46 -16.05 1.81 -19.29
CA GLN C 46 -15.87 1.67 -20.73
C GLN C 46 -15.22 0.32 -21.01
N VAL C 47 -15.76 -0.43 -21.96
CA VAL C 47 -15.22 -1.75 -22.27
C VAL C 47 -15.06 -1.91 -23.77
N ASN C 48 -14.21 -2.87 -24.14
CA ASN C 48 -14.02 -3.29 -25.53
C ASN C 48 -14.37 -4.78 -25.58
N SER C 49 -15.53 -5.10 -26.12
CA SER C 49 -16.02 -6.47 -26.12
C SER C 49 -16.05 -7.02 -27.54
N ASP C 50 -15.77 -8.31 -27.66
CA ASP C 50 -15.89 -8.99 -28.94
C ASP C 50 -17.34 -9.40 -29.16
N ILE C 51 -17.81 -9.26 -30.39
CA ILE C 51 -19.16 -9.63 -30.77
C ILE C 51 -19.07 -10.73 -31.83
N PHE C 52 -19.78 -11.83 -31.58
CA PHE C 52 -19.88 -12.93 -32.53
C PHE C 52 -21.35 -13.16 -32.83
N ILE C 53 -21.68 -13.23 -34.11
CA ILE C 53 -23.04 -13.52 -34.55
C ILE C 53 -22.98 -14.88 -35.25
N VAL C 54 -23.62 -15.89 -34.65
CA VAL C 54 -23.59 -17.25 -35.17
C VAL C 54 -25.02 -17.74 -35.31
N ASP C 55 -25.40 -18.11 -36.52
CA ASP C 55 -26.76 -18.55 -36.87
C ASP C 55 -27.71 -17.45 -36.38
N ASP C 56 -28.76 -17.77 -35.64
CA ASP C 56 -29.69 -16.75 -35.15
C ASP C 56 -29.41 -16.36 -33.69
N TYR C 57 -28.15 -16.39 -33.28
CA TYR C 57 -27.74 -15.94 -31.96
C TYR C 57 -26.68 -14.84 -32.11
N ILE C 58 -26.63 -13.96 -31.11
CA ILE C 58 -25.58 -12.96 -31.01
C ILE C 58 -24.87 -13.15 -29.68
N HIS C 59 -23.55 -13.08 -29.69
CA HIS C 59 -22.72 -13.27 -28.50
C HIS C 59 -21.92 -12.01 -28.24
N ILE C 60 -22.13 -11.40 -27.09
CA ILE C 60 -21.35 -10.27 -26.61
C ILE C 60 -20.38 -10.78 -25.56
N CYS C 61 -19.11 -10.88 -25.94
CA CYS C 61 -18.09 -11.44 -25.05
C CYS C 61 -17.48 -10.29 -24.28
N LEU C 62 -18.03 -10.01 -23.11
CA LEU C 62 -17.51 -8.93 -22.28
C LEU C 62 -16.26 -9.42 -21.57
N PRO C 63 -15.18 -8.64 -21.57
CA PRO C 63 -14.01 -9.00 -20.78
C PRO C 63 -14.17 -8.56 -19.34
N ALA C 64 -13.22 -8.96 -18.52
CA ALA C 64 -13.25 -8.57 -17.10
C ALA C 64 -13.16 -7.06 -16.98
N PHE C 65 -14.01 -6.50 -16.13
CA PHE C 65 -13.94 -5.08 -15.82
C PHE C 65 -14.09 -4.88 -14.31
N ASP C 66 -13.64 -3.72 -13.84
CA ASP C 66 -13.70 -3.37 -12.44
C ASP C 66 -14.60 -2.16 -12.26
N GLY C 67 -15.51 -2.25 -11.29
CA GLY C 67 -16.45 -1.18 -11.02
C GLY C 67 -16.44 -0.79 -9.56
N PHE C 68 -17.54 -0.19 -9.11
CA PHE C 68 -17.64 0.27 -7.73
C PHE C 68 -18.80 -0.42 -7.02
N SER C 69 -19.35 0.22 -6.00
CA SER C 69 -20.33 -0.44 -5.14
C SER C 69 -21.51 -0.97 -5.96
N ILE C 70 -22.02 -2.13 -5.56
CA ILE C 70 -23.21 -2.71 -6.17
C ILE C 70 -24.20 -3.05 -5.07
N ALA C 71 -25.48 -2.98 -5.42
CA ALA C 71 -26.56 -3.36 -4.52
C ALA C 71 -26.85 -4.86 -4.64
N ASP C 72 -27.62 -5.36 -3.68
CA ASP C 72 -28.06 -6.75 -3.77
C ASP C 72 -28.86 -6.98 -5.05
N GLY C 73 -29.64 -5.99 -5.45
CA GLY C 73 -30.35 -6.03 -6.71
C GLY C 73 -30.04 -4.82 -7.55
N GLY C 74 -29.64 -5.02 -8.80
CA GLY C 74 -29.25 -3.93 -9.65
C GLY C 74 -29.32 -4.32 -11.12
N ASP C 75 -28.91 -3.37 -11.97
CA ASP C 75 -28.97 -3.56 -13.41
C ASP C 75 -27.63 -3.24 -14.05
N LEU C 76 -27.36 -3.94 -15.14
CA LEU C 76 -26.21 -3.68 -15.99
C LEU C 76 -26.75 -3.32 -17.36
N SER C 77 -26.31 -2.19 -17.90
CA SER C 77 -26.83 -1.69 -19.16
C SER C 77 -25.69 -1.49 -20.15
N LEU C 78 -25.88 -2.00 -21.37
CA LEU C 78 -24.91 -1.87 -22.45
C LEU C 78 -25.53 -0.93 -23.48
N ASN C 79 -24.83 0.16 -23.77
CA ASN C 79 -25.33 1.18 -24.70
C ASN C 79 -24.80 0.87 -26.10
N PHE C 80 -25.66 0.33 -26.96
CA PHE C 80 -25.27 0.01 -28.32
C PHE C 80 -25.63 1.11 -29.31
N VAL C 81 -26.09 2.27 -28.84
CA VAL C 81 -26.39 3.37 -29.75
C VAL C 81 -25.11 3.85 -30.43
N THR C 82 -23.97 3.72 -29.74
CA THR C 82 -22.67 4.02 -30.32
C THR C 82 -21.67 2.95 -29.90
N GLY C 83 -20.61 2.80 -30.69
CA GLY C 83 -19.51 1.93 -30.35
C GLY C 83 -19.35 0.74 -31.26
N LEU C 84 -20.37 0.37 -32.01
CA LEU C 84 -20.28 -0.82 -32.85
C LEU C 84 -19.41 -0.54 -34.08
N LEU C 85 -18.53 -1.48 -34.38
CA LEU C 85 -17.67 -1.37 -35.54
C LEU C 85 -18.49 -1.61 -36.81
N PRO C 86 -18.52 -0.65 -37.74
CA PRO C 86 -19.25 -0.79 -39.01
C PRO C 86 -18.83 -2.02 -39.79
N PRO C 87 -19.74 -2.60 -40.58
CA PRO C 87 -21.11 -2.12 -40.86
C PRO C 87 -22.16 -2.55 -39.84
N LEU C 88 -21.75 -3.08 -38.69
CA LEU C 88 -22.73 -3.48 -37.68
C LEU C 88 -23.40 -2.25 -37.10
N LEU C 89 -24.72 -2.26 -37.05
CA LEU C 89 -25.52 -1.14 -36.58
C LEU C 89 -26.21 -1.49 -35.27
N THR C 90 -26.76 -0.45 -34.62
CA THR C 90 -27.44 -0.65 -33.34
C THR C 90 -28.57 -1.66 -33.47
N GLY C 91 -29.34 -1.58 -34.56
CA GLY C 91 -30.46 -2.49 -34.74
C GLY C 91 -30.06 -3.94 -34.82
N ASP C 92 -28.79 -4.22 -35.15
CA ASP C 92 -28.35 -5.60 -35.23
C ASP C 92 -28.28 -6.27 -33.87
N THR C 93 -28.30 -5.51 -32.78
CA THR C 93 -28.27 -6.09 -31.44
C THR C 93 -29.66 -6.36 -30.88
N GLU C 94 -30.72 -5.99 -31.61
CA GLU C 94 -32.07 -6.21 -31.13
C GLU C 94 -32.37 -7.71 -31.05
N PRO C 95 -32.95 -8.20 -29.97
CA PRO C 95 -33.25 -9.62 -29.86
C PRO C 95 -34.46 -9.99 -30.70
N ALA C 96 -34.64 -11.30 -30.87
CA ALA C 96 -35.80 -11.80 -31.59
C ALA C 96 -37.09 -11.55 -30.82
N PHE C 97 -37.01 -11.42 -29.49
CA PHE C 97 -38.15 -11.02 -28.70
C PHE C 97 -38.26 -9.51 -28.53
N HIS C 98 -37.46 -8.75 -29.26
CA HIS C 98 -37.57 -7.28 -29.38
C HIS C 98 -37.44 -6.67 -27.99
N ASN C 99 -38.32 -5.77 -27.60
CA ASN C 99 -38.24 -5.08 -26.31
C ASN C 99 -39.06 -5.79 -25.23
N ASP C 100 -39.32 -7.08 -25.38
CA ASP C 100 -40.02 -7.82 -24.35
C ASP C 100 -39.16 -7.99 -23.11
N VAL C 101 -39.81 -8.05 -21.96
CA VAL C 101 -39.15 -8.35 -20.70
C VAL C 101 -39.09 -9.87 -20.55
N VAL C 102 -37.88 -10.39 -20.36
CA VAL C 102 -37.63 -11.82 -20.32
C VAL C 102 -36.68 -12.13 -19.18
N THR C 103 -36.44 -13.43 -18.94
CA THR C 103 -35.46 -13.90 -17.98
C THR C 103 -34.59 -14.92 -18.74
N TYR C 104 -33.79 -14.43 -19.68
CA TYR C 104 -33.10 -15.30 -20.63
C TYR C 104 -31.62 -15.42 -20.32
N GLY C 105 -31.09 -16.62 -20.52
CA GLY C 105 -29.67 -16.86 -20.33
C GLY C 105 -29.22 -16.63 -18.92
N ALA C 106 -30.02 -17.04 -17.95
CA ALA C 106 -29.70 -16.79 -16.56
C ALA C 106 -28.49 -17.62 -16.17
N GLN C 107 -27.44 -16.95 -15.70
CA GLN C 107 -26.22 -17.61 -15.30
C GLN C 107 -25.84 -17.15 -13.90
N THR C 108 -24.88 -17.85 -13.32
CA THR C 108 -24.28 -17.47 -12.04
C THR C 108 -22.95 -16.80 -12.33
N VAL C 109 -22.78 -15.57 -11.84
CA VAL C 109 -21.54 -14.83 -12.00
C VAL C 109 -20.99 -14.51 -10.62
N ALA C 110 -19.68 -14.66 -10.47
CA ALA C 110 -19.01 -14.41 -9.20
C ALA C 110 -18.32 -13.05 -9.27
N ILE C 111 -18.80 -12.11 -8.45
CA ILE C 111 -18.23 -10.75 -8.37
C ILE C 111 -17.45 -10.64 -7.09
N GLY C 112 -16.23 -10.11 -7.18
CA GLY C 112 -15.41 -9.88 -6.02
C GLY C 112 -15.63 -8.49 -5.44
N LEU C 113 -16.18 -8.42 -4.23
CA LEU C 113 -16.43 -7.15 -3.56
C LEU C 113 -15.31 -6.86 -2.58
N SER C 114 -14.80 -5.62 -2.60
CA SER C 114 -13.71 -5.24 -1.73
C SER C 114 -13.78 -3.76 -1.44
N SER C 115 -13.09 -3.35 -0.37
CA SER C 115 -12.91 -1.95 -0.01
C SER C 115 -11.46 -1.53 -0.13
N GLY C 116 -10.72 -2.13 -1.05
CA GLY C 116 -9.30 -1.92 -1.17
C GLY C 116 -8.44 -3.04 -0.61
N GLY C 117 -9.03 -3.92 0.20
CA GLY C 117 -8.33 -5.05 0.76
C GLY C 117 -8.55 -6.32 -0.05
N THR C 118 -8.36 -7.46 0.61
CA THR C 118 -8.60 -8.74 -0.04
C THR C 118 -10.08 -8.87 -0.44
N PRO C 119 -10.38 -9.20 -1.69
CA PRO C 119 -11.79 -9.25 -2.11
C PRO C 119 -12.50 -10.49 -1.58
N GLN C 120 -13.82 -10.35 -1.44
CA GLN C 120 -14.72 -11.46 -1.11
C GLN C 120 -15.71 -11.65 -2.26
N TYR C 121 -15.81 -12.88 -2.76
CA TYR C 121 -16.57 -13.14 -3.97
C TYR C 121 -18.00 -13.57 -3.64
N MET C 122 -18.97 -12.86 -4.21
CA MET C 122 -20.39 -13.16 -4.04
C MET C 122 -20.94 -13.76 -5.33
N SER C 123 -21.78 -14.78 -5.19
CA SER C 123 -22.37 -15.46 -6.34
C SER C 123 -23.69 -14.80 -6.68
N LYS C 124 -23.66 -13.90 -7.67
CA LYS C 124 -24.85 -13.18 -8.10
C LYS C 124 -25.51 -13.89 -9.28
N ASN C 125 -26.77 -13.53 -9.52
CA ASN C 125 -27.59 -14.12 -10.56
C ASN C 125 -27.78 -13.09 -11.67
N LEU C 126 -27.34 -13.43 -12.87
CA LEU C 126 -27.40 -12.52 -14.01
C LEU C 126 -28.26 -13.12 -15.12
N TRP C 127 -29.08 -12.28 -15.74
CA TRP C 127 -29.86 -12.70 -16.89
C TRP C 127 -30.12 -11.50 -17.79
N VAL C 128 -30.37 -11.79 -19.07
CA VAL C 128 -30.84 -10.77 -20.00
C VAL C 128 -32.30 -10.47 -19.70
N GLU C 129 -32.63 -9.21 -19.48
CA GLU C 129 -34.00 -8.84 -19.14
C GLU C 129 -34.71 -8.06 -20.23
N GLN C 130 -34.05 -7.06 -20.82
CA GLN C 130 -34.73 -6.24 -21.81
C GLN C 130 -33.72 -5.50 -22.66
N TRP C 131 -34.08 -5.34 -23.93
CA TRP C 131 -33.35 -4.53 -24.90
C TRP C 131 -34.32 -3.46 -25.40
N GLN C 132 -33.97 -2.19 -25.21
CA GLN C 132 -34.88 -1.11 -25.57
C GLN C 132 -34.08 0.08 -26.09
N ASP C 133 -34.41 0.53 -27.30
CA ASP C 133 -33.79 1.71 -27.90
C ASP C 133 -32.27 1.59 -27.95
N GLY C 134 -31.79 0.39 -28.26
CA GLY C 134 -30.37 0.18 -28.43
C GLY C 134 -29.60 -0.07 -27.14
N VAL C 135 -30.28 -0.21 -26.02
CA VAL C 135 -29.62 -0.48 -24.75
C VAL C 135 -30.04 -1.86 -24.26
N LEU C 136 -29.08 -2.74 -24.05
CA LEU C 136 -29.35 -4.08 -23.55
C LEU C 136 -29.19 -4.06 -22.03
N ARG C 137 -30.24 -4.45 -21.33
CA ARG C 137 -30.27 -4.38 -19.87
C ARG C 137 -30.19 -5.78 -19.27
N LEU C 138 -29.19 -5.98 -18.41
CA LEU C 138 -28.98 -7.23 -17.70
C LEU C 138 -29.31 -7.05 -16.23
N ARG C 139 -30.03 -8.01 -15.65
CA ARG C 139 -30.37 -7.97 -14.23
C ARG C 139 -29.32 -8.73 -13.44
N VAL C 140 -28.85 -8.14 -12.35
CA VAL C 140 -27.86 -8.75 -11.46
C VAL C 140 -28.40 -8.68 -10.04
N GLU C 141 -28.73 -9.84 -9.46
CA GLU C 141 -29.27 -9.85 -8.11
C GLU C 141 -28.94 -11.17 -7.43
N GLY C 142 -29.13 -11.19 -6.12
CA GLY C 142 -28.95 -12.39 -5.34
C GLY C 142 -27.53 -12.58 -4.82
N GLY C 143 -27.40 -13.54 -3.91
CA GLY C 143 -26.12 -13.90 -3.34
C GLY C 143 -25.71 -13.10 -2.12
N GLY C 144 -26.47 -12.08 -1.74
CA GLY C 144 -26.10 -11.27 -0.61
C GLY C 144 -25.01 -10.28 -0.95
N SER C 145 -24.57 -9.55 0.07
CA SER C 145 -23.57 -8.52 -0.14
C SER C 145 -22.77 -8.33 1.13
N ILE C 146 -21.73 -7.51 1.03
CA ILE C 146 -20.94 -7.03 2.15
C ILE C 146 -20.70 -5.54 1.94
N THR C 147 -20.18 -4.89 2.95
CA THR C 147 -19.81 -3.48 2.82
C THR C 147 -18.58 -3.37 1.91
N HIS C 148 -18.73 -2.66 0.80
CA HIS C 148 -17.65 -2.59 -0.18
C HIS C 148 -17.72 -1.27 -0.92
N SER C 149 -16.59 -0.89 -1.52
CA SER C 149 -16.50 0.28 -2.38
C SER C 149 -16.12 -0.05 -3.81
N ASN C 150 -15.55 -1.22 -4.07
CA ASN C 150 -15.13 -1.61 -5.40
C ASN C 150 -15.63 -3.03 -5.69
N SER C 151 -15.92 -3.29 -6.96
CA SER C 151 -16.41 -4.59 -7.40
C SER C 151 -15.54 -5.10 -8.53
N LYS C 152 -15.14 -6.37 -8.45
CA LYS C 152 -14.36 -7.03 -9.51
C LYS C 152 -15.30 -7.90 -10.33
N TRP C 153 -15.55 -7.48 -11.55
CA TRP C 153 -16.45 -8.27 -12.37
C TRP C 153 -15.66 -9.21 -13.27
N PRO C 154 -16.10 -10.45 -13.40
CA PRO C 154 -15.41 -11.39 -14.28
C PRO C 154 -15.79 -11.15 -15.73
N ALA C 155 -15.04 -11.77 -16.62
CA ALA C 155 -15.45 -11.83 -18.00
C ALA C 155 -16.78 -12.58 -18.07
N MET C 156 -17.76 -11.99 -18.74
CA MET C 156 -19.09 -12.55 -18.86
C MET C 156 -19.52 -12.52 -20.31
N THR C 157 -20.01 -13.65 -20.81
CA THR C 157 -20.53 -13.73 -22.17
C THR C 157 -22.05 -13.65 -22.10
N VAL C 158 -22.61 -12.66 -22.80
CA VAL C 158 -24.04 -12.42 -22.83
C VAL C 158 -24.53 -12.73 -24.24
N SER C 159 -25.36 -13.77 -24.36
CA SER C 159 -25.86 -14.22 -25.65
C SER C 159 -27.38 -14.27 -25.62
N TYR C 160 -28.00 -14.06 -26.79
CA TYR C 160 -29.45 -14.12 -26.91
C TYR C 160 -29.81 -14.22 -28.39
N PRO C 161 -31.04 -14.64 -28.71
CA PRO C 161 -31.44 -14.70 -30.11
C PRO C 161 -31.47 -13.32 -30.74
N ARG C 162 -31.12 -13.27 -32.02
CA ARG C 162 -31.01 -12.02 -32.76
C ARG C 162 -32.20 -11.82 -33.68
N SER C 163 -32.71 -10.59 -33.72
CA SER C 163 -33.84 -10.28 -34.58
C SER C 163 -33.44 -10.33 -36.05
N PHE C 164 -34.32 -10.87 -36.87
CA PHE C 164 -34.10 -10.97 -38.32
C PHE C 164 -35.23 -10.30 -39.10
N SER D 3 10.82 24.08 60.34
CA SER D 3 11.48 25.38 60.25
C SER D 3 10.47 26.53 60.40
N PRO D 4 10.17 26.89 61.64
CA PRO D 4 9.19 27.97 61.87
C PRO D 4 9.68 29.36 61.46
N ASN D 5 10.94 29.50 61.06
CA ASN D 5 11.47 30.79 60.63
C ASN D 5 11.82 30.83 59.15
N LEU D 6 11.68 29.71 58.43
CA LEU D 6 11.91 29.66 57.00
C LEU D 6 10.58 29.46 56.28
N ARG D 7 10.42 30.13 55.15
CA ARG D 7 9.21 30.04 54.32
C ARG D 7 9.58 29.53 52.95
N TYR D 8 8.85 28.51 52.47
CA TYR D 8 9.04 27.94 51.15
C TYR D 8 9.00 29.03 50.07
N PRO D 9 9.89 28.94 49.06
CA PRO D 9 10.86 27.89 48.77
C PRO D 9 12.15 27.89 49.60
N ILE D 10 12.32 28.88 50.48
CA ILE D 10 13.48 28.86 51.37
C ILE D 10 13.23 27.82 52.46
N ALA D 11 14.12 26.85 52.56
CA ALA D 11 13.94 25.76 53.51
C ALA D 11 15.31 25.26 53.95
N ASP D 12 15.30 24.38 54.95
CA ASP D 12 16.54 23.81 55.46
C ASP D 12 17.13 22.84 54.44
N VAL D 13 18.35 23.13 54.00
CA VAL D 13 19.06 22.31 53.03
C VAL D 13 20.32 21.81 53.71
N SER D 14 20.34 20.54 54.11
CA SER D 14 21.48 19.92 54.78
C SER D 14 21.95 20.76 55.97
N GLY D 15 20.99 21.13 56.82
CA GLY D 15 21.28 21.94 58.00
C GLY D 15 21.71 23.36 57.72
N GLY D 16 21.10 24.02 56.75
CA GLY D 16 21.44 25.39 56.42
C GLY D 16 20.32 26.05 55.67
N ILE D 17 20.31 27.39 55.71
CA ILE D 17 19.32 28.15 54.97
C ILE D 17 19.64 28.08 53.48
N GLY D 18 18.75 27.46 52.72
CA GLY D 18 18.96 27.29 51.29
C GLY D 18 17.68 27.29 50.50
N MET D 19 17.76 26.83 49.25
CA MET D 19 16.61 26.77 48.35
C MET D 19 16.11 25.33 48.23
N SER D 20 14.81 25.15 48.38
CA SER D 20 14.22 23.81 48.38
C SER D 20 14.40 23.14 47.01
N PRO D 21 14.90 21.91 46.96
CA PRO D 21 15.02 21.22 45.67
C PRO D 21 13.68 21.02 44.96
N ASN D 22 12.58 20.98 45.69
CA ASN D 22 11.27 20.86 45.05
C ASN D 22 10.94 22.10 44.24
N TYR D 23 11.37 23.28 44.71
CA TYR D 23 11.16 24.50 43.95
C TYR D 23 12.05 24.55 42.72
N ARG D 24 13.29 24.06 42.84
CA ARG D 24 14.24 24.15 41.74
C ARG D 24 13.87 23.22 40.59
N PHE D 25 13.41 22.01 40.90
CA PHE D 25 13.02 21.07 39.86
C PHE D 25 11.96 20.11 40.39
N ARG D 26 10.89 19.93 39.61
CA ARG D 26 9.82 19.00 39.93
C ARG D 26 9.31 18.41 38.62
N GLN D 27 9.12 17.09 38.60
CA GLN D 27 8.70 16.39 37.40
C GLN D 27 7.36 15.71 37.63
N SER D 28 6.46 15.81 36.66
CA SER D 28 5.14 15.23 36.80
C SER D 28 4.67 14.73 35.43
N MET D 29 3.41 14.32 35.38
CA MET D 29 2.85 13.71 34.18
C MET D 29 1.37 14.03 34.10
N TRP D 30 0.84 14.12 32.88
CA TRP D 30 -0.59 14.34 32.66
C TRP D 30 -1.08 13.46 31.52
N ILE D 31 -2.15 12.70 31.77
CA ILE D 31 -2.82 11.89 30.75
C ILE D 31 -4.27 12.34 30.72
N GLY D 32 -4.66 13.03 29.66
CA GLY D 32 -5.99 13.59 29.62
C GLY D 32 -6.41 13.94 28.21
N ILE D 33 -7.51 14.69 28.12
CA ILE D 33 -8.12 15.03 26.85
C ILE D 33 -7.73 16.45 26.45
N VAL D 34 -7.25 16.59 25.23
CA VAL D 34 -7.06 17.88 24.56
C VAL D 34 -8.21 18.06 23.59
N SER D 35 -9.01 19.10 23.82
CA SER D 35 -10.20 19.36 23.01
C SER D 35 -9.94 20.58 22.14
N TYR D 36 -10.28 20.46 20.85
CA TYR D 36 -10.19 21.56 19.91
C TYR D 36 -11.58 22.11 19.66
N SER D 37 -11.72 23.43 19.72
CA SER D 37 -12.96 24.11 19.39
C SER D 37 -12.66 25.14 18.32
N GLY D 38 -13.28 24.98 17.15
CA GLY D 38 -13.17 25.95 16.10
C GLY D 38 -14.54 26.51 15.74
N SER D 39 -14.66 27.11 14.56
CA SER D 39 -15.94 27.66 14.12
C SER D 39 -16.79 26.51 13.63
N GLY D 40 -17.56 25.95 14.56
CA GLY D 40 -18.39 24.80 14.23
C GLY D 40 -17.66 23.48 14.24
N LEU D 41 -16.40 23.45 14.66
CA LEU D 41 -15.60 22.24 14.65
C LEU D 41 -15.21 21.90 16.08
N ASN D 42 -15.40 20.63 16.46
CA ASN D 42 -15.04 20.17 17.79
C ASN D 42 -14.57 18.73 17.72
N TRP D 43 -13.39 18.46 18.28
CA TRP D 43 -12.91 17.09 18.39
C TRP D 43 -12.01 16.97 19.61
N ARG D 44 -11.78 15.72 20.03
CA ARG D 44 -11.01 15.39 21.23
C ARG D 44 -9.89 14.43 20.89
N VAL D 45 -8.75 14.60 21.55
CA VAL D 45 -7.63 13.67 21.48
C VAL D 45 -7.10 13.48 22.89
N GLN D 46 -6.66 12.27 23.20
CA GLN D 46 -6.08 11.97 24.50
C GLN D 46 -4.56 11.94 24.35
N VAL D 47 -3.86 12.63 25.24
CA VAL D 47 -2.40 12.70 25.15
C VAL D 47 -1.78 12.37 26.50
N ASN D 48 -0.50 12.01 26.45
CA ASN D 48 0.33 11.79 27.63
C ASN D 48 1.50 12.77 27.57
N SER D 49 1.43 13.80 28.39
CA SER D 49 2.41 14.89 28.35
C SER D 49 3.30 14.87 29.57
N ASP D 50 4.56 15.25 29.38
CA ASP D 50 5.48 15.44 30.48
C ASP D 50 5.30 16.82 31.06
N ILE D 51 5.32 16.90 32.39
CA ILE D 51 5.17 18.16 33.11
C ILE D 51 6.42 18.43 33.90
N PHE D 52 7.01 19.61 33.71
CA PHE D 52 8.16 20.06 34.48
C PHE D 52 7.82 21.37 35.17
N ILE D 53 8.09 21.44 36.46
CA ILE D 53 7.91 22.65 37.24
C ILE D 53 9.30 23.12 37.66
N VAL D 54 9.75 24.24 37.12
CA VAL D 54 11.08 24.77 37.41
C VAL D 54 10.94 26.21 37.86
N ASP D 55 11.42 26.49 39.08
CA ASP D 55 11.30 27.80 39.72
C ASP D 55 9.81 28.17 39.72
N ASP D 56 9.43 29.38 39.30
CA ASP D 56 8.04 29.79 39.28
C ASP D 56 7.42 29.65 37.90
N TYR D 57 7.87 28.66 37.13
CA TYR D 57 7.33 28.31 35.83
C TYR D 57 6.86 26.86 35.83
N ILE D 58 5.85 26.57 35.02
CA ILE D 58 5.40 25.21 34.76
C ILE D 58 5.48 24.98 33.27
N HIS D 59 5.99 23.80 32.89
CA HIS D 59 6.17 23.44 31.49
C HIS D 59 5.32 22.22 31.19
N ILE D 60 4.39 22.35 30.26
CA ILE D 60 3.58 21.24 29.77
C ILE D 60 4.16 20.83 28.43
N CYS D 61 4.85 19.69 28.40
CA CYS D 61 5.52 19.21 27.20
C CYS D 61 4.56 18.29 26.46
N LEU D 62 3.78 18.86 25.55
CA LEU D 62 2.86 18.05 24.77
C LEU D 62 3.62 17.36 23.65
N PRO D 63 3.41 16.07 23.43
CA PRO D 63 4.01 15.39 22.28
C PRO D 63 3.15 15.61 21.04
N ALA D 64 3.66 15.15 19.91
CA ALA D 64 2.90 15.26 18.67
C ALA D 64 1.62 14.46 18.78
N PHE D 65 0.51 15.06 18.34
CA PHE D 65 -0.78 14.38 18.27
C PHE D 65 -1.44 14.71 16.94
N ASP D 66 -2.41 13.89 16.57
CA ASP D 66 -3.15 14.05 15.33
C ASP D 66 -4.62 14.30 15.64
N GLY D 67 -5.19 15.30 14.99
CA GLY D 67 -6.57 15.65 15.19
C GLY D 67 -7.31 15.74 13.87
N PHE D 68 -8.41 16.49 13.86
CA PHE D 68 -9.26 16.59 12.67
C PHE D 68 -9.35 18.03 12.19
N SER D 69 -10.42 18.38 11.49
CA SER D 69 -10.54 19.69 10.86
C SER D 69 -10.38 20.80 11.90
N ILE D 70 -9.70 21.87 11.50
CA ILE D 70 -9.52 23.05 12.35
C ILE D 70 -9.95 24.28 11.57
N ALA D 71 -10.42 25.28 12.30
CA ALA D 71 -10.78 26.56 11.70
C ALA D 71 -9.56 27.46 11.59
N ASP D 72 -9.71 28.53 10.83
CA ASP D 72 -8.64 29.53 10.79
C ASP D 72 -8.38 30.09 12.18
N GLY D 73 -9.43 30.27 12.97
CA GLY D 73 -9.29 30.68 14.35
C GLY D 73 -10.00 29.71 15.30
N GLY D 74 -9.27 29.21 16.29
CA GLY D 74 -9.81 28.25 17.22
C GLY D 74 -8.97 28.21 18.47
N ASP D 75 -9.36 27.34 19.39
CA ASP D 75 -8.65 27.19 20.65
C ASP D 75 -8.42 25.72 20.97
N LEU D 76 -7.39 25.47 21.75
CA LEU D 76 -7.03 24.15 22.26
C LEU D 76 -7.17 24.18 23.77
N SER D 77 -7.84 23.17 24.33
CA SER D 77 -8.14 23.14 25.75
C SER D 77 -7.54 21.88 26.38
N LEU D 78 -6.85 22.07 27.50
CA LEU D 78 -6.24 21.00 28.27
C LEU D 78 -7.03 20.83 29.56
N ASN D 79 -7.57 19.63 29.79
CA ASN D 79 -8.41 19.38 30.96
C ASN D 79 -7.53 18.85 32.08
N PHE D 80 -7.21 19.70 33.06
CA PHE D 80 -6.39 19.30 34.19
C PHE D 80 -7.23 18.87 35.39
N VAL D 81 -8.55 18.79 35.26
CA VAL D 81 -9.37 18.34 36.37
C VAL D 81 -9.07 16.89 36.72
N THR D 82 -8.67 16.10 35.72
CA THR D 82 -8.19 14.75 35.92
C THR D 82 -7.01 14.52 35.00
N GLY D 83 -6.17 13.56 35.38
CA GLY D 83 -5.04 13.14 34.58
C GLY D 83 -3.69 13.41 35.19
N LEU D 84 -3.61 14.30 36.18
CA LEU D 84 -2.32 14.63 36.77
C LEU D 84 -1.85 13.50 37.67
N LEU D 85 -0.56 13.17 37.58
CA LEU D 85 0.02 12.16 38.44
C LEU D 85 0.16 12.71 39.86
N PRO D 86 -0.44 12.07 40.87
CA PRO D 86 -0.32 12.49 42.27
C PRO D 86 1.14 12.57 42.73
N PRO D 87 1.46 13.46 43.69
CA PRO D 87 0.56 14.34 44.43
C PRO D 87 0.23 15.67 43.73
N LEU D 88 0.56 15.81 42.45
CA LEU D 88 0.24 17.05 41.74
C LEU D 88 -1.26 17.17 41.58
N LEU D 89 -1.81 18.33 41.95
CA LEU D 89 -3.24 18.57 41.91
C LEU D 89 -3.58 19.60 40.82
N THR D 90 -4.88 19.68 40.52
CA THR D 90 -5.34 20.59 39.48
C THR D 90 -4.95 22.03 39.79
N GLY D 91 -5.03 22.43 41.06
CA GLY D 91 -4.67 23.79 41.43
C GLY D 91 -3.22 24.13 41.17
N ASP D 92 -2.36 23.12 41.05
CA ASP D 92 -0.95 23.37 40.77
C ASP D 92 -0.72 23.90 39.36
N THR D 93 -1.69 23.72 38.45
CA THR D 93 -1.56 24.21 37.09
C THR D 93 -2.08 25.63 36.91
N GLU D 94 -2.64 26.23 37.95
CA GLU D 94 -3.14 27.59 37.83
C GLU D 94 -1.97 28.56 37.63
N PRO D 95 -2.04 29.47 36.67
CA PRO D 95 -0.94 30.42 36.45
C PRO D 95 -0.93 31.50 37.51
N ALA D 96 0.19 32.23 37.54
CA ALA D 96 0.32 33.35 38.47
C ALA D 96 -0.63 34.49 38.15
N PHE D 97 -1.08 34.60 36.91
CA PHE D 97 -2.13 35.55 36.55
C PHE D 97 -3.53 34.96 36.68
N HIS D 98 -3.66 33.77 37.26
CA HIS D 98 -4.95 33.18 37.64
C HIS D 98 -5.82 33.06 36.39
N ASN D 99 -7.09 33.47 36.43
CA ASN D 99 -7.99 33.33 35.28
C ASN D 99 -8.02 34.58 34.41
N ASP D 100 -6.95 35.37 34.41
CA ASP D 100 -6.90 36.54 33.54
C ASP D 100 -6.79 36.13 32.07
N VAL D 101 -7.33 36.98 31.20
CA VAL D 101 -7.17 36.83 29.76
C VAL D 101 -5.85 37.46 29.38
N VAL D 102 -4.97 36.68 28.74
CA VAL D 102 -3.62 37.11 28.43
C VAL D 102 -3.27 36.68 27.02
N THR D 103 -2.10 37.15 26.55
CA THR D 103 -1.53 36.72 25.28
C THR D 103 -0.08 36.32 25.59
N TYR D 104 0.07 35.21 26.32
CA TYR D 104 1.36 34.85 26.90
C TYR D 104 1.99 33.69 26.14
N GLY D 105 3.30 33.78 25.97
CA GLY D 105 4.04 32.72 25.31
C GLY D 105 3.64 32.52 23.87
N ALA D 106 3.40 33.61 23.15
CA ALA D 106 2.94 33.52 21.79
C ALA D 106 4.05 32.99 20.90
N GLN D 107 3.80 31.86 20.25
CA GLN D 107 4.76 31.21 19.37
C GLN D 107 4.11 30.88 18.05
N THR D 108 4.95 30.46 17.09
CA THR D 108 4.48 29.98 15.80
C THR D 108 4.54 28.46 15.80
N VAL D 109 3.41 27.84 15.49
CA VAL D 109 3.30 26.38 15.42
C VAL D 109 2.91 25.99 13.99
N ALA D 110 3.56 24.97 13.46
CA ALA D 110 3.32 24.51 12.10
C ALA D 110 2.44 23.28 12.15
N ILE D 111 1.21 23.39 11.65
CA ILE D 111 0.26 22.30 11.63
C ILE D 111 0.10 21.81 10.19
N GLY D 112 0.19 20.49 10.01
CA GLY D 112 0.01 19.91 8.69
C GLY D 112 -1.43 19.52 8.43
N LEU D 113 -2.05 20.17 7.45
CA LEU D 113 -3.44 19.89 7.09
C LEU D 113 -3.46 18.94 5.90
N SER D 114 -4.31 17.92 5.97
CA SER D 114 -4.36 16.90 4.95
C SER D 114 -5.76 16.33 4.80
N SER D 115 -6.00 15.71 3.67
CA SER D 115 -7.24 15.02 3.38
C SER D 115 -7.00 13.52 3.22
N GLY D 116 -6.01 12.99 3.94
CA GLY D 116 -5.57 11.62 3.81
C GLY D 116 -4.30 11.45 3.00
N GLY D 117 -3.93 12.47 2.22
CA GLY D 117 -2.71 12.46 1.45
C GLY D 117 -1.58 13.20 2.14
N THR D 118 -0.62 13.64 1.32
CA THR D 118 0.51 14.40 1.84
C THR D 118 0.02 15.70 2.48
N PRO D 119 0.44 16.01 3.70
CA PRO D 119 -0.04 17.21 4.38
C PRO D 119 0.58 18.47 3.82
N GLN D 120 -0.14 19.58 4.01
CA GLN D 120 0.35 20.92 3.73
C GLN D 120 0.41 21.68 5.05
N TYR D 121 1.57 22.27 5.34
CA TYR D 121 1.82 22.84 6.66
C TYR D 121 1.49 24.33 6.69
N MET D 122 0.66 24.72 7.64
CA MET D 122 0.28 26.11 7.88
C MET D 122 0.98 26.63 9.13
N SER D 123 1.49 27.84 9.05
CA SER D 123 2.17 28.47 10.19
C SER D 123 1.14 29.25 10.98
N LYS D 124 0.62 28.63 12.03
CA LYS D 124 -0.37 29.22 12.90
C LYS D 124 0.29 29.86 14.12
N ASN D 125 -0.48 30.73 14.79
CA ASN D 125 -0.04 31.48 15.94
C ASN D 125 -0.73 30.92 17.18
N LEU D 126 0.06 30.45 18.14
CA LEU D 126 -0.45 29.84 19.36
C LEU D 126 0.01 30.65 20.58
N TRP D 127 -0.88 30.85 21.53
CA TRP D 127 -0.51 31.49 22.78
C TRP D 127 -1.42 31.02 23.91
N VAL D 128 -0.91 31.12 25.14
CA VAL D 128 -1.71 30.86 26.32
C VAL D 128 -2.66 32.03 26.54
N GLU D 129 -3.96 31.74 26.64
CA GLU D 129 -4.96 32.79 26.78
C GLU D 129 -5.63 32.81 28.15
N GLN D 130 -6.04 31.65 28.67
CA GLN D 130 -6.75 31.65 29.95
C GLN D 130 -6.72 30.26 30.56
N TRP D 131 -6.68 30.24 31.89
CA TRP D 131 -6.82 29.04 32.70
C TRP D 131 -8.02 29.25 33.61
N GLN D 132 -9.01 28.37 33.51
CA GLN D 132 -10.23 28.54 34.29
C GLN D 132 -10.76 27.18 34.73
N ASP D 133 -10.92 27.00 36.04
CA ASP D 133 -11.50 25.79 36.61
C ASP D 133 -10.76 24.54 36.15
N GLY D 134 -9.43 24.64 36.08
CA GLY D 134 -8.61 23.50 35.72
C GLY D 134 -8.47 23.26 34.24
N VAL D 135 -8.98 24.15 33.40
CA VAL D 135 -8.87 24.01 31.96
C VAL D 135 -7.99 25.12 31.43
N LEU D 136 -6.89 24.75 30.78
CA LEU D 136 -5.96 25.69 30.17
C LEU D 136 -6.31 25.84 28.69
N ARG D 137 -6.62 27.06 28.27
CA ARG D 137 -7.05 27.33 26.90
C ARG D 137 -5.93 28.01 26.12
N LEU D 138 -5.57 27.41 24.99
CA LEU D 138 -4.59 27.99 24.09
C LEU D 138 -5.30 28.45 22.82
N ARG D 139 -4.97 29.64 22.35
CA ARG D 139 -5.57 30.17 21.13
C ARG D 139 -4.68 29.79 19.94
N VAL D 140 -5.32 29.30 18.88
CA VAL D 140 -4.64 28.91 17.64
C VAL D 140 -5.35 29.64 16.51
N GLU D 141 -4.66 30.59 15.88
CA GLU D 141 -5.25 31.35 14.80
C GLU D 141 -4.15 31.82 13.85
N GLY D 142 -4.56 32.27 12.67
CA GLY D 142 -3.64 32.85 11.72
C GLY D 142 -3.02 31.82 10.81
N GLY D 143 -2.35 32.32 9.77
CA GLY D 143 -1.63 31.49 8.83
C GLY D 143 -2.46 30.97 7.68
N GLY D 144 -3.76 31.22 7.67
CA GLY D 144 -4.61 30.72 6.61
C GLY D 144 -4.92 29.25 6.80
N SER D 145 -5.67 28.71 5.84
CA SER D 145 -6.10 27.34 5.92
C SER D 145 -6.37 26.81 4.51
N ILE D 146 -6.61 25.50 4.44
CA ILE D 146 -7.04 24.84 3.21
C ILE D 146 -8.16 23.86 3.58
N THR D 147 -8.80 23.30 2.55
CA THR D 147 -9.81 22.27 2.79
C THR D 147 -9.11 21.00 3.24
N HIS D 148 -9.46 20.52 4.42
CA HIS D 148 -8.79 19.37 5.00
C HIS D 148 -9.75 18.63 5.93
N SER D 149 -9.43 17.37 6.20
CA SER D 149 -10.17 16.57 7.16
C SER D 149 -9.35 16.18 8.38
N ASN D 150 -8.02 16.23 8.30
CA ASN D 150 -7.15 15.82 9.39
C ASN D 150 -6.08 16.88 9.60
N SER D 151 -5.65 17.01 10.85
CA SER D 151 -4.64 17.97 11.24
C SER D 151 -3.51 17.25 11.96
N LYS D 152 -2.27 17.54 11.55
CA LYS D 152 -1.06 16.98 12.17
C LYS D 152 -0.48 18.00 13.14
N TRP D 153 -0.60 17.73 14.41
CA TRP D 153 -0.06 18.70 15.34
C TRP D 153 1.33 18.30 15.79
N PRO D 154 2.27 19.24 15.83
CA PRO D 154 3.62 18.92 16.28
C PRO D 154 3.70 18.89 17.80
N ALA D 155 4.81 18.37 18.30
CA ALA D 155 5.11 18.50 19.72
C ALA D 155 5.24 19.98 20.06
N MET D 156 4.54 20.41 21.10
CA MET D 156 4.52 21.79 21.55
C MET D 156 4.72 21.86 23.05
N THR D 157 5.65 22.70 23.48
CA THR D 157 5.89 22.92 24.90
C THR D 157 5.22 24.22 25.33
N VAL D 158 4.34 24.13 26.31
CA VAL D 158 3.58 25.26 26.82
C VAL D 158 4.10 25.60 28.21
N SER D 159 4.61 26.81 28.37
CA SER D 159 5.15 27.27 29.64
C SER D 159 4.44 28.55 30.06
N TYR D 160 4.33 28.74 31.37
CA TYR D 160 3.78 29.97 31.91
C TYR D 160 4.13 30.05 33.39
N PRO D 161 4.06 31.23 33.99
CA PRO D 161 4.34 31.34 35.43
C PRO D 161 3.30 30.59 36.24
N ARG D 162 3.74 30.03 37.36
CA ARG D 162 2.89 29.22 38.21
C ARG D 162 2.46 30.00 39.45
N SER D 163 1.19 29.87 39.81
CA SER D 163 0.68 30.57 40.99
C SER D 163 1.28 29.97 42.25
N PHE D 164 1.62 30.85 43.20
CA PHE D 164 2.18 30.46 44.48
C PHE D 164 1.39 30.97 45.67
N THR D 165 0.39 31.83 45.45
CA THR D 165 -0.41 32.39 46.54
C THR D 165 -1.87 31.98 46.41
N PRO E 4 13.68 43.71 56.90
CA PRO E 4 14.70 43.80 57.94
C PRO E 4 16.11 43.65 57.39
N ASN E 5 16.92 42.80 58.03
CA ASN E 5 18.28 42.55 57.58
C ASN E 5 18.30 41.38 56.60
N LEU E 6 17.80 41.66 55.40
CA LEU E 6 17.63 40.68 54.33
C LEU E 6 17.82 41.41 53.01
N ARG E 7 18.37 40.71 52.01
CA ARG E 7 18.64 41.32 50.72
C ARG E 7 17.70 40.72 49.68
N TYR E 8 17.01 41.60 48.94
CA TYR E 8 16.10 41.21 47.87
C TYR E 8 16.82 40.30 46.88
N PRO E 9 16.14 39.25 46.38
CA PRO E 9 14.74 38.89 46.56
C PRO E 9 14.39 38.19 47.87
N ILE E 10 15.38 37.91 48.73
CA ILE E 10 15.10 37.33 50.03
C ILE E 10 14.52 38.41 50.93
N ALA E 11 13.31 38.17 51.44
CA ALA E 11 12.62 39.18 52.24
C ALA E 11 11.73 38.48 53.27
N ASP E 12 11.18 39.28 54.17
CA ASP E 12 10.30 38.76 55.22
C ASP E 12 8.97 38.32 54.60
N VAL E 13 8.64 37.05 54.77
CA VAL E 13 7.39 36.48 54.27
C VAL E 13 6.60 35.96 55.47
N SER E 14 5.56 36.70 55.85
CA SER E 14 4.71 36.35 56.98
C SER E 14 5.54 36.08 58.23
N GLY E 15 6.46 37.01 58.52
CA GLY E 15 7.32 36.87 59.68
C GLY E 15 8.31 35.72 59.57
N GLY E 16 8.87 35.50 58.39
CA GLY E 16 9.83 34.44 58.19
C GLY E 16 10.66 34.71 56.97
N ILE E 17 11.84 34.06 56.94
CA ILE E 17 12.73 34.19 55.79
C ILE E 17 12.14 33.42 54.62
N GLY E 18 11.79 34.13 53.56
CA GLY E 18 11.20 33.51 52.38
C GLY E 18 11.56 34.25 51.11
N MET E 19 10.83 33.98 50.03
CA MET E 19 11.07 34.62 48.74
C MET E 19 10.00 35.68 48.50
N SER E 20 10.43 36.87 48.13
CA SER E 20 9.51 37.98 47.93
C SER E 20 8.53 37.68 46.79
N PRO E 21 7.23 37.85 47.00
CA PRO E 21 6.27 37.64 45.90
C PRO E 21 6.49 38.56 44.71
N ASN E 22 7.11 39.73 44.92
CA ASN E 22 7.41 40.62 43.79
C ASN E 22 8.45 40.02 42.87
N TYR E 23 9.41 39.29 43.43
CA TYR E 23 10.40 38.60 42.61
C TYR E 23 9.78 37.43 41.87
N ARG E 24 8.86 36.71 42.51
CA ARG E 24 8.27 35.54 41.89
C ARG E 24 7.33 35.92 40.76
N PHE E 25 6.55 36.99 40.92
CA PHE E 25 5.65 37.42 39.87
C PHE E 25 5.36 38.90 39.96
N ARG E 26 5.46 39.60 38.83
CA ARG E 26 5.12 41.01 38.69
C ARG E 26 4.48 41.22 37.33
N GLN E 27 3.40 41.99 37.29
CA GLN E 27 2.66 42.25 36.08
C GLN E 27 2.69 43.75 35.79
N SER E 28 2.91 44.09 34.52
CA SER E 28 3.01 45.48 34.11
C SER E 28 2.44 45.61 32.71
N MET E 29 2.63 46.79 32.11
CA MET E 29 2.05 47.09 30.80
C MET E 29 2.95 48.07 30.06
N TRP E 30 2.93 47.99 28.74
CA TRP E 30 3.66 48.93 27.91
C TRP E 30 2.80 49.34 26.72
N ILE E 31 2.64 50.65 26.54
CA ILE E 31 1.94 51.22 25.40
C ILE E 31 2.95 52.13 24.73
N GLY E 32 3.41 51.76 23.55
CA GLY E 32 4.45 52.52 22.89
C GLY E 32 4.53 52.22 21.42
N ILE E 33 5.62 52.71 20.82
CA ILE E 33 5.82 52.61 19.38
C ILE E 33 6.79 51.47 19.09
N VAL E 34 6.40 50.59 18.18
CA VAL E 34 7.28 49.59 17.60
C VAL E 34 7.65 50.05 16.20
N SER E 35 8.95 50.27 15.99
CA SER E 35 9.45 50.77 14.72
C SER E 35 10.19 49.66 14.00
N TYR E 36 9.92 49.50 12.70
CA TYR E 36 10.66 48.57 11.85
C TYR E 36 11.63 49.35 10.97
N SER E 37 12.87 48.89 10.92
CA SER E 37 13.89 49.46 10.04
C SER E 37 14.46 48.34 9.19
N GLY E 38 14.27 48.44 7.88
CA GLY E 38 14.83 47.49 6.96
C GLY E 38 15.76 48.18 5.99
N SER E 39 16.02 47.54 4.86
CA SER E 39 16.88 48.13 3.83
C SER E 39 16.09 49.19 3.09
N GLY E 40 16.14 50.42 3.59
CA GLY E 40 15.43 51.54 3.01
C GLY E 40 13.98 51.66 3.40
N LEU E 41 13.49 50.82 4.32
CA LEU E 41 12.09 50.83 4.74
C LEU E 41 12.01 51.17 6.22
N ASN E 42 11.09 52.08 6.57
CA ASN E 42 10.87 52.46 7.96
C ASN E 42 9.39 52.77 8.16
N TRP E 43 8.79 52.14 9.17
CA TRP E 43 7.43 52.46 9.57
C TRP E 43 7.25 52.19 11.06
N ARG E 44 6.20 52.77 11.61
CA ARG E 44 5.92 52.70 13.04
C ARG E 44 4.51 52.19 13.29
N VAL E 45 4.35 51.40 14.35
CA VAL E 45 3.05 50.94 14.82
C VAL E 45 3.05 51.07 16.34
N GLN E 46 1.89 51.43 16.90
CA GLN E 46 1.74 51.49 18.34
C GLN E 46 0.98 50.26 18.84
N VAL E 47 1.47 49.66 19.92
CA VAL E 47 0.87 48.46 20.47
C VAL E 47 0.69 48.65 21.96
N ASN E 48 -0.17 47.79 22.53
CA ASN E 48 -0.40 47.71 23.96
C ASN E 48 0.04 46.32 24.40
N SER E 49 1.18 46.24 25.08
CA SER E 49 1.81 44.97 25.41
C SER E 49 1.73 44.68 26.91
N ASP E 50 1.52 43.41 27.24
CA ASP E 50 1.58 42.95 28.61
C ASP E 50 3.03 42.59 28.96
N ILE E 51 3.44 42.96 30.18
CA ILE E 51 4.78 42.68 30.66
C ILE E 51 4.66 41.81 31.91
N PHE E 52 5.39 40.69 31.92
CA PHE E 52 5.46 39.82 33.09
C PHE E 52 6.92 39.65 33.48
N ILE E 53 7.20 39.86 34.77
CA ILE E 53 8.53 39.67 35.33
C ILE E 53 8.45 38.49 36.28
N VAL E 54 9.11 37.39 35.93
CA VAL E 54 9.08 36.16 36.71
C VAL E 54 10.52 35.76 37.01
N ASP E 55 10.85 35.65 38.29
CA ASP E 55 12.20 35.34 38.76
C ASP E 55 13.15 36.36 38.11
N ASP E 56 14.24 35.94 37.47
CA ASP E 56 15.15 36.87 36.81
C ASP E 56 14.91 36.96 35.31
N TYR E 57 13.65 36.85 34.88
CA TYR E 57 13.26 37.01 33.49
C TYR E 57 12.22 38.11 33.36
N ILE E 58 12.21 38.76 32.19
CA ILE E 58 11.15 39.69 31.81
C ILE E 58 10.55 39.20 30.50
N HIS E 59 9.22 39.22 30.42
CA HIS E 59 8.49 38.77 29.25
C HIS E 59 7.68 39.93 28.70
N ILE E 60 7.95 40.30 27.45
CA ILE E 60 7.19 41.34 26.75
C ILE E 60 6.26 40.61 25.80
N CYS E 61 4.98 40.57 26.16
CA CYS E 61 3.97 39.83 25.40
C CYS E 61 3.36 40.77 24.38
N LEU E 62 3.94 40.81 23.19
CA LEU E 62 3.42 41.66 22.13
C LEU E 62 2.21 40.99 21.50
N PRO E 63 1.12 41.72 21.28
CA PRO E 63 0.00 41.17 20.53
C PRO E 63 0.24 41.29 19.04
N ALA E 64 -0.66 40.70 18.27
CA ALA E 64 -0.57 40.79 16.82
C ALA E 64 -0.70 42.25 16.40
N PHE E 65 0.17 42.69 15.50
CA PHE E 65 0.08 44.02 14.93
C PHE E 65 0.28 43.91 13.43
N ASP E 66 -0.16 44.93 12.72
CA ASP E 66 -0.05 44.98 11.26
C ASP E 66 0.84 46.13 10.87
N GLY E 67 1.77 45.87 9.98
CA GLY E 67 2.70 46.88 9.51
C GLY E 67 2.71 46.98 8.00
N PHE E 68 3.82 47.49 7.46
CA PHE E 68 3.95 47.69 6.03
C PHE E 68 5.13 46.92 5.49
N SER E 69 5.69 47.38 4.36
CA SER E 69 6.74 46.64 3.67
C SER E 69 7.91 46.34 4.61
N ILE E 70 8.49 45.15 4.44
CA ILE E 70 9.67 44.75 5.19
C ILE E 70 10.72 44.26 4.21
N ALA E 71 11.98 44.41 4.59
CA ALA E 71 13.10 43.88 3.83
C ALA E 71 13.37 42.43 4.23
N ASP E 72 14.21 41.77 3.44
CA ASP E 72 14.66 40.43 3.80
C ASP E 72 15.38 40.47 5.14
N GLY E 73 16.14 41.52 5.40
CA GLY E 73 16.80 41.72 6.67
C GLY E 73 16.45 43.07 7.27
N GLY E 74 16.01 43.06 8.52
CA GLY E 74 15.61 44.29 9.19
C GLY E 74 15.61 44.09 10.68
N ASP E 75 15.22 45.13 11.40
CA ASP E 75 15.14 45.07 12.86
C ASP E 75 13.83 45.65 13.35
N LEU E 76 13.41 45.19 14.52
CA LEU E 76 12.24 45.69 15.20
C LEU E 76 12.71 46.33 16.51
N SER E 77 12.25 47.56 16.76
CA SER E 77 12.74 48.33 17.90
C SER E 77 11.58 48.69 18.82
N LEU E 78 11.76 48.45 20.11
CA LEU E 78 10.77 48.77 21.13
C LEU E 78 11.29 49.94 21.94
N ASN E 79 10.52 51.03 21.98
CA ASN E 79 10.91 52.25 22.70
C ASN E 79 10.34 52.18 24.10
N PHE E 80 11.18 51.84 25.07
CA PHE E 80 10.77 51.78 26.46
C PHE E 80 11.07 53.05 27.23
N VAL E 81 11.54 54.10 26.56
CA VAL E 81 11.79 55.37 27.24
C VAL E 81 10.47 55.95 27.75
N THR E 82 9.37 55.69 27.06
CA THR E 82 8.04 56.06 27.52
C THR E 82 7.07 54.93 27.24
N GLY E 83 6.01 54.87 28.03
CA GLY E 83 4.93 53.93 27.83
C GLY E 83 4.76 52.93 28.95
N LEU E 84 5.77 52.73 29.80
CA LEU E 84 5.64 51.73 30.83
C LEU E 84 4.72 52.21 31.96
N LEU E 85 3.85 51.32 32.40
CA LEU E 85 2.95 51.61 33.50
C LEU E 85 3.71 51.67 34.82
N PRO E 86 3.66 52.79 35.56
CA PRO E 86 4.30 52.92 36.87
C PRO E 86 3.85 51.84 37.85
N PRO E 87 4.73 51.43 38.79
CA PRO E 87 6.07 51.97 39.04
C PRO E 87 7.18 51.38 38.16
N LEU E 88 6.83 50.64 37.12
CA LEU E 88 7.86 50.07 36.25
C LEU E 88 8.55 51.20 35.49
N LEU E 89 9.88 51.19 35.51
CA LEU E 89 10.68 52.22 34.87
C LEU E 89 11.43 51.65 33.66
N THR E 90 11.98 52.56 32.85
CA THR E 90 12.69 52.15 31.65
C THR E 90 13.86 51.24 32.00
N GLY E 91 14.60 51.56 33.06
CA GLY E 91 15.74 50.75 33.44
C GLY E 91 15.37 49.34 33.87
N ASP E 92 14.11 49.11 34.24
CA ASP E 92 13.69 47.77 34.62
C ASP E 92 13.66 46.81 33.44
N THR E 93 13.65 47.34 32.21
CA THR E 93 13.65 46.50 31.02
C THR E 93 15.05 46.17 30.54
N GLU E 94 16.09 46.71 31.17
CA GLU E 94 17.46 46.41 30.77
C GLU E 94 17.78 44.94 31.05
N PRO E 95 18.37 44.23 30.10
CA PRO E 95 18.73 42.82 30.33
C PRO E 95 19.96 42.70 31.23
N ALA E 96 20.16 41.47 31.73
CA ALA E 96 21.30 41.19 32.58
C ALA E 96 22.63 41.28 31.82
N PHE E 97 22.60 41.10 30.50
CA PHE E 97 23.79 41.33 29.69
C PHE E 97 23.89 42.77 29.20
N HIS E 98 23.07 43.66 29.76
CA HIS E 98 23.17 45.12 29.57
C HIS E 98 23.07 45.42 28.08
N ASN E 99 23.93 46.28 27.53
CA ASN E 99 23.86 46.67 26.12
C ASN E 99 24.75 45.82 25.23
N ASP E 100 25.07 44.60 25.64
CA ASP E 100 25.87 43.72 24.80
C ASP E 100 25.07 43.29 23.58
N VAL E 101 25.79 43.05 22.49
CA VAL E 101 25.20 42.49 21.28
C VAL E 101 25.17 40.98 21.45
N VAL E 102 23.97 40.41 21.32
CA VAL E 102 23.75 38.99 21.59
C VAL E 102 22.84 38.41 20.52
N THR E 103 22.65 37.09 20.57
CA THR E 103 21.68 36.40 19.72
C THR E 103 20.82 35.52 20.64
N TYR E 104 20.00 36.16 21.46
CA TYR E 104 19.29 35.48 22.52
C TYR E 104 17.82 35.28 22.17
N GLY E 105 17.28 34.12 22.55
CA GLY E 105 15.89 33.83 22.34
C GLY E 105 15.47 33.76 20.88
N ALA E 106 16.31 33.19 20.03
CA ALA E 106 16.03 33.14 18.60
C ALA E 106 14.88 32.18 18.36
N GLN E 107 13.82 32.67 17.72
CA GLN E 107 12.65 31.88 17.40
C GLN E 107 12.30 32.08 15.94
N THR E 108 11.39 31.24 15.45
CA THR E 108 10.85 31.36 14.10
C THR E 108 9.47 32.00 14.21
N VAL E 109 9.29 33.12 13.51
CA VAL E 109 8.02 33.83 13.48
C VAL E 109 7.51 33.86 12.04
N ALA E 110 6.22 33.63 11.87
CA ALA E 110 5.60 33.60 10.56
C ALA E 110 4.85 34.91 10.34
N ILE E 111 5.32 35.70 9.38
CA ILE E 111 4.71 36.97 9.03
C ILE E 111 4.03 36.82 7.68
N GLY E 112 2.79 37.26 7.58
CA GLY E 112 2.05 37.20 6.33
C GLY E 112 2.22 38.46 5.50
N LEU E 113 2.83 38.33 4.33
CA LEU E 113 3.04 39.45 3.43
C LEU E 113 1.94 39.48 2.38
N SER E 114 1.40 40.67 2.12
CA SER E 114 0.30 40.81 1.19
C SER E 114 0.33 42.17 0.51
N SER E 115 -0.39 42.26 -0.60
CA SER E 115 -0.58 43.50 -1.33
C SER E 115 -2.03 43.95 -1.28
N GLY E 116 -2.72 43.62 -0.17
CA GLY E 116 -4.13 43.87 -0.02
C GLY E 116 -4.99 42.64 -0.23
N GLY E 117 -4.45 41.60 -0.84
CA GLY E 117 -5.16 40.36 -1.05
C GLY E 117 -4.86 39.34 0.03
N THR E 118 -5.08 38.08 -0.31
CA THR E 118 -4.75 37.00 0.61
C THR E 118 -3.26 37.01 0.92
N PRO E 119 -2.86 36.99 2.18
CA PRO E 119 -1.43 37.06 2.52
C PRO E 119 -0.71 35.76 2.23
N GLN E 120 0.59 35.89 2.02
CA GLN E 120 1.51 34.76 1.92
C GLN E 120 2.45 34.81 3.12
N TYR E 121 2.53 33.70 3.84
CA TYR E 121 3.23 33.69 5.12
C TYR E 121 4.68 33.26 4.94
N MET E 122 5.60 34.10 5.41
CA MET E 122 7.03 33.85 5.37
C MET E 122 7.55 33.51 6.76
N SER E 123 8.40 32.49 6.85
CA SER E 123 8.95 32.07 8.13
C SER E 123 10.27 32.79 8.36
N LYS E 124 10.22 33.87 9.11
CA LYS E 124 11.39 34.68 9.42
C LYS E 124 11.99 34.26 10.75
N ASN E 125 13.22 34.68 10.97
CA ASN E 125 13.99 34.35 12.17
C ASN E 125 14.12 35.60 13.03
N LEU E 126 13.64 35.51 14.27
CA LEU E 126 13.61 36.64 15.21
C LEU E 126 14.47 36.33 16.42
N TRP E 127 15.23 37.32 16.88
CA TRP E 127 15.98 37.18 18.12
C TRP E 127 16.20 38.55 18.75
N VAL E 128 16.42 38.54 20.07
CA VAL E 128 16.83 39.73 20.79
C VAL E 128 18.30 39.99 20.51
N GLU E 129 18.61 41.19 20.03
CA GLU E 129 20.00 41.50 19.69
C GLU E 129 20.63 42.50 20.64
N GLN E 130 19.95 43.59 20.97
CA GLN E 130 20.58 44.61 21.79
C GLN E 130 19.52 45.49 22.45
N TRP E 131 19.83 45.90 23.67
CA TRP E 131 19.07 46.90 24.41
C TRP E 131 20.03 48.03 24.71
N GLN E 132 19.71 49.24 24.24
CA GLN E 132 20.59 50.39 24.42
C GLN E 132 19.74 51.63 24.63
N ASP E 133 19.99 52.32 25.75
CA ASP E 133 19.31 53.57 26.07
C ASP E 133 17.81 53.40 26.08
N GLY E 134 17.35 52.26 26.60
CA GLY E 134 15.92 52.03 26.76
C GLY E 134 15.19 51.53 25.54
N VAL E 135 15.90 51.23 24.45
CA VAL E 135 15.29 50.73 23.24
C VAL E 135 15.75 49.30 23.02
N LEU E 136 14.79 48.38 22.93
CA LEU E 136 15.08 46.97 22.70
C LEU E 136 14.96 46.69 21.21
N ARG E 137 16.04 46.19 20.61
CA ARG E 137 16.11 45.93 19.17
C ARG E 137 16.10 44.43 18.91
N LEU E 138 15.14 43.99 18.11
CA LEU E 138 15.02 42.61 17.69
C LEU E 138 15.39 42.51 16.21
N ARG E 139 16.15 41.48 15.86
CA ARG E 139 16.54 41.27 14.48
C ARG E 139 15.52 40.36 13.81
N VAL E 140 15.10 40.73 12.60
CA VAL E 140 14.17 39.94 11.80
C VAL E 140 14.82 39.74 10.43
N GLU E 141 15.20 38.51 10.13
CA GLU E 141 15.83 38.21 8.86
C GLU E 141 15.56 36.77 8.47
N GLY E 142 15.76 36.47 7.19
CA GLY E 142 15.63 35.13 6.69
C GLY E 142 14.23 34.77 6.23
N GLY E 143 14.14 33.63 5.55
CA GLY E 143 12.88 33.13 5.05
C GLY E 143 12.47 33.65 3.69
N GLY E 144 13.21 34.61 3.14
CA GLY E 144 12.86 35.19 1.86
C GLY E 144 11.74 36.21 1.98
N SER E 145 11.35 36.74 0.83
CA SER E 145 10.30 37.75 0.76
C SER E 145 9.62 37.66 -0.59
N ILE E 146 8.54 38.43 -0.72
CA ILE E 146 7.83 38.60 -1.97
C ILE E 146 7.50 40.09 -2.09
N THR E 147 7.01 40.48 -3.26
CA THR E 147 6.57 41.86 -3.45
C THR E 147 5.30 42.09 -2.65
N HIS E 148 5.34 43.03 -1.72
CA HIS E 148 4.21 43.27 -0.84
C HIS E 148 4.23 44.73 -0.39
N SER E 149 3.07 45.19 0.09
CA SER E 149 2.94 46.50 0.70
C SER E 149 2.56 46.47 2.17
N ASN E 150 2.03 45.34 2.66
CA ASN E 150 1.58 45.22 4.04
C ASN E 150 2.11 43.92 4.63
N SER E 151 2.38 43.96 5.94
CA SER E 151 2.90 42.81 6.67
C SER E 151 2.01 42.51 7.86
N LYS E 152 1.65 41.24 8.02
CA LYS E 152 0.82 40.79 9.13
C LYS E 152 1.71 40.17 10.20
N TRP E 153 1.85 40.86 11.29
CA TRP E 153 2.72 40.30 12.31
C TRP E 153 1.90 39.54 13.34
N PRO E 154 2.37 38.36 13.76
CA PRO E 154 1.66 37.58 14.76
C PRO E 154 1.90 38.12 16.16
N ALA E 155 1.13 37.59 17.10
CA ALA E 155 1.48 37.79 18.50
C ALA E 155 2.83 37.11 18.75
N MET E 156 3.75 37.85 19.35
CA MET E 156 5.09 37.35 19.63
C MET E 156 5.47 37.68 21.06
N THR E 157 5.92 36.67 21.80
CA THR E 157 6.40 36.90 23.16
C THR E 157 7.92 36.94 23.14
N VAL E 158 8.47 38.05 23.62
CA VAL E 158 9.90 38.31 23.63
C VAL E 158 10.34 38.30 25.09
N SER E 159 11.21 37.37 25.45
CA SER E 159 11.69 37.24 26.82
C SER E 159 13.20 37.29 26.84
N TYR E 160 13.75 37.76 27.96
CA TYR E 160 15.20 37.78 28.17
C TYR E 160 15.47 37.98 29.65
N PRO E 161 16.68 37.63 30.12
CA PRO E 161 17.01 37.84 31.53
C PRO E 161 17.01 39.32 31.88
N ARG E 162 16.61 39.62 33.11
CA ARG E 162 16.46 40.99 33.58
C ARG E 162 17.63 41.38 34.47
N SER E 163 18.15 42.59 34.27
CA SER E 163 19.27 43.06 35.07
C SER E 163 18.83 43.33 36.50
N PHE E 164 19.69 42.96 37.46
CA PHE E 164 19.42 43.19 38.87
C PHE E 164 20.50 44.02 39.57
N THR E 165 21.64 44.24 38.92
CA THR E 165 22.69 45.07 39.49
C THR E 165 22.84 46.37 38.69
N SER F 3 28.04 31.00 54.20
CA SER F 3 28.79 29.75 54.07
C SER F 3 28.54 28.75 55.22
N PRO F 4 28.59 29.20 56.50
CA PRO F 4 28.28 28.27 57.59
C PRO F 4 26.79 27.96 57.70
N ASN F 5 25.96 29.01 57.66
CA ASN F 5 24.53 28.88 57.78
C ASN F 5 23.79 29.09 56.46
N LEU F 6 24.52 29.24 55.36
CA LEU F 6 23.90 29.51 54.06
C LEU F 6 24.32 28.45 53.05
N ARG F 7 23.37 28.02 52.21
CA ARG F 7 23.60 27.05 51.17
C ARG F 7 23.27 27.68 49.82
N TYR F 8 24.20 27.56 48.86
CA TYR F 8 24.01 28.07 47.51
C TYR F 8 22.68 27.56 46.94
N PRO F 9 21.94 28.42 46.22
CA PRO F 9 22.26 29.80 45.79
C PRO F 9 22.10 30.88 46.85
N ILE F 10 21.61 30.54 48.03
CA ILE F 10 21.52 31.51 49.11
C ILE F 10 22.92 31.75 49.67
N ALA F 11 23.38 32.99 49.62
CA ALA F 11 24.73 33.33 50.04
C ALA F 11 24.76 34.75 50.58
N ASP F 12 25.91 35.14 51.13
CA ASP F 12 26.08 36.48 51.69
C ASP F 12 26.11 37.50 50.57
N VAL F 13 25.19 38.45 50.61
CA VAL F 13 25.09 39.51 49.61
C VAL F 13 25.26 40.83 50.35
N SER F 14 26.44 41.44 50.22
CA SER F 14 26.75 42.71 50.88
C SER F 14 26.42 42.66 52.37
N GLY F 15 26.92 41.60 53.02
CA GLY F 15 26.68 41.42 54.44
C GLY F 15 25.25 41.11 54.81
N GLY F 16 24.56 40.32 54.00
CA GLY F 16 23.18 39.96 54.29
C GLY F 16 22.80 38.70 53.56
N ILE F 17 21.76 38.03 54.07
CA ILE F 17 21.27 36.81 53.44
C ILE F 17 20.54 37.19 52.15
N GLY F 18 21.08 36.74 51.02
CA GLY F 18 20.48 37.06 49.73
C GLY F 18 20.68 35.99 48.69
N MET F 19 20.45 36.32 47.44
CA MET F 19 20.59 35.38 46.33
C MET F 19 21.89 35.66 45.59
N SER F 20 22.68 34.61 45.36
CA SER F 20 23.99 34.76 44.74
C SER F 20 23.85 35.30 43.32
N PRO F 21 24.60 36.35 42.96
CA PRO F 21 24.52 36.86 41.58
C PRO F 21 24.94 35.84 40.53
N ASN F 22 25.77 34.87 40.89
CA ASN F 22 26.13 33.84 39.93
C ASN F 22 24.92 32.98 39.56
N TYR F 23 24.04 32.75 40.53
CA TYR F 23 22.82 32.00 40.26
C TYR F 23 21.85 32.80 39.40
N ARG F 24 21.75 34.10 39.63
CA ARG F 24 20.79 34.92 38.92
C ARG F 24 21.18 35.11 37.46
N PHE F 25 22.47 35.29 37.19
CA PHE F 25 22.94 35.43 35.81
C PHE F 25 24.38 34.97 35.73
N ARG F 26 24.68 34.17 34.72
CA ARG F 26 26.02 33.67 34.45
C ARG F 26 26.18 33.55 32.95
N GLN F 27 27.30 34.03 32.42
CA GLN F 27 27.53 34.04 30.98
C GLN F 27 28.75 33.20 30.62
N SER F 28 28.62 32.43 29.54
CA SER F 28 29.70 31.59 29.03
C SER F 28 29.56 31.52 27.52
N MET F 29 30.37 30.66 26.90
CA MET F 29 30.38 30.50 25.45
C MET F 29 30.80 29.07 25.14
N TRP F 30 30.38 28.57 23.98
CA TRP F 30 30.75 27.23 23.53
C TRP F 30 31.18 27.26 22.08
N ILE F 31 32.36 26.70 21.80
CA ILE F 31 32.88 26.56 20.44
C ILE F 31 33.07 25.06 20.21
N GLY F 32 32.25 24.49 19.35
CA GLY F 32 32.34 23.06 19.13
C GLY F 32 31.64 22.66 17.84
N ILE F 33 31.53 21.35 17.67
CA ILE F 33 30.94 20.75 16.47
C ILE F 33 29.54 20.29 16.78
N VAL F 34 28.59 20.69 15.94
CA VAL F 34 27.22 20.16 15.99
C VAL F 34 27.09 19.16 14.84
N SER F 35 26.74 17.93 15.17
CA SER F 35 26.65 16.85 14.20
C SER F 35 25.18 16.53 13.94
N TYR F 36 24.83 16.38 12.67
CA TYR F 36 23.50 15.99 12.26
C TYR F 36 23.51 14.52 11.85
N SER F 37 22.55 13.76 12.36
CA SER F 37 22.39 12.36 11.99
C SER F 37 20.96 12.16 11.49
N GLY F 38 20.84 11.80 10.22
CA GLY F 38 19.55 11.48 9.64
C GLY F 38 19.53 10.06 9.13
N SER F 39 18.59 9.77 8.23
CA SER F 39 18.48 8.44 7.64
C SER F 39 19.57 8.30 6.58
N GLY F 40 20.74 7.85 7.01
CA GLY F 40 21.87 7.70 6.12
C GLY F 40 22.64 8.97 5.85
N LEU F 41 22.32 10.07 6.53
CA LEU F 41 22.97 11.35 6.29
C LEU F 41 23.69 11.79 7.55
N ASN F 42 24.95 12.22 7.39
CA ASN F 42 25.76 12.69 8.50
C ASN F 42 26.67 13.83 8.04
N TRP F 43 26.62 14.95 8.73
CA TRP F 43 27.56 16.04 8.48
C TRP F 43 27.78 16.83 9.77
N ARG F 44 28.88 17.57 9.79
CA ARG F 44 29.32 18.35 10.95
C ARG F 44 29.61 19.77 10.54
N VAL F 45 29.32 20.71 11.45
CA VAL F 45 29.68 22.11 11.29
C VAL F 45 30.18 22.63 12.63
N GLN F 46 31.11 23.58 12.58
CA GLN F 46 31.65 24.20 13.78
C GLN F 46 30.93 25.52 14.05
N VAL F 47 30.50 25.72 15.29
CA VAL F 47 29.77 26.93 15.68
C VAL F 47 30.36 27.51 16.95
N ASN F 48 30.08 28.79 17.15
CA ASN F 48 30.43 29.54 18.36
C ASN F 48 29.14 30.05 18.97
N SER F 49 28.68 29.44 20.06
CA SER F 49 27.39 29.79 20.63
C SER F 49 27.58 30.48 21.98
N ASP F 50 26.67 31.41 22.27
CA ASP F 50 26.61 32.04 23.57
C ASP F 50 25.78 31.21 24.53
N ILE F 51 26.23 31.12 25.77
CA ILE F 51 25.55 30.36 26.82
C ILE F 51 25.18 31.32 27.95
N PHE F 52 23.91 31.28 28.36
CA PHE F 52 23.43 32.05 29.50
C PHE F 52 22.80 31.09 30.50
N ILE F 53 23.18 31.21 31.76
CA ILE F 53 22.61 30.43 32.85
C ILE F 53 21.87 31.39 33.77
N VAL F 54 20.55 31.27 33.81
CA VAL F 54 19.71 32.16 34.61
C VAL F 54 18.83 31.29 35.50
N ASP F 55 18.92 31.48 36.81
CA ASP F 55 18.18 30.70 37.81
C ASP F 55 18.48 29.22 37.54
N ASP F 56 17.48 28.36 37.46
CA ASP F 56 17.70 26.93 37.21
C ASP F 56 17.50 26.56 35.75
N TYR F 57 17.80 27.49 34.83
CA TYR F 57 17.72 27.23 33.40
C TYR F 57 19.08 27.50 32.77
N ILE F 58 19.38 26.79 31.69
CA ILE F 58 20.54 27.07 30.85
C ILE F 58 20.05 27.30 29.43
N HIS F 59 20.60 28.33 28.79
CA HIS F 59 20.20 28.72 27.44
C HIS F 59 21.40 28.59 26.52
N ILE F 60 21.26 27.77 25.48
CA ILE F 60 22.29 27.60 24.47
C ILE F 60 21.85 28.43 23.27
N CYS F 61 22.49 29.58 23.06
CA CYS F 61 22.08 30.49 22.00
C CYS F 61 22.91 30.17 20.76
N LEU F 62 22.37 29.27 19.93
CA LEU F 62 23.05 28.89 18.70
C LEU F 62 22.84 29.96 17.64
N PRO F 63 23.88 30.36 16.93
CA PRO F 63 23.69 31.26 15.79
C PRO F 63 23.34 30.47 14.53
N ALA F 64 22.99 31.21 13.49
CA ALA F 64 22.69 30.57 12.22
C ALA F 64 23.91 29.86 11.68
N PHE F 65 23.72 28.63 11.22
CA PHE F 65 24.79 27.89 10.58
C PHE F 65 24.22 27.22 9.33
N ASP F 66 25.10 26.83 8.42
CA ASP F 66 24.71 26.19 7.18
C ASP F 66 25.24 24.76 7.17
N GLY F 67 24.38 23.82 6.80
CA GLY F 67 24.75 22.42 6.72
C GLY F 67 24.40 21.84 5.38
N PHE F 68 24.25 20.52 5.30
CA PHE F 68 23.94 19.87 4.03
C PHE F 68 22.64 19.08 4.13
N SER F 69 22.49 18.05 3.30
CA SER F 69 21.21 17.34 3.19
C SER F 69 20.75 16.84 4.55
N ILE F 70 19.44 16.91 4.76
CA ILE F 70 18.80 16.43 5.98
C ILE F 70 17.66 15.49 5.60
N ALA F 71 17.37 14.56 6.52
CA ALA F 71 16.23 13.66 6.36
C ALA F 71 14.96 14.32 6.88
N ASP F 72 13.82 13.69 6.56
CA ASP F 72 12.56 14.15 7.16
C ASP F 72 12.62 14.04 8.67
N GLY F 73 13.25 12.98 9.18
CA GLY F 73 13.44 12.81 10.60
C GLY F 73 14.89 12.60 10.96
N GLY F 74 15.37 13.39 11.91
CA GLY F 74 16.76 13.31 12.31
C GLY F 74 16.95 13.92 13.68
N ASP F 75 18.19 13.92 14.12
CA ASP F 75 18.55 14.50 15.40
C ASP F 75 19.80 15.37 15.23
N LEU F 76 19.93 16.35 16.12
CA LEU F 76 21.07 17.26 16.16
C LEU F 76 21.79 17.06 17.49
N SER F 77 23.12 16.95 17.44
CA SER F 77 23.93 16.66 18.63
C SER F 77 24.95 17.77 18.86
N LEU F 78 25.04 18.23 20.12
CA LEU F 78 26.01 19.24 20.55
C LEU F 78 27.01 18.55 21.46
N ASN F 79 28.29 18.60 21.09
CA ASN F 79 29.34 17.90 21.86
C ASN F 79 29.94 18.87 22.88
N PHE F 80 29.55 18.71 24.14
CA PHE F 80 30.03 19.56 25.22
C PHE F 80 31.22 18.96 25.98
N VAL F 81 31.77 17.84 25.53
CA VAL F 81 32.96 17.32 26.21
C VAL F 81 34.12 18.29 26.05
N THR F 82 34.12 19.06 24.95
CA THR F 82 35.09 20.11 24.73
C THR F 82 34.36 21.32 24.15
N GLY F 83 34.95 22.50 24.34
CA GLY F 83 34.45 23.73 23.75
C GLY F 83 33.96 24.77 24.75
N LEU F 84 33.65 24.38 25.97
CA LEU F 84 33.13 25.34 26.94
C LEU F 84 34.25 26.24 27.48
N LEU F 85 33.96 27.53 27.55
CA LEU F 85 34.89 28.49 28.12
C LEU F 85 34.97 28.32 29.63
N PRO F 86 36.16 28.08 30.20
CA PRO F 86 36.33 27.94 31.66
C PRO F 86 35.81 29.15 32.42
N PRO F 87 35.35 28.96 33.67
CA PRO F 87 35.36 27.71 34.45
C PRO F 87 34.17 26.78 34.20
N LEU F 88 33.41 27.04 33.14
CA LEU F 88 32.27 26.18 32.84
C LEU F 88 32.74 24.80 32.40
N LEU F 89 32.16 23.77 33.00
CA LEU F 89 32.55 22.38 32.76
C LEU F 89 31.45 21.64 32.02
N THR F 90 31.81 20.47 31.49
CA THR F 90 30.85 19.66 30.76
C THR F 90 29.64 19.29 31.62
N GLY F 91 29.89 18.95 32.89
CA GLY F 91 28.81 18.59 33.78
C GLY F 91 27.82 19.70 34.04
N ASP F 92 28.22 20.96 33.81
CA ASP F 92 27.31 22.09 34.01
C ASP F 92 26.18 22.11 32.99
N THR F 93 26.34 21.41 31.87
CA THR F 93 25.32 21.37 30.83
C THR F 93 24.33 20.23 31.01
N GLU F 94 24.53 19.38 32.01
CA GLU F 94 23.60 18.28 32.26
C GLU F 94 22.25 18.82 32.72
N PRO F 95 21.14 18.36 32.16
CA PRO F 95 19.83 18.85 32.59
C PRO F 95 19.45 18.26 33.93
N ALA F 96 18.42 18.85 34.54
CA ALA F 96 17.92 18.36 35.81
C ALA F 96 17.27 17.00 35.70
N PHE F 97 16.76 16.65 34.52
CA PHE F 97 16.25 15.31 34.28
C PHE F 97 17.34 14.37 33.78
N HIS F 98 18.59 14.79 33.83
CA HIS F 98 19.78 13.96 33.58
C HIS F 98 19.67 13.34 32.19
N ASN F 99 19.92 12.05 32.03
CA ASN F 99 19.91 11.41 30.73
C ASN F 99 18.56 10.80 30.37
N ASP F 100 17.48 11.32 30.95
CA ASP F 100 16.15 10.84 30.59
C ASP F 100 15.78 11.29 29.19
N VAL F 101 14.97 10.47 28.52
CA VAL F 101 14.43 10.83 27.21
C VAL F 101 13.16 11.63 27.47
N VAL F 102 13.10 12.83 26.91
CA VAL F 102 12.02 13.76 27.14
C VAL F 102 11.64 14.41 25.82
N THR F 103 10.59 15.22 25.85
CA THR F 103 10.17 16.02 24.70
C THR F 103 10.04 17.46 25.22
N TYR F 104 11.18 18.07 25.52
CA TYR F 104 11.20 19.36 26.21
C TYR F 104 11.54 20.50 25.26
N GLY F 105 10.87 21.63 25.47
CA GLY F 105 11.13 22.82 24.69
C GLY F 105 10.82 22.67 23.21
N ALA F 106 9.72 21.98 22.89
CA ALA F 106 9.40 21.72 21.51
C ALA F 106 8.99 23.02 20.81
N GLN F 107 9.72 23.38 19.76
CA GLN F 107 9.46 24.58 19.00
C GLN F 107 9.38 24.25 17.52
N THR F 108 8.94 25.24 16.74
CA THR F 108 8.93 25.14 15.29
C THR F 108 10.13 25.90 14.75
N VAL F 109 10.95 25.23 13.95
CA VAL F 109 12.12 25.82 13.33
C VAL F 109 11.97 25.70 11.83
N ALA F 110 12.28 26.79 11.13
CA ALA F 110 12.18 26.83 9.68
C ALA F 110 13.58 26.69 9.08
N ILE F 111 13.80 25.59 8.35
CA ILE F 111 15.09 25.31 7.75
C ILE F 111 14.98 25.52 6.24
N GLY F 112 15.95 26.25 5.67
CA GLY F 112 15.95 26.48 4.24
C GLY F 112 16.71 25.43 3.45
N LEU F 113 15.98 24.68 2.64
CA LEU F 113 16.56 23.64 1.80
C LEU F 113 16.76 24.18 0.38
N SER F 114 17.94 23.89 -0.19
CA SER F 114 18.26 24.38 -1.52
C SER F 114 19.23 23.43 -2.21
N SER F 115 19.28 23.55 -3.54
CA SER F 115 20.21 22.81 -4.36
C SER F 115 21.22 23.73 -5.03
N GLY F 116 21.57 24.82 -4.34
CA GLY F 116 22.41 25.86 -4.86
C GLY F 116 21.64 27.08 -5.32
N GLY F 117 20.33 26.95 -5.55
CA GLY F 117 19.48 28.05 -5.94
C GLY F 117 18.75 28.65 -4.76
N THR F 118 17.64 29.31 -5.07
CA THR F 118 16.82 29.92 -4.03
C THR F 118 16.30 28.83 -3.09
N PRO F 119 16.46 28.99 -1.77
CA PRO F 119 16.03 27.95 -0.84
C PRO F 119 14.52 27.89 -0.68
N GLN F 120 14.05 26.73 -0.25
CA GLN F 120 12.67 26.52 0.15
C GLN F 120 12.63 26.16 1.63
N TYR F 121 11.83 26.90 2.40
CA TYR F 121 11.87 26.79 3.85
C TYR F 121 10.83 25.78 4.32
N MET F 122 11.28 24.80 5.10
CA MET F 122 10.41 23.78 5.67
C MET F 122 10.28 24.00 7.16
N SER F 123 9.06 23.85 7.68
CA SER F 123 8.78 24.06 9.10
C SER F 123 8.94 22.74 9.83
N LYS F 124 10.11 22.52 10.43
CA LYS F 124 10.41 21.30 11.15
C LYS F 124 10.13 21.46 12.64
N ASN F 125 10.04 20.34 13.34
CA ASN F 125 9.75 20.30 14.77
C ASN F 125 11.03 19.94 15.51
N LEU F 126 11.45 20.82 16.41
CA LEU F 126 12.67 20.65 17.18
C LEU F 126 12.34 20.56 18.67
N TRP F 127 13.01 19.64 19.36
CA TRP F 127 12.87 19.57 20.81
C TRP F 127 14.13 18.96 21.41
N VAL F 128 14.36 19.27 22.68
CA VAL F 128 15.42 18.62 23.44
C VAL F 128 14.94 17.21 23.81
N GLU F 129 15.73 16.21 23.45
CA GLU F 129 15.34 14.83 23.70
C GLU F 129 16.20 14.15 24.76
N GLN F 130 17.53 14.30 24.69
CA GLN F 130 18.37 13.60 25.63
C GLN F 130 19.74 14.26 25.69
N TRP F 131 20.34 14.22 26.89
CA TRP F 131 21.71 14.61 27.15
C TRP F 131 22.42 13.41 27.75
N GLN F 132 23.47 12.93 27.10
CA GLN F 132 24.16 11.74 27.56
C GLN F 132 25.66 11.88 27.30
N ASP F 133 26.45 11.74 28.36
CA ASP F 133 27.91 11.77 28.28
C ASP F 133 28.41 13.08 27.65
N GLY F 134 27.75 14.18 28.01
CA GLY F 134 28.17 15.49 27.56
C GLY F 134 27.71 15.90 26.19
N VAL F 135 26.86 15.11 25.54
CA VAL F 135 26.34 15.44 24.22
C VAL F 135 24.84 15.69 24.36
N LEU F 136 24.41 16.86 23.93
CA LEU F 136 23.00 17.23 23.97
C LEU F 136 22.38 16.92 22.61
N ARG F 137 21.36 16.07 22.60
CA ARG F 137 20.74 15.60 21.36
C ARG F 137 19.38 16.25 21.18
N LEU F 138 19.21 16.96 20.07
CA LEU F 138 17.96 17.62 19.72
C LEU F 138 17.32 16.87 18.56
N ARG F 139 16.02 16.61 18.66
CA ARG F 139 15.30 15.91 17.61
C ARG F 139 14.73 16.91 16.62
N VAL F 140 14.91 16.64 15.33
CA VAL F 140 14.40 17.49 14.25
C VAL F 140 13.62 16.59 13.30
N GLU F 141 12.30 16.75 13.27
CA GLU F 141 11.46 15.94 12.39
C GLU F 141 10.20 16.71 12.01
N GLY F 142 9.53 16.23 10.98
CA GLY F 142 8.27 16.78 10.56
C GLY F 142 8.41 17.93 9.57
N GLY F 143 7.27 18.30 8.98
CA GLY F 143 7.20 19.39 8.03
C GLY F 143 7.48 19.00 6.60
N GLY F 144 7.86 17.76 6.34
CA GLY F 144 8.16 17.33 5.01
C GLY F 144 9.53 17.81 4.56
N SER F 145 9.86 17.46 3.32
CA SER F 145 11.17 17.82 2.79
C SER F 145 11.05 17.92 1.27
N ILE F 146 12.14 18.40 0.66
CA ILE F 146 12.32 18.40 -0.79
C ILE F 146 13.73 17.94 -1.06
N THR F 147 14.01 17.69 -2.33
CA THR F 147 15.35 17.31 -2.74
C THR F 147 16.28 18.50 -2.63
N HIS F 148 17.35 18.35 -1.84
CA HIS F 148 18.24 19.46 -1.57
C HIS F 148 19.63 18.93 -1.31
N SER F 149 20.62 19.82 -1.47
CA SER F 149 21.99 19.50 -1.15
C SER F 149 22.54 20.32 0.02
N ASN F 150 21.95 21.47 0.31
CA ASN F 150 22.38 22.31 1.42
C ASN F 150 21.17 22.74 2.24
N SER F 151 21.40 22.88 3.55
CA SER F 151 20.35 23.30 4.48
C SER F 151 20.83 24.54 5.20
N LYS F 152 19.96 25.56 5.24
CA LYS F 152 20.24 26.81 5.93
C LYS F 152 19.48 26.81 7.24
N TRP F 153 20.18 26.70 8.30
CA TRP F 153 19.57 26.65 9.62
C TRP F 153 19.52 28.05 10.23
N PRO F 154 18.40 28.42 10.83
CA PRO F 154 18.29 29.73 11.48
C PRO F 154 18.98 29.70 12.83
N ALA F 155 19.16 30.90 13.39
CA ALA F 155 19.57 30.97 14.78
C ALA F 155 18.47 30.37 15.64
N MET F 156 18.86 29.47 16.55
CA MET F 156 17.94 28.76 17.43
C MET F 156 18.46 28.82 18.86
N THR F 157 17.60 29.21 19.80
CA THR F 157 17.96 29.20 21.21
C THR F 157 17.36 27.95 21.85
N VAL F 158 18.21 27.16 22.49
CA VAL F 158 17.84 25.90 23.12
C VAL F 158 17.97 26.06 24.63
N SER F 159 16.86 25.88 25.34
CA SER F 159 16.83 26.04 26.79
C SER F 159 16.30 24.77 27.44
N TYR F 160 16.77 24.50 28.66
CA TYR F 160 16.28 23.39 29.46
C TYR F 160 16.72 23.58 30.90
N PRO F 161 16.05 22.93 31.86
CA PRO F 161 16.46 23.06 33.25
C PRO F 161 17.85 22.48 33.48
N ARG F 162 18.58 23.07 34.42
CA ARG F 162 19.94 22.68 34.73
C ARG F 162 19.99 21.88 36.02
N SER F 163 20.74 20.79 36.01
CA SER F 163 20.89 19.97 37.21
C SER F 163 21.71 20.72 38.25
N PHE F 164 21.33 20.56 39.51
CA PHE F 164 22.02 21.17 40.64
C PHE F 164 22.45 20.09 41.63
N THR F 165 23.69 20.21 42.10
CA THR F 165 24.29 19.27 43.06
C THR F 165 24.02 17.81 42.71
N GLU G 1 5.83 1.36 7.67
CA GLU G 1 6.71 2.04 6.73
C GLU G 1 8.16 1.97 7.20
N ILE G 2 8.35 1.46 8.43
CA ILE G 2 9.65 1.36 9.05
C ILE G 2 9.87 -0.08 9.50
N VAL G 3 10.86 -0.73 8.92
CA VAL G 3 11.22 -2.09 9.32
C VAL G 3 12.22 -2.01 10.46
N LEU G 4 12.05 -2.89 11.45
CA LEU G 4 12.97 -3.03 12.56
C LEU G 4 13.63 -4.40 12.48
N THR G 5 14.97 -4.42 12.47
CA THR G 5 15.73 -5.65 12.36
C THR G 5 16.51 -5.86 13.65
N GLN G 6 16.21 -6.94 14.36
CA GLN G 6 16.93 -7.27 15.59
C GLN G 6 18.13 -8.16 15.27
N SER G 7 19.09 -8.14 16.18
CA SER G 7 20.25 -9.01 16.10
C SER G 7 20.81 -9.23 17.50
N PRO G 8 21.15 -10.48 17.84
CA PRO G 8 20.98 -11.64 16.96
C PRO G 8 19.55 -12.19 16.98
N THR G 9 19.26 -13.17 16.13
CA THR G 9 17.96 -13.82 16.18
C THR G 9 17.84 -14.73 17.38
N THR G 10 18.91 -15.46 17.69
CA THR G 10 18.95 -16.33 18.85
C THR G 10 20.28 -16.12 19.57
N MET G 11 20.25 -16.23 20.89
CA MET G 11 21.43 -16.02 21.71
C MET G 11 21.41 -16.97 22.89
N ALA G 12 22.57 -17.55 23.20
CA ALA G 12 22.73 -18.39 24.38
C ALA G 12 23.72 -17.70 25.31
N ALA G 13 23.36 -17.64 26.59
CA ALA G 13 24.21 -17.00 27.58
C ALA G 13 24.10 -17.74 28.91
N SER G 14 25.21 -17.83 29.62
CA SER G 14 25.21 -18.40 30.95
C SER G 14 24.94 -17.31 31.99
N PRO G 15 24.43 -17.68 33.16
CA PRO G 15 24.10 -16.67 34.16
C PRO G 15 25.31 -15.85 34.54
N GLY G 16 25.13 -14.54 34.65
CA GLY G 16 26.21 -13.62 34.93
C GLY G 16 26.65 -12.80 33.73
N GLU G 17 26.39 -13.28 32.52
CA GLU G 17 26.83 -12.60 31.31
C GLU G 17 26.09 -11.27 31.13
N LYS G 18 26.53 -10.53 30.11
CA LYS G 18 25.94 -9.24 29.75
C LYS G 18 25.43 -9.35 28.32
N ILE G 19 24.11 -9.32 28.16
CA ILE G 19 23.47 -9.55 26.87
C ILE G 19 23.12 -8.21 26.26
N ILE G 20 23.45 -8.04 24.98
CA ILE G 20 23.10 -6.85 24.21
C ILE G 20 22.32 -7.30 22.99
N ILE G 21 21.10 -6.81 22.86
CA ILE G 21 20.23 -7.11 21.72
C ILE G 21 19.98 -5.80 20.99
N THR G 22 20.51 -5.68 19.78
CA THR G 22 20.34 -4.44 19.04
C THR G 22 19.04 -4.46 18.24
N CYS G 23 18.57 -3.26 17.92
CA CYS G 23 17.36 -3.05 17.12
C CYS G 23 17.69 -1.98 16.11
N SER G 24 17.63 -2.32 14.81
CA SER G 24 17.98 -1.41 13.73
C SER G 24 16.72 -0.96 13.02
N ALA G 25 16.55 0.36 12.91
CA ALA G 25 15.38 0.94 12.26
C ALA G 25 15.72 1.39 10.83
N SER G 26 14.81 1.12 9.89
CA SER G 26 15.05 1.51 8.51
C SER G 26 15.09 3.00 8.31
N SER G 27 14.60 3.77 9.28
CA SER G 27 14.61 5.22 9.22
C SER G 27 14.83 5.76 10.62
N SER G 28 15.31 7.00 10.69
CA SER G 28 15.56 7.63 11.98
C SER G 28 14.24 7.92 12.68
N ILE G 29 14.11 7.47 13.92
CA ILE G 29 12.90 7.69 14.70
C ILE G 29 13.30 8.30 16.04
N SER G 30 12.39 9.09 16.61
CA SER G 30 12.65 9.67 17.91
C SER G 30 12.80 8.58 18.95
N SER G 31 13.69 8.80 19.92
CA SER G 31 13.89 7.85 20.99
C SER G 31 12.65 7.69 21.86
N ASN G 32 11.65 8.55 21.69
CA ASN G 32 10.40 8.44 22.43
C ASN G 32 9.46 7.38 21.87
N TYR G 33 9.75 6.82 20.70
CA TYR G 33 8.83 5.89 20.03
C TYR G 33 9.39 4.48 19.89
N LEU G 34 10.49 4.17 20.59
CA LEU G 34 11.12 2.85 20.53
C LEU G 34 10.95 2.18 21.88
N HIS G 35 10.31 1.01 21.88
CA HIS G 35 9.98 0.29 23.11
C HIS G 35 10.36 -1.18 22.98
N TRP G 36 10.47 -1.84 24.13
CA TRP G 36 10.88 -3.24 24.18
C TRP G 36 9.87 -4.06 24.97
N TYR G 37 9.56 -5.24 24.46
CA TYR G 37 8.68 -6.19 25.13
C TYR G 37 9.42 -7.49 25.42
N GLN G 38 8.98 -8.19 26.47
CA GLN G 38 9.51 -9.49 26.84
C GLN G 38 8.37 -10.49 26.90
N GLN G 39 8.50 -11.58 26.14
CA GLN G 39 7.51 -12.66 26.09
C GLN G 39 8.16 -13.93 26.60
N LYS G 40 7.96 -14.23 27.88
CA LYS G 40 8.45 -15.48 28.45
C LYS G 40 7.70 -16.67 27.85
N PRO G 41 8.28 -17.87 27.92
CA PRO G 41 7.64 -19.02 27.29
C PRO G 41 6.25 -19.28 27.87
N GLY G 42 5.26 -19.35 26.97
CA GLY G 42 3.90 -19.69 27.35
C GLY G 42 3.02 -18.54 27.78
N CYS G 43 3.58 -17.34 27.93
CA CYS G 43 2.83 -16.19 28.42
C CYS G 43 2.60 -15.21 27.27
N SER G 44 1.87 -14.14 27.57
CA SER G 44 1.66 -13.07 26.62
C SER G 44 2.83 -12.10 26.66
N PRO G 45 3.05 -11.34 25.59
CA PRO G 45 4.11 -10.33 25.63
C PRO G 45 3.81 -9.28 26.69
N LYS G 46 4.83 -8.94 27.47
CA LYS G 46 4.75 -7.89 28.48
C LYS G 46 5.61 -6.72 28.05
N LEU G 47 5.16 -5.51 28.35
CA LEU G 47 6.00 -4.33 28.13
C LEU G 47 7.22 -4.41 29.06
N LEU G 48 8.40 -4.19 28.49
CA LEU G 48 9.64 -4.23 29.26
C LEU G 48 10.25 -2.85 29.43
N ILE G 49 10.51 -2.14 28.33
CA ILE G 49 11.11 -0.81 28.36
C ILE G 49 10.38 0.06 27.34
N TYR G 50 9.97 1.25 27.76
CA TYR G 50 9.26 2.18 26.90
C TYR G 50 10.03 3.50 26.80
N ARG G 51 9.96 4.13 25.63
CA ARG G 51 10.70 5.36 25.34
C ARG G 51 12.20 5.14 25.51
N THR G 52 12.68 4.04 24.92
CA THR G 52 14.10 3.69 24.84
C THR G 52 14.72 3.32 26.18
N SER G 53 14.54 4.15 27.21
CA SER G 53 15.29 3.99 28.44
C SER G 53 14.45 3.75 29.68
N LYS G 54 13.16 4.06 29.64
CA LYS G 54 12.32 4.01 30.83
C LYS G 54 11.87 2.58 31.11
N LEU G 55 12.01 2.16 32.36
CA LEU G 55 11.69 0.80 32.77
C LEU G 55 10.21 0.69 33.14
N ALA G 56 9.56 -0.34 32.64
CA ALA G 56 8.18 -0.62 33.01
C ALA G 56 8.10 -1.09 34.45
N SER G 57 6.94 -0.89 35.05
CA SER G 57 6.72 -1.29 36.44
C SER G 57 6.97 -2.79 36.61
N GLY G 58 7.82 -3.13 37.56
CA GLY G 58 8.07 -4.50 37.94
C GLY G 58 9.36 -5.09 37.39
N VAL G 59 9.79 -4.66 36.21
CA VAL G 59 10.95 -5.30 35.57
C VAL G 59 12.19 -5.04 36.40
N PRO G 60 13.09 -6.00 36.53
CA PRO G 60 14.26 -5.82 37.40
C PRO G 60 15.24 -4.79 36.84
N ALA G 61 15.99 -4.19 37.77
CA ALA G 61 16.87 -3.08 37.42
C ALA G 61 17.99 -3.48 36.48
N ARG G 62 18.32 -4.77 36.39
CA ARG G 62 19.38 -5.22 35.48
C ARG G 62 19.06 -4.99 34.02
N PHE G 63 17.84 -4.57 33.68
CA PHE G 63 17.48 -4.26 32.31
C PHE G 63 17.77 -2.80 32.00
N SER G 64 18.18 -2.56 30.76
CA SER G 64 18.68 -1.26 30.33
C SER G 64 18.30 -1.05 28.88
N GLY G 65 17.90 0.16 28.54
CA GLY G 65 17.65 0.53 27.16
C GLY G 65 18.49 1.73 26.75
N SER G 66 18.99 1.69 25.51
CA SER G 66 19.80 2.77 24.98
C SER G 66 19.51 2.91 23.49
N GLY G 67 20.03 3.99 22.91
CA GLY G 67 19.94 4.19 21.47
C GLY G 67 19.35 5.51 21.00
N SER G 68 19.75 5.93 19.80
CA SER G 68 19.16 7.07 19.13
C SER G 68 19.13 6.81 17.63
N GLY G 69 18.27 7.54 16.93
CA GLY G 69 18.24 7.45 15.48
C GLY G 69 17.74 6.10 15.00
N THR G 70 18.63 5.34 14.35
CA THR G 70 18.26 4.04 13.81
C THR G 70 18.90 2.88 14.54
N SER G 71 19.61 3.13 15.65
CA SER G 71 20.31 2.06 16.37
C SER G 71 19.90 2.09 17.83
N TYR G 72 19.15 1.08 18.27
CA TYR G 72 18.77 0.94 19.67
C TYR G 72 19.25 -0.41 20.19
N SER G 73 19.47 -0.48 21.50
CA SER G 73 20.05 -1.66 22.12
C SER G 73 19.35 -1.96 23.43
N LEU G 74 19.11 -3.24 23.70
CA LEU G 74 18.57 -3.73 24.95
C LEU G 74 19.66 -4.49 25.68
N THR G 75 19.95 -4.06 26.91
CA THR G 75 21.08 -4.59 27.67
C THR G 75 20.58 -5.22 28.96
N ILE G 76 21.06 -6.43 29.25
CA ILE G 76 20.84 -7.08 30.53
C ILE G 76 22.19 -7.16 31.22
N GLY G 77 22.33 -6.43 32.33
CA GLY G 77 23.58 -6.35 33.06
C GLY G 77 24.16 -7.69 33.42
N THR G 78 23.45 -8.42 34.28
CA THR G 78 23.83 -9.78 34.65
C THR G 78 22.62 -10.68 34.40
N MET G 79 22.76 -11.64 33.49
CA MET G 79 21.63 -12.47 33.14
C MET G 79 21.28 -13.42 34.26
N GLU G 80 19.99 -13.64 34.47
CA GLU G 80 19.48 -14.60 35.42
C GLU G 80 18.68 -15.67 34.68
N ALA G 81 18.46 -16.80 35.37
CA ALA G 81 17.68 -17.88 34.79
C ALA G 81 16.30 -17.41 34.35
N GLU G 82 15.71 -16.46 35.08
CA GLU G 82 14.38 -15.98 34.75
C GLU G 82 14.33 -15.16 33.47
N ASP G 83 15.49 -14.73 32.96
CA ASP G 83 15.53 -13.88 31.77
C ASP G 83 15.35 -14.64 30.47
N VAL G 84 15.18 -15.96 30.52
CA VAL G 84 14.97 -16.76 29.32
C VAL G 84 13.61 -16.38 28.74
N ALA G 85 13.61 -15.77 27.54
CA ALA G 85 12.41 -15.29 26.89
C ALA G 85 12.79 -14.86 25.48
N THR G 86 11.80 -14.34 24.74
CA THR G 86 12.02 -13.71 23.45
C THR G 86 11.67 -12.23 23.57
N TYR G 87 12.55 -11.38 23.06
CA TYR G 87 12.45 -9.94 23.24
C TYR G 87 12.20 -9.27 21.89
N TYR G 88 11.19 -8.41 21.85
CA TYR G 88 10.82 -7.67 20.64
C TYR G 88 10.98 -6.17 20.88
N CYS G 89 11.46 -5.47 19.86
CA CYS G 89 11.45 -4.01 19.86
C CYS G 89 10.36 -3.53 18.89
N GLN G 90 9.64 -2.49 19.30
CA GLN G 90 8.52 -1.98 18.52
C GLN G 90 8.63 -0.47 18.42
N GLN G 91 8.32 0.05 17.23
CA GLN G 91 8.34 1.49 16.99
C GLN G 91 6.90 2.00 16.87
N GLY G 92 6.72 3.27 17.24
CA GLY G 92 5.41 3.89 17.15
C GLY G 92 5.45 5.18 16.35
N SER G 93 6.62 5.46 15.76
CA SER G 93 6.79 6.71 15.01
C SER G 93 5.85 6.76 13.82
N SER G 94 5.77 5.67 13.06
CA SER G 94 4.90 5.53 11.93
C SER G 94 3.89 4.42 12.24
N ILE G 95 3.44 3.69 11.23
CA ILE G 95 2.57 2.55 11.47
C ILE G 95 3.31 1.54 12.33
N TYR G 96 2.63 1.02 13.35
CA TYR G 96 3.29 0.18 14.34
C TYR G 96 3.96 -1.03 13.68
N THR G 97 5.16 -1.35 14.16
CA THR G 97 5.96 -2.42 13.59
C THR G 97 6.81 -3.05 14.68
N PHE G 98 6.82 -4.37 14.74
CA PHE G 98 7.62 -5.10 15.70
C PHE G 98 8.92 -5.58 15.05
N GLY G 99 9.84 -6.03 15.90
CA GLY G 99 11.19 -6.34 15.46
C GLY G 99 11.36 -7.69 14.80
N GLY G 100 10.67 -8.71 15.31
CA GLY G 100 10.85 -10.05 14.82
C GLY G 100 11.49 -11.00 15.80
N GLY G 101 11.98 -10.49 16.93
CA GLY G 101 12.33 -11.35 18.05
C GLY G 101 13.78 -11.73 18.17
N THR G 102 14.26 -11.76 19.41
CA THR G 102 15.56 -12.33 19.76
C THR G 102 15.34 -13.29 20.92
N LYS G 103 15.60 -14.57 20.69
CA LYS G 103 15.36 -15.59 21.69
C LYS G 103 16.63 -15.84 22.50
N LEU G 104 16.50 -15.76 23.82
CA LEU G 104 17.61 -15.96 24.74
C LEU G 104 17.44 -17.28 25.48
N GLU G 105 18.54 -18.01 25.63
CA GLU G 105 18.52 -19.31 26.30
C GLU G 105 19.71 -19.41 27.24
N ILE G 106 19.50 -20.05 28.40
CA ILE G 106 20.54 -20.19 29.40
C ILE G 106 21.54 -21.27 28.96
N LYS G 107 22.76 -21.16 29.47
CA LYS G 107 23.82 -22.13 29.23
C LYS G 107 24.05 -22.96 30.48
N ARG G 108 24.36 -24.24 30.28
CA ARG G 108 24.67 -25.18 31.34
C ARG G 108 25.74 -26.14 30.84
N ALA G 109 26.63 -26.55 31.74
CA ALA G 109 27.56 -27.62 31.42
C ALA G 109 26.77 -28.84 30.96
N ASP G 110 27.26 -29.48 29.91
CA ASP G 110 26.50 -30.52 29.20
C ASP G 110 25.94 -31.55 30.17
N ALA G 111 24.64 -31.75 30.12
CA ALA G 111 23.95 -32.72 30.96
C ALA G 111 23.59 -33.94 30.13
N ALA G 112 23.74 -35.12 30.75
CA ALA G 112 23.48 -36.38 30.05
C ALA G 112 21.99 -36.72 30.11
N PRO G 113 21.42 -37.23 29.01
CA PRO G 113 20.00 -37.56 29.00
C PRO G 113 19.71 -38.87 29.72
N THR G 114 18.56 -38.90 30.38
CA THR G 114 18.09 -40.09 31.09
C THR G 114 16.95 -40.71 30.28
N VAL G 115 17.20 -41.91 29.77
CA VAL G 115 16.26 -42.60 28.90
C VAL G 115 15.28 -43.41 29.75
N SER G 116 14.05 -43.56 29.26
CA SER G 116 13.03 -44.35 29.94
C SER G 116 12.06 -44.88 28.91
N ILE G 117 12.02 -46.20 28.73
CA ILE G 117 11.13 -46.84 27.77
C ILE G 117 9.87 -47.30 28.47
N PHE G 118 8.73 -47.19 27.79
CA PHE G 118 7.43 -47.55 28.36
C PHE G 118 6.66 -48.39 27.34
N PRO G 119 6.33 -49.64 27.66
CA PRO G 119 5.54 -50.46 26.73
C PRO G 119 4.13 -49.93 26.60
N PRO G 120 3.41 -50.28 25.54
CA PRO G 120 2.02 -49.86 25.41
C PRO G 120 1.16 -50.43 26.53
N SER G 121 0.28 -49.58 27.06
CA SER G 121 -0.54 -49.92 28.21
C SER G 121 -1.49 -51.07 27.88
N SER G 122 -2.09 -51.64 28.94
CA SER G 122 -3.06 -52.71 28.75
C SER G 122 -4.36 -52.17 28.18
N GLU G 123 -4.79 -50.99 28.62
CA GLU G 123 -6.04 -50.42 28.12
C GLU G 123 -5.93 -49.98 26.66
N GLN G 124 -4.72 -49.68 26.19
CA GLN G 124 -4.55 -49.30 24.79
C GLN G 124 -4.55 -50.51 23.86
N LEU G 125 -3.96 -51.62 24.31
CA LEU G 125 -3.89 -52.81 23.46
C LEU G 125 -5.28 -53.39 23.19
N THR G 126 -6.18 -53.31 24.18
CA THR G 126 -7.55 -53.79 23.95
C THR G 126 -8.29 -52.97 22.92
N SER G 127 -7.88 -51.72 22.70
CA SER G 127 -8.50 -50.85 21.71
C SER G 127 -8.07 -51.16 20.29
N GLY G 128 -7.01 -51.94 20.10
CA GLY G 128 -6.51 -52.27 18.78
C GLY G 128 -5.25 -51.54 18.38
N GLY G 129 -4.68 -50.73 19.26
CA GLY G 129 -3.46 -50.00 18.97
C GLY G 129 -2.40 -50.28 20.01
N ALA G 130 -1.17 -49.90 19.66
CA ALA G 130 -0.03 -50.08 20.55
C ALA G 130 0.97 -48.97 20.28
N SER G 131 1.19 -48.10 21.27
CA SER G 131 2.17 -47.02 21.17
C SER G 131 3.32 -47.30 22.12
N VAL G 132 4.54 -47.17 21.61
CA VAL G 132 5.77 -47.33 22.39
C VAL G 132 6.43 -45.96 22.49
N VAL G 133 6.77 -45.55 23.72
CA VAL G 133 7.25 -44.20 23.97
C VAL G 133 8.49 -44.25 24.84
N CYS G 134 9.50 -43.44 24.47
CA CYS G 134 10.70 -43.24 25.26
C CYS G 134 10.79 -41.77 25.68
N PHE G 135 11.24 -41.54 26.91
CA PHE G 135 11.43 -40.21 27.44
C PHE G 135 12.92 -39.96 27.65
N LEU G 136 13.41 -38.80 27.20
CA LEU G 136 14.78 -38.37 27.42
C LEU G 136 14.73 -37.01 28.08
N ASN G 137 15.11 -36.94 29.36
CA ASN G 137 14.89 -35.75 30.17
C ASN G 137 16.20 -35.16 30.67
N ASN G 138 16.21 -33.83 30.77
CA ASN G 138 17.26 -33.06 31.43
C ASN G 138 18.62 -33.27 30.75
N PHE G 139 18.71 -32.83 29.50
CA PHE G 139 19.94 -32.91 28.73
C PHE G 139 20.31 -31.54 28.17
N TYR G 140 21.59 -31.39 27.86
CA TYR G 140 22.15 -30.16 27.29
C TYR G 140 23.40 -30.53 26.50
N PRO G 141 23.52 -30.05 25.24
CA PRO G 141 22.69 -29.13 24.45
C PRO G 141 21.29 -29.63 24.08
N LYS G 142 20.54 -28.80 23.36
CA LYS G 142 19.10 -28.96 23.17
C LYS G 142 18.74 -30.03 22.15
N ASP G 143 19.62 -30.37 21.22
CA ASP G 143 19.27 -31.24 20.12
C ASP G 143 19.79 -32.66 20.34
N ILE G 144 18.93 -33.64 20.05
CA ILE G 144 19.29 -35.05 20.05
C ILE G 144 18.64 -35.70 18.83
N ASN G 145 19.24 -36.80 18.37
CA ASN G 145 18.63 -37.70 17.41
C ASN G 145 18.33 -39.02 18.11
N VAL G 146 17.19 -39.62 17.77
CA VAL G 146 16.74 -40.87 18.37
C VAL G 146 16.68 -41.94 17.29
N LYS G 147 17.03 -43.17 17.67
CA LYS G 147 16.97 -44.32 16.79
C LYS G 147 16.09 -45.38 17.43
N TRP G 148 15.09 -45.85 16.70
CA TRP G 148 14.25 -46.95 17.13
C TRP G 148 14.70 -48.22 16.42
N LYS G 149 14.84 -49.31 17.17
CA LYS G 149 15.25 -50.60 16.64
C LYS G 149 14.28 -51.67 17.11
N ILE G 150 13.70 -52.39 16.16
CA ILE G 150 12.77 -53.48 16.44
C ILE G 150 13.44 -54.78 16.03
N ASP G 151 13.86 -55.57 17.02
CA ASP G 151 14.56 -56.84 16.80
C ASP G 151 15.85 -56.62 16.00
N GLY G 152 16.55 -55.52 16.28
CA GLY G 152 17.78 -55.18 15.60
C GLY G 152 17.60 -54.39 14.33
N SER G 153 16.37 -54.19 13.86
CA SER G 153 16.09 -53.47 12.63
C SER G 153 15.56 -52.09 12.95
N GLU G 154 16.05 -51.08 12.23
CA GLU G 154 15.64 -49.71 12.46
C GLU G 154 14.27 -49.44 11.85
N ARG G 155 13.48 -48.63 12.54
CA ARG G 155 12.17 -48.20 12.07
C ARG G 155 12.14 -46.68 12.01
N GLN G 156 11.55 -46.15 10.93
CA GLN G 156 11.47 -44.71 10.72
C GLN G 156 10.07 -44.16 10.57
N ASN G 157 9.07 -45.01 10.33
CA ASN G 157 7.69 -44.58 10.16
C ASN G 157 6.89 -44.85 11.42
N GLY G 158 5.91 -43.99 11.67
CA GLY G 158 5.04 -44.14 12.82
C GLY G 158 5.54 -43.53 14.11
N VAL G 159 6.61 -42.73 14.07
CA VAL G 159 7.20 -42.14 15.27
C VAL G 159 6.92 -40.64 15.26
N LEU G 160 6.56 -40.11 16.42
CA LEU G 160 6.25 -38.69 16.59
C LEU G 160 7.05 -38.15 17.77
N ASN G 161 7.88 -37.14 17.50
CA ASN G 161 8.80 -36.58 18.49
C ASN G 161 8.31 -35.22 18.97
N SER G 162 8.68 -34.89 20.21
CA SER G 162 8.31 -33.62 20.82
C SER G 162 9.42 -33.17 21.74
N TRP G 163 9.93 -31.95 21.51
CA TRP G 163 10.96 -31.33 22.32
C TRP G 163 10.37 -30.26 23.21
N THR G 164 10.75 -30.24 24.48
CA THR G 164 10.31 -29.18 25.37
C THR G 164 11.21 -27.95 25.25
N ASP G 165 10.76 -26.85 25.81
CA ASP G 165 11.60 -25.68 25.94
C ASP G 165 12.57 -25.86 27.10
N GLN G 166 13.57 -24.99 27.16
CA GLN G 166 14.55 -25.04 28.25
C GLN G 166 13.84 -24.89 29.58
N ASP G 167 14.25 -25.70 30.56
CA ASP G 167 13.58 -25.73 31.85
C ASP G 167 13.73 -24.39 32.56
N SER G 168 12.67 -24.00 33.27
CA SER G 168 12.64 -22.67 33.90
C SER G 168 13.70 -22.54 34.98
N LYS G 169 13.91 -23.60 35.77
CA LYS G 169 14.90 -23.61 36.83
C LYS G 169 16.04 -24.58 36.58
N ASP G 170 15.77 -25.72 35.95
CA ASP G 170 16.79 -26.71 35.64
C ASP G 170 17.66 -26.31 34.46
N SER G 171 17.16 -25.43 33.58
CA SER G 171 17.89 -24.94 32.41
C SER G 171 18.35 -26.09 31.51
N THR G 172 17.54 -27.14 31.42
CA THR G 172 17.80 -28.29 30.56
C THR G 172 16.63 -28.51 29.61
N TYR G 173 16.78 -29.54 28.78
CA TYR G 173 15.79 -29.89 27.77
C TYR G 173 15.35 -31.33 27.97
N SER G 174 14.14 -31.62 27.51
CA SER G 174 13.58 -32.96 27.55
C SER G 174 12.93 -33.27 26.20
N MET G 175 12.93 -34.54 25.84
CA MET G 175 12.36 -35.00 24.58
C MET G 175 11.46 -36.21 24.82
N SER G 176 10.38 -36.30 24.05
CA SER G 176 9.49 -37.45 24.08
C SER G 176 9.37 -38.00 22.66
N SER G 177 9.65 -39.28 22.50
CA SER G 177 9.52 -39.98 21.22
C SER G 177 8.47 -41.07 21.37
N THR G 178 7.44 -41.02 20.54
CA THR G 178 6.32 -41.95 20.60
C THR G 178 6.25 -42.73 19.30
N LEU G 179 6.36 -44.05 19.38
CA LEU G 179 6.33 -44.93 18.21
C LEU G 179 5.03 -45.73 18.23
N THR G 180 4.10 -45.38 17.36
CA THR G 180 2.78 -45.99 17.34
C THR G 180 2.73 -47.08 16.26
N LEU G 181 2.11 -48.20 16.63
CA LEU G 181 1.87 -49.31 15.71
C LEU G 181 0.49 -49.88 16.01
N THR G 182 -0.02 -50.68 15.08
CA THR G 182 -1.24 -51.42 15.36
C THR G 182 -0.96 -52.57 16.31
N LYS G 183 -2.02 -53.09 16.92
CA LYS G 183 -1.86 -54.25 17.79
C LYS G 183 -1.35 -55.45 17.02
N ASP G 184 -1.78 -55.61 15.76
CA ASP G 184 -1.31 -56.73 14.95
C ASP G 184 0.17 -56.59 14.63
N GLU G 185 0.63 -55.37 14.38
CA GLU G 185 2.04 -55.15 14.07
C GLU G 185 2.91 -55.27 15.31
N TYR G 186 2.38 -54.92 16.49
CA TYR G 186 3.17 -54.94 17.70
C TYR G 186 3.40 -56.35 18.22
N GLU G 187 2.43 -57.24 18.03
CA GLU G 187 2.52 -58.60 18.57
C GLU G 187 3.45 -59.50 17.78
N ARG G 188 3.91 -59.09 16.61
CA ARG G 188 4.76 -59.95 15.78
C ARG G 188 6.21 -59.91 16.25
N HIS G 189 6.73 -58.72 16.50
CA HIS G 189 8.12 -58.56 16.92
C HIS G 189 8.24 -58.66 18.43
N ASN G 190 9.46 -58.88 18.90
CA ASN G 190 9.69 -59.21 20.30
C ASN G 190 10.47 -58.15 21.07
N SER G 191 11.55 -57.62 20.51
CA SER G 191 12.43 -56.70 21.23
C SER G 191 12.22 -55.27 20.74
N TYR G 192 12.10 -54.34 21.68
CA TYR G 192 11.94 -52.92 21.38
C TYR G 192 13.00 -52.14 22.12
N THR G 193 13.81 -51.38 21.38
CA THR G 193 14.90 -50.59 21.94
C THR G 193 14.88 -49.19 21.32
N CYS G 194 15.16 -48.17 22.12
CA CYS G 194 15.34 -46.81 21.63
C CYS G 194 16.73 -46.33 22.01
N GLU G 195 17.45 -45.77 21.05
CA GLU G 195 18.84 -45.36 21.22
C GLU G 195 18.94 -43.85 21.15
N ALA G 196 19.49 -43.25 22.19
CA ALA G 196 19.71 -41.80 22.24
C ALA G 196 21.17 -41.50 21.91
N THR G 197 21.38 -40.60 20.96
CA THR G 197 22.72 -40.19 20.54
C THR G 197 22.88 -38.70 20.85
N HIS G 198 23.54 -38.41 21.97
CA HIS G 198 23.75 -37.06 22.46
C HIS G 198 25.23 -36.71 22.44
N LYS G 199 25.54 -35.43 22.64
CA LYS G 199 26.91 -34.97 22.65
C LYS G 199 27.67 -35.39 23.89
N THR G 200 27.00 -35.95 24.90
CA THR G 200 27.66 -36.32 26.15
C THR G 200 28.30 -37.70 26.09
N SER G 201 27.58 -38.70 25.58
CA SER G 201 28.04 -40.09 25.57
C SER G 201 28.51 -40.45 24.17
N THR G 202 29.77 -40.91 24.07
CA THR G 202 30.28 -41.36 22.77
C THR G 202 29.58 -42.61 22.30
N SER G 203 29.06 -43.43 23.23
CA SER G 203 28.22 -44.58 22.95
C SER G 203 26.75 -44.24 23.20
N PRO G 204 25.85 -44.63 22.30
CA PRO G 204 24.45 -44.26 22.46
C PRO G 204 23.83 -44.96 23.67
N ILE G 205 23.01 -44.21 24.40
CA ILE G 205 22.33 -44.73 25.59
C ILE G 205 21.02 -45.37 25.14
N VAL G 206 20.85 -46.66 25.48
CA VAL G 206 19.75 -47.47 25.00
C VAL G 206 18.94 -47.98 26.18
N LYS G 207 17.62 -48.06 26.00
CA LYS G 207 16.72 -48.70 26.96
C LYS G 207 15.85 -49.69 26.21
N SER G 208 15.70 -50.89 26.79
CA SER G 208 15.14 -52.04 26.09
C SER G 208 14.06 -52.71 26.92
N PHE G 209 13.02 -53.19 26.24
CA PHE G 209 12.05 -54.11 26.81
C PHE G 209 11.66 -55.12 25.75
N ASN G 210 11.34 -56.33 26.20
CA ASN G 210 11.05 -57.45 25.30
C ASN G 210 9.61 -57.89 25.53
N ARG G 211 8.73 -57.59 24.57
CA ARG G 211 7.32 -57.99 24.65
C ARG G 211 6.65 -57.87 23.27
N GLU H 1 4.22 -6.36 -9.41
CA GLU H 1 3.97 -7.78 -9.16
C GLU H 1 4.54 -8.65 -10.30
N ILE H 2 3.89 -8.60 -11.46
CA ILE H 2 4.25 -9.44 -12.59
C ILE H 2 5.46 -8.85 -13.29
N VAL H 3 6.60 -9.53 -13.19
CA VAL H 3 7.83 -9.11 -13.83
C VAL H 3 7.91 -9.75 -15.21
N LEU H 4 8.17 -8.95 -16.24
CA LEU H 4 8.41 -9.45 -17.58
C LEU H 4 9.91 -9.41 -17.88
N THR H 5 10.41 -10.49 -18.48
CA THR H 5 11.83 -10.62 -18.79
C THR H 5 11.98 -10.94 -20.27
N GLN H 6 12.77 -10.14 -20.97
CA GLN H 6 12.98 -10.32 -22.40
C GLN H 6 14.34 -10.94 -22.68
N SER H 7 14.40 -11.79 -23.69
CA SER H 7 15.64 -12.40 -24.12
C SER H 7 15.62 -12.57 -25.64
N PRO H 8 16.70 -12.14 -26.30
CA PRO H 8 17.88 -11.58 -25.67
C PRO H 8 17.74 -10.10 -25.33
N THR H 9 18.72 -9.56 -24.61
CA THR H 9 18.72 -8.13 -24.31
C THR H 9 19.05 -7.31 -25.55
N THR H 10 20.06 -7.75 -26.30
CA THR H 10 20.43 -7.13 -27.56
C THR H 10 20.65 -8.22 -28.60
N MET H 11 20.41 -7.86 -29.86
CA MET H 11 20.41 -8.83 -30.94
C MET H 11 20.95 -8.18 -32.21
N ALA H 12 21.77 -8.91 -32.94
CA ALA H 12 22.30 -8.48 -34.23
C ALA H 12 21.93 -9.53 -35.27
N ALA H 13 21.41 -9.06 -36.41
CA ALA H 13 20.94 -9.99 -37.44
C ALA H 13 21.06 -9.35 -38.81
N SER H 14 21.33 -10.18 -39.82
CA SER H 14 21.38 -9.66 -41.17
C SER H 14 20.00 -9.76 -41.81
N PRO H 15 19.66 -8.83 -42.70
CA PRO H 15 18.33 -8.87 -43.35
C PRO H 15 18.09 -10.21 -44.04
N GLY H 16 16.84 -10.65 -43.99
CA GLY H 16 16.48 -11.98 -44.43
C GLY H 16 16.40 -13.00 -43.31
N GLU H 17 17.04 -12.73 -42.17
CA GLU H 17 17.01 -13.64 -41.04
C GLU H 17 15.62 -13.67 -40.41
N LYS H 18 15.40 -14.68 -39.57
CA LYS H 18 14.19 -14.80 -38.78
C LYS H 18 14.53 -14.47 -37.34
N ILE H 19 13.93 -13.40 -36.81
CA ILE H 19 14.24 -12.90 -35.48
C ILE H 19 13.15 -13.36 -34.52
N ILE H 20 13.56 -13.90 -33.38
CA ILE H 20 12.65 -14.38 -32.35
C ILE H 20 13.03 -13.72 -31.03
N ILE H 21 12.12 -12.94 -30.47
CA ILE H 21 12.33 -12.26 -29.20
C ILE H 21 11.27 -12.79 -28.24
N THR H 22 11.71 -13.38 -27.12
CA THR H 22 10.79 -13.99 -26.18
C THR H 22 10.57 -13.10 -24.96
N CYS H 23 9.38 -13.21 -24.39
CA CYS H 23 8.95 -12.45 -23.22
C CYS H 23 8.45 -13.45 -22.17
N SER H 24 9.11 -13.47 -21.01
CA SER H 24 8.77 -14.40 -19.94
C SER H 24 8.10 -13.65 -18.80
N ALA H 25 6.98 -14.17 -18.33
CA ALA H 25 6.20 -13.54 -17.26
C ALA H 25 6.36 -14.32 -15.96
N SER H 26 6.42 -13.60 -14.84
CA SER H 26 6.64 -14.25 -13.55
C SER H 26 5.45 -15.11 -13.14
N SER H 27 4.25 -14.73 -13.57
CA SER H 27 3.03 -15.48 -13.28
C SER H 27 2.30 -15.73 -14.59
N SER H 28 1.38 -16.69 -14.57
CA SER H 28 0.60 -16.97 -15.76
C SER H 28 -0.36 -15.82 -16.03
N ILE H 29 -0.45 -15.40 -17.28
CA ILE H 29 -1.33 -14.31 -17.68
C ILE H 29 -2.08 -14.74 -18.93
N SER H 30 -3.33 -14.28 -19.03
CA SER H 30 -4.12 -14.54 -20.23
C SER H 30 -3.46 -13.89 -21.44
N SER H 31 -3.51 -14.58 -22.57
CA SER H 31 -2.93 -14.06 -23.81
C SER H 31 -3.58 -12.76 -24.26
N ASN H 32 -4.75 -12.41 -23.72
CA ASN H 32 -5.40 -11.17 -24.08
C ASN H 32 -4.71 -9.94 -23.51
N TYR H 33 -3.77 -10.11 -22.58
CA TYR H 33 -3.16 -9.01 -21.86
C TYR H 33 -1.67 -8.85 -22.13
N LEU H 34 -1.12 -9.54 -23.12
CA LEU H 34 0.30 -9.45 -23.47
C LEU H 34 0.40 -8.75 -24.81
N HIS H 35 1.14 -7.63 -24.85
CA HIS H 35 1.24 -6.78 -26.02
C HIS H 35 2.70 -6.46 -26.32
N TRP H 36 2.95 -5.99 -27.54
CA TRP H 36 4.30 -5.63 -27.98
C TRP H 36 4.31 -4.22 -28.55
N TYR H 37 5.44 -3.53 -28.36
CA TYR H 37 5.66 -2.19 -28.87
C TYR H 37 6.99 -2.13 -29.59
N GLN H 38 7.07 -1.25 -30.59
CA GLN H 38 8.29 -1.04 -31.37
C GLN H 38 8.70 0.42 -31.27
N GLN H 39 9.94 0.66 -30.82
CA GLN H 39 10.48 2.01 -30.68
C GLN H 39 11.71 2.14 -31.57
N LYS H 40 11.52 2.77 -32.73
CA LYS H 40 12.62 3.04 -33.63
C LYS H 40 13.44 4.22 -33.10
N PRO H 41 14.71 4.31 -33.49
CA PRO H 41 15.59 5.33 -32.88
C PRO H 41 15.05 6.74 -33.09
N GLY H 42 14.88 7.45 -31.96
CA GLY H 42 14.43 8.83 -31.99
C GLY H 42 12.93 9.02 -31.95
N CYS H 43 12.15 7.96 -32.01
CA CYS H 43 10.69 8.04 -32.03
C CYS H 43 10.10 7.55 -30.71
N SER H 44 8.81 7.80 -30.55
CA SER H 44 8.09 7.27 -29.41
C SER H 44 7.76 5.80 -29.65
N PRO H 45 7.54 5.02 -28.59
CA PRO H 45 7.05 3.66 -28.78
C PRO H 45 5.73 3.68 -29.55
N LYS H 46 5.57 2.71 -30.43
CA LYS H 46 4.33 2.50 -31.16
C LYS H 46 3.82 1.10 -30.88
N LEU H 47 2.49 0.95 -30.85
CA LEU H 47 1.91 -0.36 -30.67
C LEU H 47 2.20 -1.25 -31.87
N LEU H 48 2.75 -2.44 -31.62
CA LEU H 48 3.10 -3.40 -32.66
C LEU H 48 2.12 -4.56 -32.73
N ILE H 49 1.90 -5.23 -31.60
CA ILE H 49 0.99 -6.37 -31.50
C ILE H 49 0.20 -6.25 -30.20
N TYR H 50 -1.11 -6.45 -30.28
CA TYR H 50 -1.97 -6.45 -29.10
C TYR H 50 -2.69 -7.78 -29.01
N ARG H 51 -2.98 -8.19 -27.77
CA ARG H 51 -3.62 -9.49 -27.48
C ARG H 51 -2.80 -10.62 -28.09
N THR H 52 -1.49 -10.60 -27.83
CA THR H 52 -0.53 -11.63 -28.19
C THR H 52 -0.29 -11.78 -29.69
N SER H 53 -1.35 -11.88 -30.51
CA SER H 53 -1.15 -12.19 -31.91
C SER H 53 -1.87 -11.27 -32.90
N LYS H 54 -2.57 -10.24 -32.44
CA LYS H 54 -3.26 -9.34 -33.36
C LYS H 54 -2.35 -8.19 -33.76
N LEU H 55 -2.24 -7.96 -35.07
CA LEU H 55 -1.33 -6.94 -35.59
C LEU H 55 -1.98 -5.57 -35.58
N ALA H 56 -1.31 -4.61 -34.96
CA ALA H 56 -1.77 -3.22 -34.98
C ALA H 56 -1.78 -2.69 -36.41
N SER H 57 -2.66 -1.72 -36.66
CA SER H 57 -2.83 -1.20 -38.00
C SER H 57 -1.53 -0.59 -38.53
N GLY H 58 -1.13 -1.01 -39.72
CA GLY H 58 0.02 -0.46 -40.38
C GLY H 58 1.26 -1.33 -40.35
N VAL H 59 1.40 -2.19 -39.34
CA VAL H 59 2.62 -2.98 -39.19
C VAL H 59 2.70 -3.97 -40.35
N PRO H 60 3.90 -4.34 -40.79
CA PRO H 60 4.00 -5.30 -41.91
C PRO H 60 3.74 -6.73 -41.47
N ALA H 61 3.24 -7.51 -42.42
CA ALA H 61 2.80 -8.88 -42.14
C ALA H 61 3.93 -9.80 -41.72
N ARG H 62 5.19 -9.38 -41.86
CA ARG H 62 6.29 -10.20 -41.37
C ARG H 62 6.35 -10.28 -39.85
N PHE H 63 5.56 -9.47 -39.15
CA PHE H 63 5.49 -9.54 -37.69
C PHE H 63 4.42 -10.53 -37.26
N SER H 64 4.74 -11.31 -36.22
CA SER H 64 3.81 -12.28 -35.69
C SER H 64 4.01 -12.39 -34.18
N GLY H 65 2.93 -12.71 -33.48
CA GLY H 65 2.99 -12.88 -32.04
C GLY H 65 2.46 -14.25 -31.64
N SER H 66 3.01 -14.76 -30.55
CA SER H 66 2.75 -16.12 -30.12
C SER H 66 2.97 -16.25 -28.61
N GLY H 67 2.39 -17.31 -28.04
CA GLY H 67 2.59 -17.61 -26.63
C GLY H 67 1.35 -17.74 -25.78
N SER H 68 1.49 -18.37 -24.62
CA SER H 68 0.43 -18.47 -23.63
C SER H 68 1.08 -18.65 -22.27
N GLY H 69 0.27 -18.49 -21.23
CA GLY H 69 0.76 -18.71 -19.88
C GLY H 69 1.84 -17.71 -19.52
N THR H 70 3.07 -18.21 -19.33
CA THR H 70 4.19 -17.37 -18.92
C THR H 70 5.23 -17.17 -20.00
N SER H 71 5.06 -17.75 -21.18
CA SER H 71 6.05 -17.70 -22.24
C SER H 71 5.43 -17.13 -23.51
N TYR H 72 5.90 -15.96 -23.94
CA TYR H 72 5.43 -15.28 -25.15
C TYR H 72 6.62 -14.95 -26.04
N SER H 73 6.33 -14.72 -27.32
CA SER H 73 7.39 -14.46 -28.28
C SER H 73 6.90 -13.53 -29.38
N LEU H 74 7.85 -12.80 -29.95
CA LEU H 74 7.63 -11.93 -31.10
C LEU H 74 8.56 -12.38 -32.22
N THR H 75 8.01 -12.57 -33.42
CA THR H 75 8.74 -13.19 -34.51
C THR H 75 8.67 -12.33 -35.75
N ILE H 76 9.83 -12.05 -36.35
CA ILE H 76 9.91 -11.39 -37.64
C ILE H 76 10.31 -12.45 -38.65
N GLY H 77 9.42 -12.70 -39.62
CA GLY H 77 9.66 -13.78 -40.57
C GLY H 77 10.93 -13.56 -41.39
N THR H 78 11.02 -12.42 -42.05
CA THR H 78 12.25 -11.99 -42.71
C THR H 78 12.53 -10.58 -42.24
N MET H 79 13.69 -10.36 -41.66
CA MET H 79 14.00 -9.03 -41.15
C MET H 79 14.40 -8.10 -42.29
N GLU H 80 13.93 -6.86 -42.20
CA GLU H 80 14.33 -5.80 -43.11
C GLU H 80 15.09 -4.73 -42.34
N ALA H 81 15.77 -3.86 -43.10
CA ALA H 81 16.60 -2.83 -42.48
C ALA H 81 15.77 -1.92 -41.58
N GLU H 82 14.54 -1.59 -42.01
CA GLU H 82 13.64 -0.76 -41.23
C GLU H 82 13.25 -1.37 -39.90
N ASP H 83 13.53 -2.66 -39.69
CA ASP H 83 13.14 -3.31 -38.46
C ASP H 83 14.09 -3.03 -37.30
N VAL H 84 15.22 -2.36 -37.54
CA VAL H 84 16.13 -2.01 -36.45
C VAL H 84 15.39 -1.08 -35.49
N ALA H 85 15.23 -1.54 -34.26
CA ALA H 85 14.52 -0.79 -33.22
C ALA H 85 14.67 -1.57 -31.91
N THR H 86 14.04 -1.05 -30.86
CA THR H 86 13.94 -1.76 -29.60
C THR H 86 12.49 -2.14 -29.37
N TYR H 87 12.26 -3.41 -29.03
CA TYR H 87 10.93 -3.96 -28.86
C TYR H 87 10.66 -4.23 -27.39
N TYR H 88 9.48 -3.85 -26.93
CA TYR H 88 9.08 -4.08 -25.54
C TYR H 88 7.78 -4.86 -25.49
N CYS H 89 7.69 -5.76 -24.52
CA CYS H 89 6.44 -6.46 -24.23
C CYS H 89 5.87 -5.91 -22.94
N GLN H 90 4.56 -5.69 -22.94
CA GLN H 90 3.90 -5.09 -21.79
C GLN H 90 2.68 -5.93 -21.42
N GLN H 91 2.44 -6.06 -20.13
CA GLN H 91 1.41 -6.91 -19.56
C GLN H 91 0.36 -6.05 -18.87
N GLY H 92 -0.91 -6.39 -19.11
CA GLY H 92 -2.00 -5.64 -18.50
C GLY H 92 -2.87 -6.47 -17.57
N SER H 93 -2.47 -7.70 -17.29
CA SER H 93 -3.27 -8.56 -16.42
C SER H 93 -3.32 -8.03 -14.99
N SER H 94 -2.17 -7.59 -14.48
CA SER H 94 -2.13 -7.01 -13.14
C SER H 94 -1.74 -5.54 -13.28
N ILE H 95 -0.97 -5.02 -12.32
CA ILE H 95 -0.41 -3.68 -12.48
C ILE H 95 0.48 -3.67 -13.72
N TYR H 96 0.34 -2.61 -14.53
CA TYR H 96 1.04 -2.52 -15.80
C TYR H 96 2.55 -2.60 -15.60
N THR H 97 3.21 -3.48 -16.36
CA THR H 97 4.66 -3.58 -16.34
C THR H 97 5.15 -3.77 -17.77
N PHE H 98 6.38 -3.34 -18.01
CA PHE H 98 7.02 -3.48 -19.30
C PHE H 98 8.17 -4.47 -19.20
N GLY H 99 8.63 -4.93 -20.37
CA GLY H 99 9.80 -5.77 -20.42
C GLY H 99 11.08 -4.96 -20.52
N GLY H 100 12.20 -5.63 -20.21
CA GLY H 100 13.48 -4.94 -20.24
C GLY H 100 13.78 -4.29 -21.57
N GLY H 101 13.31 -4.89 -22.66
CA GLY H 101 13.55 -4.38 -23.99
C GLY H 101 14.60 -5.18 -24.71
N THR H 102 14.38 -5.42 -26.00
CA THR H 102 15.34 -6.09 -26.87
C THR H 102 15.71 -5.14 -28.00
N LYS H 103 17.00 -4.83 -28.12
CA LYS H 103 17.48 -3.93 -29.16
C LYS H 103 17.98 -4.74 -30.33
N LEU H 104 17.46 -4.45 -31.52
CA LEU H 104 17.78 -5.17 -32.73
C LEU H 104 18.64 -4.29 -33.64
N GLU H 105 19.72 -4.86 -34.15
CA GLU H 105 20.61 -4.15 -35.06
C GLU H 105 20.97 -5.05 -36.23
N ILE H 106 21.44 -4.43 -37.30
CA ILE H 106 21.67 -5.11 -38.57
C ILE H 106 23.15 -5.47 -38.68
N LYS H 107 23.44 -6.75 -38.90
CA LYS H 107 24.78 -7.16 -39.31
C LYS H 107 25.03 -6.76 -40.75
N ARG H 108 26.26 -6.33 -41.03
CA ARG H 108 26.64 -5.99 -42.40
C ARG H 108 28.12 -6.29 -42.58
N ALA H 109 28.55 -6.24 -43.84
CA ALA H 109 29.95 -6.46 -44.16
C ALA H 109 30.82 -5.42 -43.47
N ASP H 110 31.90 -5.87 -42.84
CA ASP H 110 32.79 -4.97 -42.11
C ASP H 110 33.37 -3.93 -43.07
N ALA H 111 33.20 -2.66 -42.72
CA ALA H 111 33.63 -1.54 -43.57
C ALA H 111 34.69 -0.74 -42.83
N ALA H 112 35.78 -0.44 -43.53
CA ALA H 112 36.85 0.34 -42.94
C ALA H 112 36.39 1.78 -42.69
N PRO H 113 36.80 2.40 -41.59
CA PRO H 113 36.34 3.76 -41.28
C PRO H 113 37.09 4.81 -42.10
N THR H 114 36.35 5.85 -42.49
CA THR H 114 36.94 6.99 -43.21
C THR H 114 37.28 8.07 -42.20
N VAL H 115 38.57 8.34 -42.04
CA VAL H 115 39.06 9.28 -41.03
C VAL H 115 39.20 10.65 -41.67
N SER H 116 38.84 11.69 -40.92
CA SER H 116 38.97 13.07 -41.39
C SER H 116 39.32 13.94 -40.20
N ILE H 117 40.52 14.54 -40.21
CA ILE H 117 40.97 15.43 -39.15
C ILE H 117 40.74 16.87 -39.59
N PHE H 118 40.32 17.72 -38.64
CA PHE H 118 40.03 19.11 -38.92
C PHE H 118 40.69 19.98 -37.86
N PRO H 119 41.36 21.06 -38.25
CA PRO H 119 42.02 21.92 -37.29
C PRO H 119 41.02 22.86 -36.64
N PRO H 120 41.39 23.54 -35.54
CA PRO H 120 40.48 24.51 -34.93
C PRO H 120 40.14 25.63 -35.89
N SER H 121 38.91 26.11 -35.77
CA SER H 121 38.43 27.15 -36.68
C SER H 121 39.11 28.49 -36.37
N SER H 122 38.94 29.43 -37.31
CA SER H 122 39.44 30.78 -37.07
C SER H 122 38.58 31.52 -36.06
N GLU H 123 37.29 31.18 -35.97
CA GLU H 123 36.41 31.83 -35.01
C GLU H 123 36.74 31.40 -33.58
N GLN H 124 37.07 30.12 -33.40
CA GLN H 124 37.35 29.59 -32.07
C GLN H 124 38.71 30.06 -31.55
N LEU H 125 39.69 30.25 -32.44
CA LEU H 125 41.00 30.71 -32.01
C LEU H 125 40.94 32.13 -31.45
N THR H 126 40.05 32.96 -31.96
CA THR H 126 39.85 34.30 -31.40
C THR H 126 39.07 34.27 -30.09
N SER H 127 38.32 33.19 -29.83
CA SER H 127 37.58 33.06 -28.59
C SER H 127 38.44 32.61 -27.42
N GLY H 128 39.70 32.23 -27.67
CA GLY H 128 40.58 31.77 -26.62
C GLY H 128 40.68 30.27 -26.46
N GLY H 129 40.03 29.50 -27.33
CA GLY H 129 40.06 28.06 -27.24
C GLY H 129 40.51 27.43 -28.54
N ALA H 130 40.71 26.11 -28.48
CA ALA H 130 41.13 25.34 -29.64
C ALA H 130 40.59 23.93 -29.52
N SER H 131 39.85 23.48 -30.54
CA SER H 131 39.28 22.14 -30.56
C SER H 131 39.70 21.44 -31.84
N VAL H 132 40.19 20.22 -31.70
CA VAL H 132 40.55 19.37 -32.83
C VAL H 132 39.44 18.34 -33.04
N VAL H 133 38.97 18.21 -34.27
CA VAL H 133 37.86 17.33 -34.60
C VAL H 133 38.34 16.27 -35.57
N CYS H 134 38.05 15.01 -35.25
CA CYS H 134 38.39 13.88 -36.11
C CYS H 134 37.16 13.00 -36.25
N PHE H 135 36.78 12.71 -37.50
CA PHE H 135 35.55 12.00 -37.81
C PHE H 135 35.86 10.58 -38.28
N LEU H 136 35.26 9.59 -37.63
CA LEU H 136 35.37 8.18 -38.00
C LEU H 136 33.98 7.69 -38.36
N ASN H 137 33.72 7.47 -39.65
CA ASN H 137 32.37 7.21 -40.12
C ASN H 137 32.29 5.92 -40.93
N ASN H 138 31.10 5.31 -40.88
CA ASN H 138 30.73 4.17 -41.73
C ASN H 138 31.62 2.94 -41.47
N PHE H 139 31.74 2.57 -40.19
CA PHE H 139 32.56 1.43 -39.81
C PHE H 139 31.73 0.42 -39.02
N TYR H 140 31.89 -0.86 -39.37
CA TYR H 140 31.26 -1.99 -38.70
C TYR H 140 32.31 -3.06 -38.41
N PRO H 141 32.30 -3.65 -37.20
CA PRO H 141 31.37 -3.49 -36.07
C PRO H 141 31.45 -2.17 -35.31
N LYS H 142 30.67 -2.08 -34.22
CA LYS H 142 30.53 -0.83 -33.49
C LYS H 142 31.87 -0.33 -32.93
N ASP H 143 32.76 -1.24 -32.55
CA ASP H 143 34.04 -0.84 -32.00
C ASP H 143 35.00 -0.39 -33.09
N LYS H 147 42.70 7.23 -30.13
CA LYS H 147 43.87 7.81 -29.48
C LYS H 147 44.41 8.98 -30.29
N TRP H 148 44.88 10.01 -29.59
CA TRP H 148 45.51 11.17 -30.19
C TRP H 148 47.01 11.16 -29.89
N LYS H 149 47.81 11.52 -30.89
CA LYS H 149 49.26 11.63 -30.76
C LYS H 149 49.68 13.03 -31.18
N ILE H 150 50.36 13.74 -30.28
CA ILE H 150 50.83 15.09 -30.54
C ILE H 150 52.35 15.08 -30.45
N ASP H 151 53.01 15.29 -31.60
CA ASP H 151 54.48 15.27 -31.69
C ASP H 151 55.06 13.95 -31.24
N GLY H 152 54.42 12.85 -31.68
CA GLY H 152 54.92 11.53 -31.36
C GLY H 152 54.65 11.05 -29.96
N SER H 153 53.75 11.71 -29.22
CA SER H 153 53.42 11.33 -27.86
C SER H 153 51.92 11.35 -27.68
N GLU H 154 51.40 10.34 -26.99
CA GLU H 154 49.96 10.23 -26.75
C GLU H 154 49.48 11.28 -25.75
N GLN H 156 43.34 10.96 -23.16
CA GLN H 156 44.05 12.10 -22.58
C GLN H 156 43.08 13.15 -22.06
N ASN H 157 43.62 14.24 -21.52
CA ASN H 157 42.77 15.31 -20.98
C ASN H 157 42.09 16.07 -22.10
N GLY H 158 40.77 16.25 -21.99
CA GLY H 158 40.02 17.05 -22.92
C GLY H 158 39.41 16.30 -24.10
N VAL H 159 39.48 14.98 -24.12
CA VAL H 159 38.90 14.20 -25.21
C VAL H 159 37.42 13.93 -24.90
N LEU H 160 36.57 14.22 -25.88
CA LEU H 160 35.14 13.94 -25.79
C LEU H 160 34.70 13.32 -27.11
N ASN H 161 34.16 12.11 -27.05
CA ASN H 161 33.80 11.35 -28.24
C ASN H 161 32.34 10.91 -28.18
N SER H 162 31.66 11.00 -29.33
CA SER H 162 30.26 10.64 -29.45
C SER H 162 30.10 9.40 -30.32
N TRP H 163 29.30 8.46 -29.85
CA TRP H 163 28.94 7.26 -30.60
C TRP H 163 27.56 7.44 -31.19
N THR H 164 27.41 7.16 -32.48
CA THR H 164 26.12 7.29 -33.12
C THR H 164 25.48 5.93 -33.33
N ASP H 165 24.15 5.94 -33.52
CA ASP H 165 23.42 4.71 -33.76
C ASP H 165 23.67 4.21 -35.17
N GLN H 166 23.27 2.95 -35.41
CA GLN H 166 23.44 2.34 -36.72
C GLN H 166 22.72 3.17 -37.78
N ASP H 167 23.33 3.26 -38.95
CA ASP H 167 22.77 4.04 -40.04
C ASP H 167 21.46 3.43 -40.52
N SER H 168 20.51 4.30 -40.89
CA SER H 168 19.18 3.84 -41.29
C SER H 168 19.23 3.04 -42.57
N LYS H 169 19.94 3.55 -43.58
CA LYS H 169 20.07 2.90 -44.88
C LYS H 169 21.44 2.28 -45.12
N ASP H 170 22.49 2.93 -44.64
CA ASP H 170 23.85 2.44 -44.88
C ASP H 170 24.22 1.29 -43.94
N SER H 171 23.58 1.23 -42.77
CA SER H 171 23.75 0.16 -41.78
C SER H 171 25.16 0.12 -41.20
N THR H 172 25.82 1.27 -41.09
CA THR H 172 27.11 1.38 -40.43
C THR H 172 27.02 2.34 -39.25
N TYR H 173 28.13 2.43 -38.52
CA TYR H 173 28.24 3.32 -37.37
C TYR H 173 29.25 4.41 -37.67
N SER H 174 29.20 5.47 -36.86
CA SER H 174 30.11 6.60 -36.98
C SER H 174 30.47 7.08 -35.58
N MET H 175 31.66 7.67 -35.47
CA MET H 175 32.16 8.18 -34.20
C MET H 175 32.94 9.45 -34.45
N SER H 176 32.70 10.46 -33.62
CA SER H 176 33.43 11.72 -33.67
C SER H 176 34.11 11.94 -32.32
N SER H 177 35.42 12.17 -32.36
CA SER H 177 36.20 12.51 -31.18
C SER H 177 36.72 13.93 -31.33
N THR H 178 36.39 14.79 -30.36
CA THR H 178 36.76 16.20 -30.40
C THR H 178 37.71 16.47 -29.23
N LEU H 179 39.00 16.61 -29.54
CA LEU H 179 40.01 16.99 -28.55
C LEU H 179 40.05 18.51 -28.41
N THR H 180 39.65 19.00 -27.25
CA THR H 180 39.60 20.44 -26.98
C THR H 180 40.79 20.84 -26.12
N LEU H 181 41.51 21.86 -26.57
CA LEU H 181 42.65 22.41 -25.86
C LEU H 181 42.43 23.90 -25.64
N THR H 182 43.37 24.54 -24.96
CA THR H 182 43.37 25.99 -24.82
C THR H 182 44.18 26.61 -25.95
N LYS H 183 43.85 27.86 -26.28
CA LYS H 183 44.59 28.56 -27.33
C LYS H 183 46.07 28.64 -27.04
N ASP H 184 46.44 28.79 -25.75
CA ASP H 184 47.85 28.79 -25.38
C ASP H 184 48.45 27.40 -25.51
N GLU H 185 47.66 26.35 -25.26
CA GLU H 185 48.20 25.00 -25.44
C GLU H 185 48.31 24.63 -26.91
N TYR H 186 47.42 25.14 -27.75
CA TYR H 186 47.51 24.87 -29.19
C TYR H 186 48.64 25.69 -29.80
N GLU H 187 49.35 25.10 -30.75
CA GLU H 187 50.46 25.68 -31.50
C GLU H 187 51.77 25.68 -30.70
N ARG H 188 51.72 25.39 -29.39
CA ARG H 188 52.94 25.00 -28.69
C ARG H 188 53.55 23.79 -29.37
N HIS H 189 52.73 22.84 -29.78
CA HIS H 189 53.17 21.74 -30.60
C HIS H 189 52.72 21.93 -32.06
N ASN H 190 53.33 21.16 -32.97
CA ASN H 190 53.07 21.30 -34.39
C ASN H 190 52.22 20.18 -34.97
N SER H 191 52.61 18.92 -34.78
CA SER H 191 51.96 17.79 -35.41
C SER H 191 50.88 17.22 -34.50
N TYR H 192 49.66 17.12 -35.03
CA TYR H 192 48.53 16.50 -34.34
C TYR H 192 48.07 15.32 -35.17
N THR H 193 48.19 14.10 -34.62
CA THR H 193 47.84 12.87 -35.32
C THR H 193 46.61 12.25 -34.68
N CYS H 194 45.74 11.71 -35.53
CA CYS H 194 44.48 11.07 -35.11
C CYS H 194 44.50 9.62 -35.59
N GLU H 195 44.71 8.69 -34.66
CA GLU H 195 44.81 7.27 -34.98
C GLU H 195 43.51 6.56 -34.65
N ALA H 196 43.04 5.73 -35.58
CA ALA H 196 41.81 4.96 -35.40
C ALA H 196 42.08 3.50 -35.73
N THR H 197 41.73 2.61 -34.80
CA THR H 197 41.94 1.19 -34.96
C THR H 197 40.60 0.47 -35.10
N HIS H 198 40.56 -0.53 -35.97
CA HIS H 198 39.33 -1.23 -36.30
C HIS H 198 39.65 -2.67 -36.69
N LYS H 199 38.69 -3.55 -36.45
CA LYS H 199 38.82 -4.95 -36.86
C LYS H 199 38.90 -5.05 -38.39
N SER H 201 41.58 -3.49 -40.69
CA SER H 201 42.96 -3.15 -41.01
C SER H 201 43.90 -3.52 -39.86
N THR H 202 45.06 -4.08 -40.20
CA THR H 202 46.02 -4.47 -39.18
C THR H 202 46.71 -3.25 -38.55
N SER H 203 46.94 -2.18 -39.37
CA SER H 203 47.56 -0.95 -38.89
C SER H 203 46.50 0.14 -38.71
N PRO H 204 46.59 0.90 -37.62
CA PRO H 204 45.60 1.96 -37.39
C PRO H 204 45.65 3.01 -38.49
N ILE H 205 44.46 3.50 -38.86
CA ILE H 205 44.35 4.52 -39.91
C ILE H 205 44.59 5.88 -39.27
N VAL H 206 45.60 6.59 -39.77
CA VAL H 206 46.06 7.83 -39.15
C VAL H 206 45.89 8.98 -40.14
N LYS H 207 45.43 10.12 -39.63
CA LYS H 207 45.33 11.34 -40.41
C LYS H 207 45.85 12.49 -39.56
N SER H 208 46.90 13.16 -40.02
CA SER H 208 47.59 14.18 -39.25
C SER H 208 47.71 15.47 -40.05
N PHE H 209 48.01 16.56 -39.34
CA PHE H 209 48.22 17.85 -39.96
C PHE H 209 49.18 18.65 -39.08
N ASN H 210 49.70 19.74 -39.64
CA ASN H 210 50.64 20.59 -38.91
C ASN H 210 50.19 22.05 -38.93
N GLU I 1 -7.58 10.23 -37.80
CA GLU I 1 -6.70 9.66 -36.78
C GLU I 1 -6.68 10.54 -35.53
N VAL I 2 -6.42 9.91 -34.38
CA VAL I 2 -6.35 10.61 -33.10
C VAL I 2 -4.88 10.88 -32.78
N GLN I 3 -4.56 12.14 -32.48
CA GLN I 3 -3.20 12.58 -32.22
C GLN I 3 -3.08 13.11 -30.79
N LEU I 4 -1.87 13.04 -30.24
CA LEU I 4 -1.57 13.54 -28.91
C LEU I 4 -0.45 14.59 -29.00
N GLN I 5 -0.73 15.79 -28.51
CA GLN I 5 0.23 16.88 -28.51
C GLN I 5 0.74 17.10 -27.10
N GLN I 6 2.02 16.87 -26.88
CA GLN I 6 2.65 17.06 -25.59
C GLN I 6 3.36 18.41 -25.54
N SER I 7 3.53 18.92 -24.33
CA SER I 7 4.24 20.16 -24.15
C SER I 7 5.73 19.98 -24.45
N GLY I 8 6.41 21.09 -24.73
CA GLY I 8 7.78 21.06 -25.15
C GLY I 8 8.74 20.70 -24.03
N PRO I 9 10.04 20.65 -24.35
CA PRO I 9 11.05 20.29 -23.35
C PRO I 9 11.09 21.30 -22.22
N GLU I 10 11.41 20.83 -21.02
CA GLU I 10 11.46 21.70 -19.86
C GLU I 10 12.73 21.41 -19.05
N LEU I 11 13.40 22.49 -18.65
CA LEU I 11 14.57 22.43 -17.77
C LEU I 11 14.16 22.92 -16.39
N VAL I 12 14.28 22.06 -15.38
CA VAL I 12 13.81 22.36 -14.04
C VAL I 12 14.97 22.23 -13.07
N LYS I 13 15.05 23.17 -12.13
CA LYS I 13 16.08 23.09 -11.11
C LYS I 13 15.68 22.08 -10.05
N PRO I 14 16.66 21.44 -9.39
CA PRO I 14 16.34 20.44 -8.37
C PRO I 14 15.48 21.02 -7.27
N GLY I 15 14.54 20.23 -6.78
CA GLY I 15 13.63 20.64 -5.74
C GLY I 15 12.39 21.37 -6.23
N ALA I 16 12.40 21.87 -7.47
CA ALA I 16 11.24 22.54 -8.02
C ALA I 16 10.24 21.51 -8.58
N SER I 17 9.14 22.02 -9.13
CA SER I 17 8.10 21.19 -9.71
C SER I 17 7.75 21.71 -11.11
N MET I 18 7.53 20.79 -12.04
CA MET I 18 7.12 21.13 -13.39
C MET I 18 5.86 20.34 -13.75
N LYS I 19 5.00 20.96 -14.56
CA LYS I 19 3.77 20.33 -15.04
C LYS I 19 3.83 20.18 -16.56
N ILE I 20 3.49 18.99 -17.04
CA ILE I 20 3.47 18.66 -18.46
C ILE I 20 2.03 18.51 -18.90
N SER I 21 1.74 18.92 -20.14
CA SER I 21 0.40 18.81 -20.70
C SER I 21 0.38 17.81 -21.85
N CYS I 22 -0.81 17.28 -22.10
CA CYS I 22 -1.04 16.33 -23.20
C CYS I 22 -2.45 16.60 -23.72
N LYS I 23 -2.55 17.06 -24.96
CA LYS I 23 -3.83 17.45 -25.56
C LYS I 23 -4.22 16.43 -26.62
N ALA I 24 -5.41 15.86 -26.48
CA ALA I 24 -5.90 14.83 -27.39
C ALA I 24 -6.83 15.46 -28.42
N SER I 25 -6.62 15.13 -29.68
CA SER I 25 -7.45 15.63 -30.77
C SER I 25 -7.79 14.48 -31.72
N GLY I 26 -8.96 14.58 -32.34
CA GLY I 26 -9.36 13.62 -33.33
C GLY I 26 -10.02 12.37 -32.81
N TYR I 27 -10.43 12.34 -31.55
CA TYR I 27 -11.05 11.17 -30.96
C TYR I 27 -12.53 11.10 -31.33
N SER I 28 -13.03 9.88 -31.48
CA SER I 28 -14.44 9.67 -31.78
C SER I 28 -15.31 9.55 -30.54
N PHE I 29 -14.73 9.16 -29.41
CA PHE I 29 -15.47 9.04 -28.17
C PHE I 29 -14.65 9.65 -27.06
N THR I 30 -15.29 9.86 -25.90
CA THR I 30 -14.65 10.48 -24.76
C THR I 30 -14.23 9.47 -23.69
N GLY I 31 -14.52 8.19 -23.88
CA GLY I 31 -14.28 7.18 -22.87
C GLY I 31 -12.86 6.70 -22.73
N TYR I 32 -11.92 7.19 -23.53
CA TYR I 32 -10.54 6.74 -23.46
C TYR I 32 -9.90 7.17 -22.15
N THR I 33 -8.88 6.42 -21.72
CA THR I 33 -8.14 6.74 -20.50
C THR I 33 -6.73 7.19 -20.84
N MET I 34 -6.23 8.15 -20.06
CA MET I 34 -4.92 8.75 -20.27
C MET I 34 -3.89 8.09 -19.37
N ASN I 35 -2.70 7.84 -19.90
CA ASN I 35 -1.60 7.26 -19.15
C ASN I 35 -0.35 8.13 -19.28
N TRP I 36 0.58 7.91 -18.35
CA TRP I 36 1.88 8.56 -18.41
C TRP I 36 2.97 7.51 -18.23
N VAL I 37 3.96 7.51 -19.12
CA VAL I 37 5.05 6.56 -19.12
C VAL I 37 6.37 7.31 -19.03
N LYS I 38 7.27 6.83 -18.18
CA LYS I 38 8.59 7.41 -17.99
C LYS I 38 9.64 6.49 -18.59
N GLN I 39 10.45 7.02 -19.51
CA GLN I 39 11.59 6.29 -20.05
C GLN I 39 12.87 7.01 -19.61
N SER I 40 13.57 6.42 -18.66
CA SER I 40 14.79 6.96 -18.10
C SER I 40 15.98 6.77 -19.04
N HIS I 41 17.14 7.25 -18.63
CA HIS I 41 18.37 7.02 -19.37
C HIS I 41 18.68 5.53 -19.32
N GLY I 42 18.61 4.89 -20.47
CA GLY I 42 18.78 3.45 -20.59
C GLY I 42 17.58 2.78 -21.20
N LYS I 43 16.57 3.57 -21.59
CA LYS I 43 15.41 3.11 -22.33
C LYS I 43 14.60 2.06 -21.56
N ASN I 44 14.32 2.38 -20.29
CA ASN I 44 13.50 1.55 -19.43
C ASN I 44 12.14 2.21 -19.27
N LEU I 45 11.07 1.50 -19.64
CA LEU I 45 9.73 2.05 -19.59
C LEU I 45 9.07 1.74 -18.25
N GLU I 46 8.49 2.76 -17.65
CA GLU I 46 7.79 2.65 -16.38
C GLU I 46 6.42 3.30 -16.51
N TRP I 47 5.38 2.60 -16.08
CA TRP I 47 4.04 3.16 -16.06
C TRP I 47 3.85 4.00 -14.81
N ILE I 48 3.41 5.25 -14.99
CA ILE I 48 3.30 6.20 -13.89
C ILE I 48 1.90 6.16 -13.30
N GLY I 49 0.90 6.41 -14.13
CA GLY I 49 -0.47 6.42 -13.65
C GLY I 49 -1.43 6.60 -14.80
N LEU I 50 -2.72 6.46 -14.49
CA LEU I 50 -3.78 6.67 -15.45
C LEU I 50 -4.89 7.51 -14.84
N ILE I 51 -5.68 8.15 -15.70
CA ILE I 51 -6.88 8.88 -15.30
C ILE I 51 -8.04 8.36 -16.16
N ASN I 52 -9.12 7.91 -15.52
CA ASN I 52 -10.32 7.41 -16.19
C ASN I 52 -11.45 8.41 -16.00
N PRO I 53 -12.08 8.90 -17.07
CA PRO I 53 -13.10 9.95 -16.90
C PRO I 53 -14.30 9.53 -16.08
N TYR I 54 -14.65 8.25 -16.09
CA TYR I 54 -15.77 7.74 -15.30
C TYR I 54 -15.35 7.33 -13.89
N ASN I 55 -14.09 6.95 -13.70
CA ASN I 55 -13.59 6.63 -12.37
C ASN I 55 -13.49 7.88 -11.49
N ASP I 56 -13.21 9.02 -12.10
CA ASP I 56 -13.13 10.33 -11.44
C ASP I 56 -11.90 10.52 -10.55
N GLY I 57 -11.09 9.48 -10.35
CA GLY I 57 -9.91 9.59 -9.52
C GLY I 57 -8.74 8.90 -10.17
N PRO I 58 -7.58 9.55 -10.16
CA PRO I 58 -6.40 8.98 -10.80
C PRO I 58 -5.87 7.74 -10.07
N SER I 59 -5.37 6.80 -10.84
CA SER I 59 -4.67 5.62 -10.33
C SER I 59 -3.19 5.80 -10.55
N TYR I 60 -2.38 5.48 -9.53
CA TYR I 60 -0.95 5.70 -9.59
C TYR I 60 -0.18 4.41 -9.36
N ASN I 61 1.03 4.38 -9.90
CA ASN I 61 2.00 3.38 -9.52
C ASN I 61 2.54 3.72 -8.14
N GLN I 62 2.67 2.70 -7.28
CA GLN I 62 3.10 2.94 -5.91
C GLN I 62 4.47 3.62 -5.86
N ASN I 63 5.35 3.29 -6.80
CA ASN I 63 6.66 3.94 -6.84
C ASN I 63 6.57 5.41 -7.22
N PHE I 64 5.47 5.83 -7.84
CA PHE I 64 5.29 7.23 -8.24
C PHE I 64 4.31 7.98 -7.36
N LYS I 65 3.71 7.33 -6.37
CA LYS I 65 2.76 8.00 -5.49
C LYS I 65 3.48 9.09 -4.69
N GLY I 66 3.01 10.32 -4.82
CA GLY I 66 3.65 11.46 -4.21
C GLY I 66 4.67 12.16 -5.10
N LYS I 67 5.18 11.48 -6.12
CA LYS I 67 6.08 12.09 -7.09
C LYS I 67 5.33 12.72 -8.25
N ALA I 68 4.23 12.12 -8.67
CA ALA I 68 3.46 12.60 -9.82
C ALA I 68 2.02 12.84 -9.41
N THR I 69 1.45 13.92 -9.96
CA THR I 69 0.05 14.25 -9.74
C THR I 69 -0.62 14.37 -11.10
N LEU I 70 -1.64 13.55 -11.33
CA LEU I 70 -2.33 13.48 -12.61
C LEU I 70 -3.64 14.25 -12.50
N THR I 71 -3.90 15.13 -13.47
CA THR I 71 -5.11 15.94 -13.49
C THR I 71 -5.58 16.07 -14.93
N VAL I 72 -6.84 16.47 -15.09
CA VAL I 72 -7.47 16.56 -16.41
C VAL I 72 -8.30 17.84 -16.48
N ASP I 73 -8.22 18.51 -17.62
CA ASP I 73 -9.10 19.61 -17.98
C ASP I 73 -9.99 19.12 -19.13
N LYS I 74 -11.16 18.58 -18.78
CA LYS I 74 -12.04 18.00 -19.79
C LYS I 74 -12.54 19.05 -20.78
N SER I 75 -12.70 20.31 -20.33
CA SER I 75 -13.17 21.36 -21.24
C SER I 75 -12.19 21.55 -22.39
N SER I 76 -10.89 21.55 -22.10
CA SER I 76 -9.87 21.68 -23.13
C SER I 76 -9.37 20.34 -23.64
N SER I 77 -9.83 19.24 -23.06
CA SER I 77 -9.41 17.88 -23.44
C SER I 77 -7.90 17.72 -23.35
N THR I 78 -7.31 18.30 -22.32
CA THR I 78 -5.88 18.19 -22.06
C THR I 78 -5.65 17.51 -20.71
N ALA I 79 -4.61 16.69 -20.65
CA ALA I 79 -4.21 16.00 -19.43
C ALA I 79 -2.91 16.58 -18.92
N TYR I 80 -2.79 16.68 -17.61
CA TYR I 80 -1.61 17.24 -16.97
C TYR I 80 -1.00 16.26 -15.98
N MET I 81 0.34 16.28 -15.90
CA MET I 81 1.09 15.54 -14.90
C MET I 81 2.05 16.49 -14.22
N GLU I 82 1.96 16.60 -12.90
CA GLU I 82 2.82 17.46 -12.12
C GLU I 82 3.83 16.60 -11.38
N LEU I 83 5.11 16.81 -11.66
CA LEU I 83 6.19 16.13 -10.96
C LEU I 83 6.75 17.07 -9.90
N LEU I 84 6.72 16.63 -8.65
CA LEU I 84 7.09 17.44 -7.50
C LEU I 84 8.46 17.02 -6.97
N SER I 85 9.24 18.00 -6.53
CA SER I 85 10.55 17.77 -5.91
C SER I 85 11.46 16.95 -6.82
N LEU I 86 11.70 17.49 -8.01
CA LEU I 86 12.47 16.80 -9.03
C LEU I 86 13.92 16.56 -8.60
N THR I 87 14.46 15.42 -9.05
CA THR I 87 15.84 15.00 -8.83
C THR I 87 16.53 14.82 -10.17
N SER I 88 17.80 14.43 -10.09
CA SER I 88 18.49 13.96 -11.29
C SER I 88 17.85 12.67 -11.79
N GLU I 89 17.41 11.81 -10.86
CA GLU I 89 16.76 10.56 -11.22
C GLU I 89 15.44 10.79 -11.94
N ASP I 90 14.89 12.00 -11.85
CA ASP I 90 13.66 12.33 -12.57
C ASP I 90 13.92 12.81 -13.99
N SER I 91 15.18 13.03 -14.36
CA SER I 91 15.53 13.45 -15.71
C SER I 91 15.32 12.29 -16.67
N ALA I 92 14.23 12.35 -17.43
CA ALA I 92 13.85 11.27 -18.32
C ALA I 92 12.93 11.83 -19.39
N VAL I 93 12.45 10.95 -20.26
CA VAL I 93 11.45 11.30 -21.25
C VAL I 93 10.10 10.77 -20.77
N TYR I 94 9.10 11.65 -20.73
CA TYR I 94 7.78 11.30 -20.23
C TYR I 94 6.79 11.32 -21.39
N TYR I 95 6.21 10.16 -21.69
CA TYR I 95 5.22 10.02 -22.73
C TYR I 95 3.81 10.03 -22.15
N CYS I 96 2.87 10.54 -22.92
CA CYS I 96 1.46 10.32 -22.64
C CYS I 96 0.93 9.39 -23.73
N ALA I 97 0.28 8.32 -23.30
CA ALA I 97 -0.31 7.32 -24.19
C ALA I 97 -1.71 7.02 -23.67
N ILE I 98 -2.66 6.86 -24.59
CA ILE I 98 -4.05 6.69 -24.20
C ILE I 98 -4.49 5.26 -24.50
N HIS I 99 -5.49 4.82 -23.75
CA HIS I 99 -6.18 3.56 -23.99
C HIS I 99 -7.38 3.92 -24.86
N TYR I 100 -7.24 3.77 -26.17
CA TYR I 100 -8.32 4.15 -27.06
C TYR I 100 -9.02 2.88 -27.52
N TYR I 101 -8.36 2.10 -28.36
CA TYR I 101 -8.90 0.82 -28.76
C TYR I 101 -8.55 -0.28 -27.77
N GLY I 102 -7.68 0.02 -26.81
CA GLY I 102 -7.20 -0.98 -25.87
C GLY I 102 -7.83 -0.83 -24.51
N ILE I 103 -9.07 -0.36 -24.50
CA ILE I 103 -9.75 0.03 -23.27
C ILE I 103 -10.05 -1.15 -22.36
N SER I 104 -10.06 -2.38 -22.87
CA SER I 104 -10.37 -3.52 -22.03
C SER I 104 -9.21 -4.49 -21.82
N TYR I 105 -8.25 -4.52 -22.74
CA TYR I 105 -7.08 -5.37 -22.60
C TYR I 105 -5.81 -4.57 -22.32
N TRP I 106 -5.92 -3.26 -22.17
CA TRP I 106 -4.88 -2.41 -21.58
C TRP I 106 -3.60 -2.42 -22.40
N TYR I 107 -3.75 -2.06 -23.68
CA TYR I 107 -2.60 -1.75 -24.51
C TYR I 107 -2.69 -0.30 -24.96
N PHE I 108 -1.55 0.37 -25.00
CA PHE I 108 -1.47 1.79 -25.34
C PHE I 108 -1.34 1.91 -26.86
N ASP I 109 -2.45 2.19 -27.54
CA ASP I 109 -2.42 2.21 -28.99
C ASP I 109 -2.02 3.56 -29.57
N VAL I 110 -2.24 4.66 -28.86
CA VAL I 110 -1.82 5.98 -29.30
C VAL I 110 -0.86 6.57 -28.28
N TRP I 111 0.32 6.99 -28.75
CA TRP I 111 1.37 7.56 -27.89
C TRP I 111 1.65 8.99 -28.30
N GLY I 112 2.08 9.80 -27.33
CA GLY I 112 2.48 11.15 -27.61
C GLY I 112 3.90 11.25 -28.15
N ALA I 113 4.25 12.45 -28.62
CA ALA I 113 5.60 12.67 -29.15
C ALA I 113 6.65 12.55 -28.06
N GLY I 114 6.29 12.82 -26.81
CA GLY I 114 7.22 12.74 -25.71
C GLY I 114 7.61 14.10 -25.18
N THR I 115 7.82 14.17 -23.88
CA THR I 115 8.31 15.38 -23.21
C THR I 115 9.59 15.01 -22.46
N THR I 116 10.71 15.58 -22.92
CA THR I 116 12.01 15.30 -22.34
C THR I 116 12.31 16.34 -21.25
N VAL I 117 12.61 15.86 -20.04
CA VAL I 117 12.75 16.72 -18.87
C VAL I 117 14.19 16.62 -18.36
N THR I 118 14.84 17.77 -18.24
CA THR I 118 16.20 17.88 -17.74
C THR I 118 16.20 18.57 -16.39
N VAL I 119 16.90 17.98 -15.42
CA VAL I 119 16.99 18.54 -14.07
C VAL I 119 18.45 18.84 -13.76
N SER I 120 18.79 20.13 -13.73
CA SER I 120 20.16 20.55 -13.46
C SER I 120 20.16 21.96 -12.90
N SER I 121 21.18 22.24 -12.09
CA SER I 121 21.38 23.57 -11.50
C SER I 121 22.08 24.54 -12.46
N ALA I 122 22.72 24.02 -13.50
CA ALA I 122 23.50 24.85 -14.41
C ALA I 122 22.62 25.89 -15.11
N LYS I 123 23.22 27.02 -15.44
CA LYS I 123 22.49 28.11 -16.07
C LYS I 123 22.43 27.91 -17.59
N THR I 124 21.42 28.53 -18.20
CA THR I 124 21.22 28.42 -19.64
C THR I 124 22.28 29.22 -20.37
N THR I 125 23.15 28.53 -21.11
CA THR I 125 24.24 29.15 -21.85
C THR I 125 24.01 28.97 -23.34
N ALA I 126 24.32 30.02 -24.12
CA ALA I 126 24.13 30.01 -25.56
C ALA I 126 25.21 29.18 -26.25
N PRO I 127 24.90 28.57 -27.40
CA PRO I 127 25.89 27.76 -28.11
C PRO I 127 26.89 28.61 -28.87
N SER I 128 28.04 27.98 -29.14
CA SER I 128 29.10 28.58 -29.96
C SER I 128 29.38 27.63 -31.12
N VAL I 129 29.00 28.05 -32.33
CA VAL I 129 29.11 27.20 -33.51
C VAL I 129 30.41 27.51 -34.22
N TYR I 130 31.16 26.45 -34.56
CA TYR I 130 32.44 26.58 -35.25
C TYR I 130 32.43 25.69 -36.49
N PRO I 131 32.56 26.27 -37.69
CA PRO I 131 32.64 25.43 -38.90
C PRO I 131 34.04 24.89 -39.09
N LEU I 132 34.12 23.63 -39.48
CA LEU I 132 35.39 22.93 -39.65
C LEU I 132 35.61 22.63 -41.13
N VAL I 133 36.79 22.99 -41.63
CA VAL I 133 37.14 22.74 -43.03
C VAL I 133 38.57 22.26 -43.10
N PRO I 134 38.91 21.46 -44.13
CA PRO I 134 40.28 20.97 -44.28
C PRO I 134 41.10 21.82 -45.24
N THR I 140 44.44 14.72 -50.89
CA THR I 140 43.07 15.03 -51.27
C THR I 140 42.31 13.76 -51.66
N GLY I 141 41.15 13.93 -52.30
CA GLY I 141 40.39 12.80 -52.77
C GLY I 141 39.23 13.24 -53.62
N SER I 142 38.51 12.25 -54.16
CA SER I 142 37.29 12.51 -54.92
C SER I 142 36.11 12.84 -54.02
N SER I 143 36.29 12.76 -52.71
CA SER I 143 35.26 13.05 -51.73
C SER I 143 35.82 13.94 -50.63
N VAL I 144 35.04 14.93 -50.22
CA VAL I 144 35.42 15.88 -49.18
C VAL I 144 34.42 15.79 -48.03
N THR I 145 34.92 15.92 -46.81
CA THR I 145 34.08 15.88 -45.62
C THR I 145 34.09 17.25 -44.94
N LEU I 146 32.91 17.76 -44.60
CA LEU I 146 32.77 19.06 -43.97
C LEU I 146 32.27 18.89 -42.54
N GLY I 147 32.81 19.68 -41.63
CA GLY I 147 32.52 19.55 -40.22
C GLY I 147 31.88 20.80 -39.64
N CYS I 148 30.93 20.59 -38.73
CA CYS I 148 30.28 21.67 -38.00
C CYS I 148 30.34 21.33 -36.51
N LEU I 149 30.95 22.21 -35.71
CA LEU I 149 31.16 21.96 -34.30
C LEU I 149 30.44 23.02 -33.48
N VAL I 150 29.63 22.57 -32.53
CA VAL I 150 28.94 23.45 -31.58
C VAL I 150 29.29 23.00 -30.18
N LYS I 151 29.82 23.92 -29.37
CA LYS I 151 30.33 23.58 -28.05
C LYS I 151 29.90 24.65 -27.06
N GLY I 152 29.84 24.25 -25.79
CA GLY I 152 29.56 25.19 -24.72
C GLY I 152 28.14 25.70 -24.63
N TYR I 153 27.14 24.83 -24.79
CA TYR I 153 25.75 25.23 -24.66
C TYR I 153 25.06 24.43 -23.57
N PHE I 154 23.96 25.00 -23.08
CA PHE I 154 23.09 24.31 -22.12
C PHE I 154 21.68 24.91 -22.20
N PRO I 155 20.65 24.05 -22.07
CA PRO I 155 20.69 22.59 -22.14
C PRO I 155 20.27 22.03 -23.50
N GLU I 156 20.06 20.73 -23.56
CA GLU I 156 19.51 20.07 -24.74
C GLU I 156 18.02 20.40 -24.87
N PRO I 157 17.48 20.41 -26.12
CA PRO I 157 18.10 19.96 -27.36
C PRO I 157 18.59 21.07 -28.28
N VAL I 158 19.29 20.68 -29.34
CA VAL I 158 19.76 21.59 -30.38
C VAL I 158 19.59 20.90 -31.72
N THR I 159 18.97 21.59 -32.67
CA THR I 159 18.71 21.05 -33.99
C THR I 159 19.73 21.61 -34.97
N LEU I 160 20.39 20.71 -35.71
CA LEU I 160 21.38 21.08 -36.70
C LEU I 160 20.85 20.70 -38.09
N THR I 161 20.80 21.68 -38.98
CA THR I 161 20.35 21.46 -40.35
C THR I 161 21.42 21.93 -41.31
N TRP I 162 21.41 21.35 -42.51
CA TRP I 162 22.40 21.64 -43.54
C TRP I 162 21.71 22.29 -44.73
N ASN I 163 22.15 23.50 -45.08
CA ASN I 163 21.57 24.28 -46.18
C ASN I 163 20.05 24.42 -45.99
N SER I 164 19.65 24.79 -44.77
CA SER I 164 18.25 25.01 -44.42
C SER I 164 17.41 23.74 -44.65
N GLY I 165 17.99 22.58 -44.43
CA GLY I 165 17.28 21.32 -44.59
C GLY I 165 17.27 20.78 -46.00
N SER I 166 18.07 21.33 -46.90
CA SER I 166 18.07 20.87 -48.28
C SER I 166 18.86 19.58 -48.44
N LEU I 167 20.10 19.55 -47.95
CA LEU I 167 20.97 18.39 -48.09
C LEU I 167 20.84 17.51 -46.85
N SER I 168 20.36 16.27 -47.05
CA SER I 168 20.27 15.28 -45.99
C SER I 168 21.12 14.05 -46.25
N SER I 169 21.50 13.78 -47.49
CA SER I 169 22.31 12.60 -47.80
C SER I 169 23.72 12.76 -47.26
N GLY I 170 24.25 11.68 -46.70
CA GLY I 170 25.60 11.70 -46.16
C GLY I 170 25.79 12.65 -45.00
N VAL I 171 24.77 12.82 -44.16
CA VAL I 171 24.84 13.71 -43.00
C VAL I 171 24.79 12.84 -41.74
N HIS I 172 25.75 13.05 -40.84
CA HIS I 172 25.86 12.31 -39.60
C HIS I 172 25.88 13.30 -38.45
N THR I 173 24.78 13.41 -37.73
CA THR I 173 24.69 14.30 -36.57
C THR I 173 25.02 13.52 -35.31
N PHE I 174 26.05 14.01 -34.54
CA PHE I 174 26.49 13.21 -33.40
C PHE I 174 25.80 13.67 -32.13
N PRO I 175 25.41 12.73 -31.27
CA PRO I 175 24.71 13.10 -30.03
C PRO I 175 25.62 13.89 -29.10
N ALA I 176 24.99 14.75 -28.30
CA ALA I 176 25.73 15.55 -27.35
C ALA I 176 26.22 14.68 -26.20
N LEU I 177 27.46 14.90 -25.79
CA LEU I 177 28.04 14.29 -24.60
C LEU I 177 28.24 15.42 -23.60
N LEU I 178 27.71 15.26 -22.39
CA LEU I 178 27.63 16.36 -21.42
C LEU I 178 28.91 16.50 -20.59
N GLN I 179 29.55 17.65 -20.66
CA GLN I 179 30.60 17.98 -19.72
C GLN I 179 29.95 18.99 -18.80
N SER I 180 29.95 18.69 -17.49
CA SER I 180 29.02 19.31 -16.54
C SER I 180 28.79 20.77 -16.85
N GLY I 181 27.50 21.07 -17.09
CA GLY I 181 27.01 22.38 -17.44
C GLY I 181 27.15 22.78 -18.89
N LEU I 182 27.65 21.90 -19.76
CA LEU I 182 27.85 22.26 -21.16
C LEU I 182 27.74 20.99 -22.00
N TYR I 183 26.97 21.05 -23.08
CA TYR I 183 26.84 19.96 -24.04
C TYR I 183 27.80 20.20 -25.21
N THR I 184 28.14 19.12 -25.90
CA THR I 184 29.03 19.19 -27.07
C THR I 184 28.48 18.29 -28.18
N LEU I 185 28.17 18.89 -29.33
CA LEU I 185 27.60 18.18 -30.46
C LEU I 185 28.41 18.45 -31.72
N SER I 186 28.46 17.46 -32.60
CA SER I 186 29.20 17.57 -33.86
C SER I 186 28.38 16.97 -34.99
N SER I 187 28.61 17.48 -36.21
CA SER I 187 27.97 16.97 -37.41
C SER I 187 28.99 16.88 -38.54
N SER I 188 28.89 15.80 -39.32
CA SER I 188 29.79 15.56 -40.45
C SER I 188 28.97 15.42 -41.73
N VAL I 189 29.30 16.23 -42.74
CA VAL I 189 28.65 16.18 -44.04
C VAL I 189 29.71 15.87 -45.09
N THR I 190 29.43 14.89 -45.94
CA THR I 190 30.35 14.48 -47.00
C THR I 190 29.69 14.73 -48.36
N VAL I 191 30.42 15.38 -49.26
CA VAL I 191 29.94 15.68 -50.60
C VAL I 191 31.07 15.39 -51.59
N THR I 192 30.69 15.30 -52.86
CA THR I 192 31.68 15.08 -53.92
C THR I 192 32.68 16.22 -53.98
N SER I 193 33.90 15.89 -54.42
CA SER I 193 34.97 16.88 -54.47
C SER I 193 34.62 18.05 -55.36
N ASN I 194 33.87 17.82 -56.44
CA ASN I 194 33.48 18.91 -57.32
C ASN I 194 32.35 19.75 -56.75
N THR I 195 31.52 19.16 -55.88
CA THR I 195 30.31 19.85 -55.43
C THR I 195 30.65 20.95 -54.41
N TRP I 196 31.63 20.70 -53.53
CA TRP I 196 31.81 21.58 -52.39
C TRP I 196 32.40 22.95 -52.77
N PRO I 197 33.56 23.04 -53.43
CA PRO I 197 34.13 24.38 -53.68
C PRO I 197 33.20 25.29 -54.46
N SER I 198 32.62 24.80 -55.57
CA SER I 198 31.78 25.65 -56.40
C SER I 198 30.49 26.04 -55.69
N GLN I 199 29.80 25.07 -55.09
CA GLN I 199 28.50 25.31 -54.46
C GLN I 199 28.67 25.35 -52.95
N THR I 200 28.31 26.48 -52.34
CA THR I 200 28.52 26.68 -50.93
C THR I 200 27.64 25.75 -50.10
N ILE I 201 28.17 25.36 -48.93
CA ILE I 201 27.44 24.55 -47.96
C ILE I 201 27.39 25.34 -46.66
N THR I 202 26.20 25.45 -46.08
CA THR I 202 25.98 26.23 -44.89
C THR I 202 25.44 25.35 -43.77
N CYS I 203 25.95 25.59 -42.56
CA CYS I 203 25.52 24.87 -41.36
C CYS I 203 24.71 25.82 -40.48
N ASN I 204 23.51 25.39 -40.11
CA ASN I 204 22.61 26.20 -39.29
C ASN I 204 22.33 25.48 -37.98
N VAL I 205 22.52 26.18 -36.88
CA VAL I 205 22.31 25.64 -35.54
C VAL I 205 21.27 26.50 -34.84
N ALA I 206 20.27 25.85 -34.24
CA ALA I 206 19.17 26.53 -33.57
C ALA I 206 19.07 26.05 -32.13
N HIS I 207 19.10 26.99 -31.18
CA HIS I 207 18.94 26.67 -29.77
C HIS I 207 17.66 27.31 -29.25
N PRO I 208 16.60 26.53 -28.99
CA PRO I 208 15.34 27.11 -28.53
C PRO I 208 15.29 27.46 -27.05
N ALA I 209 16.35 27.19 -26.28
CA ALA I 209 16.35 27.48 -24.85
C ALA I 209 17.00 28.81 -24.52
N SER I 210 18.06 29.20 -25.24
CA SER I 210 18.71 30.49 -25.06
C SER I 210 18.25 31.53 -26.07
N SER I 211 17.31 31.18 -26.95
CA SER I 211 16.81 32.08 -28.00
C SER I 211 17.95 32.58 -28.87
N THR I 212 18.83 31.66 -29.27
CA THR I 212 19.99 31.96 -30.11
C THR I 212 20.03 30.98 -31.28
N LYS I 213 20.07 31.52 -32.49
CA LYS I 213 20.21 30.73 -33.71
C LYS I 213 21.34 31.33 -34.54
N VAL I 214 22.41 30.55 -34.74
CA VAL I 214 23.60 31.02 -35.44
C VAL I 214 23.76 30.21 -36.72
N ASP I 215 23.95 30.91 -37.82
CA ASP I 215 24.22 30.30 -39.12
C ASP I 215 25.66 30.57 -39.51
N LYS I 216 26.43 29.52 -39.72
CA LYS I 216 27.85 29.62 -40.02
C LYS I 216 28.12 28.98 -41.38
N LYS I 217 28.90 29.67 -42.21
CA LYS I 217 29.26 29.20 -43.54
C LYS I 217 30.67 28.64 -43.51
N ILE I 218 30.82 27.38 -43.91
CA ILE I 218 32.10 26.70 -43.92
C ILE I 218 32.99 27.25 -45.04
N GLU J 1 -41.00 -4.29 3.43
CA GLU J 1 -39.69 -3.71 3.13
C GLU J 1 -39.78 -2.74 1.96
N ILE J 2 -39.91 -3.27 0.74
CA ILE J 2 -40.01 -2.43 -0.45
C ILE J 2 -41.33 -1.69 -0.42
N VAL J 3 -41.27 -0.36 -0.53
CA VAL J 3 -42.47 0.47 -0.60
C VAL J 3 -42.58 1.01 -2.02
N LEU J 4 -43.79 0.91 -2.58
CA LEU J 4 -44.08 1.50 -3.88
C LEU J 4 -44.84 2.79 -3.65
N THR J 5 -44.38 3.87 -4.28
CA THR J 5 -44.95 5.21 -4.08
C THR J 5 -45.38 5.76 -5.43
N GLN J 6 -46.67 6.03 -5.57
CA GLN J 6 -47.24 6.44 -6.84
C GLN J 6 -47.44 7.95 -6.88
N SER J 7 -47.30 8.50 -8.08
CA SER J 7 -47.58 9.92 -8.32
C SER J 7 -48.22 10.06 -9.70
N PRO J 8 -49.31 10.83 -9.77
CA PRO J 8 -49.92 11.50 -8.62
C PRO J 8 -50.81 10.58 -7.79
N THR J 9 -51.27 11.06 -6.63
CA THR J 9 -52.26 10.30 -5.87
C THR J 9 -53.62 10.36 -6.53
N THR J 10 -53.98 11.54 -7.06
CA THR J 10 -55.21 11.71 -7.81
C THR J 10 -54.90 12.56 -9.03
N MET J 11 -55.70 12.38 -10.09
CA MET J 11 -55.53 13.17 -11.29
C MET J 11 -56.83 13.15 -12.08
N ALA J 12 -57.09 14.25 -12.79
CA ALA J 12 -58.28 14.40 -13.61
C ALA J 12 -57.86 14.72 -15.04
N ALA J 13 -58.43 14.01 -16.00
CA ALA J 13 -58.02 14.14 -17.39
C ALA J 13 -59.21 14.02 -18.31
N SER J 14 -59.20 14.83 -19.37
CA SER J 14 -60.23 14.73 -20.40
C SER J 14 -59.86 13.63 -21.39
N PRO J 15 -60.86 12.94 -21.95
CA PRO J 15 -60.56 11.93 -22.96
C PRO J 15 -59.80 12.53 -24.13
N GLY J 16 -58.92 11.72 -24.72
CA GLY J 16 -57.98 12.16 -25.71
C GLY J 16 -56.59 12.43 -25.17
N GLU J 17 -56.47 12.71 -23.88
CA GLU J 17 -55.18 13.00 -23.28
C GLU J 17 -54.35 11.74 -23.12
N LYS J 18 -53.03 11.92 -23.08
CA LYS J 18 -52.11 10.87 -22.71
C LYS J 18 -51.92 10.93 -21.20
N ILE J 19 -52.16 9.82 -20.51
CA ILE J 19 -52.10 9.75 -19.05
C ILE J 19 -50.86 8.95 -18.67
N ILE J 20 -50.08 9.48 -17.73
CA ILE J 20 -48.88 8.81 -17.24
C ILE J 20 -48.98 8.72 -15.72
N ILE J 21 -49.01 7.49 -15.19
CA ILE J 21 -48.96 7.22 -13.76
C ILE J 21 -47.64 6.54 -13.46
N THR J 22 -46.89 7.07 -12.48
CA THR J 22 -45.58 6.52 -12.14
C THR J 22 -45.62 5.73 -10.84
N CYS J 23 -44.71 4.75 -10.73
CA CYS J 23 -44.55 3.93 -9.54
C CYS J 23 -43.06 3.92 -9.21
N SER J 24 -42.70 4.37 -8.00
CA SER J 24 -41.31 4.48 -7.58
C SER J 24 -41.05 3.50 -6.44
N ALA J 25 -40.09 2.60 -6.63
CA ALA J 25 -39.77 1.56 -5.66
C ALA J 25 -38.58 1.95 -4.81
N SER J 26 -38.64 1.61 -3.51
CA SER J 26 -37.55 1.94 -2.61
C SER J 26 -36.30 1.12 -2.86
N SER J 27 -36.41 0.03 -3.62
CA SER J 27 -35.27 -0.82 -3.95
C SER J 27 -35.37 -1.26 -5.40
N SER J 28 -34.22 -1.44 -6.03
CA SER J 28 -34.18 -1.86 -7.43
C SER J 28 -34.77 -3.26 -7.54
N ILE J 29 -35.87 -3.38 -8.27
CA ILE J 29 -36.54 -4.65 -8.47
C ILE J 29 -36.48 -5.02 -9.93
N SER J 30 -36.50 -6.33 -10.20
CA SER J 30 -36.50 -6.80 -11.57
C SER J 30 -37.79 -6.40 -12.25
N SER J 31 -37.70 -6.05 -13.54
CA SER J 31 -38.90 -5.71 -14.30
C SER J 31 -39.86 -6.88 -14.43
N ASN J 32 -39.41 -8.09 -14.13
CA ASN J 32 -40.31 -9.24 -14.17
C ASN J 32 -41.22 -9.30 -12.95
N TYR J 33 -41.07 -8.40 -11.98
CA TYR J 33 -41.81 -8.45 -10.73
C TYR J 33 -42.66 -7.21 -10.45
N LEU J 34 -42.88 -6.36 -11.45
CA LEU J 34 -43.69 -5.15 -11.31
C LEU J 34 -44.96 -5.30 -12.14
N HIS J 35 -46.12 -5.17 -11.50
CA HIS J 35 -47.40 -5.40 -12.13
C HIS J 35 -48.37 -4.30 -11.76
N TRP J 36 -49.31 -4.01 -12.65
CA TRP J 36 -50.32 -2.98 -12.44
C TRP J 36 -51.71 -3.59 -12.36
N TYR J 37 -52.56 -2.97 -11.54
CA TYR J 37 -53.94 -3.38 -11.40
C TYR J 37 -54.87 -2.19 -11.60
N GLN J 38 -56.06 -2.48 -12.11
CA GLN J 38 -57.11 -1.48 -12.32
C GLN J 38 -58.33 -1.87 -11.51
N GLN J 39 -58.81 -0.94 -10.69
CA GLN J 39 -60.00 -1.16 -9.86
C GLN J 39 -61.02 -0.06 -10.18
N LYS J 40 -62.06 -0.41 -10.92
CA LYS J 40 -63.13 0.52 -11.21
C LYS J 40 -63.98 0.71 -9.95
N PRO J 41 -64.68 1.84 -9.84
CA PRO J 41 -65.48 2.10 -8.62
C PRO J 41 -66.48 0.98 -8.35
N GLY J 42 -66.50 0.51 -7.10
CA GLY J 42 -67.41 -0.54 -6.70
C GLY J 42 -67.07 -1.92 -7.19
N CYS J 43 -65.95 -2.09 -7.90
CA CYS J 43 -65.53 -3.38 -8.44
C CYS J 43 -64.30 -3.87 -7.69
N SER J 44 -63.91 -5.10 -8.01
CA SER J 44 -62.71 -5.70 -7.46
C SER J 44 -61.49 -5.28 -8.26
N PRO J 45 -60.31 -5.35 -7.67
CA PRO J 45 -59.08 -5.12 -8.44
C PRO J 45 -58.94 -6.15 -9.56
N LYS J 46 -58.60 -5.66 -10.75
CA LYS J 46 -58.37 -6.52 -11.89
C LYS J 46 -56.95 -6.32 -12.39
N LEU J 47 -56.31 -7.40 -12.81
CA LEU J 47 -54.96 -7.32 -13.34
C LEU J 47 -54.96 -6.56 -14.66
N LEU J 48 -54.07 -5.58 -14.76
CA LEU J 48 -53.97 -4.76 -15.96
C LEU J 48 -52.69 -5.04 -16.73
N ILE J 49 -51.54 -4.91 -16.08
CA ILE J 49 -50.24 -5.16 -16.70
C ILE J 49 -49.43 -6.05 -15.77
N TYR J 50 -48.83 -7.09 -16.32
CA TYR J 50 -47.96 -7.98 -15.55
C TYR J 50 -46.58 -8.03 -16.20
N ARG J 51 -45.55 -8.23 -15.36
CA ARG J 51 -44.16 -8.22 -15.81
C ARG J 51 -43.81 -6.92 -16.54
N THR J 52 -44.24 -5.80 -15.95
CA THR J 52 -43.95 -4.44 -16.39
C THR J 52 -44.64 -4.02 -17.69
N SER J 53 -44.44 -4.75 -18.78
CA SER J 53 -44.99 -4.30 -20.06
C SER J 53 -45.97 -5.26 -20.72
N LYS J 54 -46.29 -6.40 -20.12
CA LYS J 54 -47.19 -7.36 -20.76
C LYS J 54 -48.63 -7.05 -20.42
N LEU J 55 -49.48 -6.97 -21.44
CA LEU J 55 -50.90 -6.66 -21.27
C LEU J 55 -51.66 -7.91 -20.89
N ALA J 56 -52.50 -7.81 -19.88
CA ALA J 56 -53.33 -8.93 -19.49
C ALA J 56 -54.37 -9.22 -20.56
N SER J 57 -54.93 -10.41 -20.52
CA SER J 57 -55.91 -10.82 -21.51
C SER J 57 -57.17 -9.97 -21.37
N GLY J 58 -57.47 -9.23 -22.43
CA GLY J 58 -58.68 -8.43 -22.49
C GLY J 58 -58.53 -6.95 -22.19
N VAL J 59 -57.33 -6.49 -21.87
CA VAL J 59 -57.16 -5.07 -21.57
C VAL J 59 -56.97 -4.32 -22.89
N PRO J 60 -57.43 -3.09 -22.99
CA PRO J 60 -57.28 -2.34 -24.25
C PRO J 60 -55.83 -2.05 -24.57
N ALA J 61 -55.56 -1.88 -25.86
CA ALA J 61 -54.19 -1.67 -26.32
C ALA J 61 -53.62 -0.33 -25.89
N ARG J 62 -54.47 0.65 -25.56
CA ARG J 62 -53.97 1.95 -25.15
C ARG J 62 -53.18 1.89 -23.85
N PHE J 63 -53.39 0.86 -23.04
CA PHE J 63 -52.59 0.67 -21.83
C PHE J 63 -51.22 0.11 -22.20
N SER J 64 -50.19 0.69 -21.59
CA SER J 64 -48.83 0.24 -21.81
C SER J 64 -48.05 0.43 -20.51
N GLY J 65 -47.08 -0.44 -20.30
CA GLY J 65 -46.21 -0.35 -19.14
C GLY J 65 -44.76 -0.19 -19.53
N SER J 66 -43.95 0.38 -18.65
CA SER J 66 -42.56 0.63 -18.95
C SER J 66 -41.80 0.82 -17.64
N GLY J 67 -40.48 0.82 -17.74
CA GLY J 67 -39.65 1.09 -16.58
C GLY J 67 -38.67 -0.03 -16.30
N SER J 68 -37.75 0.27 -15.39
CA SER J 68 -36.74 -0.65 -14.92
C SER J 68 -36.19 -0.11 -13.61
N GLY J 69 -35.46 -0.95 -12.91
CA GLY J 69 -34.85 -0.49 -11.67
C GLY J 69 -35.90 -0.12 -10.64
N THR J 70 -35.87 1.15 -10.23
CA THR J 70 -36.78 1.69 -9.21
C THR J 70 -37.87 2.59 -9.77
N SER J 71 -37.98 2.72 -11.09
CA SER J 71 -38.93 3.65 -11.69
C SER J 71 -39.75 2.94 -12.75
N TYR J 72 -41.07 2.89 -12.55
CA TYR J 72 -41.99 2.25 -13.49
C TYR J 72 -43.18 3.17 -13.71
N SER J 73 -43.77 3.10 -14.90
CA SER J 73 -44.85 4.00 -15.28
C SER J 73 -45.90 3.27 -16.11
N LEU J 74 -47.16 3.59 -15.85
CA LEU J 74 -48.31 3.10 -16.61
C LEU J 74 -48.83 4.24 -17.49
N THR J 75 -48.96 3.99 -18.79
CA THR J 75 -49.27 5.02 -19.77
C THR J 75 -50.51 4.64 -20.57
N ILE J 76 -51.44 5.58 -20.68
CA ILE J 76 -52.64 5.43 -21.50
C ILE J 76 -52.48 6.35 -22.71
N GLY J 77 -52.54 5.76 -23.91
CA GLY J 77 -52.33 6.50 -25.14
C GLY J 77 -53.29 7.66 -25.32
N THR J 78 -54.57 7.32 -25.46
CA THR J 78 -55.64 8.30 -25.47
C THR J 78 -56.68 7.80 -24.48
N MET J 79 -56.90 8.56 -23.41
CA MET J 79 -57.82 8.11 -22.37
C MET J 79 -59.25 8.08 -22.89
N GLU J 80 -60.01 7.12 -22.36
CA GLU J 80 -61.42 6.98 -22.62
C GLU J 80 -62.18 7.08 -21.30
N ALA J 81 -63.48 7.38 -21.40
CA ALA J 81 -64.29 7.57 -20.20
C ALA J 81 -64.35 6.30 -19.35
N GLU J 82 -64.22 5.13 -19.98
CA GLU J 82 -64.20 3.88 -19.25
C GLU J 82 -63.01 3.78 -18.31
N ASP J 83 -61.90 4.43 -18.67
CA ASP J 83 -60.64 4.31 -17.94
C ASP J 83 -60.70 4.87 -16.53
N VAL J 84 -61.75 5.63 -16.19
CA VAL J 84 -61.91 6.23 -14.87
C VAL J 84 -61.92 5.13 -13.82
N ALA J 85 -60.86 5.07 -13.02
CA ALA J 85 -60.68 4.01 -12.03
C ALA J 85 -59.47 4.36 -11.18
N THR J 86 -59.19 3.51 -10.20
CA THR J 86 -58.00 3.66 -9.37
C THR J 86 -57.00 2.56 -9.75
N TYR J 87 -55.75 2.95 -10.00
CA TYR J 87 -54.71 2.04 -10.45
C TYR J 87 -53.67 1.83 -9.37
N TYR J 88 -53.28 0.58 -9.15
CA TYR J 88 -52.27 0.21 -8.17
C TYR J 88 -51.15 -0.55 -8.85
N CYS J 89 -49.92 -0.24 -8.47
CA CYS J 89 -48.75 -1.04 -8.87
C CYS J 89 -48.39 -1.96 -7.72
N GLN J 90 -47.99 -3.18 -8.05
CA GLN J 90 -47.66 -4.18 -7.05
C GLN J 90 -46.34 -4.84 -7.41
N GLN J 91 -45.56 -5.17 -6.39
CA GLN J 91 -44.24 -5.76 -6.52
C GLN J 91 -44.19 -7.15 -5.93
N GLY J 92 -43.53 -8.07 -6.64
CA GLY J 92 -43.40 -9.43 -6.16
C GLY J 92 -41.97 -9.86 -5.86
N SER J 93 -41.01 -8.92 -5.90
CA SER J 93 -39.61 -9.30 -5.70
C SER J 93 -39.33 -9.78 -4.27
N SER J 94 -39.87 -9.09 -3.27
CA SER J 94 -39.79 -9.44 -1.87
C SER J 94 -41.19 -9.71 -1.32
N ILE J 95 -41.43 -9.37 -0.06
CA ILE J 95 -42.80 -9.48 0.45
C ILE J 95 -43.70 -8.54 -0.35
N TYR J 96 -44.86 -9.05 -0.72
CA TYR J 96 -45.77 -8.35 -1.61
C TYR J 96 -46.14 -6.99 -1.04
N THR J 97 -46.20 -6.00 -1.94
CA THR J 97 -46.49 -4.62 -1.59
C THR J 97 -47.28 -3.97 -2.72
N PHE J 98 -48.25 -3.14 -2.35
CA PHE J 98 -49.05 -2.42 -3.30
C PHE J 98 -48.65 -0.96 -3.27
N GLY J 99 -49.19 -0.19 -4.22
CA GLY J 99 -48.69 1.13 -4.49
C GLY J 99 -49.34 2.24 -3.72
N GLY J 100 -50.59 2.05 -3.29
CA GLY J 100 -51.33 3.10 -2.60
C GLY J 100 -52.39 3.74 -3.46
N GLY J 101 -52.29 3.61 -4.78
CA GLY J 101 -53.36 3.96 -5.68
C GLY J 101 -53.12 5.29 -6.38
N THR J 102 -53.79 5.43 -7.51
CA THR J 102 -53.86 6.69 -8.25
C THR J 102 -55.26 6.76 -8.85
N LYS J 103 -56.08 7.68 -8.34
CA LYS J 103 -57.46 7.81 -8.78
C LYS J 103 -57.53 8.70 -10.00
N LEU J 104 -58.18 8.21 -11.04
CA LEU J 104 -58.35 8.91 -12.30
C LEU J 104 -59.79 9.38 -12.43
N GLU J 105 -59.98 10.67 -12.71
CA GLU J 105 -61.30 11.27 -12.81
C GLU J 105 -61.42 11.98 -14.16
N ILE J 106 -62.66 12.43 -14.44
CA ILE J 106 -63.01 13.15 -15.65
C ILE J 106 -62.79 14.65 -15.41
N LYS J 107 -62.50 15.38 -16.48
CA LYS J 107 -62.27 16.81 -16.40
C LYS J 107 -63.58 17.56 -16.57
N ARG J 108 -63.93 18.35 -15.56
CA ARG J 108 -65.17 19.10 -15.55
C ARG J 108 -64.90 20.60 -15.43
N GLU K 1 -62.99 -20.46 -17.83
CA GLU K 1 -62.29 -19.45 -17.03
C GLU K 1 -62.37 -19.79 -15.54
N VAL K 2 -61.30 -19.50 -14.82
CA VAL K 2 -61.25 -19.78 -13.39
C VAL K 2 -61.90 -18.63 -12.64
N GLN K 3 -62.77 -18.97 -11.69
CA GLN K 3 -63.50 -17.99 -10.91
C GLN K 3 -63.30 -18.25 -9.44
N LEU K 4 -63.58 -17.23 -8.63
CA LEU K 4 -63.45 -17.32 -7.18
C LEU K 4 -64.74 -16.82 -6.56
N GLN K 5 -65.38 -17.66 -5.76
CA GLN K 5 -66.63 -17.32 -5.10
C GLN K 5 -66.35 -17.16 -3.61
N GLN K 6 -66.60 -15.97 -3.09
CA GLN K 6 -66.34 -15.63 -1.71
C GLN K 6 -67.63 -15.67 -0.90
N SER K 7 -67.47 -15.63 0.43
CA SER K 7 -68.62 -15.61 1.31
C SER K 7 -69.30 -14.24 1.29
N GLY K 8 -70.53 -14.21 1.80
CA GLY K 8 -71.27 -12.98 1.87
C GLY K 8 -70.75 -12.06 2.97
N PRO K 9 -71.36 -10.88 3.07
CA PRO K 9 -70.94 -9.93 4.11
C PRO K 9 -71.16 -10.50 5.50
N GLU K 10 -70.20 -10.25 6.38
CA GLU K 10 -70.25 -10.75 7.75
C GLU K 10 -70.37 -9.59 8.73
N LEU K 11 -71.21 -9.78 9.74
CA LEU K 11 -71.39 -8.79 10.80
C LEU K 11 -70.93 -9.41 12.10
N VAL K 12 -69.92 -8.81 12.73
CA VAL K 12 -69.31 -9.37 13.94
C VAL K 12 -69.06 -8.23 14.93
N LYS K 13 -69.32 -8.50 16.21
CA LYS K 13 -69.05 -7.53 17.27
C LYS K 13 -67.57 -7.50 17.59
N PRO K 14 -67.07 -6.39 18.13
CA PRO K 14 -65.64 -6.30 18.43
C PRO K 14 -65.21 -7.34 19.46
N GLY K 15 -63.97 -7.81 19.31
CA GLY K 15 -63.41 -8.84 20.17
C GLY K 15 -63.70 -10.27 19.75
N ALA K 16 -64.70 -10.48 18.89
CA ALA K 16 -65.06 -11.82 18.44
C ALA K 16 -64.19 -12.21 17.24
N SER K 17 -64.56 -13.29 16.56
CA SER K 17 -63.77 -13.81 15.45
C SER K 17 -64.69 -14.17 14.29
N MET K 18 -64.25 -13.86 13.07
CA MET K 18 -64.98 -14.19 11.85
C MET K 18 -64.11 -15.09 10.98
N LYS K 19 -64.77 -15.92 10.18
CA LYS K 19 -64.10 -16.85 9.26
C LYS K 19 -64.68 -16.68 7.87
N ILE K 20 -63.82 -16.35 6.91
CA ILE K 20 -64.22 -16.11 5.53
C ILE K 20 -63.76 -17.27 4.67
N SER K 21 -64.54 -17.57 3.64
CA SER K 21 -64.25 -18.68 2.73
C SER K 21 -64.06 -18.16 1.31
N CYS K 22 -63.27 -18.91 0.54
CA CYS K 22 -62.96 -18.60 -0.85
C CYS K 22 -62.89 -19.92 -1.61
N LYS K 23 -63.76 -20.10 -2.61
CA LYS K 23 -63.87 -21.35 -3.36
C LYS K 23 -63.43 -21.13 -4.80
N ALA K 24 -62.57 -22.02 -5.30
CA ALA K 24 -62.01 -21.91 -6.64
C ALA K 24 -62.74 -22.84 -7.61
N SER K 25 -63.00 -22.34 -8.81
CA SER K 25 -63.77 -23.07 -9.80
C SER K 25 -63.13 -22.90 -11.18
N GLY K 26 -63.26 -23.94 -12.01
CA GLY K 26 -62.83 -23.87 -13.39
C GLY K 26 -61.33 -23.92 -13.62
N TYR K 27 -60.54 -24.27 -12.60
CA TYR K 27 -59.10 -24.30 -12.76
C TYR K 27 -58.66 -25.54 -13.53
N SER K 28 -57.52 -25.41 -14.22
CA SER K 28 -56.98 -26.51 -15.01
C SER K 28 -55.93 -27.32 -14.25
N PHE K 29 -55.19 -26.71 -13.35
CA PHE K 29 -54.23 -27.41 -12.50
C PHE K 29 -54.46 -27.00 -11.05
N THR K 30 -53.86 -27.76 -10.14
CA THR K 30 -54.08 -27.55 -8.71
C THR K 30 -52.96 -26.74 -8.05
N GLY K 31 -51.90 -26.40 -8.78
CA GLY K 31 -50.75 -25.74 -8.22
C GLY K 31 -50.85 -24.24 -8.05
N TYR K 32 -52.06 -23.66 -8.15
CA TYR K 32 -52.22 -22.25 -7.90
C TYR K 32 -52.17 -21.96 -6.40
N THR K 33 -51.66 -20.78 -6.05
CA THR K 33 -51.48 -20.39 -4.66
C THR K 33 -52.54 -19.36 -4.29
N MET K 34 -53.17 -19.57 -3.13
CA MET K 34 -54.26 -18.70 -2.66
C MET K 34 -53.69 -17.56 -1.82
N ASN K 35 -54.15 -16.34 -2.09
CA ASN K 35 -53.75 -15.16 -1.33
C ASN K 35 -54.98 -14.45 -0.78
N TRP K 36 -54.74 -13.52 0.13
CA TRP K 36 -55.80 -12.69 0.72
C TRP K 36 -55.30 -11.26 0.82
N VAL K 37 -56.13 -10.32 0.40
CA VAL K 37 -55.79 -8.91 0.35
C VAL K 37 -56.82 -8.11 1.13
N LYS K 38 -56.35 -7.12 1.88
CA LYS K 38 -57.18 -6.24 2.68
C LYS K 38 -57.16 -4.84 2.08
N GLN K 39 -58.35 -4.30 1.78
CA GLN K 39 -58.48 -2.94 1.27
C GLN K 39 -59.30 -2.16 2.29
N SER K 40 -58.61 -1.43 3.18
CA SER K 40 -59.32 -0.68 4.20
C SER K 40 -59.79 0.66 3.64
N HIS K 41 -60.69 1.31 4.39
CA HIS K 41 -61.20 2.64 4.05
C HIS K 41 -61.62 2.76 2.58
N LYS K 43 -58.45 3.59 0.59
CA LYS K 43 -58.57 2.34 -0.16
C LYS K 43 -57.20 1.69 -0.40
N ASN K 44 -56.38 1.65 0.65
CA ASN K 44 -55.05 1.05 0.55
C ASN K 44 -55.11 -0.47 0.63
N LEU K 45 -54.38 -1.12 -0.28
CA LEU K 45 -54.34 -2.58 -0.38
C LEU K 45 -53.17 -3.14 0.40
N GLU K 46 -53.42 -4.17 1.21
CA GLU K 46 -52.39 -4.84 1.99
C GLU K 46 -52.52 -6.34 1.79
N TRP K 47 -51.40 -7.01 1.55
CA TRP K 47 -51.39 -8.45 1.34
C TRP K 47 -51.27 -9.14 2.68
N ILE K 48 -52.19 -10.06 2.96
CA ILE K 48 -52.29 -10.68 4.28
C ILE K 48 -51.47 -11.96 4.36
N GLY K 49 -51.71 -12.90 3.46
CA GLY K 49 -51.01 -14.18 3.54
C GLY K 49 -51.18 -14.96 2.26
N LEU K 50 -50.46 -16.09 2.21
CA LEU K 50 -50.50 -16.97 1.04
C LEU K 50 -50.61 -18.42 1.51
N ILE K 51 -51.25 -19.24 0.68
CA ILE K 51 -51.33 -20.68 0.89
C ILE K 51 -50.83 -21.36 -0.38
N ASN K 52 -49.91 -22.32 -0.21
CA ASN K 52 -49.34 -23.04 -1.34
C ASN K 52 -49.59 -24.53 -1.15
N PRO K 53 -50.12 -25.24 -2.15
CA PRO K 53 -50.47 -26.65 -1.94
C PRO K 53 -49.28 -27.57 -1.71
N TYR K 54 -48.08 -27.18 -2.11
CA TYR K 54 -46.91 -28.03 -1.92
C TYR K 54 -46.00 -27.57 -0.79
N ASN K 55 -46.16 -26.35 -0.30
CA ASN K 55 -45.38 -25.89 0.83
C ASN K 55 -45.83 -26.52 2.14
N ASP K 56 -47.04 -27.06 2.18
CA ASP K 56 -47.61 -27.66 3.39
C ASP K 56 -47.73 -26.66 4.55
N GLY K 57 -47.62 -25.37 4.27
CA GLY K 57 -47.76 -24.37 5.31
C GLY K 57 -48.06 -22.97 4.78
N PRO K 58 -48.70 -22.17 5.62
CA PRO K 58 -49.06 -20.80 5.24
C PRO K 58 -47.97 -19.76 5.50
N SER K 59 -47.83 -18.84 4.55
CA SER K 59 -46.95 -17.68 4.69
C SER K 59 -47.80 -16.47 5.04
N TYR K 60 -47.37 -15.70 6.05
CA TYR K 60 -48.11 -14.55 6.53
C TYR K 60 -47.29 -13.29 6.37
N ASN K 61 -47.98 -12.15 6.29
CA ASN K 61 -47.35 -10.86 6.46
C ASN K 61 -47.09 -10.64 7.95
N GLN K 62 -45.94 -10.05 8.27
CA GLN K 62 -45.58 -9.85 9.67
C GLN K 62 -46.60 -8.97 10.39
N ASN K 63 -47.22 -8.03 9.68
CA ASN K 63 -48.21 -7.17 10.31
C ASN K 63 -49.47 -7.94 10.68
N PHE K 64 -49.82 -8.97 9.92
CA PHE K 64 -51.02 -9.75 10.14
C PHE K 64 -50.76 -11.04 10.91
N LYS K 65 -49.54 -11.23 11.40
CA LYS K 65 -49.24 -12.41 12.20
C LYS K 65 -50.06 -12.38 13.48
N GLY K 66 -50.85 -13.43 13.70
CA GLY K 66 -51.74 -13.50 14.83
C GLY K 66 -53.10 -12.86 14.62
N LYS K 67 -53.19 -11.87 13.74
CA LYS K 67 -54.48 -11.28 13.40
C LYS K 67 -55.25 -12.13 12.40
N ALA K 68 -54.57 -13.00 11.66
CA ALA K 68 -55.22 -13.86 10.68
C ALA K 68 -54.52 -15.21 10.66
N THR K 69 -55.31 -16.25 10.41
CA THR K 69 -54.80 -17.61 10.27
C THR K 69 -55.42 -18.24 9.04
N LEU K 70 -54.58 -18.73 8.13
CA LEU K 70 -55.01 -19.25 6.85
C LEU K 70 -55.17 -20.76 6.92
N THR K 71 -56.26 -21.27 6.33
CA THR K 71 -56.54 -22.69 6.26
C THR K 71 -57.15 -23.01 4.91
N VAL K 72 -57.10 -24.29 4.54
CA VAL K 72 -57.60 -24.75 3.25
C VAL K 72 -58.19 -26.14 3.42
N ASP K 73 -59.37 -26.35 2.84
CA ASP K 73 -60.02 -27.66 2.79
C ASP K 73 -59.85 -28.19 1.37
N LYS K 74 -58.82 -29.02 1.17
CA LYS K 74 -58.47 -29.48 -0.17
C LYS K 74 -59.54 -30.38 -0.78
N SER K 75 -60.32 -31.08 0.05
CA SER K 75 -61.37 -31.92 -0.48
C SER K 75 -62.46 -31.10 -1.16
N SER K 76 -62.77 -29.93 -0.62
CA SER K 76 -63.77 -29.04 -1.18
C SER K 76 -63.16 -27.92 -2.03
N SER K 77 -61.84 -27.84 -2.13
CA SER K 77 -61.16 -26.82 -2.94
C SER K 77 -61.54 -25.41 -2.50
N THR K 78 -61.68 -25.21 -1.19
CA THR K 78 -62.06 -23.92 -0.62
C THR K 78 -61.01 -23.49 0.39
N ALA K 79 -60.68 -22.22 0.38
CA ALA K 79 -59.70 -21.65 1.30
C ALA K 79 -60.41 -20.83 2.37
N TYR K 80 -59.82 -20.80 3.57
CA TYR K 80 -60.41 -20.14 4.71
C TYR K 80 -59.42 -19.17 5.33
N MET K 81 -59.96 -18.08 5.89
CA MET K 81 -59.19 -17.10 6.62
C MET K 81 -59.98 -16.64 7.83
N GLU K 82 -59.41 -16.82 9.03
CA GLU K 82 -60.05 -16.42 10.27
C GLU K 82 -59.36 -15.19 10.85
N LEU K 83 -60.14 -14.17 11.18
CA LEU K 83 -59.64 -12.94 11.80
C LEU K 83 -59.99 -12.95 13.28
N LEU K 84 -58.99 -12.67 14.12
CA LEU K 84 -59.11 -12.80 15.56
C LEU K 84 -59.09 -11.42 16.22
N SER K 85 -59.91 -11.27 17.26
CA SER K 85 -59.99 -10.05 18.06
C SER K 85 -60.23 -8.82 17.19
N LEU K 86 -61.36 -8.84 16.50
CA LEU K 86 -61.68 -7.79 15.54
C LEU K 86 -61.86 -6.45 16.25
N THR K 87 -61.32 -5.40 15.64
CA THR K 87 -61.41 -4.04 16.15
C THR K 87 -62.07 -3.15 15.10
N SER K 88 -62.07 -1.84 15.37
CA SER K 88 -62.65 -0.89 14.43
C SER K 88 -61.83 -0.75 13.16
N GLU K 89 -60.50 -0.84 13.27
CA GLU K 89 -59.63 -0.72 12.11
C GLU K 89 -59.62 -1.95 11.22
N ASP K 90 -60.24 -3.05 11.64
CA ASP K 90 -60.31 -4.25 10.82
C ASP K 90 -61.56 -4.29 9.95
N SER K 91 -62.39 -3.25 9.99
CA SER K 91 -63.58 -3.17 9.16
C SER K 91 -63.18 -2.74 7.76
N ALA K 92 -63.22 -3.67 6.81
CA ALA K 92 -62.75 -3.40 5.47
C ALA K 92 -63.32 -4.46 4.52
N VAL K 93 -62.89 -4.39 3.27
CA VAL K 93 -63.24 -5.37 2.25
C VAL K 93 -62.07 -6.32 2.09
N TYR K 94 -62.33 -7.62 2.16
CA TYR K 94 -61.29 -8.65 2.12
C TYR K 94 -61.44 -9.42 0.82
N TYR K 95 -60.44 -9.29 -0.04
CA TYR K 95 -60.39 -10.00 -1.30
C TYR K 95 -59.54 -11.26 -1.16
N CYS K 96 -59.93 -12.30 -1.89
CA CYS K 96 -59.05 -13.44 -2.12
C CYS K 96 -58.66 -13.43 -3.59
N ALA K 97 -57.37 -13.59 -3.85
CA ALA K 97 -56.84 -13.67 -5.19
C ALA K 97 -55.83 -14.80 -5.23
N ILE K 98 -55.68 -15.43 -6.39
CA ILE K 98 -54.76 -16.54 -6.52
C ILE K 98 -53.68 -16.19 -7.52
N HIS K 99 -52.57 -16.91 -7.42
CA HIS K 99 -51.52 -16.88 -8.41
C HIS K 99 -51.81 -18.07 -9.31
N TYR K 100 -52.39 -17.81 -10.48
CA TYR K 100 -52.78 -18.85 -11.42
C TYR K 100 -51.81 -18.81 -12.59
N TYR K 101 -51.96 -17.84 -13.49
CA TYR K 101 -50.99 -17.65 -14.57
C TYR K 101 -49.73 -16.94 -14.08
N GLY K 102 -49.83 -16.21 -12.96
CA GLY K 102 -48.70 -15.47 -12.44
C GLY K 102 -47.99 -16.13 -11.26
N ILE K 103 -47.74 -17.44 -11.34
CA ILE K 103 -47.14 -18.15 -10.22
C ILE K 103 -45.70 -17.71 -9.96
N SER K 104 -44.89 -17.49 -11.01
CA SER K 104 -43.47 -17.27 -10.76
C SER K 104 -43.07 -15.80 -10.62
N TYR K 105 -43.82 -14.90 -11.23
CA TYR K 105 -43.59 -13.47 -11.10
C TYR K 105 -44.53 -12.83 -10.10
N TRP K 106 -45.43 -13.62 -9.52
CA TRP K 106 -46.20 -13.26 -8.34
C TRP K 106 -47.12 -12.05 -8.60
N TYR K 107 -47.93 -12.16 -9.65
CA TYR K 107 -49.01 -11.21 -9.89
C TYR K 107 -50.33 -11.94 -9.77
N PHE K 108 -51.30 -11.28 -9.12
CA PHE K 108 -52.62 -11.86 -8.91
C PHE K 108 -53.46 -11.64 -10.16
N ASP K 109 -53.66 -12.69 -10.95
CA ASP K 109 -54.32 -12.55 -12.23
C ASP K 109 -55.82 -12.79 -12.19
N VAL K 110 -56.36 -13.31 -11.08
CA VAL K 110 -57.80 -13.50 -10.97
C VAL K 110 -58.22 -13.26 -9.52
N TRP K 111 -59.22 -12.39 -9.34
CA TRP K 111 -59.62 -11.89 -8.04
C TRP K 111 -61.02 -12.32 -7.67
N GLY K 112 -61.29 -12.33 -6.37
CA GLY K 112 -62.62 -12.62 -5.87
C GLY K 112 -63.47 -11.38 -5.77
N ALA K 113 -64.77 -11.61 -5.50
CA ALA K 113 -65.72 -10.51 -5.46
C ALA K 113 -65.49 -9.60 -4.26
N GLY K 114 -64.89 -10.13 -3.19
CA GLY K 114 -64.65 -9.36 -1.98
C GLY K 114 -65.69 -9.64 -0.93
N THR K 115 -65.29 -9.69 0.34
CA THR K 115 -66.22 -9.85 1.45
C THR K 115 -66.04 -8.65 2.35
N THR K 116 -67.05 -7.79 2.38
CA THR K 116 -67.01 -6.59 3.21
C THR K 116 -67.37 -6.96 4.64
N VAL K 117 -66.51 -6.58 5.58
CA VAL K 117 -66.70 -6.90 7.00
C VAL K 117 -66.89 -5.60 7.77
N THR K 118 -67.93 -5.57 8.60
CA THR K 118 -68.24 -4.41 9.44
C THR K 118 -68.18 -4.85 10.89
N VAL K 119 -67.39 -4.13 11.69
CA VAL K 119 -67.22 -4.42 13.11
C VAL K 119 -67.79 -3.25 13.89
N SER K 120 -68.80 -3.53 14.71
CA SER K 120 -69.45 -2.50 15.50
C SER K 120 -70.10 -3.15 16.71
N SER K 121 -70.11 -2.41 17.82
CA SER K 121 -70.73 -2.90 19.04
C SER K 121 -72.23 -2.65 19.09
N ALA K 122 -72.76 -1.80 18.20
CA ALA K 122 -74.16 -1.44 18.26
C ALA K 122 -75.05 -2.59 17.81
N LYS K 123 -76.21 -2.71 18.43
CA LYS K 123 -77.20 -3.72 18.08
C LYS K 123 -78.23 -3.15 17.10
N GLU L 1 -18.11 40.91 8.44
CA GLU L 1 -17.93 39.46 8.41
C GLU L 1 -18.47 38.84 9.69
N ILE L 2 -17.75 39.06 10.79
CA ILE L 2 -18.16 38.52 12.09
C ILE L 2 -19.43 39.23 12.53
N VAL L 3 -20.48 38.46 12.81
CA VAL L 3 -21.75 38.98 13.30
C VAL L 3 -21.90 38.60 14.77
N LEU L 4 -22.20 39.58 15.60
CA LEU L 4 -22.46 39.35 17.01
C LEU L 4 -23.96 39.40 17.26
N THR L 5 -24.48 38.40 17.97
CA THR L 5 -25.90 38.27 18.25
C THR L 5 -26.13 38.22 19.75
N GLN L 6 -26.90 39.17 20.26
CA GLN L 6 -27.12 39.29 21.70
C GLN L 6 -28.48 38.72 22.08
N SER L 7 -28.53 38.11 23.27
CA SER L 7 -29.79 37.58 23.80
C SER L 7 -29.83 37.76 25.31
N PRO L 8 -30.97 38.25 25.82
CA PRO L 8 -32.12 38.65 25.01
C PRO L 8 -31.97 40.01 24.37
N THR L 9 -32.90 40.37 23.50
CA THR L 9 -32.90 41.70 22.91
C THR L 9 -33.31 42.75 23.94
N THR L 10 -34.26 42.40 24.79
CA THR L 10 -34.71 43.26 25.88
C THR L 10 -34.86 42.41 27.13
N MET L 11 -34.77 43.06 28.29
CA MET L 11 -34.84 42.34 29.55
C MET L 11 -35.32 43.28 30.66
N ALA L 12 -36.15 42.74 31.56
CA ALA L 12 -36.66 43.46 32.71
C ALA L 12 -36.38 42.66 33.97
N ALA L 13 -35.75 43.30 34.96
CA ALA L 13 -35.33 42.59 36.16
C ALA L 13 -35.44 43.52 37.36
N SER L 14 -35.80 42.93 38.50
CA SER L 14 -35.83 43.68 39.75
C SER L 14 -34.42 43.76 40.34
N PRO L 15 -34.10 44.86 41.04
CA PRO L 15 -32.79 44.95 41.69
C PRO L 15 -32.60 43.81 42.68
N GLY L 16 -31.36 43.34 42.78
CA GLY L 16 -31.03 42.15 43.52
C GLY L 16 -30.87 40.93 42.66
N GLU L 17 -31.46 40.92 41.46
CA GLU L 17 -31.37 39.78 40.57
C GLU L 17 -29.99 39.69 39.94
N LYS L 18 -29.60 38.47 39.58
CA LYS L 18 -28.40 38.23 38.78
C LYS L 18 -28.79 38.26 37.32
N ILE L 19 -28.16 39.14 36.54
CA ILE L 19 -28.49 39.36 35.14
C ILE L 19 -27.36 38.79 34.30
N ILE L 20 -27.71 37.99 33.28
CA ILE L 20 -26.74 37.43 32.35
C ILE L 20 -27.18 37.80 30.94
N ILE L 21 -26.34 38.54 30.24
CA ILE L 21 -26.54 38.88 28.83
C ILE L 21 -25.49 38.13 28.03
N THR L 22 -25.92 37.45 26.97
CA THR L 22 -24.99 36.65 26.16
C THR L 22 -24.69 37.34 24.84
N CYS L 23 -23.52 37.03 24.30
CA CYS L 23 -23.06 37.51 23.00
C CYS L 23 -22.60 36.32 22.20
N SER L 24 -23.19 36.14 21.02
CA SER L 24 -22.90 35.00 20.16
C SER L 24 -22.18 35.50 18.91
N ALA L 25 -20.96 35.02 18.70
CA ALA L 25 -20.15 35.42 17.56
C ALA L 25 -20.25 34.35 16.47
N SER L 26 -20.29 34.80 15.20
CA SER L 26 -20.37 33.87 14.10
C SER L 26 -19.08 33.12 13.85
N SER L 27 -17.96 33.59 14.41
CA SER L 27 -16.67 32.94 14.23
C SER L 27 -15.92 32.97 15.56
N SER L 28 -15.11 31.95 15.77
CA SER L 28 -14.32 31.86 17.00
C SER L 28 -13.31 32.99 17.05
N ILE L 29 -13.47 33.89 18.02
CA ILE L 29 -12.57 35.02 18.18
C ILE L 29 -11.84 34.87 19.50
N SER L 30 -10.63 35.41 19.55
CA SER L 30 -9.87 35.41 20.79
C SER L 30 -10.56 36.24 21.84
N SER L 31 -10.48 35.80 23.10
CA SER L 31 -11.07 36.56 24.19
C SER L 31 -10.43 37.93 24.36
N ASN L 32 -9.27 38.18 23.76
CA ASN L 32 -8.65 39.50 23.84
C ASN L 32 -9.33 40.53 22.95
N TYR L 33 -10.31 40.12 22.15
CA TYR L 33 -10.94 41.01 21.18
C TYR L 33 -12.45 41.15 21.41
N LEU L 34 -12.96 40.72 22.56
CA LEU L 34 -14.38 40.82 22.88
C LEU L 34 -14.56 41.80 24.03
N HIS L 35 -15.34 42.85 23.78
CA HIS L 35 -15.51 43.93 24.75
C HIS L 35 -16.98 44.31 24.83
N TRP L 36 -17.40 44.76 26.02
CA TRP L 36 -18.77 45.18 26.26
C TRP L 36 -18.81 46.67 26.55
N TYR L 37 -19.91 47.31 26.13
CA TYR L 37 -20.14 48.73 26.38
C TYR L 37 -21.49 48.91 27.04
N GLN L 38 -21.59 49.94 27.87
CA GLN L 38 -22.84 50.29 28.55
C GLN L 38 -23.25 51.68 28.12
N GLN L 39 -24.47 51.82 27.63
CA GLN L 39 -25.01 53.10 27.19
C GLN L 39 -26.28 53.39 27.98
N LYS L 40 -26.17 54.29 28.95
CA LYS L 40 -27.33 54.72 29.70
C LYS L 40 -28.19 55.65 28.84
N PRO L 41 -29.48 55.75 29.13
CA PRO L 41 -30.36 56.61 28.32
C PRO L 41 -29.86 58.05 28.30
N GLY L 42 -29.81 58.65 27.11
CA GLY L 42 -29.37 60.02 26.94
C GLY L 42 -27.87 60.23 27.05
N CYS L 43 -27.09 59.18 27.27
CA CYS L 43 -25.64 59.29 27.37
C CYS L 43 -24.99 58.62 26.16
N SER L 44 -23.70 58.83 26.03
CA SER L 44 -22.94 58.17 24.99
C SER L 44 -22.49 56.79 25.47
N PRO L 45 -22.21 55.87 24.55
CA PRO L 45 -21.69 54.56 24.97
C PRO L 45 -20.39 54.71 25.73
N LYS L 46 -20.26 53.96 26.81
CA LYS L 46 -19.06 53.94 27.64
C LYS L 46 -18.52 52.52 27.72
N LEU L 47 -17.19 52.41 27.76
CA LEU L 47 -16.55 51.09 27.88
C LEU L 47 -16.87 50.47 29.24
N LEU L 48 -17.31 49.21 29.22
CA LEU L 48 -17.63 48.48 30.43
C LEU L 48 -16.64 47.37 30.71
N ILE L 49 -16.45 46.45 29.77
CA ILE L 49 -15.52 45.34 29.90
C ILE L 49 -14.70 45.27 28.62
N TYR L 50 -13.39 45.13 28.78
CA TYR L 50 -12.49 44.94 27.64
C TYR L 50 -11.71 43.65 27.84
N ARG L 51 -11.35 43.01 26.72
CA ARG L 51 -10.65 41.72 26.74
C ARG L 51 -11.44 40.68 27.53
N THR L 52 -12.75 40.64 27.28
CA THR L 52 -13.70 39.67 27.84
C THR L 52 -13.98 39.84 29.33
N SER L 53 -12.97 39.80 30.20
CA SER L 53 -13.22 39.84 31.64
C SER L 53 -12.58 40.99 32.40
N LYS L 54 -11.90 41.92 31.73
CA LYS L 54 -11.22 43.01 32.43
C LYS L 54 -12.17 44.19 32.60
N LEU L 55 -12.26 44.70 33.83
CA LEU L 55 -13.18 45.79 34.15
C LEU L 55 -12.56 47.13 33.78
N ALA L 56 -13.34 47.98 33.11
CA ALA L 56 -12.87 49.30 32.75
C ALA L 56 -12.71 50.18 33.99
N SER L 57 -11.97 51.27 33.83
CA SER L 57 -11.68 52.16 34.94
C SER L 57 -12.96 52.80 35.45
N GLY L 58 -13.34 52.48 36.69
CA GLY L 58 -14.46 53.12 37.34
C GLY L 58 -15.77 52.35 37.31
N VAL L 59 -15.82 51.18 36.68
CA VAL L 59 -17.08 50.44 36.61
C VAL L 59 -17.25 49.67 37.91
N PRO L 60 -18.48 49.50 38.39
CA PRO L 60 -18.68 48.79 39.66
C PRO L 60 -18.30 47.32 39.56
N ALA L 61 -17.95 46.75 40.71
CA ALA L 61 -17.44 45.38 40.77
C ALA L 61 -18.49 44.33 40.42
N ARG L 62 -19.78 44.66 40.52
CA ARG L 62 -20.82 43.67 40.22
C ARG L 62 -20.81 43.24 38.76
N PHE L 63 -20.25 44.05 37.87
CA PHE L 63 -20.10 43.65 36.48
C PHE L 63 -18.93 42.70 36.32
N SER L 64 -19.13 41.66 35.53
CA SER L 64 -18.08 40.72 35.20
C SER L 64 -18.35 40.17 33.80
N GLY L 65 -17.28 39.85 33.09
CA GLY L 65 -17.42 39.29 31.76
C GLY L 65 -16.81 37.91 31.67
N SER L 66 -17.27 37.11 30.71
CA SER L 66 -16.79 35.75 30.59
C SER L 66 -17.06 35.25 29.18
N GLY L 67 -16.47 34.11 28.85
CA GLY L 67 -16.70 33.48 27.57
C GLY L 67 -15.42 33.23 26.81
N SER L 68 -15.57 32.45 25.74
CA SER L 68 -14.49 32.10 24.83
C SER L 68 -15.12 31.58 23.55
N GLY L 69 -14.29 31.44 22.52
CA GLY L 69 -14.78 30.90 21.26
C GLY L 69 -15.83 31.81 20.65
N THR L 70 -17.02 31.27 20.43
CA THR L 70 -18.13 32.00 19.83
C THR L 70 -19.18 32.44 20.84
N SER L 71 -18.95 32.20 22.14
CA SER L 71 -19.96 32.47 23.16
C SER L 71 -19.36 33.33 24.27
N TYR L 72 -19.95 34.50 24.49
CA TYR L 72 -19.51 35.43 25.51
C TYR L 72 -20.70 35.93 26.31
N SER L 73 -20.44 36.35 27.55
CA SER L 73 -21.53 36.71 28.47
C SER L 73 -21.15 37.90 29.34
N LEU L 74 -22.13 38.78 29.54
CA LEU L 74 -22.03 39.89 30.49
C LEU L 74 -22.93 39.58 31.68
N THR L 75 -22.35 39.64 32.88
CA THR L 75 -23.03 39.18 34.09
C THR L 75 -23.02 40.29 35.14
N ILE L 76 -24.20 40.59 35.69
CA ILE L 76 -24.33 41.52 36.80
C ILE L 76 -24.65 40.71 38.05
N GLY L 77 -23.80 40.84 39.08
CA GLY L 77 -23.94 40.06 40.28
C GLY L 77 -25.28 40.25 40.97
N THR L 78 -25.52 41.47 41.46
CA THR L 78 -26.82 41.87 41.97
C THR L 78 -27.16 43.19 41.29
N MET L 79 -28.23 43.20 40.50
CA MET L 79 -28.57 44.38 39.73
C MET L 79 -28.97 45.53 40.65
N GLU L 80 -28.69 46.74 40.20
CA GLU L 80 -29.09 47.97 40.87
C GLU L 80 -29.90 48.82 39.90
N ALA L 81 -30.65 49.77 40.45
CA ALA L 81 -31.52 50.62 39.63
C ALA L 81 -30.70 51.45 38.64
N GLU L 82 -29.45 51.76 38.98
CA GLU L 82 -28.58 52.49 38.07
C GLU L 82 -28.30 51.71 36.79
N ASP L 83 -28.29 50.38 36.90
CA ASP L 83 -27.89 49.51 35.80
C ASP L 83 -28.80 49.60 34.59
N VAL L 84 -29.97 50.24 34.72
CA VAL L 84 -30.90 50.35 33.61
C VAL L 84 -30.21 51.07 32.47
N ALA L 85 -29.93 50.33 31.40
CA ALA L 85 -29.19 50.85 30.26
C ALA L 85 -29.24 49.79 29.16
N THR L 86 -28.66 50.13 28.01
CA THR L 86 -28.50 49.19 26.91
C THR L 86 -27.03 48.78 26.83
N TYR L 87 -26.79 47.47 26.71
CA TYR L 87 -25.45 46.92 26.70
C TYR L 87 -25.12 46.35 25.33
N TYR L 88 -23.92 46.65 24.83
CA TYR L 88 -23.46 46.18 23.53
C TYR L 88 -22.16 45.40 23.69
N CYS L 89 -22.05 44.28 22.97
CA CYS L 89 -20.78 43.57 22.84
C CYS L 89 -20.18 43.91 21.48
N GLN L 90 -18.86 44.07 21.45
CA GLN L 90 -18.15 44.47 20.25
C GLN L 90 -16.92 43.59 20.09
N GLN L 91 -16.59 43.28 18.83
CA GLN L 91 -15.45 42.44 18.49
C GLN L 91 -14.44 43.25 17.68
N GLY L 92 -13.16 43.04 17.98
CA GLY L 92 -12.09 43.71 17.28
C GLY L 92 -11.15 42.78 16.56
N SER L 93 -11.52 41.50 16.44
CA SER L 93 -10.65 40.54 15.76
C SER L 93 -10.58 40.83 14.27
N SER L 94 -11.72 41.08 13.64
CA SER L 94 -11.72 41.42 12.22
C SER L 94 -12.27 42.82 12.03
N ILE L 95 -13.03 43.03 10.94
CA ILE L 95 -13.72 44.29 10.75
C ILE L 95 -14.64 44.52 11.93
N TYR L 96 -14.58 45.73 12.50
CA TYR L 96 -15.30 46.03 13.73
C TYR L 96 -16.80 45.82 13.57
N THR L 97 -17.41 45.16 14.57
CA THR L 97 -18.83 44.85 14.56
C THR L 97 -19.37 44.93 15.98
N PHE L 98 -20.59 45.44 16.10
CA PHE L 98 -21.31 45.54 17.37
C PHE L 98 -22.42 44.52 17.42
N GLY L 99 -23.05 44.42 18.60
CA GLY L 99 -23.96 43.35 18.89
C GLY L 99 -25.44 43.56 18.60
N GLY L 100 -25.89 44.82 18.59
CA GLY L 100 -27.29 45.10 18.41
C GLY L 100 -28.00 45.55 19.67
N GLY L 101 -27.41 45.32 20.83
CA GLY L 101 -27.89 45.91 22.06
C GLY L 101 -28.72 44.94 22.88
N THR L 102 -28.78 45.21 24.19
CA THR L 102 -29.67 44.52 25.11
C THR L 102 -30.13 45.54 26.15
N LYS L 103 -31.41 45.91 26.11
CA LYS L 103 -31.95 46.91 27.02
C LYS L 103 -32.35 46.25 28.33
N LEU L 104 -31.86 46.80 29.44
CA LEU L 104 -32.17 46.30 30.77
C LEU L 104 -33.09 47.29 31.46
N GLU L 105 -34.23 46.80 31.97
CA GLU L 105 -35.22 47.65 32.61
C GLU L 105 -35.62 47.06 33.96
N ILE L 106 -36.38 47.86 34.74
CA ILE L 106 -36.87 47.42 36.04
C ILE L 106 -38.21 46.71 35.85
N LYS L 107 -38.42 45.69 36.66
CA LYS L 107 -39.65 44.90 36.64
C LYS L 107 -40.59 45.38 37.74
N GLU M 1 -7.53 63.52 32.65
CA GLU M 1 -8.30 62.59 31.83
C GLU M 1 -8.43 63.08 30.39
N VAL M 2 -8.37 62.15 29.45
CA VAL M 2 -8.49 62.48 28.03
C VAL M 2 -9.97 62.57 27.66
N GLN M 3 -10.33 63.64 26.95
CA GLN M 3 -11.72 63.90 26.58
C GLN M 3 -11.83 64.20 25.09
N LEU M 4 -13.05 64.11 24.58
CA LEU M 4 -13.36 64.38 23.18
C LEU M 4 -14.55 65.33 23.07
N GLN M 5 -14.37 66.44 22.38
CA GLN M 5 -15.41 67.43 22.16
C GLN M 5 -15.81 67.42 20.69
N GLN M 6 -17.07 67.14 20.41
CA GLN M 6 -17.57 67.05 19.05
C GLN M 6 -18.31 68.32 18.65
N SER M 7 -18.64 68.41 17.37
CA SER M 7 -19.39 69.55 16.86
C SER M 7 -20.84 69.49 17.32
N GLY M 8 -21.51 70.63 17.23
CA GLY M 8 -22.90 70.73 17.60
C GLY M 8 -23.82 70.12 16.55
N PRO M 9 -25.12 70.10 16.86
CA PRO M 9 -26.09 69.53 15.91
C PRO M 9 -26.14 70.33 14.63
N GLU M 10 -26.16 69.62 13.50
CA GLU M 10 -26.19 70.23 12.18
C GLU M 10 -27.45 69.77 11.42
N LEU M 11 -28.04 70.71 10.67
CA LEU M 11 -29.20 70.46 9.84
C LEU M 11 -28.80 70.59 8.37
N VAL M 12 -29.06 69.55 7.58
CA VAL M 12 -28.62 69.50 6.19
C VAL M 12 -29.76 69.01 5.32
N LYS M 13 -29.90 69.63 4.14
CA LYS M 13 -30.88 69.20 3.16
C LYS M 13 -30.37 67.97 2.40
N PRO M 14 -31.28 67.16 1.85
CA PRO M 14 -30.84 65.95 1.15
C PRO M 14 -29.98 66.28 -0.06
N GLY M 15 -29.02 65.41 -0.33
CA GLY M 15 -28.09 65.61 -1.42
C GLY M 15 -26.89 66.49 -1.09
N ALA M 16 -26.95 67.24 0.00
CA ALA M 16 -25.87 68.13 0.40
C ALA M 16 -24.83 67.36 1.21
N SER M 17 -23.91 68.09 1.84
CA SER M 17 -22.83 67.49 2.59
C SER M 17 -22.64 68.22 3.91
N MET M 18 -22.39 67.45 4.97
CA MET M 18 -22.12 67.99 6.29
C MET M 18 -20.73 67.51 6.73
N LYS M 19 -20.08 68.31 7.58
CA LYS M 19 -18.75 67.99 8.09
C LYS M 19 -18.78 68.08 9.61
N ILE M 20 -18.45 66.99 10.28
CA ILE M 20 -18.45 66.88 11.73
C ILE M 20 -17.00 66.89 12.20
N SER M 21 -16.76 67.51 13.36
CA SER M 21 -15.40 67.62 13.90
C SER M 21 -15.30 66.94 15.26
N CYS M 22 -14.09 66.49 15.58
CA CYS M 22 -13.79 65.81 16.83
C CYS M 22 -12.41 66.25 17.28
N LYS M 23 -12.32 66.90 18.44
CA LYS M 23 -11.05 67.43 18.95
C LYS M 23 -10.67 66.68 20.22
N ALA M 24 -9.40 66.25 20.29
CA ALA M 24 -8.91 65.45 21.41
C ALA M 24 -8.14 66.31 22.40
N SER M 25 -8.36 66.07 23.68
CA SER M 25 -7.76 66.87 24.74
C SER M 25 -7.26 65.97 25.87
N GLY M 26 -6.18 66.40 26.51
CA GLY M 26 -5.66 65.75 27.70
C GLY M 26 -4.92 64.45 27.48
N TYR M 27 -4.59 64.11 26.25
CA TYR M 27 -3.92 62.86 25.95
C TYR M 27 -2.44 62.92 26.33
N SER M 28 -1.89 61.76 26.67
CA SER M 28 -0.49 61.66 27.07
C SER M 28 0.43 61.30 25.91
N PHE M 29 -0.08 60.57 24.91
CA PHE M 29 0.69 60.24 23.72
C PHE M 29 -0.15 60.58 22.49
N THR M 30 0.52 60.62 21.33
CA THR M 30 -0.12 61.06 20.10
C THR M 30 -0.55 59.92 19.17
N GLY M 31 -0.21 58.68 19.50
CA GLY M 31 -0.50 57.59 18.60
C GLY M 31 -1.88 56.97 18.70
N TYR M 32 -2.84 57.63 19.36
CA TYR M 32 -4.19 57.10 19.44
C TYR M 32 -4.88 57.21 18.09
N THR M 33 -5.79 56.27 17.82
CA THR M 33 -6.48 56.22 16.55
C THR M 33 -7.91 56.72 16.72
N MET M 34 -8.33 57.63 15.86
CA MET M 34 -9.68 58.20 15.92
C MET M 34 -10.61 57.35 15.09
N ASN M 35 -11.77 57.03 15.64
CA ASN M 35 -12.79 56.25 14.96
C ASN M 35 -14.07 57.04 14.91
N TRP M 36 -15.02 56.57 14.11
CA TRP M 36 -16.33 57.19 14.01
C TRP M 36 -17.40 56.12 13.97
N VAL M 37 -18.44 56.30 14.79
CA VAL M 37 -19.50 55.33 14.94
C VAL M 37 -20.84 56.03 14.72
N LYS M 38 -21.74 55.38 14.01
CA LYS M 38 -23.06 55.91 13.71
C LYS M 38 -24.11 55.08 14.45
N GLN M 39 -24.97 55.77 15.21
CA GLN M 39 -26.05 55.13 15.95
C GLN M 39 -27.39 55.61 15.38
N SER M 40 -28.07 54.71 14.68
CA SER M 40 -29.32 55.04 14.01
C SER M 40 -30.48 55.15 15.00
N HIS M 41 -31.61 55.62 14.48
CA HIS M 41 -32.83 55.72 15.28
C HIS M 41 -33.11 54.43 16.05
N GLY M 42 -32.93 53.28 15.41
CA GLY M 42 -32.98 52.00 16.08
C GLY M 42 -31.87 51.71 17.08
N LYS M 43 -31.02 52.71 17.37
CA LYS M 43 -29.88 52.58 18.28
C LYS M 43 -28.97 51.40 17.92
N ASN M 44 -28.82 51.14 16.63
CA ASN M 44 -27.87 50.15 16.14
C ASN M 44 -26.52 50.82 15.94
N LEU M 45 -25.46 50.17 16.42
CA LEU M 45 -24.12 50.74 16.33
C LEU M 45 -23.42 50.18 15.09
N GLU M 46 -22.85 51.08 14.29
CA GLU M 46 -22.13 50.71 13.08
C GLU M 46 -20.82 51.49 13.04
N TRP M 47 -19.72 50.79 12.75
CA TRP M 47 -18.40 51.41 12.68
C TRP M 47 -18.11 51.89 11.26
N ILE M 48 -17.73 53.16 11.12
CA ILE M 48 -17.50 53.73 9.79
C ILE M 48 -16.04 53.68 9.38
N GLY M 49 -15.15 54.26 10.19
CA GLY M 49 -13.77 54.33 9.78
C GLY M 49 -12.83 54.70 10.91
N LEU M 50 -11.54 54.59 10.60
CA LEU M 50 -10.47 54.87 11.56
C LEU M 50 -9.36 55.67 10.86
N ILE M 51 -8.65 56.46 11.65
CA ILE M 51 -7.45 57.18 11.20
C ILE M 51 -6.34 56.92 12.20
N ASN M 52 -5.17 56.55 11.71
CA ASN M 52 -4.01 56.29 12.55
C ASN M 52 -2.87 57.21 12.14
N PRO M 53 -2.16 57.83 13.09
CA PRO M 53 -1.13 58.81 12.71
C PRO M 53 0.05 58.20 11.98
N TYR M 54 0.30 56.90 12.14
CA TYR M 54 1.43 56.25 11.50
C TYR M 54 1.04 55.39 10.31
N ASN M 55 -0.24 55.07 10.15
CA ASN M 55 -0.70 54.25 9.03
C ASN M 55 -0.65 55.05 7.74
N ASP M 56 -0.75 54.33 6.62
CA ASP M 56 -0.58 54.97 5.31
C ASP M 56 -1.80 55.80 4.92
N GLY M 57 -2.99 55.40 5.37
CA GLY M 57 -4.21 56.08 4.99
C GLY M 57 -5.37 55.72 5.90
N PRO M 58 -6.46 56.48 5.81
CA PRO M 58 -7.63 56.16 6.64
C PRO M 58 -8.31 54.90 6.11
N SER M 59 -8.72 54.04 7.03
CA SER M 59 -9.40 52.80 6.71
C SER M 59 -10.91 52.98 6.86
N TYR M 60 -11.66 52.49 5.87
CA TYR M 60 -13.10 52.68 5.83
C TYR M 60 -13.81 51.34 5.89
N ASN M 61 -15.04 51.36 6.38
CA ASN M 61 -15.93 50.22 6.24
C ASN M 61 -16.47 50.18 4.82
N GLN M 62 -16.64 48.97 4.28
CA GLN M 62 -17.13 48.82 2.92
C GLN M 62 -18.51 49.45 2.74
N ASN M 63 -19.31 49.47 3.80
CA ASN M 63 -20.66 50.04 3.71
C ASN M 63 -20.61 51.56 3.51
N PHE M 64 -19.64 52.23 4.12
CA PHE M 64 -19.57 53.67 4.08
C PHE M 64 -18.53 54.20 3.09
N LYS M 65 -17.91 53.32 2.30
CA LYS M 65 -16.96 53.76 1.30
C LYS M 65 -17.66 54.63 0.27
N GLY M 66 -17.18 55.86 0.11
CA GLY M 66 -17.82 56.84 -0.73
C GLY M 66 -18.88 57.66 -0.01
N LYS M 67 -19.49 57.12 1.04
CA LYS M 67 -20.45 57.89 1.82
C LYS M 67 -19.80 58.81 2.85
N ALA M 68 -18.58 58.51 3.28
CA ALA M 68 -17.88 59.35 4.24
C ALA M 68 -16.39 59.33 3.94
N THR M 69 -15.73 60.46 4.22
CA THR M 69 -14.28 60.59 4.06
C THR M 69 -13.71 61.19 5.33
N LEU M 70 -12.73 60.51 5.92
CA LEU M 70 -12.15 60.90 7.19
C LEU M 70 -10.86 61.70 6.96
N THR M 71 -10.70 62.77 7.72
CA THR M 71 -9.53 63.64 7.64
C THR M 71 -9.13 64.07 9.04
N VAL M 72 -7.90 64.56 9.17
CA VAL M 72 -7.35 64.95 10.46
C VAL M 72 -6.48 66.19 10.28
N ASP M 73 -6.66 67.17 11.15
CA ASP M 73 -5.84 68.37 11.21
C ASP M 73 -4.92 68.24 12.42
N LYS M 74 -3.70 67.75 12.19
CA LYS M 74 -2.78 67.45 13.28
C LYS M 74 -2.29 68.72 13.99
N SER M 75 -2.23 69.85 13.28
CA SER M 75 -1.79 71.09 13.90
C SER M 75 -2.77 71.54 14.98
N SER M 76 -4.06 71.35 14.75
CA SER M 76 -5.09 71.70 15.73
C SER M 76 -5.56 70.51 16.55
N SER M 77 -5.02 69.31 16.30
CA SER M 77 -5.37 68.11 17.07
C SER M 77 -6.86 67.81 17.00
N THR M 78 -7.46 68.02 15.82
CA THR M 78 -8.88 67.80 15.62
C THR M 78 -9.08 66.86 14.44
N ALA M 79 -10.06 65.96 14.56
CA ALA M 79 -10.40 65.02 13.51
C ALA M 79 -11.71 65.44 12.84
N TYR M 80 -11.83 65.11 11.56
CA TYR M 80 -12.98 65.51 10.77
C TYR M 80 -13.56 64.30 10.04
N MET M 81 -14.88 64.35 9.84
CA MET M 81 -15.60 63.38 9.03
C MET M 81 -16.61 64.12 8.18
N GLU M 82 -16.50 63.98 6.86
CA GLU M 82 -17.41 64.62 5.92
C GLU M 82 -18.32 63.57 5.33
N LEU M 83 -19.62 63.83 5.36
CA LEU M 83 -20.63 62.93 4.82
C LEU M 83 -21.15 63.50 3.52
N LEU M 84 -21.22 62.67 2.48
CA LEU M 84 -21.53 63.12 1.12
C LEU M 84 -22.91 62.66 0.69
N SER M 85 -23.65 63.57 0.03
CA SER M 85 -24.96 63.30 -0.56
C SER M 85 -25.91 62.67 0.47
N LEU M 86 -26.18 63.44 1.52
CA LEU M 86 -26.94 62.93 2.65
C LEU M 86 -28.37 62.58 2.26
N THR M 87 -28.87 61.49 2.81
CA THR M 87 -30.25 61.04 2.58
C THR M 87 -30.97 60.94 3.92
N SER M 88 -32.20 60.43 3.86
CA SER M 88 -32.97 60.25 5.10
C SER M 88 -32.41 59.11 5.94
N GLU M 89 -31.85 58.08 5.30
CA GLU M 89 -31.27 56.98 6.04
C GLU M 89 -29.97 57.36 6.73
N ASP M 90 -29.43 58.55 6.44
CA ASP M 90 -28.22 59.05 7.07
C ASP M 90 -28.50 59.94 8.29
N SER M 91 -29.78 60.12 8.65
CA SER M 91 -30.15 60.93 9.80
C SER M 91 -29.96 60.12 11.08
N ALA M 92 -28.92 60.42 11.85
CA ALA M 92 -28.59 59.64 13.03
C ALA M 92 -27.67 60.45 13.93
N VAL M 93 -27.20 59.81 15.00
CA VAL M 93 -26.22 60.39 15.92
C VAL M 93 -24.86 59.79 15.61
N TYR M 94 -23.85 60.65 15.43
CA TYR M 94 -22.54 60.23 15.01
C TYR M 94 -21.52 60.45 16.12
N TYR M 95 -20.93 59.37 16.62
CA TYR M 95 -19.93 59.42 17.66
C TYR M 95 -18.52 59.32 17.07
N CYS M 96 -17.58 59.98 17.72
CA CYS M 96 -16.16 59.72 17.52
C CYS M 96 -15.64 59.06 18.78
N ALA M 97 -14.89 57.98 18.60
CA ALA M 97 -14.26 57.27 19.70
C ALA M 97 -12.82 56.99 19.31
N ILE M 98 -11.95 56.94 20.31
CA ILE M 98 -10.54 56.75 20.05
C ILE M 98 -10.08 55.41 20.64
N HIS M 99 -9.03 54.88 20.06
CA HIS M 99 -8.33 53.73 20.62
C HIS M 99 -7.18 54.36 21.39
N TYR M 100 -7.34 54.44 22.72
CA TYR M 100 -6.33 55.11 23.52
C TYR M 100 -5.54 54.08 24.31
N TYR M 101 -6.12 53.59 25.40
CA TYR M 101 -5.49 52.51 26.15
C TYR M 101 -5.70 51.19 25.42
N GLY M 102 -6.72 51.12 24.55
CA GLY M 102 -7.06 49.90 23.83
C GLY M 102 -6.50 49.88 22.41
N ILE M 103 -5.25 50.32 22.27
CA ILE M 103 -4.64 50.42 20.96
C ILE M 103 -4.41 49.04 20.33
N SER M 104 -4.13 48.00 21.12
CA SER M 104 -3.83 46.73 20.47
C SER M 104 -5.01 45.77 20.38
N TYR M 105 -5.96 45.82 21.30
CA TYR M 105 -7.11 44.92 21.30
C TYR M 105 -8.38 45.57 20.75
N TRP M 106 -8.30 46.84 20.34
CA TRP M 106 -9.36 47.49 19.56
C TRP M 106 -10.66 47.66 20.36
N TYR M 107 -10.54 48.21 21.56
CA TYR M 107 -11.71 48.63 22.32
C TYR M 107 -11.68 50.15 22.48
N PHE M 108 -12.83 50.78 22.25
CA PHE M 108 -12.94 52.23 22.34
C PHE M 108 -13.11 52.61 23.79
N ASP M 109 -12.06 53.14 24.40
CA ASP M 109 -12.08 53.46 25.82
C ASP M 109 -12.45 54.90 26.12
N VAL M 110 -12.54 55.76 25.11
CA VAL M 110 -12.92 57.16 25.31
C VAL M 110 -13.85 57.59 24.18
N TRP M 111 -15.04 58.06 24.54
CA TRP M 111 -16.10 58.38 23.58
C TRP M 111 -16.44 59.86 23.62
N GLY M 112 -16.97 60.35 22.51
CA GLY M 112 -17.47 61.70 22.44
C GLY M 112 -18.94 61.78 22.81
N ALA M 113 -19.42 63.03 22.94
CA ALA M 113 -20.81 63.24 23.31
C ALA M 113 -21.77 62.85 22.20
N GLY M 114 -21.32 62.90 20.95
CA GLY M 114 -22.19 62.60 19.83
C GLY M 114 -22.68 63.85 19.13
N THR M 115 -22.85 63.75 17.83
CA THR M 115 -23.35 64.85 17.00
C THR M 115 -24.63 64.40 16.32
N THR M 116 -25.75 65.04 16.67
CA THR M 116 -27.04 64.72 16.07
C THR M 116 -27.14 65.39 14.71
N VAL M 117 -27.37 64.59 13.68
CA VAL M 117 -27.49 65.09 12.31
C VAL M 117 -28.90 64.81 11.81
N THR M 118 -29.55 65.84 11.27
CA THR M 118 -30.90 65.75 10.73
C THR M 118 -30.89 66.09 9.26
N VAL M 119 -31.43 65.20 8.43
CA VAL M 119 -31.50 65.42 6.99
C VAL M 119 -32.95 65.54 6.53
N GLU N 1 -5.30 -2.45 39.42
CA GLU N 1 -4.60 -2.81 38.20
C GLU N 1 -5.58 -2.97 37.05
N VAL N 2 -5.11 -2.75 35.82
CA VAL N 2 -5.94 -2.87 34.62
C VAL N 2 -5.71 -4.25 34.01
N GLN N 3 -6.80 -4.99 33.81
CA GLN N 3 -6.75 -6.34 33.24
C GLN N 3 -7.54 -6.39 31.95
N LEU N 4 -7.14 -7.30 31.06
CA LEU N 4 -7.84 -7.53 29.80
C LEU N 4 -8.22 -9.01 29.73
N GLN N 5 -9.52 -9.28 29.59
CA GLN N 5 -10.03 -10.63 29.51
C GLN N 5 -10.46 -10.92 28.07
N GLN N 6 -9.81 -11.89 27.45
CA GLN N 6 -10.10 -12.29 26.09
C GLN N 6 -10.97 -13.54 26.09
N SER N 7 -11.69 -13.72 24.99
CA SER N 7 -12.53 -14.90 24.85
C SER N 7 -11.67 -16.15 24.68
N GLY N 8 -12.28 -17.30 24.97
CA GLY N 8 -11.56 -18.55 24.97
C GLY N 8 -11.17 -19.01 23.59
N PRO N 9 -10.50 -20.16 23.51
CA PRO N 9 -10.04 -20.67 22.21
C PRO N 9 -11.20 -21.03 21.32
N GLU N 10 -10.99 -20.87 20.02
CA GLU N 10 -12.03 -21.15 19.04
C GLU N 10 -11.48 -21.97 17.89
N LEU N 11 -12.23 -23.00 17.50
CA LEU N 11 -11.97 -23.79 16.30
C LEU N 11 -13.02 -23.44 15.26
N VAL N 12 -12.58 -22.93 14.12
CA VAL N 12 -13.47 -22.45 13.07
C VAL N 12 -13.14 -23.17 11.78
N LYS N 13 -14.19 -23.54 11.03
CA LYS N 13 -13.95 -24.19 9.76
C LYS N 13 -13.48 -23.17 8.73
N PRO N 14 -12.68 -23.58 7.76
CA PRO N 14 -12.17 -22.63 6.76
C PRO N 14 -13.30 -21.95 6.01
N GLY N 15 -13.09 -20.67 5.70
CA GLY N 15 -14.07 -19.87 5.00
C GLY N 15 -15.11 -19.18 5.87
N ALA N 16 -15.26 -19.62 7.11
CA ALA N 16 -16.20 -19.02 8.04
C ALA N 16 -15.58 -17.77 8.68
N SER N 17 -16.31 -17.18 9.61
CA SER N 17 -15.89 -15.98 10.31
C SER N 17 -15.96 -16.20 11.81
N MET N 18 -14.99 -15.65 12.53
CA MET N 18 -14.96 -15.77 13.99
C MET N 18 -14.88 -14.38 14.61
N LYS N 19 -15.51 -14.22 15.77
CA LYS N 19 -15.50 -12.98 16.53
C LYS N 19 -14.82 -13.22 17.87
N ILE N 20 -13.84 -12.38 18.19
CA ILE N 20 -13.10 -12.44 19.45
C ILE N 20 -13.48 -11.24 20.29
N SER N 21 -13.55 -11.43 21.61
CA SER N 21 -13.91 -10.36 22.52
C SER N 21 -12.74 -10.03 23.45
N CYS N 22 -12.74 -8.80 23.96
CA CYS N 22 -11.72 -8.34 24.89
C CYS N 22 -12.40 -7.37 25.86
N LYS N 23 -12.48 -7.75 27.12
CA LYS N 23 -13.17 -6.97 28.14
C LYS N 23 -12.15 -6.34 29.09
N ALA N 24 -12.22 -5.01 29.23
CA ALA N 24 -11.27 -4.26 30.03
C ALA N 24 -11.84 -3.98 31.41
N SER N 25 -11.04 -4.22 32.44
CA SER N 25 -11.44 -4.01 33.83
C SER N 25 -10.35 -3.26 34.57
N GLY N 26 -10.77 -2.45 35.54
CA GLY N 26 -9.83 -1.77 36.41
C GLY N 26 -9.24 -0.48 35.88
N TYR N 27 -9.80 0.07 34.80
CA TYR N 27 -9.26 1.29 34.22
C TYR N 27 -9.75 2.51 34.99
N SER N 28 -8.88 3.53 35.04
CA SER N 28 -9.23 4.78 35.71
C SER N 28 -9.86 5.80 34.79
N PHE N 29 -9.61 5.73 33.48
CA PHE N 29 -10.20 6.63 32.51
C PHE N 29 -10.66 5.82 31.31
N THR N 30 -11.42 6.48 30.43
CA THR N 30 -11.97 5.81 29.24
C THR N 30 -11.21 6.14 27.96
N GLY N 31 -10.19 6.99 28.03
CA GLY N 31 -9.50 7.44 26.84
C GLY N 31 -8.50 6.49 26.23
N TYR N 32 -8.29 5.31 26.82
CA TYR N 32 -7.34 4.36 26.25
C TYR N 32 -7.84 3.83 24.92
N THR N 33 -6.91 3.41 24.06
CA THR N 33 -7.25 2.88 22.75
C THR N 33 -6.93 1.39 22.70
N MET N 34 -7.79 0.63 22.01
CA MET N 34 -7.66 -0.82 21.93
C MET N 34 -6.96 -1.22 20.65
N ASN N 35 -6.03 -2.16 20.76
CA ASN N 35 -5.30 -2.68 19.61
C ASN N 35 -5.44 -4.19 19.56
N TRP N 36 -5.18 -4.76 18.39
CA TRP N 36 -5.17 -6.21 18.20
C TRP N 36 -3.90 -6.59 17.47
N VAL N 37 -3.18 -7.56 18.02
CA VAL N 37 -1.90 -8.01 17.50
C VAL N 37 -1.99 -9.50 17.18
N LYS N 38 -1.46 -9.87 16.03
CA LYS N 38 -1.46 -11.26 15.58
C LYS N 38 -0.06 -11.82 15.72
N GLN N 39 0.06 -12.91 16.47
CA GLN N 39 1.32 -13.64 16.59
C GLN N 39 1.13 -14.99 15.92
N SER N 40 1.78 -15.19 14.78
CA SER N 40 1.68 -16.46 14.10
C SER N 40 2.45 -17.51 14.89
N HIS N 41 2.37 -18.76 14.45
CA HIS N 41 3.08 -19.82 15.15
C HIS N 41 4.59 -19.69 15.04
N GLY N 42 5.08 -18.83 14.16
CA GLY N 42 6.50 -18.54 14.03
C GLY N 42 6.96 -17.44 14.95
N LYS N 43 6.08 -16.96 15.83
CA LYS N 43 6.38 -15.93 16.82
C LYS N 43 6.77 -14.61 16.16
N ASN N 44 5.98 -14.21 15.17
CA ASN N 44 6.11 -12.92 14.50
C ASN N 44 4.91 -12.07 14.90
N LEU N 45 5.18 -10.88 15.45
CA LEU N 45 4.12 -9.99 15.91
C LEU N 45 3.71 -9.05 14.79
N GLU N 46 2.41 -8.97 14.54
CA GLU N 46 1.85 -8.10 13.51
C GLU N 46 0.73 -7.27 14.13
N TRP N 47 0.77 -5.97 13.90
CA TRP N 47 -0.29 -5.09 14.40
C TRP N 47 -1.45 -5.08 13.41
N ILE N 48 -2.66 -5.34 13.90
CA ILE N 48 -3.84 -5.49 13.06
C ILE N 48 -4.56 -4.15 12.93
N GLY N 49 -4.95 -3.58 14.06
CA GLY N 49 -5.66 -2.31 14.01
C GLY N 49 -5.90 -1.76 15.40
N LEU N 50 -6.39 -0.53 15.43
CA LEU N 50 -6.72 0.14 16.68
C LEU N 50 -8.08 0.81 16.58
N ILE N 51 -8.69 1.03 17.75
CA ILE N 51 -9.92 1.81 17.88
C ILE N 51 -9.69 2.87 18.94
N ASN N 52 -9.94 4.13 18.57
CA ASN N 52 -9.82 5.26 19.49
C ASN N 52 -11.21 5.76 19.82
N PRO N 53 -11.59 5.85 21.09
CA PRO N 53 -12.99 6.22 21.41
C PRO N 53 -13.38 7.59 20.90
N TYR N 54 -12.42 8.51 20.77
CA TYR N 54 -12.73 9.84 20.24
C TYR N 54 -12.66 9.91 18.72
N ASN N 55 -11.84 9.07 18.09
CA ASN N 55 -11.87 8.94 16.64
C ASN N 55 -13.15 8.23 16.22
N ASP N 56 -13.68 8.62 15.06
CA ASP N 56 -14.94 8.03 14.62
C ASP N 56 -14.77 6.74 13.81
N GLY N 57 -13.55 6.36 13.45
CA GLY N 57 -13.34 5.15 12.69
C GLY N 57 -12.13 4.36 13.11
N PRO N 58 -12.25 3.03 13.15
CA PRO N 58 -11.09 2.20 13.49
C PRO N 58 -10.03 2.30 12.40
N SER N 59 -8.77 2.24 12.82
CA SER N 59 -7.63 2.26 11.93
C SER N 59 -7.09 0.85 11.76
N TYR N 60 -6.79 0.48 10.51
CA TYR N 60 -6.37 -0.87 10.19
C TYR N 60 -5.00 -0.88 9.55
N ASN N 61 -4.31 -2.00 9.70
CA ASN N 61 -3.14 -2.31 8.90
C ASN N 61 -3.60 -2.70 7.50
N GLN N 62 -2.90 -2.18 6.48
CA GLN N 62 -3.32 -2.43 5.11
C GLN N 62 -3.35 -3.93 4.80
N ASN N 63 -2.42 -4.69 5.38
CA ASN N 63 -2.41 -6.13 5.12
C ASN N 63 -3.60 -6.85 5.76
N PHE N 64 -4.26 -6.25 6.75
CA PHE N 64 -5.40 -6.86 7.38
C PHE N 64 -6.72 -6.22 6.96
N LYS N 65 -6.67 -5.21 6.09
CA LYS N 65 -7.89 -4.55 5.64
C LYS N 65 -8.73 -5.53 4.83
N GLY N 66 -9.97 -5.73 5.28
CA GLY N 66 -10.83 -6.72 4.69
C GLY N 66 -10.79 -8.08 5.37
N LYS N 67 -9.72 -8.36 6.11
CA LYS N 67 -9.65 -9.60 6.87
C LYS N 67 -10.24 -9.44 8.27
N ALA N 68 -10.04 -8.28 8.89
CA ALA N 68 -10.53 -8.03 10.25
C ALA N 68 -11.36 -6.76 10.27
N THR N 69 -12.45 -6.79 11.04
CA THR N 69 -13.29 -5.62 11.27
C THR N 69 -13.40 -5.41 12.77
N LEU N 70 -12.99 -4.23 13.23
CA LEU N 70 -12.90 -3.90 14.64
C LEU N 70 -14.12 -3.12 15.08
N THR N 71 -14.69 -3.52 16.22
CA THR N 71 -15.88 -2.88 16.76
C THR N 71 -15.77 -2.80 18.29
N VAL N 72 -16.60 -1.96 18.89
CA VAL N 72 -16.56 -1.71 20.32
C VAL N 72 -17.98 -1.63 20.85
N ASP N 73 -18.22 -2.22 22.02
CA ASP N 73 -19.44 -2.04 22.79
C ASP N 73 -19.06 -1.23 24.03
N LYS N 74 -19.18 0.09 23.92
CA LYS N 74 -18.74 0.97 25.02
C LYS N 74 -19.57 0.75 26.28
N SER N 75 -20.84 0.37 26.12
CA SER N 75 -21.69 0.11 27.28
C SER N 75 -21.14 -1.05 28.12
N SER N 76 -20.66 -2.09 27.46
CA SER N 76 -20.08 -3.25 28.13
C SER N 76 -18.58 -3.14 28.29
N SER N 77 -17.95 -2.10 27.74
CA SER N 77 -16.50 -1.91 27.77
C SER N 77 -15.77 -3.12 27.19
N THR N 78 -16.33 -3.71 26.15
CA THR N 78 -15.74 -4.85 25.48
C THR N 78 -15.42 -4.47 24.03
N ALA N 79 -14.30 -4.97 23.53
CA ALA N 79 -13.87 -4.75 22.16
C ALA N 79 -13.96 -6.05 21.39
N TYR N 80 -14.36 -5.97 20.13
CA TYR N 80 -14.51 -7.14 19.28
C TYR N 80 -13.69 -7.00 18.02
N MET N 81 -13.14 -8.12 17.56
CA MET N 81 -12.48 -8.22 16.26
C MET N 81 -13.08 -9.41 15.53
N GLU N 82 -13.61 -9.16 14.34
CA GLU N 82 -14.22 -10.20 13.52
C GLU N 82 -13.25 -10.53 12.39
N LEU N 83 -12.84 -11.78 12.32
CA LEU N 83 -11.97 -12.26 11.26
C LEU N 83 -12.82 -12.94 10.20
N LEU N 84 -12.73 -12.48 8.96
CA LEU N 84 -13.63 -12.91 7.90
C LEU N 84 -12.93 -13.88 6.94
N SER N 85 -13.67 -14.92 6.54
CA SER N 85 -13.22 -15.92 5.57
C SER N 85 -11.84 -16.47 5.97
N LEU N 86 -11.80 -17.04 7.18
CA LEU N 86 -10.54 -17.53 7.73
C LEU N 86 -9.95 -18.64 6.88
N THR N 87 -8.62 -18.66 6.83
CA THR N 87 -7.85 -19.66 6.11
C THR N 87 -6.90 -20.36 7.08
N SER N 88 -6.10 -21.28 6.53
CA SER N 88 -5.03 -21.90 7.32
C SER N 88 -4.00 -20.87 7.76
N GLU N 89 -3.71 -19.88 6.90
CA GLU N 89 -2.73 -18.87 7.26
C GLU N 89 -3.20 -17.96 8.40
N ASP N 90 -4.50 -17.94 8.70
CA ASP N 90 -5.03 -17.15 9.79
C ASP N 90 -4.95 -17.84 11.15
N SER N 91 -4.56 -19.10 11.21
CA SER N 91 -4.46 -19.83 12.48
C SER N 91 -3.28 -19.28 13.26
N ALA N 92 -3.58 -18.48 14.29
CA ALA N 92 -2.54 -17.83 15.08
C ALA N 92 -3.13 -17.47 16.44
N VAL N 93 -2.32 -16.84 17.27
CA VAL N 93 -2.77 -16.30 18.56
C VAL N 93 -2.98 -14.81 18.41
N TYR N 94 -4.16 -14.33 18.80
CA TYR N 94 -4.56 -12.94 18.66
C TYR N 94 -4.65 -12.30 20.03
N TYR N 95 -3.79 -11.31 20.27
CA TYR N 95 -3.78 -10.56 21.52
C TYR N 95 -4.54 -9.24 21.35
N CYS N 96 -5.17 -8.81 22.43
CA CYS N 96 -5.67 -7.44 22.54
C CYS N 96 -4.77 -6.70 23.53
N ALA N 97 -4.28 -5.55 23.12
CA ALA N 97 -3.43 -4.70 23.93
C ALA N 97 -3.91 -3.27 23.81
N ILE N 98 -3.89 -2.54 24.93
CA ILE N 98 -4.44 -1.19 24.97
C ILE N 98 -3.29 -0.20 25.12
N HIS N 99 -3.53 1.03 24.65
CA HIS N 99 -2.59 2.12 24.87
C HIS N 99 -3.05 2.85 26.13
N TYR N 100 -2.64 2.31 27.27
CA TYR N 100 -2.92 2.87 28.58
C TYR N 100 -1.55 3.32 29.11
N TYR N 101 -1.39 4.63 29.32
CA TYR N 101 -0.14 5.28 29.69
C TYR N 101 0.80 5.39 28.49
N GLY N 102 0.56 4.67 27.40
CA GLY N 102 1.42 4.71 26.24
C GLY N 102 0.68 5.41 25.12
N ILE N 103 -0.25 6.27 25.52
CA ILE N 103 -1.19 6.82 24.57
C ILE N 103 -0.57 7.82 23.61
N SER N 104 0.56 8.45 23.94
CA SER N 104 1.16 9.41 23.02
C SER N 104 2.45 8.92 22.39
N TYR N 105 3.13 7.96 23.01
CA TYR N 105 4.32 7.37 22.45
C TYR N 105 4.08 5.95 21.95
N TRP N 106 2.84 5.46 22.03
CA TRP N 106 2.36 4.27 21.32
C TRP N 106 3.12 3.00 21.72
N TYR N 107 3.11 2.71 23.01
CA TYR N 107 3.56 1.42 23.51
C TYR N 107 2.41 0.70 24.20
N PHE N 108 2.32 -0.61 23.97
CA PHE N 108 1.24 -1.43 24.52
C PHE N 108 1.68 -1.98 25.87
N ASP N 109 1.28 -1.33 26.96
CA ASP N 109 1.76 -1.77 28.27
C ASP N 109 0.87 -2.84 28.90
N VAL N 110 -0.40 -2.90 28.53
CA VAL N 110 -1.33 -3.88 29.09
C VAL N 110 -1.77 -4.81 27.97
N TRP N 111 -1.53 -6.11 28.16
CA TRP N 111 -1.82 -7.12 27.16
C TRP N 111 -2.84 -8.11 27.68
N GLY N 112 -3.64 -8.66 26.77
CA GLY N 112 -4.55 -9.71 27.12
C GLY N 112 -3.86 -11.05 27.19
N ALA N 113 -4.58 -12.04 27.72
CA ALA N 113 -4.02 -13.38 27.82
C ALA N 113 -3.82 -14.01 26.44
N GLY N 114 -4.59 -13.58 25.45
CA GLY N 114 -4.48 -14.12 24.12
C GLY N 114 -5.65 -15.01 23.77
N THR N 115 -6.05 -14.98 22.50
CA THR N 115 -7.08 -15.86 21.96
C THR N 115 -6.44 -16.67 20.85
N THR N 116 -6.30 -17.97 21.07
CA THR N 116 -5.68 -18.85 20.10
C THR N 116 -6.75 -19.44 19.18
N VAL N 117 -6.57 -19.27 17.88
CA VAL N 117 -7.57 -19.58 16.87
C VAL N 117 -7.04 -20.69 15.98
N THR N 118 -7.81 -21.77 15.87
CA THR N 118 -7.47 -22.91 15.02
C THR N 118 -8.46 -22.96 13.86
N VAL N 119 -7.94 -23.07 12.64
CA VAL N 119 -8.77 -23.14 11.44
C VAL N 119 -8.50 -24.48 10.76
N SER N 120 -9.46 -25.40 10.86
CA SER N 120 -9.30 -26.72 10.28
C SER N 120 -10.67 -27.31 9.97
N SER N 121 -10.71 -28.17 8.95
CA SER N 121 -11.94 -28.87 8.60
C SER N 121 -12.17 -30.11 9.47
N ALA N 122 -11.14 -30.58 10.17
CA ALA N 122 -11.27 -31.78 10.98
C ALA N 122 -12.29 -31.58 12.10
N LYS N 123 -12.96 -32.67 12.47
CA LYS N 123 -13.98 -32.63 13.49
C LYS N 123 -13.38 -32.80 14.88
N THR N 124 -14.12 -32.35 15.89
CA THR N 124 -13.68 -32.43 17.27
C THR N 124 -13.73 -33.88 17.74
N THR N 125 -12.57 -34.45 18.06
CA THR N 125 -12.45 -35.82 18.52
C THR N 125 -11.97 -35.85 19.98
N ALA N 126 -12.53 -36.78 20.76
CA ALA N 126 -12.18 -36.91 22.16
C ALA N 126 -10.82 -37.58 22.33
N PRO N 127 -10.08 -37.25 23.40
CA PRO N 127 -8.79 -37.87 23.63
C PRO N 127 -8.90 -39.28 24.20
N SER N 128 -7.81 -40.03 24.04
CA SER N 128 -7.67 -41.38 24.57
C SER N 128 -6.46 -41.40 25.50
N VAL N 129 -6.71 -41.56 26.79
CA VAL N 129 -5.66 -41.46 27.81
C VAL N 129 -5.13 -42.84 28.13
N TYR N 130 -3.81 -42.99 28.12
CA TYR N 130 -3.16 -44.27 28.41
C TYR N 130 -2.08 -44.06 29.47
N PRO N 131 -2.19 -44.69 30.63
CA PRO N 131 -1.11 -44.57 31.64
C PRO N 131 0.04 -45.51 31.32
N LEU N 132 1.25 -44.99 31.50
CA LEU N 132 2.46 -45.72 31.15
C LEU N 132 3.23 -46.07 32.43
N VAL N 133 3.59 -47.35 32.56
CA VAL N 133 4.34 -47.82 33.73
C VAL N 133 5.44 -48.77 33.25
N PRO N 134 6.55 -48.81 34.02
CA PRO N 134 7.66 -49.69 33.64
C PRO N 134 7.64 -51.04 34.35
N THR N 140 17.44 -51.35 37.70
CA THR N 140 16.65 -50.26 38.24
C THR N 140 17.54 -49.13 38.75
N GLY N 141 16.96 -48.23 39.56
CA GLY N 141 17.70 -47.12 40.12
C GLY N 141 16.93 -46.50 41.25
N SER N 142 17.56 -45.49 41.87
CA SER N 142 16.97 -44.82 43.02
C SER N 142 15.81 -43.89 42.66
N SER N 143 15.52 -43.69 41.37
CA SER N 143 14.42 -42.83 40.96
C SER N 143 13.64 -43.53 39.85
N VAL N 144 12.32 -43.40 39.88
CA VAL N 144 11.44 -44.02 38.90
C VAL N 144 10.68 -42.93 38.16
N THR N 145 10.48 -43.13 36.86
CA THR N 145 9.79 -42.17 35.99
C THR N 145 8.49 -42.78 35.49
N LEU N 146 7.40 -42.01 35.56
CA LEU N 146 6.08 -42.44 35.15
C LEU N 146 5.59 -41.63 33.96
N GLY N 147 4.90 -42.28 33.04
CA GLY N 147 4.47 -41.66 31.79
C GLY N 147 2.96 -41.62 31.65
N CYS N 148 2.47 -40.53 31.07
CA CYS N 148 1.05 -40.37 30.75
C CYS N 148 0.94 -39.97 29.29
N LEU N 149 0.18 -40.75 28.52
CA LEU N 149 0.06 -40.56 27.08
C LEU N 149 -1.38 -40.25 26.72
N VAL N 150 -1.57 -39.18 25.94
CA VAL N 150 -2.88 -38.78 25.43
C VAL N 150 -2.79 -38.72 23.91
N LYS N 151 -3.67 -39.45 23.23
CA LYS N 151 -3.58 -39.60 21.79
C LYS N 151 -4.97 -39.49 21.15
N GLY N 152 -4.98 -39.09 19.88
CA GLY N 152 -6.20 -39.09 19.09
C GLY N 152 -7.23 -38.05 19.47
N TYR N 153 -6.81 -36.83 19.77
CA TYR N 153 -7.72 -35.75 20.11
C TYR N 153 -7.58 -34.58 19.15
N PHE N 154 -8.64 -33.79 19.07
CA PHE N 154 -8.68 -32.57 18.27
C PHE N 154 -9.70 -31.60 18.82
N PRO N 155 -9.37 -30.30 18.82
CA PRO N 155 -8.06 -29.69 18.68
C PRO N 155 -7.46 -29.34 20.05
N GLU N 156 -6.37 -28.57 20.03
CA GLU N 156 -5.78 -28.06 21.25
C GLU N 156 -6.72 -26.97 21.79
N PRO N 157 -6.72 -26.72 23.12
CA PRO N 157 -5.75 -27.24 24.08
C PRO N 157 -6.24 -28.38 24.96
N VAL N 158 -5.29 -28.96 25.69
CA VAL N 158 -5.53 -30.00 26.67
C VAL N 158 -4.62 -29.75 27.85
N THR N 159 -5.17 -29.74 29.06
CA THR N 159 -4.41 -29.47 30.28
C THR N 159 -4.09 -30.78 30.98
N LEU N 160 -2.81 -30.99 31.28
CA LEU N 160 -2.34 -32.18 31.96
C LEU N 160 -1.79 -31.80 33.34
N THR N 161 -2.35 -32.40 34.38
CA THR N 161 -1.92 -32.19 35.75
C THR N 161 -1.62 -33.54 36.39
N TRP N 162 -0.78 -33.51 37.42
CA TRP N 162 -0.38 -34.72 38.13
C TRP N 162 -0.88 -34.64 39.56
N ASN N 163 -1.67 -35.63 39.97
CA ASN N 163 -2.32 -35.66 41.27
C ASN N 163 -3.13 -34.39 41.50
N SER N 164 -3.93 -34.03 40.49
CA SER N 164 -4.81 -32.86 40.53
C SER N 164 -4.04 -31.56 40.75
N GLY N 165 -2.82 -31.48 40.21
CA GLY N 165 -2.01 -30.29 40.35
C GLY N 165 -1.21 -30.20 41.63
N SER N 166 -1.12 -31.28 42.40
CA SER N 166 -0.38 -31.24 43.66
C SER N 166 1.13 -31.30 43.44
N LEU N 167 1.60 -32.30 42.69
CA LEU N 167 3.02 -32.48 42.43
C LEU N 167 3.39 -31.81 41.11
N SER N 168 4.30 -30.83 41.18
CA SER N 168 4.81 -30.16 40.00
C SER N 168 6.31 -30.35 39.80
N SER N 169 7.06 -30.71 40.84
CA SER N 169 8.50 -30.88 40.69
C SER N 169 8.82 -32.11 39.85
N GLY N 170 9.81 -31.96 38.97
CA GLY N 170 10.23 -33.06 38.12
C GLY N 170 9.17 -33.54 37.14
N VAL N 171 8.33 -32.63 36.66
CA VAL N 171 7.26 -32.97 35.71
C VAL N 171 7.58 -32.28 34.39
N HIS N 172 7.55 -33.05 33.31
CA HIS N 172 7.85 -32.54 31.97
C HIS N 172 6.65 -32.84 31.06
N THR N 173 5.86 -31.81 30.76
CA THR N 173 4.71 -31.95 29.86
C THR N 173 5.15 -31.54 28.46
N PHE N 174 4.98 -32.46 27.50
CA PHE N 174 5.51 -32.25 26.16
C PHE N 174 4.44 -31.67 25.23
N PRO N 175 4.83 -30.75 24.35
CA PRO N 175 3.86 -30.12 23.46
C PRO N 175 3.28 -31.12 22.46
N ALA N 176 2.06 -30.84 22.03
CA ALA N 176 1.36 -31.71 21.09
C ALA N 176 1.95 -31.58 19.68
N LEU N 177 2.11 -32.71 19.01
CA LEU N 177 2.50 -32.77 17.61
C LEU N 177 1.35 -33.33 16.79
N LEU N 178 0.95 -32.62 15.73
CA LEU N 178 -0.25 -32.96 14.97
C LEU N 178 0.11 -33.94 13.86
N GLN N 179 -0.37 -35.18 13.98
CA GLN N 179 -0.26 -36.18 12.92
C GLN N 179 -1.64 -36.58 12.40
N SER N 180 -1.82 -36.47 11.09
CA SER N 180 -3.07 -36.84 10.40
C SER N 180 -4.32 -36.32 11.07
N GLY N 181 -4.35 -35.03 11.39
CA GLY N 181 -5.56 -34.47 11.94
C GLY N 181 -5.82 -34.72 13.42
N LEU N 182 -4.84 -35.23 14.15
CA LEU N 182 -5.04 -35.59 15.55
C LEU N 182 -3.75 -35.33 16.32
N TYR N 183 -3.89 -34.76 17.50
CA TYR N 183 -2.76 -34.40 18.34
C TYR N 183 -2.34 -35.55 19.25
N THR N 184 -1.08 -35.50 19.67
CA THR N 184 -0.50 -36.50 20.56
C THR N 184 0.33 -35.77 21.61
N LEU N 185 -0.02 -35.97 22.89
CA LEU N 185 0.64 -35.27 23.98
C LEU N 185 1.15 -36.28 24.99
N SER N 186 2.30 -35.97 25.59
CA SER N 186 2.91 -36.84 26.60
C SER N 186 3.44 -36.00 27.75
N SER N 187 3.49 -36.60 28.95
CA SER N 187 4.07 -35.97 30.12
C SER N 187 4.90 -36.99 30.88
N SER N 188 6.04 -36.55 31.40
CA SER N 188 6.96 -37.41 32.14
C SER N 188 7.14 -36.87 33.54
N VAL N 189 6.88 -37.72 34.55
CA VAL N 189 7.09 -37.41 35.95
C VAL N 189 8.07 -38.40 36.53
N THR N 190 9.08 -37.89 37.22
CA THR N 190 10.10 -38.71 37.86
C THR N 190 9.99 -38.51 39.37
N VAL N 191 9.95 -39.63 40.10
CA VAL N 191 9.83 -39.60 41.56
C VAL N 191 10.81 -40.60 42.14
N THR N 192 11.06 -40.46 43.45
CA THR N 192 11.94 -41.38 44.15
C THR N 192 11.39 -42.80 44.09
N SER N 193 12.30 -43.78 44.16
CA SER N 193 11.90 -45.18 44.07
C SER N 193 10.95 -45.56 45.20
N ASN N 194 11.10 -44.95 46.38
CA ASN N 194 10.21 -45.21 47.49
C ASN N 194 8.87 -44.52 47.35
N THR N 195 8.79 -43.44 46.57
CA THR N 195 7.58 -42.63 46.54
C THR N 195 6.43 -43.32 45.82
N TRP N 196 6.65 -43.78 44.58
CA TRP N 196 5.51 -44.18 43.75
C TRP N 196 4.79 -45.42 44.25
N PRO N 197 5.45 -46.54 44.55
CA PRO N 197 4.67 -47.71 45.03
C PRO N 197 3.85 -47.38 46.26
N SER N 198 4.46 -46.75 47.27
CA SER N 198 3.74 -46.46 48.51
C SER N 198 2.65 -45.40 48.28
N GLN N 199 2.99 -44.31 47.63
CA GLN N 199 2.08 -43.18 47.44
C GLN N 199 1.54 -43.17 46.01
N THR N 200 0.22 -43.28 45.87
CA THR N 200 -0.40 -43.38 44.55
C THR N 200 -0.25 -42.08 43.78
N ILE N 201 -0.10 -42.19 42.46
CA ILE N 201 -0.02 -41.05 41.55
C ILE N 201 -1.10 -41.21 40.49
N THR N 202 -1.85 -40.14 40.24
CA THR N 202 -2.93 -40.16 39.27
C THR N 202 -2.72 -39.08 38.22
N CYS N 203 -2.99 -39.42 36.95
CA CYS N 203 -2.89 -38.51 35.83
C CYS N 203 -4.29 -38.18 35.32
N ASN N 204 -4.60 -36.89 35.24
CA ASN N 204 -5.90 -36.43 34.80
C ASN N 204 -5.77 -35.56 33.55
N VAL N 205 -6.59 -35.84 32.55
CA VAL N 205 -6.58 -35.16 31.26
C VAL N 205 -7.92 -34.47 31.09
N ALA N 206 -7.89 -33.19 30.70
CA ALA N 206 -9.10 -32.40 30.52
C ALA N 206 -9.14 -31.84 29.11
N HIS N 207 -10.20 -32.14 28.38
CA HIS N 207 -10.41 -31.59 27.04
C HIS N 207 -11.66 -30.73 27.05
N PRO N 208 -11.55 -29.40 26.98
CA PRO N 208 -12.74 -28.55 27.03
C PRO N 208 -13.49 -28.45 25.72
N ALA N 209 -13.01 -29.11 24.66
CA ALA N 209 -13.67 -29.08 23.36
C ALA N 209 -14.59 -30.28 23.15
N SER N 210 -14.21 -31.44 23.66
CA SER N 210 -15.04 -32.63 23.62
C SER N 210 -15.78 -32.87 24.93
N SER N 211 -15.62 -31.98 25.91
CA SER N 211 -16.28 -32.11 27.22
C SER N 211 -15.92 -33.45 27.87
N THR N 212 -14.64 -33.78 27.87
CA THR N 212 -14.15 -35.03 28.43
C THR N 212 -13.01 -34.76 29.42
N LYS N 213 -13.15 -35.28 30.63
CA LYS N 213 -12.12 -35.21 31.66
C LYS N 213 -11.93 -36.60 32.24
N VAL N 214 -10.75 -37.18 32.02
CA VAL N 214 -10.43 -38.55 32.45
C VAL N 214 -9.28 -38.48 33.44
N ASP N 215 -9.46 -39.12 34.60
CA ASP N 215 -8.41 -39.24 35.61
C ASP N 215 -7.95 -40.68 35.66
N LYS N 216 -6.68 -40.91 35.36
CA LYS N 216 -6.11 -42.25 35.33
C LYS N 216 -4.92 -42.34 36.28
N LYS N 217 -4.87 -43.41 37.07
CA LYS N 217 -3.80 -43.65 38.02
C LYS N 217 -2.86 -44.71 37.46
N ILE N 218 -1.58 -44.37 37.38
CA ILE N 218 -0.57 -45.28 36.83
C ILE N 218 -0.40 -46.45 37.80
N GLU N 219 -0.85 -47.64 37.38
CA GLU N 219 -0.84 -48.87 38.17
C GLU N 219 -1.26 -48.65 39.62
N GLU O 1 27.42 41.16 -2.56
CA GLU O 1 26.10 41.79 -2.64
C GLU O 1 26.04 43.03 -1.75
N ILE O 2 26.58 42.91 -0.54
CA ILE O 2 26.55 43.98 0.43
C ILE O 2 27.83 44.80 0.34
N VAL O 3 27.71 46.06 -0.08
CA VAL O 3 28.83 46.98 -0.18
C VAL O 3 28.94 47.77 1.11
N LEU O 4 30.16 47.89 1.62
CA LEU O 4 30.44 48.70 2.80
C LEU O 4 31.21 49.94 2.37
N THR O 5 30.69 51.10 2.73
CA THR O 5 31.31 52.38 2.39
C THR O 5 31.76 53.07 3.67
N GLN O 6 33.04 53.44 3.74
CA GLN O 6 33.62 54.07 4.92
C GLN O 6 33.80 55.56 4.72
N SER O 7 33.57 56.32 5.79
CA SER O 7 33.74 57.76 5.80
C SER O 7 34.38 58.23 7.10
N PRO O 8 35.44 59.05 7.01
CA PRO O 8 35.99 59.53 5.74
C PRO O 8 36.98 58.54 5.13
N THR O 9 37.51 58.85 3.94
CA THR O 9 38.57 58.03 3.37
C THR O 9 39.89 58.26 4.08
N THR O 10 40.26 59.53 4.28
CA THR O 10 41.42 59.90 5.07
C THR O 10 40.96 60.86 6.16
N MET O 11 41.70 60.87 7.25
CA MET O 11 41.38 61.73 8.39
C MET O 11 42.64 62.02 9.18
N ALA O 12 42.90 63.29 9.42
CA ALA O 12 44.02 63.72 10.24
C ALA O 12 43.49 64.25 11.56
N ALA O 13 44.12 63.84 12.66
CA ALA O 13 43.67 64.26 13.98
C ALA O 13 44.87 64.33 14.92
N SER O 14 44.79 65.24 15.88
CA SER O 14 45.82 65.37 16.89
C SER O 14 45.55 64.41 18.04
N PRO O 15 46.60 63.94 18.72
CA PRO O 15 46.37 63.11 19.92
C PRO O 15 45.53 63.87 20.93
N GLY O 16 44.61 63.16 21.56
CA GLY O 16 43.61 63.74 22.42
C GLY O 16 42.27 63.93 21.74
N GLU O 17 42.27 64.12 20.42
CA GLU O 17 41.04 64.27 19.67
C GLU O 17 40.24 62.97 19.68
N LYS O 18 38.92 63.10 19.49
CA LYS O 18 38.01 61.96 19.40
C LYS O 18 37.77 61.62 17.94
N ILE O 19 37.97 60.35 17.59
CA ILE O 19 37.95 59.88 16.21
C ILE O 19 36.71 58.99 16.02
N ILE O 20 35.90 59.33 15.02
CA ILE O 20 34.71 58.56 14.68
C ILE O 20 34.78 58.19 13.21
N ILE O 21 34.89 56.89 12.92
CA ILE O 21 34.91 56.37 11.56
C ILE O 21 33.62 55.59 11.33
N THR O 22 32.86 55.97 10.30
CA THR O 22 31.57 55.38 10.02
C THR O 22 31.65 54.37 8.89
N CYS O 23 30.93 53.26 9.05
CA CYS O 23 30.84 52.20 8.05
C CYS O 23 29.37 52.04 7.67
N SER O 24 29.06 52.29 6.39
CA SER O 24 27.70 52.23 5.89
C SER O 24 27.56 50.99 5.01
N ALA O 25 26.45 50.26 5.20
CA ALA O 25 26.20 49.03 4.46
C ALA O 25 24.98 49.18 3.54
N SER O 26 25.02 48.51 2.39
CA SER O 26 23.96 48.65 1.41
C SER O 26 22.69 47.93 1.82
N SER O 27 22.76 47.01 2.78
CA SER O 27 21.59 46.27 3.25
C SER O 27 21.68 46.09 4.75
N SER O 28 20.53 46.15 5.41
CA SER O 28 20.47 46.04 6.87
C SER O 28 20.99 44.68 7.31
N ILE O 29 22.13 44.66 8.00
CA ILE O 29 22.72 43.41 8.47
C ILE O 29 22.63 43.38 9.99
N SER O 30 22.69 42.17 10.54
CA SER O 30 22.71 41.99 11.97
C SER O 30 24.01 42.52 12.56
N SER O 31 23.91 43.05 13.78
CA SER O 31 25.07 43.62 14.45
C SER O 31 26.10 42.56 14.82
N ASN O 32 25.72 41.29 14.79
CA ASN O 32 26.66 40.21 15.09
C ASN O 32 27.62 39.92 13.95
N TYR O 33 27.46 40.57 12.78
CA TYR O 33 28.25 40.24 11.60
C TYR O 33 29.06 41.44 11.09
N LEU O 34 29.22 42.47 11.91
CA LEU O 34 29.99 43.67 11.55
C LEU O 34 31.21 43.75 12.44
N HIS O 35 32.39 43.76 11.83
CA HIS O 35 33.66 43.71 12.56
C HIS O 35 34.62 44.78 12.04
N TRP O 36 35.60 45.11 12.86
CA TRP O 36 36.57 46.17 12.56
C TRP O 36 38.00 45.62 12.63
N TYR O 37 38.84 46.10 11.73
CA TYR O 37 40.24 45.69 11.68
C TYR O 37 41.15 46.91 11.65
N GLN O 38 42.26 46.82 12.37
CA GLN O 38 43.29 47.84 12.37
C GLN O 38 44.53 47.30 11.64
N GLN O 39 45.04 48.08 10.71
CA GLN O 39 46.24 47.71 9.96
C GLN O 39 47.25 48.85 10.10
N LYS O 40 48.24 48.66 10.95
CA LYS O 40 49.30 49.64 11.07
C LYS O 40 50.23 49.54 9.86
N PRO O 41 50.92 50.64 9.51
CA PRO O 41 51.75 50.62 8.30
C PRO O 41 52.79 49.51 8.34
N GLY O 42 52.88 48.75 7.26
CA GLY O 42 53.84 47.67 7.16
C GLY O 42 53.54 46.47 8.00
N CYS O 43 52.30 46.30 8.43
CA CYS O 43 51.91 45.15 9.24
C CYS O 43 50.73 44.43 8.58
N SER O 44 50.39 43.28 9.14
CA SER O 44 49.21 42.59 8.67
C SER O 44 47.97 43.17 9.34
N PRO O 45 46.81 43.05 8.71
CA PRO O 45 45.56 43.46 9.39
C PRO O 45 45.39 42.67 10.68
N LYS O 46 44.84 43.33 11.69
CA LYS O 46 44.58 42.70 12.97
C LYS O 46 43.16 42.99 13.39
N LEU O 47 42.54 42.00 14.04
CA LEU O 47 41.19 42.17 14.55
C LEU O 47 41.15 43.27 15.61
N LEU O 48 40.17 44.15 15.51
CA LEU O 48 40.00 45.28 16.43
C LEU O 48 38.71 45.17 17.24
N ILE O 49 37.56 45.13 16.58
CA ILE O 49 36.27 44.95 17.22
C ILE O 49 35.49 43.90 16.43
N TYR O 50 34.91 42.93 17.14
CA TYR O 50 34.07 41.91 16.51
C TYR O 50 32.66 42.00 17.09
N ARG O 51 31.67 41.70 16.25
CA ARG O 51 30.26 41.77 16.63
C ARG O 51 29.87 43.19 17.08
N THR O 52 30.32 44.18 16.31
CA THR O 52 29.96 45.59 16.45
C THR O 52 30.55 46.26 17.69
N SER O 53 30.50 45.62 18.86
CA SER O 53 30.85 46.29 20.10
C SER O 53 31.84 45.53 20.99
N LYS O 54 32.27 44.34 20.60
CA LYS O 54 33.14 43.53 21.44
C LYS O 54 34.60 43.79 21.08
N LEU O 55 35.36 44.33 22.04
CA LEU O 55 36.77 44.60 21.82
C LEU O 55 37.56 43.31 21.68
N ALA O 56 38.48 43.30 20.71
CA ALA O 56 39.36 42.14 20.54
C ALA O 56 40.37 42.09 21.67
N SER O 57 40.78 40.87 22.02
CA SER O 57 41.74 40.66 23.10
C SER O 57 43.04 41.42 22.81
N GLY O 58 43.38 42.36 23.71
CA GLY O 58 44.61 43.11 23.61
C GLY O 58 44.42 44.57 23.24
N VAL O 59 43.39 44.88 22.46
CA VAL O 59 43.19 46.25 21.97
C VAL O 59 42.85 47.17 23.12
N PRO O 60 43.23 48.44 23.07
CA PRO O 60 43.03 49.34 24.23
C PRO O 60 41.58 49.77 24.37
N ALA O 61 41.23 50.10 25.61
CA ALA O 61 39.86 50.42 25.98
C ALA O 61 39.35 51.71 25.34
N ARG O 62 40.22 52.53 24.78
CA ARG O 62 39.77 53.74 24.10
C ARG O 62 39.10 53.44 22.77
N PHE O 63 39.16 52.19 22.31
CA PHE O 63 38.43 51.78 21.12
C PHE O 63 37.05 51.28 21.50
N SER O 64 36.08 51.57 20.64
CA SER O 64 34.70 51.14 20.86
C SER O 64 33.97 51.18 19.53
N GLY O 65 32.98 50.30 19.38
CA GLY O 65 32.19 50.24 18.18
C GLY O 65 30.72 50.28 18.50
N SER O 66 29.94 50.74 17.52
CA SER O 66 28.52 51.00 17.71
C SER O 66 27.80 50.82 16.39
N GLY O 67 26.47 50.83 16.44
CA GLY O 67 25.67 50.75 15.25
C GLY O 67 24.63 49.63 15.20
N SER O 68 23.72 49.74 14.25
CA SER O 68 22.71 48.73 13.97
C SER O 68 22.30 48.87 12.51
N GLY O 69 21.98 47.74 11.90
CA GLY O 69 21.39 47.79 10.57
C GLY O 69 22.35 48.27 9.52
N THR O 70 22.09 49.49 9.02
CA THR O 70 22.89 50.02 7.92
C THR O 70 24.12 50.77 8.40
N SER O 71 23.99 51.53 9.48
CA SER O 71 25.00 52.48 9.90
C SER O 71 25.78 51.95 11.10
N TYR O 72 27.09 51.83 10.97
CA TYR O 72 27.98 51.47 12.07
C TYR O 72 29.08 52.51 12.20
N SER O 73 29.78 52.49 13.33
CA SER O 73 30.78 53.50 13.60
C SER O 73 31.90 52.93 14.47
N LEU O 74 33.13 53.36 14.18
CA LEU O 74 34.29 53.07 15.01
C LEU O 74 34.73 54.35 15.71
N THR O 75 34.94 54.26 17.02
CA THR O 75 35.22 55.42 17.85
C THR O 75 36.51 55.20 18.64
N ILE O 76 37.40 56.17 18.59
CA ILE O 76 38.57 56.21 19.47
C ILE O 76 38.35 57.36 20.43
N GLY O 77 38.31 57.05 21.73
CA GLY O 77 37.99 58.04 22.75
C GLY O 77 38.91 59.24 22.73
N THR O 78 40.17 59.01 23.08
CA THR O 78 41.22 60.01 22.97
C THR O 78 42.32 59.38 22.12
N MET O 79 42.55 59.94 20.94
CA MET O 79 43.54 59.36 20.04
C MET O 79 44.92 59.37 20.67
N GLU O 80 45.72 58.38 20.31
CA GLU O 80 47.12 58.33 20.68
C GLU O 80 47.96 58.17 19.42
N ALA O 81 49.26 58.49 19.55
CA ALA O 81 50.15 58.39 18.40
C ALA O 81 50.17 56.99 17.81
N GLU O 82 50.00 55.95 18.65
CA GLU O 82 49.98 54.58 18.17
C GLU O 82 48.80 54.30 17.26
N ASP O 83 47.75 55.11 17.34
CA ASP O 83 46.50 54.85 16.64
C ASP O 83 46.57 55.15 15.15
N VAL O 84 47.66 55.77 14.69
CA VAL O 84 47.95 55.96 13.27
C VAL O 84 47.96 54.62 12.58
N ALA O 85 46.91 54.36 11.79
CA ALA O 85 46.74 53.13 11.02
C ALA O 85 45.55 53.28 10.08
N THR O 86 45.37 52.29 9.22
CA THR O 86 44.20 52.21 8.35
C THR O 86 43.20 51.22 8.95
N TYR O 87 41.94 51.65 9.07
CA TYR O 87 40.89 50.88 9.71
C TYR O 87 39.89 50.40 8.68
N TYR O 88 39.60 49.10 8.70
CA TYR O 88 38.65 48.49 7.77
C TYR O 88 37.47 47.91 8.54
N CYS O 89 36.28 48.00 7.94
CA CYS O 89 35.11 47.30 8.45
C CYS O 89 34.76 46.16 7.51
N GLN O 90 34.34 45.03 8.08
CA GLN O 90 34.09 43.83 7.32
C GLN O 90 32.75 43.24 7.73
N GLN O 91 31.99 42.80 6.73
CA GLN O 91 30.65 42.25 6.91
C GLN O 91 30.66 40.75 6.64
N GLY O 92 30.12 39.98 7.58
CA GLY O 92 30.02 38.54 7.45
C GLY O 92 28.63 37.98 7.30
N SER O 93 27.62 38.82 7.11
CA SER O 93 26.24 38.33 6.96
C SER O 93 26.05 37.64 5.62
N SER O 94 26.57 38.22 4.53
CA SER O 94 26.44 37.62 3.21
C SER O 94 27.81 37.19 2.67
N ILE O 95 28.06 37.46 1.38
CA ILE O 95 29.41 37.26 0.84
C ILE O 95 30.36 38.23 1.53
N TYR O 96 31.55 37.73 1.90
CA TYR O 96 32.50 38.55 2.66
C TYR O 96 32.87 39.81 1.88
N THR O 97 32.77 40.96 2.54
CA THR O 97 33.11 42.23 1.93
C THR O 97 33.80 43.10 2.98
N PHE O 98 34.77 43.88 2.52
CA PHE O 98 35.47 44.83 3.37
C PHE O 98 35.06 46.25 3.01
N GLY O 99 35.52 47.21 3.82
CA GLY O 99 35.02 48.57 3.73
C GLY O 99 35.79 49.50 2.81
N GLY O 100 37.07 49.24 2.60
CA GLY O 100 37.89 50.07 1.73
C GLY O 100 38.92 50.89 2.46
N GLY O 101 38.77 51.08 3.77
CA GLY O 101 39.84 51.62 4.57
C GLY O 101 39.60 53.07 4.96
N THR O 102 40.22 53.47 6.07
CA THR O 102 40.20 54.85 6.52
C THR O 102 41.55 55.11 7.16
N LYS O 103 42.36 55.94 6.53
CA LYS O 103 43.72 56.22 6.99
C LYS O 103 43.68 57.35 8.02
N LEU O 104 44.16 57.06 9.23
CA LEU O 104 44.25 58.03 10.31
C LEU O 104 45.68 58.50 10.46
N GLU O 105 45.88 59.81 10.61
CA GLU O 105 47.21 60.39 10.71
C GLU O 105 47.22 61.54 11.70
N ILE O 106 48.43 62.11 11.93
CA ILE O 106 48.68 63.20 12.86
C ILE O 106 48.42 64.54 12.15
N LYS O 107 48.05 65.57 12.91
CA LYS O 107 47.56 66.80 12.31
C LYS O 107 48.66 67.82 12.05
N ARG O 108 49.58 68.05 13.00
CA ARG O 108 50.88 68.63 12.66
C ARG O 108 50.77 70.01 11.98
N ALA O 109 49.65 70.70 12.19
CA ALA O 109 49.48 72.08 11.68
C ALA O 109 49.70 72.07 10.17
N ASP O 110 50.62 72.88 9.64
CA ASP O 110 51.01 72.75 8.23
C ASP O 110 52.43 73.28 8.04
N ALA O 111 53.05 72.89 6.92
CA ALA O 111 54.42 73.27 6.60
C ALA O 111 54.58 73.44 5.09
N ALA O 112 55.28 74.51 4.72
CA ALA O 112 55.54 74.73 3.31
C ALA O 112 56.74 73.90 2.86
N PRO O 113 56.64 73.26 1.69
CA PRO O 113 57.72 72.38 1.25
C PRO O 113 58.97 73.13 0.81
N THR O 114 60.12 72.51 1.01
CA THR O 114 61.40 73.00 0.53
C THR O 114 61.77 72.20 -0.71
N VAL O 115 61.74 72.85 -1.87
CA VAL O 115 61.92 72.18 -3.16
C VAL O 115 63.36 72.34 -3.62
N SER O 116 63.90 71.29 -4.24
CA SER O 116 65.25 71.29 -4.77
C SER O 116 65.29 70.44 -6.03
N ILE O 117 65.93 70.94 -7.07
CA ILE O 117 66.03 70.25 -8.35
C ILE O 117 67.49 69.87 -8.61
N PHE O 118 67.69 68.77 -9.34
CA PHE O 118 69.01 68.24 -9.58
C PHE O 118 69.16 67.86 -11.04
N PRO O 119 70.09 68.45 -11.78
CA PRO O 119 70.30 68.07 -13.19
C PRO O 119 70.79 66.64 -13.30
N PRO O 120 70.76 66.05 -14.49
CA PRO O 120 71.29 64.69 -14.64
C PRO O 120 72.77 64.63 -14.34
N SER O 121 73.19 63.50 -13.77
CA SER O 121 74.57 63.33 -13.35
C SER O 121 75.49 63.13 -14.55
N SER O 122 76.79 63.41 -14.33
CA SER O 122 77.77 63.15 -15.36
C SER O 122 77.94 61.66 -15.61
N GLU O 123 77.81 60.83 -14.56
CA GLU O 123 77.91 59.40 -14.72
C GLU O 123 76.71 58.82 -15.46
N GLN O 124 75.54 59.47 -15.34
CA GLN O 124 74.35 59.00 -16.03
C GLN O 124 74.34 59.45 -17.48
N LEU O 125 74.84 60.66 -17.76
CA LEU O 125 74.86 61.15 -19.13
C LEU O 125 75.75 60.30 -20.02
N THR O 126 76.80 59.70 -19.46
CA THR O 126 77.67 58.83 -20.24
C THR O 126 76.95 57.54 -20.63
N SER O 127 75.96 57.11 -19.85
CA SER O 127 75.22 55.90 -20.15
C SER O 127 74.12 56.11 -21.18
N GLY O 128 73.92 57.34 -21.65
CA GLY O 128 72.87 57.62 -22.60
C GLY O 128 71.50 57.88 -22.02
N GLY O 129 71.42 58.15 -20.71
CA GLY O 129 70.15 58.45 -20.08
C GLY O 129 70.21 59.61 -19.12
N ALA O 130 69.31 60.57 -19.26
CA ALA O 130 69.29 61.77 -18.45
C ALA O 130 68.03 61.76 -17.58
N SER O 131 68.22 61.64 -16.26
CA SER O 131 67.13 61.64 -15.31
C SER O 131 67.24 62.87 -14.42
N VAL O 132 66.15 63.61 -14.29
CA VAL O 132 66.08 64.81 -13.46
C VAL O 132 65.14 64.53 -12.30
N VAL O 133 65.61 64.79 -11.08
CA VAL O 133 64.86 64.48 -9.86
C VAL O 133 64.58 65.77 -9.11
N CYS O 134 63.32 65.93 -8.68
CA CYS O 134 62.87 67.10 -7.92
C CYS O 134 62.42 66.61 -6.55
N PHE O 135 63.05 67.13 -5.49
CA PHE O 135 62.77 66.73 -4.12
C PHE O 135 61.90 67.76 -3.42
N LEU O 136 60.91 67.28 -2.69
CA LEU O 136 60.03 68.11 -1.86
C LEU O 136 59.94 67.48 -0.48
N ASN O 137 60.38 68.21 0.55
CA ASN O 137 60.52 67.66 1.89
C ASN O 137 59.79 68.50 2.93
N ASN O 138 59.28 67.80 3.95
CA ASN O 138 58.80 68.41 5.20
C ASN O 138 57.67 69.39 4.95
N PHE O 139 56.54 68.85 4.47
CA PHE O 139 55.36 69.65 4.17
C PHE O 139 54.11 68.95 4.69
N TYR O 140 53.12 69.77 5.02
CA TYR O 140 51.83 69.31 5.51
C TYR O 140 50.76 70.25 4.96
N PRO O 141 49.62 69.71 4.47
CA PRO O 141 49.22 68.30 4.41
C PRO O 141 49.93 67.48 3.35
N LYS O 142 49.66 66.16 3.35
CA LYS O 142 50.33 65.26 2.41
C LYS O 142 49.94 65.55 0.97
N ASP O 143 48.77 66.14 0.76
CA ASP O 143 48.32 66.41 -0.60
C ASP O 143 49.21 67.46 -1.26
N ILE O 144 49.72 67.14 -2.45
CA ILE O 144 50.59 68.04 -3.19
C ILE O 144 50.56 67.60 -4.65
N ASN O 145 50.69 68.57 -5.55
CA ASN O 145 50.69 68.31 -6.99
C ASN O 145 51.85 69.05 -7.63
N VAL O 146 52.62 68.35 -8.46
CA VAL O 146 53.78 68.94 -9.13
C VAL O 146 53.56 68.88 -10.63
N LYS O 147 54.13 69.86 -11.33
CA LYS O 147 54.04 69.94 -12.78
C LYS O 147 55.42 70.20 -13.36
N TRP O 148 55.82 69.36 -14.31
CA TRP O 148 57.09 69.53 -15.01
C TRP O 148 56.86 70.33 -16.29
N LYS O 149 57.63 71.40 -16.45
CA LYS O 149 57.52 72.27 -17.62
C LYS O 149 58.88 72.34 -18.30
N ILE O 150 58.96 71.83 -19.53
CA ILE O 150 60.20 71.84 -20.30
C ILE O 150 60.15 73.04 -21.24
N ASP O 151 60.93 74.07 -20.91
CA ASP O 151 60.94 75.33 -21.66
C ASP O 151 59.56 75.98 -21.72
N GLY O 152 58.76 75.78 -20.67
CA GLY O 152 57.42 76.31 -20.61
C GLY O 152 56.33 75.36 -21.05
N SER O 153 56.68 74.22 -21.63
CA SER O 153 55.73 73.23 -22.09
C SER O 153 55.62 72.11 -21.07
N GLU O 154 54.39 71.76 -20.70
CA GLU O 154 54.17 70.74 -19.68
C GLU O 154 54.51 69.35 -20.21
N ARG O 155 55.11 68.53 -19.35
CA ARG O 155 55.48 67.16 -19.69
C ARG O 155 54.84 66.23 -18.67
N GLN O 156 54.20 65.16 -19.16
CA GLN O 156 53.53 64.21 -18.29
C GLN O 156 54.06 62.78 -18.39
N ASN O 157 54.76 62.43 -19.45
CA ASN O 157 55.27 61.08 -19.63
C ASN O 157 56.67 60.95 -19.08
N GLY O 158 57.00 59.75 -18.58
CA GLY O 158 58.31 59.45 -18.06
C GLY O 158 58.53 59.82 -16.60
N VAL O 159 57.57 60.48 -15.97
CA VAL O 159 57.74 60.94 -14.59
C VAL O 159 57.40 59.81 -13.63
N LEU O 160 58.19 59.69 -12.56
CA LEU O 160 57.96 58.70 -11.52
C LEU O 160 57.90 59.43 -10.18
N ASN O 161 56.72 59.45 -9.57
CA ASN O 161 56.51 60.11 -8.29
C ASN O 161 56.49 59.09 -7.16
N SER O 162 57.28 59.35 -6.12
CA SER O 162 57.33 58.52 -4.93
C SER O 162 57.11 59.38 -3.70
N TRP O 163 56.13 59.00 -2.90
CA TRP O 163 55.82 59.68 -1.64
C TRP O 163 56.30 58.82 -0.48
N THR O 164 56.52 59.46 0.66
CA THR O 164 56.88 58.76 1.89
C THR O 164 55.73 58.81 2.88
N ASP O 165 55.75 57.86 3.82
CA ASP O 165 54.78 57.88 4.89
C ASP O 165 55.09 59.04 5.85
N GLN O 166 54.15 59.30 6.76
CA GLN O 166 54.31 60.41 7.68
C GLN O 166 55.47 60.17 8.63
N ASP O 167 56.22 61.23 8.90
CA ASP O 167 57.39 61.14 9.77
C ASP O 167 56.98 60.72 11.18
N SER O 168 57.73 59.77 11.74
CA SER O 168 57.45 59.30 13.09
C SER O 168 57.59 60.43 14.11
N LYS O 169 58.62 61.27 13.96
CA LYS O 169 58.89 62.36 14.89
C LYS O 169 58.44 63.71 14.37
N ASP O 170 58.82 64.06 13.13
CA ASP O 170 58.46 65.35 12.57
C ASP O 170 56.99 65.44 12.20
N SER O 171 56.37 64.30 11.88
CA SER O 171 54.99 64.21 11.43
C SER O 171 54.75 64.91 10.10
N THR O 172 55.81 65.13 9.33
CA THR O 172 55.70 65.73 7.99
C THR O 172 55.84 64.66 6.92
N TYR O 173 55.62 65.08 5.68
CA TYR O 173 55.71 64.19 4.53
C TYR O 173 56.82 64.64 3.60
N SER O 174 57.11 63.82 2.60
CA SER O 174 58.13 64.13 1.61
C SER O 174 57.77 63.45 0.28
N MET O 175 58.04 64.16 -0.81
CA MET O 175 57.74 63.66 -2.15
C MET O 175 58.99 63.74 -3.02
N SER O 176 59.17 62.74 -3.88
CA SER O 176 60.26 62.69 -4.85
C SER O 176 59.66 62.45 -6.24
N SER O 177 60.04 63.29 -7.20
CA SER O 177 59.55 63.18 -8.57
C SER O 177 60.74 63.19 -9.52
N THR O 178 60.98 62.09 -10.21
CA THR O 178 62.10 61.96 -11.14
C THR O 178 61.57 61.85 -12.56
N LEU O 179 61.96 62.79 -13.41
CA LEU O 179 61.63 62.77 -14.83
C LEU O 179 62.77 62.11 -15.60
N THR O 180 62.46 61.02 -16.30
CA THR O 180 63.47 60.24 -17.01
C THR O 180 63.27 60.39 -18.51
N LEU O 181 64.28 60.93 -19.19
CA LEU O 181 64.27 61.12 -20.64
C LEU O 181 65.57 60.57 -21.21
N THR O 182 65.63 60.50 -22.54
CA THR O 182 66.84 60.06 -23.20
C THR O 182 67.91 61.16 -23.11
N LYS O 183 69.16 60.74 -23.34
CA LYS O 183 70.27 61.70 -23.30
C LYS O 183 70.13 62.74 -24.39
N ASP O 184 69.71 62.32 -25.58
CA ASP O 184 69.60 63.26 -26.70
C ASP O 184 68.48 64.27 -26.47
N GLU O 185 67.38 63.84 -25.86
CA GLU O 185 66.26 64.75 -25.63
C GLU O 185 66.62 65.84 -24.64
N TYR O 186 67.35 65.50 -23.58
CA TYR O 186 67.75 66.51 -22.60
C TYR O 186 68.74 67.50 -23.19
N GLU O 187 69.55 67.07 -24.15
CA GLU O 187 70.47 67.99 -24.80
C GLU O 187 69.72 68.97 -25.70
N ARG O 188 68.56 68.57 -26.23
CA ARG O 188 67.79 69.45 -27.09
C ARG O 188 67.14 70.58 -26.30
N HIS O 189 66.60 70.29 -25.12
CA HIS O 189 65.92 71.27 -24.30
C HIS O 189 66.83 71.76 -23.18
N ASN O 190 66.99 73.09 -23.09
CA ASN O 190 67.90 73.68 -22.10
C ASN O 190 67.19 74.34 -20.93
N SER O 191 65.86 74.28 -20.85
CA SER O 191 65.12 74.89 -19.75
C SER O 191 64.35 73.82 -19.01
N TYR O 192 64.43 73.84 -17.68
CA TYR O 192 63.76 72.84 -16.86
C TYR O 192 63.29 73.48 -15.57
N THR O 193 61.97 73.49 -15.36
CA THR O 193 61.37 74.09 -14.17
C THR O 193 60.48 73.07 -13.48
N CYS O 194 60.60 73.00 -12.16
CA CYS O 194 59.80 72.10 -11.33
C CYS O 194 58.83 72.93 -10.50
N GLU O 195 57.56 72.92 -10.90
CA GLU O 195 56.51 73.71 -10.26
C GLU O 195 55.67 72.82 -9.36
N ALA O 196 55.51 73.22 -8.10
CA ALA O 196 54.77 72.46 -7.11
C ALA O 196 53.66 73.32 -6.52
N THR O 197 52.45 72.78 -6.47
CA THR O 197 51.30 73.48 -5.91
C THR O 197 50.92 72.83 -4.58
N HIS O 198 50.82 73.66 -3.54
CA HIS O 198 50.51 73.20 -2.19
C HIS O 198 49.53 74.15 -1.54
N LYS O 199 48.94 73.70 -0.43
CA LYS O 199 47.97 74.51 0.29
C LYS O 199 48.63 75.73 0.95
N THR O 200 49.92 75.64 1.28
CA THR O 200 50.58 76.71 2.03
C THR O 200 50.77 77.96 1.18
N SER O 201 51.08 77.78 -0.10
CA SER O 201 51.35 78.90 -1.00
C SER O 201 50.27 79.00 -2.05
N THR O 202 49.84 80.23 -2.35
CA THR O 202 48.87 80.46 -3.41
C THR O 202 49.51 80.46 -4.79
N SER O 203 50.82 80.70 -4.88
CA SER O 203 51.56 80.60 -6.13
C SER O 203 52.47 79.37 -6.09
N PRO O 204 52.63 78.66 -7.22
CA PRO O 204 53.46 77.45 -7.22
C PRO O 204 54.91 77.76 -6.87
N ILE O 205 55.50 76.88 -6.07
CA ILE O 205 56.91 77.01 -5.66
C ILE O 205 57.76 76.38 -6.77
N VAL O 206 58.38 77.21 -7.60
CA VAL O 206 59.19 76.72 -8.70
C VAL O 206 60.67 76.75 -8.36
N SER O 208 64.48 76.29 -11.08
CA SER O 208 64.83 76.27 -12.50
C SER O 208 66.34 76.11 -12.70
N PHE O 209 66.72 75.46 -13.79
CA PHE O 209 68.11 75.40 -14.20
C PHE O 209 68.17 75.31 -15.72
N ASN O 210 69.22 75.90 -16.29
CA ASN O 210 69.32 76.07 -17.74
C ASN O 210 70.57 75.40 -18.29
N ARG O 211 70.42 74.14 -18.70
CA ARG O 211 71.46 73.39 -19.40
C ARG O 211 70.92 72.08 -19.95
N GLU P 1 49.59 30.75 22.09
CA GLU P 1 48.73 31.42 21.12
C GLU P 1 48.83 30.76 19.75
N VAL P 2 47.78 30.88 18.96
CA VAL P 2 47.75 30.33 17.61
C VAL P 2 48.34 31.34 16.64
N GLN P 3 49.27 30.88 15.79
CA GLN P 3 49.98 31.75 14.87
C GLN P 3 49.95 31.13 13.47
N LEU P 4 50.22 31.97 12.47
CA LEU P 4 50.19 31.56 11.07
C LEU P 4 51.50 31.96 10.41
N GLN P 5 52.19 30.98 9.82
CA GLN P 5 53.47 31.20 9.14
C GLN P 5 53.26 30.98 7.65
N GLN P 6 53.34 32.05 6.87
CA GLN P 6 53.16 31.95 5.43
C GLN P 6 54.49 31.72 4.73
N SER P 7 54.42 31.32 3.46
CA SER P 7 55.60 31.15 2.64
C SER P 7 56.21 32.50 2.29
N GLY P 8 57.49 32.47 1.90
CA GLY P 8 58.24 33.66 1.69
C GLY P 8 57.83 34.40 0.42
N PRO P 9 58.54 35.49 0.13
CA PRO P 9 58.24 36.27 -1.07
C PRO P 9 58.46 35.47 -2.33
N GLU P 10 57.64 35.75 -3.35
CA GLU P 10 57.69 35.00 -4.60
C GLU P 10 57.73 35.98 -5.77
N LEU P 11 58.68 35.78 -6.66
CA LEU P 11 58.75 36.48 -7.94
C LEU P 11 58.40 35.47 -9.03
N VAL P 12 57.37 35.78 -9.82
CA VAL P 12 56.83 34.86 -10.81
C VAL P 12 56.71 35.57 -12.14
N LYS P 13 56.95 34.83 -13.24
CA LYS P 13 56.84 35.37 -14.58
C LYS P 13 55.38 35.42 -15.03
N PRO P 14 55.03 36.40 -15.87
CA PRO P 14 53.64 36.47 -16.37
C PRO P 14 53.24 35.21 -17.09
N GLY P 15 52.00 34.78 -16.87
CA GLY P 15 51.47 33.56 -17.45
C GLY P 15 51.74 32.30 -16.66
N ALA P 16 52.63 32.36 -15.67
CA ALA P 16 52.99 31.19 -14.88
C ALA P 16 52.02 31.03 -13.70
N SER P 17 52.34 30.15 -12.77
CA SER P 17 51.50 29.90 -11.61
C SER P 17 52.35 29.82 -10.36
N MET P 18 51.84 30.36 -9.27
CA MET P 18 52.51 30.34 -7.97
C MET P 18 51.67 29.57 -6.96
N LYS P 19 52.33 29.13 -5.90
CA LYS P 19 51.66 28.44 -4.79
C LYS P 19 52.15 29.04 -3.48
N ILE P 20 51.21 29.42 -2.62
CA ILE P 20 51.49 29.99 -1.31
C ILE P 20 51.09 28.97 -0.25
N SER P 21 51.87 28.89 0.82
CA SER P 21 51.59 27.97 1.92
C SER P 21 51.27 28.74 3.19
N CYS P 22 50.33 28.22 3.96
CA CYS P 22 49.92 28.82 5.23
C CYS P 22 49.83 27.68 6.25
N LYS P 23 50.70 27.72 7.26
CA LYS P 23 50.75 26.69 8.28
C LYS P 23 50.23 27.26 9.59
N ALA P 24 49.33 26.54 10.23
CA ALA P 24 48.75 26.95 11.50
C ALA P 24 49.40 26.18 12.65
N SER P 25 49.69 26.88 13.73
CA SER P 25 50.36 26.29 14.88
C SER P 25 49.70 26.81 16.16
N GLY P 26 49.86 26.05 17.23
CA GLY P 26 49.35 26.46 18.53
C GLY P 26 47.85 26.45 18.67
N TYR P 27 47.12 25.80 17.76
CA TYR P 27 45.67 25.75 17.85
C TYR P 27 45.25 24.71 18.89
N SER P 28 44.09 24.95 19.50
CA SER P 28 43.54 24.03 20.48
C SER P 28 42.47 23.10 19.92
N PHE P 29 41.87 23.46 18.78
CA PHE P 29 40.93 22.59 18.10
C PHE P 29 41.19 22.66 16.61
N THR P 30 40.65 21.70 15.87
CA THR P 30 40.93 21.55 14.45
C THR P 30 39.86 22.15 13.54
N GLY P 31 38.79 22.70 14.12
CA GLY P 31 37.65 23.11 13.32
C GLY P 31 37.69 24.53 12.79
N TYR P 32 38.87 25.11 12.70
CA TYR P 32 39.01 26.47 12.18
C TYR P 32 38.90 26.47 10.65
N THR P 33 38.50 27.62 10.11
CA THR P 33 38.31 27.78 8.68
C THR P 33 39.39 28.69 8.11
N MET P 34 40.07 28.22 7.08
CA MET P 34 41.22 28.91 6.50
C MET P 34 40.77 29.79 5.34
N ASN P 35 41.08 31.09 5.41
CA ASN P 35 40.71 32.05 4.39
C ASN P 35 41.97 32.62 3.73
N TRP P 36 41.75 33.30 2.60
CA TRP P 36 42.82 33.97 1.88
C TRP P 36 42.32 35.33 1.41
N VAL P 37 43.10 36.37 1.67
CA VAL P 37 42.72 37.76 1.37
C VAL P 37 43.81 38.39 0.52
N LYS P 38 43.41 39.24 -0.42
CA LYS P 38 44.32 39.90 -1.34
C LYS P 38 44.24 41.40 -1.15
N GLN P 39 45.38 42.03 -0.87
CA GLN P 39 45.46 43.47 -0.67
C GLN P 39 46.28 44.10 -1.79
N SER P 40 45.68 45.03 -2.52
CA SER P 40 46.29 45.59 -3.72
C SER P 40 47.28 46.68 -3.35
N HIS P 41 47.78 47.39 -4.37
CA HIS P 41 48.68 48.51 -4.12
C HIS P 41 47.98 49.68 -3.45
N GLY P 42 46.66 49.77 -3.58
CA GLY P 42 45.90 50.83 -2.93
C GLY P 42 45.36 50.41 -1.58
N LYS P 43 45.91 49.34 -1.03
CA LYS P 43 45.52 48.83 0.30
C LYS P 43 44.03 48.45 0.34
N ASN P 44 43.58 47.75 -0.70
CA ASN P 44 42.18 47.34 -0.83
C ASN P 44 42.08 45.84 -0.61
N LEU P 45 41.29 45.45 0.39
CA LEU P 45 41.16 44.05 0.79
C LEU P 45 40.08 43.35 -0.04
N GLU P 46 40.42 42.17 -0.55
CA GLU P 46 39.49 41.31 -1.28
C GLU P 46 39.59 39.89 -0.71
N TRP P 47 38.46 39.34 -0.30
CA TRP P 47 38.42 37.98 0.23
C TRP P 47 38.36 37.00 -0.94
N ILE P 48 39.30 36.07 -0.99
CA ILE P 48 39.42 35.15 -2.13
C ILE P 48 38.52 33.94 -1.93
N GLY P 49 38.81 33.14 -0.91
CA GLY P 49 38.04 31.95 -0.67
C GLY P 49 38.37 31.37 0.70
N LEU P 50 37.62 30.34 1.06
CA LEU P 50 37.81 29.66 2.33
C LEU P 50 37.71 28.16 2.13
N ILE P 51 38.09 27.43 3.17
CA ILE P 51 37.97 25.97 3.18
C ILE P 51 37.63 25.54 4.61
N ASN P 52 36.57 24.74 4.74
CA ASN P 52 36.16 24.23 6.03
C ASN P 52 36.52 22.76 6.12
N PRO P 53 37.12 22.31 7.23
CA PRO P 53 37.60 20.91 7.28
C PRO P 53 36.48 19.89 7.19
N TYR P 54 35.29 20.20 7.69
CA TYR P 54 34.16 19.29 7.62
C TYR P 54 33.38 19.42 6.32
N ASN P 55 33.58 20.51 5.58
CA ASN P 55 32.81 20.74 4.37
C ASN P 55 33.28 19.86 3.22
N ASP P 56 34.57 19.52 3.19
CA ASP P 56 35.17 18.73 2.11
C ASP P 56 35.02 19.45 0.76
N GLY P 57 35.02 20.77 0.78
CA GLY P 57 34.87 21.56 -0.42
C GLY P 57 35.23 23.01 -0.18
N PRO P 58 35.93 23.61 -1.13
CA PRO P 58 36.34 25.01 -0.97
C PRO P 58 35.32 25.99 -1.54
N SER P 59 35.04 27.05 -0.79
CA SER P 59 34.16 28.11 -1.25
C SER P 59 35.01 29.27 -1.75
N TYR P 60 34.74 29.72 -2.96
CA TYR P 60 35.50 30.80 -3.59
C TYR P 60 34.65 32.05 -3.74
N ASN P 61 35.31 33.14 -4.09
CA ASN P 61 34.64 34.36 -4.52
C ASN P 61 34.47 34.31 -6.03
N GLN P 62 33.35 34.83 -6.52
CA GLN P 62 33.04 34.75 -7.94
C GLN P 62 34.13 35.40 -8.79
N ASN P 63 34.76 36.46 -8.29
CA ASN P 63 35.80 37.12 -9.06
C ASN P 63 37.10 36.32 -9.10
N PHE P 64 37.34 35.50 -8.09
CA PHE P 64 38.52 34.64 -8.03
C PHE P 64 38.28 33.25 -8.56
N LYS P 65 37.05 32.92 -8.96
CA LYS P 65 36.78 31.61 -9.54
C LYS P 65 37.63 31.41 -10.78
N GLY P 66 38.50 30.41 -10.76
CA GLY P 66 39.41 30.14 -11.84
C GLY P 66 40.77 30.79 -11.66
N LYS P 67 40.82 31.95 -11.01
CA LYS P 67 42.11 32.59 -10.76
C LYS P 67 42.88 31.86 -9.65
N ALA P 68 42.17 31.31 -8.67
CA ALA P 68 42.79 30.65 -7.54
C ALA P 68 42.10 29.32 -7.26
N THR P 69 42.87 28.36 -6.77
CA THR P 69 42.34 27.08 -6.32
C THR P 69 42.91 26.80 -4.94
N LEU P 70 42.03 26.56 -3.97
CA LEU P 70 42.42 26.34 -2.59
C LEU P 70 42.53 24.85 -2.31
N THR P 71 43.53 24.47 -1.52
CA THR P 71 43.74 23.10 -1.09
C THR P 71 44.29 23.11 0.33
N VAL P 72 44.27 21.95 0.98
CA VAL P 72 44.73 21.80 2.36
C VAL P 72 45.40 20.44 2.52
N ASP P 73 46.54 20.43 3.21
CA ASP P 73 47.23 19.22 3.63
C ASP P 73 47.05 19.10 5.14
N LYS P 74 46.00 18.39 5.56
CA LYS P 74 45.68 18.27 6.98
C LYS P 74 46.74 17.47 7.74
N SER P 75 47.49 16.60 7.06
CA SER P 75 48.53 15.83 7.74
C SER P 75 49.61 16.75 8.30
N SER P 76 50.05 17.71 7.50
CA SER P 76 51.04 18.68 7.93
C SER P 76 50.42 19.96 8.49
N SER P 77 49.10 20.04 8.54
CA SER P 77 48.38 21.20 9.07
C SER P 77 48.77 22.48 8.35
N THR P 78 48.88 22.40 7.02
CA THR P 78 49.26 23.54 6.19
C THR P 78 48.28 23.69 5.04
N ALA P 79 47.97 24.94 4.69
CA ALA P 79 47.04 25.25 3.62
C ALA P 79 47.78 25.82 2.42
N TYR P 80 47.19 25.64 1.24
CA TYR P 80 47.82 26.03 -0.02
C TYR P 80 46.81 26.77 -0.89
N MET P 81 47.32 27.77 -1.62
CA MET P 81 46.52 28.53 -2.58
C MET P 81 47.34 28.72 -3.84
N GLU P 82 46.83 28.21 -4.97
CA GLU P 82 47.53 28.28 -6.24
C GLU P 82 46.85 29.31 -7.13
N LEU P 83 47.59 30.36 -7.48
CA LEU P 83 47.11 31.37 -8.42
C LEU P 83 47.60 31.02 -9.81
N LEU P 84 46.70 31.08 -10.79
CA LEU P 84 46.98 30.62 -12.14
C LEU P 84 46.89 31.78 -13.13
N SER P 85 47.68 31.68 -14.20
CA SER P 85 47.72 32.69 -15.26
C SER P 85 47.98 34.09 -14.69
N LEU P 86 49.08 34.20 -13.96
CA LEU P 86 49.39 35.44 -13.24
C LEU P 86 49.65 36.58 -14.21
N THR P 87 49.19 37.76 -13.84
CA THR P 87 49.35 38.97 -14.63
C THR P 87 49.90 40.08 -13.74
N SER P 88 50.06 41.27 -14.32
CA SER P 88 50.54 42.41 -13.53
C SER P 88 49.51 42.86 -12.52
N GLU P 89 48.22 42.69 -12.84
CA GLU P 89 47.15 43.05 -11.91
C GLU P 89 47.06 42.08 -10.73
N ASP P 90 47.71 40.92 -10.82
CA ASP P 90 47.73 39.96 -9.72
C ASP P 90 48.85 40.20 -8.72
N SER P 91 49.75 41.14 -9.01
CA SER P 91 50.81 41.49 -8.07
C SER P 91 50.21 42.20 -6.87
N ALA P 92 50.26 41.55 -5.70
CA ALA P 92 49.67 42.10 -4.49
C ALA P 92 50.17 41.28 -3.30
N VAL P 93 49.79 41.71 -2.11
CA VAL P 93 50.09 40.97 -0.88
C VAL P 93 48.91 40.05 -0.59
N TYR P 94 49.20 38.79 -0.29
CA TYR P 94 48.17 37.79 -0.04
C TYR P 94 48.28 37.31 1.39
N TYR P 95 47.24 37.58 2.18
CA TYR P 95 47.17 37.16 3.57
C TYR P 95 46.34 35.88 3.70
N CYS P 96 46.69 35.07 4.68
CA CYS P 96 45.85 33.95 5.11
C CYS P 96 45.41 34.22 6.54
N ALA P 97 44.11 34.16 6.77
CA ALA P 97 43.52 34.39 8.09
C ALA P 97 42.50 33.30 8.35
N ILE P 98 42.31 32.99 9.63
CA ILE P 98 41.49 31.85 10.01
C ILE P 98 40.30 32.31 10.84
N HIS P 99 39.22 31.54 10.77
CA HIS P 99 38.07 31.70 11.66
C HIS P 99 38.25 30.80 12.87
N TYR P 100 39.18 31.20 13.73
CA TYR P 100 39.44 30.47 14.96
C TYR P 100 38.31 30.72 15.95
N TYR P 101 38.28 31.91 16.55
CA TYR P 101 37.18 32.29 17.41
C TYR P 101 36.00 32.85 16.64
N GLY P 102 36.19 33.19 15.36
CA GLY P 102 35.14 33.81 14.58
C GLY P 102 34.43 32.87 13.63
N ILE P 103 34.17 31.65 14.10
CA ILE P 103 33.60 30.62 13.23
C ILE P 103 32.13 30.85 12.93
N SER P 104 31.38 31.44 13.87
CA SER P 104 29.94 31.59 13.67
C SER P 104 29.55 32.98 13.17
N TYR P 105 30.24 34.03 13.62
CA TYR P 105 29.93 35.38 13.19
C TYR P 105 30.90 35.90 12.15
N TRP P 106 31.88 35.07 11.75
CA TRP P 106 32.66 35.26 10.53
C TRP P 106 33.55 36.50 10.57
N TYR P 107 34.43 36.54 11.56
CA TYR P 107 35.47 37.53 11.64
C TYR P 107 36.82 36.83 11.72
N PHE P 108 37.81 37.39 11.02
CA PHE P 108 39.15 36.80 10.95
C PHE P 108 39.96 37.28 12.14
N ASP P 109 40.06 36.44 13.17
CA ASP P 109 40.72 36.87 14.40
C ASP P 109 42.22 36.59 14.43
N VAL P 110 42.73 35.75 13.53
CA VAL P 110 44.16 35.46 13.46
C VAL P 110 44.62 35.58 12.01
N TRP P 111 45.55 36.50 11.76
CA TRP P 111 46.04 36.79 10.42
C TRP P 111 47.50 36.36 10.30
N GLY P 112 47.90 36.00 9.08
CA GLY P 112 49.28 35.72 8.80
C GLY P 112 50.06 36.98 8.46
N ALA P 113 51.39 36.82 8.39
CA ALA P 113 52.25 37.97 8.14
C ALA P 113 52.10 38.51 6.72
N GLY P 114 51.66 37.68 5.79
CA GLY P 114 51.48 38.08 4.41
C GLY P 114 52.56 37.49 3.51
N THR P 115 52.25 37.45 2.22
CA THR P 115 53.18 36.97 1.21
C THR P 115 53.11 37.93 0.02
N THR P 116 54.23 38.58 -0.27
CA THR P 116 54.29 39.56 -1.35
C THR P 116 54.56 38.84 -2.66
N VAL P 117 53.63 38.98 -3.61
CA VAL P 117 53.73 38.34 -4.91
C VAL P 117 54.00 39.41 -5.95
N THR P 118 55.15 39.32 -6.61
CA THR P 118 55.54 40.24 -7.67
C THR P 118 55.54 39.49 -9.00
N VAL P 119 54.89 40.07 -10.00
CA VAL P 119 54.77 39.47 -11.33
C VAL P 119 55.44 40.40 -12.32
N SER P 120 56.59 39.98 -12.85
CA SER P 120 57.34 40.78 -13.81
C SER P 120 58.21 39.86 -14.65
N SER P 121 58.49 40.29 -15.87
CA SER P 121 59.27 39.48 -16.81
C SER P 121 60.77 39.64 -16.63
N ALA P 122 61.21 40.70 -15.96
CA ALA P 122 62.63 41.00 -15.87
C ALA P 122 63.34 40.01 -14.95
N LYS P 123 64.63 39.80 -15.23
CA LYS P 123 65.47 38.95 -14.41
C LYS P 123 66.29 39.81 -13.45
N THR P 124 67.09 39.16 -12.62
CA THR P 124 67.88 39.86 -11.62
C THR P 124 68.91 40.77 -12.30
N THR P 125 68.78 42.07 -12.06
CA THR P 125 69.61 43.08 -12.70
C THR P 125 70.27 43.96 -11.64
N ALA P 126 71.49 44.39 -11.90
CA ALA P 126 72.26 45.21 -10.99
C ALA P 126 71.85 46.68 -11.09
N PRO P 127 71.92 47.42 -9.98
CA PRO P 127 71.49 48.82 -9.99
C PRO P 127 72.55 49.73 -10.59
N SER P 128 72.14 50.97 -10.85
CA SER P 128 73.01 52.01 -11.36
C SER P 128 72.91 53.22 -10.43
N VAL P 129 74.01 53.61 -9.83
CA VAL P 129 74.03 54.67 -8.82
C VAL P 129 74.49 55.97 -9.46
N TYR P 130 73.66 57.00 -9.38
CA TYR P 130 73.95 58.31 -9.94
C TYR P 130 73.88 59.36 -8.83
N PRO P 131 74.98 60.02 -8.48
CA PRO P 131 74.90 61.09 -7.48
C PRO P 131 74.37 62.39 -8.06
N LEU P 132 73.62 63.11 -7.22
CA LEU P 132 73.01 64.38 -7.60
C LEU P 132 73.61 65.50 -6.77
N VAL P 133 73.94 66.61 -7.44
CA VAL P 133 74.68 67.72 -6.84
C VAL P 133 73.86 68.99 -7.00
N PRO P 134 74.11 70.01 -6.18
CA PRO P 134 73.36 71.27 -6.34
C PRO P 134 73.64 71.93 -7.68
N VAL P 135 72.69 72.75 -8.12
CA VAL P 135 72.74 73.41 -9.42
C VAL P 135 73.97 74.32 -9.47
N SER P 142 71.79 78.80 3.14
CA SER P 142 72.06 78.41 4.51
C SER P 142 72.18 76.90 4.66
N SER P 143 71.36 76.17 3.92
CA SER P 143 71.37 74.71 3.94
C SER P 143 71.38 74.18 2.51
N VAL P 144 72.05 73.04 2.32
CA VAL P 144 72.19 72.41 1.01
C VAL P 144 71.62 71.01 1.08
N THR P 145 70.99 70.57 -0.01
CA THR P 145 70.37 69.26 -0.10
C THR P 145 71.12 68.41 -1.13
N LEU P 146 71.43 67.17 -0.75
CA LEU P 146 72.15 66.24 -1.61
C LEU P 146 71.25 65.06 -1.95
N GLY P 147 71.34 64.59 -3.19
CA GLY P 147 70.50 63.51 -3.65
C GLY P 147 71.32 62.38 -4.26
N CYS P 148 70.78 61.17 -4.12
CA CYS P 148 71.42 59.96 -4.63
C CYS P 148 70.38 59.15 -5.38
N LEU P 149 70.63 58.90 -6.66
CA LEU P 149 69.66 58.26 -7.54
C LEU P 149 70.10 56.83 -7.87
N VAL P 150 69.19 55.89 -7.67
CA VAL P 150 69.40 54.48 -8.03
C VAL P 150 68.28 54.06 -8.96
N LYS P 151 68.64 53.49 -10.11
CA LYS P 151 67.66 53.16 -11.14
C LYS P 151 67.95 51.78 -11.72
N GLY P 152 66.91 51.15 -12.24
CA GLY P 152 67.02 49.92 -12.99
C GLY P 152 67.61 48.73 -12.26
N TYR P 153 67.01 48.33 -11.15
CA TYR P 153 67.50 47.20 -10.36
C TYR P 153 66.38 46.22 -10.05
N PHE P 154 66.80 45.02 -9.63
CA PHE P 154 65.93 43.89 -9.43
C PHE P 154 66.66 42.72 -8.76
N PRO P 155 65.96 41.97 -7.90
CA PRO P 155 64.70 42.33 -7.26
C PRO P 155 64.93 42.97 -5.89
N GLU P 156 63.95 43.72 -5.40
CA GLU P 156 64.03 44.36 -4.08
C GLU P 156 64.40 43.33 -3.01
N PRO P 157 64.99 43.77 -1.89
CA PRO P 157 65.27 45.14 -1.45
C PRO P 157 66.67 45.65 -1.75
N VAL P 158 66.85 46.97 -1.66
CA VAL P 158 68.15 47.62 -1.73
C VAL P 158 68.29 48.50 -0.50
N THR P 159 69.44 48.41 0.16
CA THR P 159 69.74 49.21 1.35
C THR P 159 70.62 50.38 0.95
N LEU P 160 70.17 51.59 1.26
CA LEU P 160 70.93 52.80 0.97
C LEU P 160 71.28 53.49 2.29
N THR P 161 72.56 53.82 2.45
CA THR P 161 73.04 54.52 3.64
C THR P 161 73.87 55.72 3.22
N TRP P 162 74.02 56.67 4.13
CA TRP P 162 74.78 57.88 3.90
C TRP P 162 76.01 57.87 4.80
N ASN P 163 77.20 57.86 4.18
CA ASN P 163 78.48 57.85 4.89
C ASN P 163 78.60 56.62 5.81
N SER P 164 78.26 55.45 5.26
CA SER P 164 78.30 54.18 5.99
C SER P 164 77.41 54.21 7.24
N GLY P 165 76.29 54.92 7.17
CA GLY P 165 75.44 55.06 8.33
C GLY P 165 75.79 56.19 9.26
N SER P 166 76.92 56.87 9.03
CA SER P 166 77.28 58.00 9.88
C SER P 166 76.25 59.12 9.78
N LEU P 167 75.77 59.40 8.58
CA LEU P 167 74.71 60.38 8.38
C LEU P 167 73.37 59.66 8.37
N SER P 168 72.61 59.79 9.46
CA SER P 168 71.30 59.19 9.59
C SER P 168 70.20 60.20 9.88
N SER P 169 70.54 61.47 10.08
CA SER P 169 69.57 62.52 10.35
C SER P 169 69.39 63.40 9.12
N GLY P 170 68.13 63.78 8.86
CA GLY P 170 67.82 64.60 7.71
C GLY P 170 67.86 63.88 6.38
N VAL P 171 67.93 62.56 6.39
CA VAL P 171 68.00 61.76 5.17
C VAL P 171 66.61 61.21 4.88
N HIS P 172 66.09 61.51 3.70
CA HIS P 172 64.77 61.04 3.27
C HIS P 172 64.95 59.99 2.17
N THR P 173 64.87 58.73 2.55
CA THR P 173 64.94 57.64 1.57
C THR P 173 63.51 57.28 1.15
N PHE P 174 63.22 57.48 -0.14
CA PHE P 174 61.89 57.28 -0.71
C PHE P 174 61.72 55.83 -1.18
N PRO P 175 60.51 55.30 -1.13
CA PRO P 175 60.30 53.92 -1.60
C PRO P 175 60.43 53.82 -3.10
N ALA P 176 60.67 52.59 -3.57
CA ALA P 176 60.88 52.37 -4.99
C ALA P 176 59.56 52.38 -5.75
N LEU P 177 59.64 52.73 -7.02
CA LEU P 177 58.50 52.72 -7.93
C LEU P 177 58.88 51.90 -9.15
N LEU P 178 58.19 50.77 -9.34
CA LEU P 178 58.46 49.91 -10.48
C LEU P 178 58.15 50.63 -11.78
N GLN P 179 59.11 50.60 -12.71
CA GLN P 179 58.96 51.27 -14.00
C GLN P 179 59.53 50.34 -15.08
N SER P 180 58.64 49.69 -15.83
CA SER P 180 59.03 48.78 -16.91
C SER P 180 59.86 47.61 -16.39
N GLY P 181 59.41 47.04 -15.28
CA GLY P 181 60.11 45.91 -14.68
C GLY P 181 61.40 46.24 -13.98
N LEU P 182 61.69 47.51 -13.73
CA LEU P 182 62.93 47.92 -13.07
C LEU P 182 62.61 49.00 -12.05
N TYR P 183 62.98 48.76 -10.79
CA TYR P 183 62.69 49.70 -9.72
C TYR P 183 63.59 50.94 -9.83
N THR P 184 63.21 51.98 -9.10
CA THR P 184 63.99 53.22 -9.01
C THR P 184 63.83 53.78 -7.62
N LEU P 185 64.95 53.99 -6.92
CA LEU P 185 64.96 54.47 -5.55
C LEU P 185 65.84 55.70 -5.46
N SER P 186 65.33 56.77 -4.85
CA SER P 186 66.07 58.00 -4.64
C SER P 186 66.04 58.38 -3.17
N SER P 187 67.12 58.99 -2.70
CA SER P 187 67.24 59.47 -1.34
C SER P 187 67.71 60.91 -1.35
N SER P 188 67.40 61.64 -0.27
CA SER P 188 67.73 63.05 -0.15
C SER P 188 68.29 63.33 1.23
N VAL P 189 69.50 63.89 1.27
CA VAL P 189 70.17 64.26 2.51
C VAL P 189 70.38 65.76 2.51
N THR P 190 69.97 66.42 3.59
CA THR P 190 70.13 67.86 3.76
C THR P 190 71.12 68.12 4.88
N VAL P 191 72.11 68.97 4.61
CA VAL P 191 73.13 69.34 5.59
C VAL P 191 73.29 70.86 5.55
N THR P 192 73.95 71.39 6.58
CA THR P 192 74.26 72.81 6.62
C THR P 192 75.21 73.18 5.49
N SER P 193 75.15 74.44 5.06
CA SER P 193 75.90 74.86 3.88
C SER P 193 77.41 74.78 4.11
N ASN P 194 77.86 75.06 5.33
CA ASN P 194 79.29 74.98 5.64
C ASN P 194 79.77 73.54 5.75
N THR P 195 78.87 72.62 6.12
CA THR P 195 79.24 71.24 6.40
C THR P 195 79.55 70.42 5.15
N TRP P 196 78.85 70.67 4.03
CA TRP P 196 78.99 69.79 2.87
C TRP P 196 80.31 70.00 2.13
N PRO P 197 80.69 71.21 1.72
CA PRO P 197 81.99 71.34 1.03
C PRO P 197 83.17 70.91 1.87
N SER P 198 83.09 71.03 3.20
CA SER P 198 84.21 70.65 4.05
C SER P 198 84.27 69.13 4.25
N GLN P 199 83.24 68.54 4.82
CA GLN P 199 83.20 67.11 5.09
C GLN P 199 82.65 66.36 3.88
N THR P 200 83.29 65.24 3.54
CA THR P 200 82.88 64.43 2.40
C THR P 200 81.64 63.60 2.75
N ILE P 201 80.72 63.52 1.79
CA ILE P 201 79.47 62.78 1.95
C ILE P 201 79.39 61.74 0.85
N THR P 202 79.37 60.47 1.23
CA THR P 202 79.30 59.36 0.29
C THR P 202 77.97 58.62 0.42
N CYS P 203 77.46 58.14 -0.72
CA CYS P 203 76.19 57.43 -0.78
C CYS P 203 76.47 55.95 -1.02
N ASN P 204 76.15 55.12 -0.03
CA ASN P 204 76.36 53.67 -0.12
C ASN P 204 75.06 52.99 -0.51
N VAL P 205 75.12 52.14 -1.53
CA VAL P 205 73.96 51.41 -2.03
C VAL P 205 74.37 49.95 -2.19
N ALA P 206 73.72 49.06 -1.44
CA ALA P 206 74.01 47.63 -1.47
C ALA P 206 72.80 46.88 -2.02
N HIS P 207 73.07 45.81 -2.77
CA HIS P 207 72.02 45.02 -3.41
C HIS P 207 72.37 43.55 -3.25
N PRO P 208 71.76 42.85 -2.29
CA PRO P 208 72.17 41.46 -2.02
C PRO P 208 71.84 40.50 -3.15
N ALA P 209 70.71 40.67 -3.81
CA ALA P 209 70.29 39.71 -4.83
C ALA P 209 71.26 39.67 -6.01
N SER P 210 71.75 40.83 -6.42
CA SER P 210 72.71 40.91 -7.51
C SER P 210 74.15 40.91 -7.03
N SER P 211 74.37 40.90 -5.71
CA SER P 211 75.71 40.87 -5.11
C SER P 211 76.56 42.05 -5.61
N THR P 212 76.01 43.25 -5.47
CA THR P 212 76.69 44.48 -5.87
C THR P 212 76.66 45.47 -4.71
N LYS P 213 77.81 46.01 -4.37
CA LYS P 213 77.93 47.05 -3.34
C LYS P 213 78.67 48.24 -3.94
N VAL P 214 78.01 49.40 -3.95
CA VAL P 214 78.53 50.59 -4.61
C VAL P 214 78.59 51.72 -3.60
N ASP P 215 79.69 52.48 -3.63
CA ASP P 215 79.84 53.69 -2.83
C ASP P 215 80.09 54.86 -3.76
N LYS P 216 79.16 55.81 -3.80
CA LYS P 216 79.25 56.99 -4.64
C LYS P 216 79.25 58.24 -3.77
N LYS P 217 80.24 59.09 -3.97
CA LYS P 217 80.37 60.34 -3.23
C LYS P 217 79.73 61.48 -4.00
N ILE P 218 78.92 62.28 -3.32
CA ILE P 218 78.27 63.42 -3.94
C ILE P 218 79.32 64.44 -4.37
N GLU P 219 79.42 64.66 -5.67
CA GLU P 219 80.42 65.57 -6.25
C GLU P 219 81.84 65.24 -5.80
N GLU Q 1 -18.84 -45.97 1.15
CA GLU Q 1 -19.90 -45.10 1.65
C GLU Q 1 -21.24 -45.46 0.99
N ILE Q 2 -21.31 -45.33 -0.33
CA ILE Q 2 -22.54 -45.60 -1.05
C ILE Q 2 -22.73 -47.11 -1.17
N VAL Q 3 -23.71 -47.65 -0.45
CA VAL Q 3 -24.01 -49.07 -0.46
C VAL Q 3 -25.00 -49.34 -1.58
N LEU Q 4 -24.75 -50.42 -2.34
CA LEU Q 4 -25.68 -50.89 -3.36
C LEU Q 4 -26.34 -52.18 -2.90
N THR Q 5 -27.64 -52.31 -3.20
CA THR Q 5 -28.43 -53.45 -2.77
C THR Q 5 -29.21 -53.98 -3.97
N GLN Q 6 -29.08 -55.27 -4.24
CA GLN Q 6 -29.68 -55.88 -5.43
C GLN Q 6 -30.82 -56.81 -5.05
N SER Q 7 -31.93 -56.68 -5.78
CA SER Q 7 -33.09 -57.55 -5.60
C SER Q 7 -33.53 -58.13 -6.94
N PRO Q 8 -33.79 -59.44 -6.97
CA PRO Q 8 -33.63 -60.34 -5.82
C PRO Q 8 -32.22 -60.89 -5.72
N THR Q 9 -31.91 -61.59 -4.62
CA THR Q 9 -30.62 -62.24 -4.50
C THR Q 9 -30.46 -63.35 -5.54
N THR Q 10 -31.41 -64.28 -5.59
CA THR Q 10 -31.47 -65.31 -6.61
C THR Q 10 -32.79 -65.19 -7.37
N MET Q 11 -32.82 -65.79 -8.56
CA MET Q 11 -34.00 -65.69 -9.41
C MET Q 11 -34.01 -66.86 -10.38
N ALA Q 12 -35.17 -67.48 -10.54
CA ALA Q 12 -35.36 -68.57 -11.49
C ALA Q 12 -36.43 -68.16 -12.49
N ALA Q 13 -36.13 -68.31 -13.77
CA ALA Q 13 -37.05 -67.91 -14.82
C ALA Q 13 -36.83 -68.75 -16.06
N SER Q 14 -37.92 -69.07 -16.76
CA SER Q 14 -37.86 -69.81 -18.00
C SER Q 14 -37.49 -68.89 -19.15
N PRO Q 15 -36.91 -69.42 -20.23
CA PRO Q 15 -36.62 -68.58 -21.39
C PRO Q 15 -37.90 -67.99 -21.96
N GLY Q 16 -37.78 -66.75 -22.44
CA GLY Q 16 -38.92 -65.99 -22.89
C GLY Q 16 -39.48 -65.03 -21.85
N GLU Q 17 -39.26 -65.31 -20.57
CA GLU Q 17 -39.70 -64.43 -19.51
C GLU Q 17 -38.91 -63.13 -19.53
N LYS Q 18 -39.50 -62.10 -18.95
CA LYS Q 18 -38.87 -60.78 -18.85
C LYS Q 18 -38.34 -60.62 -17.43
N ILE Q 19 -37.02 -60.56 -17.30
CA ILE Q 19 -36.35 -60.49 -16.00
C ILE Q 19 -36.01 -59.04 -15.71
N ILE Q 20 -36.26 -58.62 -14.47
CA ILE Q 20 -35.94 -57.27 -14.01
C ILE Q 20 -35.16 -57.43 -12.70
N ILE Q 21 -33.90 -57.04 -12.71
CA ILE Q 21 -33.08 -56.96 -11.50
C ILE Q 21 -32.98 -55.48 -11.13
N THR Q 22 -33.14 -55.19 -9.84
CA THR Q 22 -33.08 -53.81 -9.36
C THR Q 22 -31.82 -53.58 -8.54
N CYS Q 23 -31.27 -52.37 -8.65
CA CYS Q 23 -30.12 -51.93 -7.87
C CYS Q 23 -30.53 -50.67 -7.10
N SER Q 24 -30.43 -50.72 -5.77
CA SER Q 24 -30.86 -49.63 -4.93
C SER Q 24 -29.66 -49.06 -4.18
N ALA Q 25 -29.47 -47.74 -4.29
CA ALA Q 25 -28.33 -47.05 -3.73
C ALA Q 25 -28.72 -46.25 -2.50
N SER Q 26 -27.79 -46.13 -1.55
CA SER Q 26 -28.06 -45.43 -0.31
C SER Q 26 -28.03 -43.92 -0.49
N SER Q 27 -27.33 -43.42 -1.51
CA SER Q 27 -27.30 -42.00 -1.84
C SER Q 27 -27.75 -41.80 -3.27
N SER Q 28 -28.15 -40.57 -3.58
CA SER Q 28 -28.58 -40.24 -4.93
C SER Q 28 -27.34 -40.01 -5.79
N ILE Q 29 -27.14 -40.88 -6.78
CA ILE Q 29 -25.97 -40.81 -7.65
C ILE Q 29 -26.42 -40.48 -9.06
N SER Q 30 -25.57 -39.77 -9.79
CA SER Q 30 -25.85 -39.48 -11.19
C SER Q 30 -25.92 -40.78 -11.98
N SER Q 31 -26.87 -40.83 -12.91
CA SER Q 31 -27.00 -42.01 -13.76
C SER Q 31 -25.78 -42.26 -14.62
N ASN Q 32 -24.87 -41.28 -14.74
CA ASN Q 32 -23.66 -41.54 -15.50
C ASN Q 32 -22.67 -42.43 -14.75
N TYR Q 33 -22.90 -42.72 -13.47
CA TYR Q 33 -21.93 -43.44 -12.67
C TYR Q 33 -22.46 -44.80 -12.20
N LEU Q 34 -23.51 -45.31 -12.84
CA LEU Q 34 -24.11 -46.59 -12.51
C LEU Q 34 -23.92 -47.54 -13.69
N HIS Q 35 -23.36 -48.72 -13.42
CA HIS Q 35 -23.04 -49.70 -14.45
C HIS Q 35 -23.42 -51.10 -14.00
N TRP Q 36 -23.55 -51.99 -14.98
CA TRP Q 36 -23.94 -53.37 -14.75
C TRP Q 36 -22.91 -54.32 -15.36
N TYR Q 37 -22.63 -55.41 -14.65
CA TYR Q 37 -21.70 -56.43 -15.11
C TYR Q 37 -22.38 -57.79 -15.13
N GLN Q 38 -21.94 -58.64 -16.06
CA GLN Q 38 -22.40 -60.01 -16.15
C GLN Q 38 -21.22 -60.95 -15.95
N GLN Q 39 -21.38 -61.93 -15.07
CA GLN Q 39 -20.34 -62.92 -14.80
C GLN Q 39 -20.95 -64.31 -14.97
N LYS Q 40 -20.52 -65.02 -16.02
CA LYS Q 40 -20.96 -66.38 -16.25
C LYS Q 40 -20.14 -67.36 -15.41
N PRO Q 41 -20.69 -68.54 -15.11
CA PRO Q 41 -19.95 -69.49 -14.28
C PRO Q 41 -18.62 -69.88 -14.90
N GLY Q 42 -17.57 -69.85 -14.08
CA GLY Q 42 -16.23 -70.13 -14.56
C GLY Q 42 -15.64 -69.05 -15.43
N CYS Q 43 -16.09 -67.80 -15.29
CA CYS Q 43 -15.63 -66.72 -16.14
C CYS Q 43 -15.46 -65.47 -15.30
N SER Q 44 -14.68 -64.52 -15.84
CA SER Q 44 -14.50 -63.23 -15.19
C SER Q 44 -15.67 -62.30 -15.53
N PRO Q 45 -16.02 -61.40 -14.61
CA PRO Q 45 -17.11 -60.46 -14.92
C PRO Q 45 -16.82 -59.68 -16.20
N LYS Q 46 -17.88 -59.39 -16.94
CA LYS Q 46 -17.79 -58.59 -18.16
C LYS Q 46 -18.76 -57.42 -18.08
N LEU Q 47 -18.35 -56.30 -18.64
CA LEU Q 47 -19.21 -55.13 -18.69
C LEU Q 47 -20.46 -55.40 -19.51
N LEU Q 48 -21.62 -55.10 -18.92
CA LEU Q 48 -22.90 -55.26 -19.59
C LEU Q 48 -23.51 -53.92 -19.97
N ILE Q 49 -23.73 -53.04 -19.00
CA ILE Q 49 -24.27 -51.71 -19.24
C ILE Q 49 -23.38 -50.69 -18.55
N TYR Q 50 -23.08 -49.59 -19.23
CA TYR Q 50 -22.33 -48.50 -18.64
C TYR Q 50 -23.14 -47.22 -18.77
N ARG Q 51 -23.04 -46.36 -17.76
CA ARG Q 51 -23.87 -45.14 -17.66
C ARG Q 51 -25.36 -45.47 -17.80
N THR Q 52 -25.79 -46.43 -16.98
CA THR Q 52 -27.20 -46.79 -16.76
C THR Q 52 -27.90 -47.48 -17.93
N SER Q 53 -27.86 -46.91 -19.13
CA SER Q 53 -28.66 -47.46 -20.23
C SER Q 53 -27.87 -47.61 -21.53
N LYS Q 54 -26.54 -47.62 -21.47
CA LYS Q 54 -25.71 -47.76 -22.65
C LYS Q 54 -25.19 -49.20 -22.71
N LEU Q 55 -25.57 -49.93 -23.76
CA LEU Q 55 -25.15 -51.32 -23.90
C LEU Q 55 -23.68 -51.39 -24.29
N ALA Q 56 -22.94 -52.25 -23.60
CA ALA Q 56 -21.53 -52.43 -23.92
C ALA Q 56 -21.38 -53.08 -25.30
N SER Q 57 -20.16 -53.04 -25.82
CA SER Q 57 -19.90 -53.64 -27.12
C SER Q 57 -20.14 -55.14 -27.08
N GLY Q 58 -21.03 -55.62 -27.94
CA GLY Q 58 -21.25 -57.04 -28.11
C GLY Q 58 -22.44 -57.60 -27.35
N VAL Q 59 -22.93 -56.92 -26.33
CA VAL Q 59 -24.01 -57.53 -25.54
C VAL Q 59 -25.28 -57.56 -26.39
N PRO Q 60 -26.12 -58.58 -26.24
CA PRO Q 60 -27.36 -58.62 -27.03
C PRO Q 60 -28.28 -57.45 -26.71
N ALA Q 61 -29.08 -57.08 -27.70
CA ALA Q 61 -30.00 -55.96 -27.56
C ALA Q 61 -31.11 -56.19 -26.55
N ARG Q 62 -31.40 -57.46 -26.21
CA ARG Q 62 -32.44 -57.73 -25.23
C ARG Q 62 -32.09 -57.19 -23.85
N PHE Q 63 -30.83 -56.85 -23.59
CA PHE Q 63 -30.47 -56.20 -22.35
C PHE Q 63 -30.73 -54.71 -22.43
N SER Q 64 -31.13 -54.14 -21.30
CA SER Q 64 -31.36 -52.71 -21.20
C SER Q 64 -31.32 -52.32 -19.73
N GLY Q 65 -30.88 -51.09 -19.48
CA GLY Q 65 -30.86 -50.57 -18.13
C GLY Q 65 -31.64 -49.28 -18.02
N SER Q 66 -31.97 -48.87 -16.80
CA SER Q 66 -32.77 -47.68 -16.57
C SER Q 66 -32.66 -47.30 -15.10
N GLY Q 67 -33.14 -46.10 -14.79
CA GLY Q 67 -33.21 -45.63 -13.41
C GLY Q 67 -32.60 -44.24 -13.26
N SER Q 68 -32.75 -43.73 -12.05
CA SER Q 68 -32.16 -42.46 -11.64
C SER Q 68 -32.17 -42.40 -10.11
N GLY Q 69 -31.44 -41.43 -9.57
CA GLY Q 69 -31.40 -41.24 -8.13
C GLY Q 69 -30.84 -42.44 -7.39
N THR Q 70 -31.69 -43.10 -6.60
CA THR Q 70 -31.28 -44.25 -5.80
C THR Q 70 -31.85 -45.56 -6.33
N SER Q 71 -32.54 -45.54 -7.47
CA SER Q 71 -33.23 -46.71 -7.98
C SER Q 71 -32.81 -46.97 -9.41
N TYR Q 72 -32.27 -48.16 -9.66
CA TYR Q 72 -31.82 -48.56 -11.00
C TYR Q 72 -32.24 -50.00 -11.24
N SER Q 73 -32.45 -50.34 -12.51
CA SER Q 73 -33.00 -51.64 -12.87
C SER Q 73 -32.36 -52.18 -14.14
N LEU Q 74 -31.86 -53.42 -14.06
CA LEU Q 74 -31.42 -54.16 -15.23
C LEU Q 74 -32.57 -55.03 -15.72
N THR Q 75 -32.78 -55.04 -17.03
CA THR Q 75 -33.95 -55.70 -17.62
C THR Q 75 -33.52 -56.50 -18.83
N ILE Q 76 -33.83 -57.79 -18.82
CA ILE Q 76 -33.73 -58.64 -19.99
C ILE Q 76 -35.13 -58.77 -20.57
N GLY Q 77 -35.30 -58.41 -21.84
CA GLY Q 77 -36.61 -58.42 -22.45
C GLY Q 77 -37.20 -59.81 -22.56
N THR Q 78 -36.50 -60.68 -23.29
CA THR Q 78 -36.89 -62.08 -23.42
C THR Q 78 -35.68 -62.93 -23.07
N MET Q 79 -35.73 -63.61 -21.93
CA MET Q 79 -34.58 -64.37 -21.46
C MET Q 79 -34.21 -65.47 -22.44
N GLU Q 80 -32.92 -65.75 -22.51
CA GLU Q 80 -32.36 -66.87 -23.23
C GLU Q 80 -31.52 -67.71 -22.28
N ALA Q 81 -31.34 -68.99 -22.64
CA ALA Q 81 -30.60 -69.90 -21.78
C ALA Q 81 -29.18 -69.41 -21.53
N GLU Q 82 -28.60 -68.67 -22.48
CA GLU Q 82 -27.26 -68.12 -22.28
C GLU Q 82 -27.19 -67.13 -21.14
N ASP Q 83 -28.32 -66.51 -20.79
CA ASP Q 83 -28.34 -65.44 -19.81
C ASP Q 83 -28.21 -65.94 -18.37
N VAL Q 84 -28.03 -67.24 -18.16
CA VAL Q 84 -27.78 -67.79 -16.83
C VAL Q 84 -26.43 -67.25 -16.37
N ALA Q 85 -26.44 -66.42 -15.33
CA ALA Q 85 -25.24 -65.79 -14.81
C ALA Q 85 -25.59 -65.08 -13.51
N THR Q 86 -24.60 -64.42 -12.92
CA THR Q 86 -24.80 -63.54 -11.79
C THR Q 86 -24.49 -62.11 -12.22
N TYR Q 87 -25.43 -61.20 -11.96
CA TYR Q 87 -25.34 -59.82 -12.43
C TYR Q 87 -25.05 -58.89 -11.26
N TYR Q 88 -24.06 -58.01 -11.44
CA TYR Q 88 -23.64 -57.06 -10.44
C TYR Q 88 -23.87 -55.64 -10.93
N CYS Q 89 -24.23 -54.76 -10.00
CA CYS Q 89 -24.30 -53.32 -10.27
C CYS Q 89 -23.20 -52.61 -9.50
N GLN Q 90 -22.59 -51.61 -10.13
CA GLN Q 90 -21.46 -50.90 -9.55
C GLN Q 90 -21.65 -49.40 -9.76
N GLN Q 91 -21.31 -48.62 -8.75
CA GLN Q 91 -21.40 -47.17 -8.80
C GLN Q 91 -20.01 -46.54 -8.78
N GLY Q 92 -19.89 -45.38 -9.42
CA GLY Q 92 -18.60 -44.72 -9.56
C GLY Q 92 -18.58 -43.29 -9.06
N SER Q 93 -19.69 -42.87 -8.42
CA SER Q 93 -19.77 -41.51 -7.89
C SER Q 93 -18.82 -41.33 -6.70
N SER Q 94 -18.77 -42.30 -5.80
CA SER Q 94 -17.89 -42.22 -4.65
C SER Q 94 -16.79 -43.27 -4.75
N ILE Q 95 -16.38 -43.80 -3.59
CA ILE Q 95 -15.48 -44.96 -3.59
C ILE Q 95 -16.19 -46.11 -4.27
N TYR Q 96 -15.45 -46.83 -5.13
CA TYR Q 96 -16.05 -47.87 -5.95
C TYR Q 96 -16.73 -48.94 -5.10
N THR Q 97 -17.94 -49.33 -5.50
CA THR Q 97 -18.75 -50.27 -4.74
C THR Q 97 -19.55 -51.12 -5.71
N PHE Q 98 -19.74 -52.39 -5.34
CA PHE Q 98 -20.56 -53.30 -6.11
C PHE Q 98 -21.83 -53.64 -5.33
N GLY Q 99 -22.77 -54.27 -6.01
CA GLY Q 99 -24.08 -54.51 -5.44
C GLY Q 99 -24.25 -55.75 -4.61
N GLY Q 100 -23.49 -56.80 -4.91
CA GLY Q 100 -23.59 -58.06 -4.21
C GLY Q 100 -24.06 -59.21 -5.07
N GLY Q 101 -24.63 -58.94 -6.24
CA GLY Q 101 -24.92 -60.00 -7.19
C GLY Q 101 -26.35 -60.51 -7.19
N THR Q 102 -26.86 -60.79 -8.38
CA THR Q 102 -28.15 -61.44 -8.57
C THR Q 102 -27.93 -62.65 -9.46
N LYS Q 103 -28.26 -63.84 -8.94
CA LYS Q 103 -28.04 -65.07 -9.66
C LYS Q 103 -29.30 -65.45 -10.43
N LEU Q 104 -29.13 -65.85 -11.69
CA LEU Q 104 -30.21 -66.23 -12.57
C LEU Q 104 -30.22 -67.74 -12.77
N GLU Q 105 -31.39 -68.35 -12.61
CA GLU Q 105 -31.58 -69.79 -12.69
C GLU Q 105 -32.59 -70.12 -13.79
N ILE Q 106 -32.71 -71.41 -14.08
CA ILE Q 106 -33.65 -71.93 -15.07
C ILE Q 106 -34.72 -72.71 -14.33
N LYS Q 107 -35.98 -72.52 -14.73
CA LYS Q 107 -37.07 -72.95 -13.86
C LYS Q 107 -37.29 -74.45 -13.90
N ARG Q 108 -37.24 -75.05 -15.09
CA ARG Q 108 -37.41 -76.48 -15.25
C ARG Q 108 -38.75 -76.93 -14.68
N ALA Q 109 -38.73 -78.04 -13.94
CA ALA Q 109 -39.93 -78.56 -13.28
C ALA Q 109 -39.55 -79.06 -11.90
N ASP Q 110 -40.56 -79.22 -11.04
CA ASP Q 110 -40.34 -79.64 -9.66
C ASP Q 110 -40.07 -81.14 -9.62
N ALA Q 111 -38.85 -81.51 -9.99
CA ALA Q 111 -38.42 -82.91 -9.97
C ALA Q 111 -38.15 -83.35 -8.54
N ALA Q 112 -38.53 -84.63 -8.22
CA ALA Q 112 -38.29 -85.25 -6.92
C ALA Q 112 -36.91 -85.91 -6.89
N PRO Q 113 -36.26 -85.88 -5.74
CA PRO Q 113 -34.92 -86.48 -5.65
C PRO Q 113 -34.97 -87.99 -5.49
N THR Q 114 -34.06 -88.68 -6.19
CA THR Q 114 -33.92 -90.13 -6.06
C THR Q 114 -32.85 -90.40 -5.01
N VAL Q 115 -33.26 -90.96 -3.89
CA VAL Q 115 -32.37 -91.16 -2.75
C VAL Q 115 -31.52 -92.40 -2.98
N SER Q 116 -30.25 -92.31 -2.60
CA SER Q 116 -29.31 -93.44 -2.66
C SER Q 116 -28.40 -93.37 -1.44
N ILE Q 117 -28.45 -94.40 -0.59
CA ILE Q 117 -27.60 -94.49 0.59
C ILE Q 117 -26.59 -95.61 0.36
N PHE Q 118 -25.34 -95.35 0.77
CA PHE Q 118 -24.26 -96.29 0.54
C PHE Q 118 -23.56 -96.62 1.86
N PRO Q 119 -23.32 -97.90 2.15
CA PRO Q 119 -22.57 -98.25 3.36
C PRO Q 119 -21.10 -97.90 3.21
N PRO Q 120 -20.34 -97.83 4.31
CA PRO Q 120 -18.91 -97.55 4.20
C PRO Q 120 -18.19 -98.66 3.44
N SER Q 121 -17.14 -98.27 2.71
CA SER Q 121 -16.43 -99.20 1.85
C SER Q 121 -15.59 -100.18 2.66
N SER Q 122 -15.13 -101.24 1.97
CA SER Q 122 -14.27 -102.21 2.62
C SER Q 122 -12.85 -101.68 2.80
N GLU Q 123 -12.33 -100.95 1.81
CA GLU Q 123 -11.01 -100.36 1.95
C GLU Q 123 -11.00 -99.26 3.01
N GLN Q 124 -12.14 -98.65 3.27
CA GLN Q 124 -12.23 -97.62 4.29
C GLN Q 124 -12.28 -98.21 5.69
N LEU Q 125 -13.01 -99.31 5.86
CA LEU Q 125 -13.12 -99.94 7.18
C LEU Q 125 -11.78 -100.49 7.65
N THR Q 126 -10.91 -100.89 6.72
CA THR Q 126 -9.59 -101.36 7.10
C THR Q 126 -8.72 -100.23 7.63
N SER Q 127 -8.96 -99.00 7.17
CA SER Q 127 -8.19 -97.84 7.61
C SER Q 127 -8.64 -97.29 8.96
N GLY Q 128 -9.76 -97.78 9.49
CA GLY Q 128 -10.25 -97.34 10.78
C GLY Q 128 -11.35 -96.29 10.72
N GLY Q 129 -11.76 -95.87 9.54
CA GLY Q 129 -12.79 -94.85 9.41
C GLY Q 129 -13.92 -95.32 8.51
N ALA Q 130 -15.14 -95.04 8.94
CA ALA Q 130 -16.34 -95.41 8.20
C ALA Q 130 -17.09 -94.14 7.80
N SER Q 131 -17.30 -93.97 6.50
CA SER Q 131 -18.03 -92.83 5.96
C SER Q 131 -19.26 -93.34 5.21
N VAL Q 132 -20.42 -92.81 5.55
CA VAL Q 132 -21.68 -93.15 4.90
C VAL Q 132 -22.08 -91.99 4.01
N VAL Q 133 -22.33 -92.28 2.73
CA VAL Q 133 -22.63 -91.26 1.73
C VAL Q 133 -24.05 -91.47 1.23
N CYS Q 134 -24.87 -90.42 1.34
CA CYS Q 134 -26.22 -90.40 0.83
C CYS Q 134 -26.29 -89.47 -0.37
N PHE Q 135 -26.78 -89.98 -1.50
CA PHE Q 135 -26.81 -89.25 -2.76
C PHE Q 135 -28.24 -88.87 -3.10
N LEU Q 136 -28.44 -87.60 -3.46
CA LEU Q 136 -29.74 -87.09 -3.89
C LEU Q 136 -29.57 -86.39 -5.23
N ASN Q 137 -30.22 -86.91 -6.26
CA ASN Q 137 -30.01 -86.44 -7.63
C ASN Q 137 -31.33 -86.02 -8.26
N ASN Q 138 -31.24 -85.06 -9.18
CA ASN Q 138 -32.31 -84.69 -10.10
C ASN Q 138 -33.54 -84.17 -9.35
N PHE Q 139 -33.37 -83.05 -8.67
CA PHE Q 139 -34.47 -82.42 -7.95
C PHE Q 139 -34.49 -80.93 -8.23
N TYR Q 140 -35.66 -80.33 -8.03
CA TYR Q 140 -35.89 -78.92 -8.20
C TYR Q 140 -37.09 -78.52 -7.33
N PRO Q 141 -36.97 -77.42 -6.57
CA PRO Q 141 -35.87 -76.43 -6.51
C PRO Q 141 -34.63 -76.90 -5.77
N LYS Q 142 -33.61 -76.04 -5.75
CA LYS Q 142 -32.34 -76.35 -5.09
C LYS Q 142 -32.49 -76.49 -3.58
N ASP Q 143 -33.55 -75.93 -3.00
CA ASP Q 143 -33.74 -75.99 -1.55
C ASP Q 143 -34.09 -77.41 -1.14
N ILE Q 144 -33.16 -78.07 -0.47
CA ILE Q 144 -33.36 -79.42 0.05
C ILE Q 144 -32.62 -79.55 1.38
N ASN Q 145 -33.26 -80.19 2.35
CA ASN Q 145 -32.70 -80.36 3.68
C ASN Q 145 -32.74 -81.82 4.05
N VAL Q 146 -31.65 -82.34 4.61
CA VAL Q 146 -31.51 -83.75 4.92
C VAL Q 146 -31.26 -83.91 6.41
N LYS Q 147 -31.79 -84.99 6.97
CA LYS Q 147 -31.57 -85.34 8.37
C LYS Q 147 -31.19 -86.82 8.44
N TRP Q 148 -30.06 -87.12 9.08
CA TRP Q 148 -29.57 -88.48 9.22
C TRP Q 148 -29.78 -88.94 10.66
N LYS Q 149 -30.39 -90.11 10.82
CA LYS Q 149 -30.73 -90.66 12.12
C LYS Q 149 -30.06 -92.01 12.29
N ILE Q 150 -29.32 -92.16 13.38
CA ILE Q 150 -28.66 -93.43 13.72
C ILE Q 150 -29.49 -94.10 14.81
N ASP Q 151 -30.14 -95.21 14.47
CA ASP Q 151 -30.98 -95.95 15.40
C ASP Q 151 -32.12 -95.10 15.95
N GLY Q 152 -32.67 -94.24 15.09
CA GLY Q 152 -33.76 -93.37 15.45
C GLY Q 152 -33.38 -92.09 16.17
N SER Q 153 -32.09 -91.88 16.43
CA SER Q 153 -31.60 -90.69 17.10
C SER Q 153 -30.94 -89.79 16.07
N GLU Q 154 -31.37 -88.53 16.01
CA GLU Q 154 -30.82 -87.60 15.04
C GLU Q 154 -29.36 -87.31 15.34
N ARG Q 155 -28.60 -87.03 14.27
CA ARG Q 155 -27.19 -86.73 14.37
C ARG Q 155 -26.88 -85.44 13.63
N GLN Q 156 -26.01 -84.61 14.20
CA GLN Q 156 -25.59 -83.36 13.60
C GLN Q 156 -24.09 -83.25 13.43
N ASN Q 157 -23.31 -84.24 13.89
CA ASN Q 157 -21.86 -84.22 13.79
C ASN Q 157 -21.39 -85.05 12.61
N GLY Q 158 -20.23 -84.66 12.06
CA GLY Q 158 -19.59 -85.42 11.01
C GLY Q 158 -20.24 -85.36 9.65
N VAL Q 159 -21.38 -84.68 9.52
CA VAL Q 159 -22.06 -84.58 8.24
C VAL Q 159 -21.39 -83.52 7.39
N LEU Q 160 -21.01 -83.89 6.17
CA LEU Q 160 -20.42 -82.98 5.19
C LEU Q 160 -21.30 -82.96 3.96
N ASN Q 161 -21.90 -81.81 3.67
CA ASN Q 161 -22.82 -81.67 2.55
C ASN Q 161 -22.16 -80.90 1.42
N SER Q 162 -22.57 -81.23 0.19
CA SER Q 162 -22.04 -80.60 -1.01
C SER Q 162 -23.16 -80.42 -2.01
N TRP Q 163 -23.33 -79.19 -2.50
CA TRP Q 163 -24.35 -78.86 -3.49
C TRP Q 163 -23.69 -78.54 -4.81
N THR Q 164 -24.24 -79.08 -5.89
CA THR Q 164 -23.73 -78.85 -7.24
C THR Q 164 -24.52 -77.74 -7.93
N ASP Q 165 -23.94 -77.22 -9.01
CA ASP Q 165 -24.59 -76.16 -9.77
C ASP Q 165 -25.68 -76.74 -10.67
N GLN Q 166 -26.53 -75.85 -11.19
CA GLN Q 166 -27.65 -76.29 -12.02
C GLN Q 166 -27.14 -76.96 -13.29
N ASP Q 167 -27.84 -78.03 -13.68
CA ASP Q 167 -27.39 -78.86 -14.78
C ASP Q 167 -27.46 -78.11 -16.10
N SER Q 168 -26.46 -78.33 -16.96
CA SER Q 168 -26.39 -77.61 -18.22
C SER Q 168 -27.51 -78.03 -19.16
N LYS Q 169 -27.87 -79.31 -19.15
CA LYS Q 169 -28.96 -79.84 -19.98
C LYS Q 169 -30.17 -80.28 -19.19
N ASP Q 170 -29.97 -80.96 -18.05
CA ASP Q 170 -31.09 -81.38 -17.23
C ASP Q 170 -31.75 -80.20 -16.53
N SER Q 171 -30.97 -79.15 -16.22
CA SER Q 171 -31.43 -77.98 -15.48
C SER Q 171 -31.94 -78.35 -14.09
N THR Q 172 -31.30 -79.34 -13.47
CA THR Q 172 -31.69 -79.84 -12.16
C THR Q 172 -30.48 -79.83 -11.24
N TYR Q 173 -30.73 -80.11 -9.96
CA TYR Q 173 -29.70 -80.06 -8.93
C TYR Q 173 -29.43 -81.45 -8.36
N SER Q 174 -28.36 -81.54 -7.58
CA SER Q 174 -27.98 -82.78 -6.90
C SER Q 174 -27.20 -82.43 -5.65
N MET Q 175 -27.46 -83.16 -4.57
CA MET Q 175 -26.82 -82.93 -3.28
C MET Q 175 -26.19 -84.22 -2.77
N SER Q 176 -24.99 -84.10 -2.20
CA SER Q 176 -24.26 -85.22 -1.61
C SER Q 176 -23.96 -84.90 -0.16
N SER Q 177 -24.42 -85.75 0.75
CA SER Q 177 -24.17 -85.61 2.18
C SER Q 177 -23.46 -86.86 2.67
N THR Q 178 -22.21 -86.71 3.09
CA THR Q 178 -21.38 -87.82 3.55
C THR Q 178 -21.21 -87.72 5.05
N LEU Q 179 -21.64 -88.76 5.77
CA LEU Q 179 -21.48 -88.84 7.22
C LEU Q 179 -20.32 -89.76 7.53
N THR Q 180 -19.24 -89.19 8.09
CA THR Q 180 -18.06 -89.96 8.45
C THR Q 180 -18.05 -90.22 9.95
N LEU Q 181 -17.66 -91.44 10.32
CA LEU Q 181 -17.55 -91.84 11.71
C LEU Q 181 -16.35 -92.75 11.87
N THR Q 182 -15.93 -92.93 13.12
CA THR Q 182 -14.84 -93.86 13.39
C THR Q 182 -15.36 -95.30 13.37
N LYS Q 183 -14.44 -96.23 13.08
CA LYS Q 183 -14.82 -97.64 12.96
C LYS Q 183 -15.41 -98.19 14.25
N ASP Q 184 -15.08 -97.61 15.40
CA ASP Q 184 -15.63 -98.09 16.65
C ASP Q 184 -17.02 -97.53 16.91
N GLU Q 185 -17.33 -96.33 16.39
CA GLU Q 185 -18.65 -95.75 16.57
C GLU Q 185 -19.65 -96.29 15.55
N TYR Q 186 -19.18 -96.75 14.40
CA TYR Q 186 -20.07 -97.36 13.41
C TYR Q 186 -20.46 -98.78 13.81
N GLU Q 187 -19.59 -99.50 14.51
CA GLU Q 187 -19.89 -100.83 14.99
C GLU Q 187 -20.80 -100.85 16.20
N ARG Q 188 -21.03 -99.69 16.84
CA ARG Q 188 -21.92 -99.58 17.99
C ARG Q 188 -23.35 -99.21 17.59
N HIS Q 189 -23.58 -98.83 16.34
CA HIS Q 189 -24.92 -98.51 15.85
C HIS Q 189 -25.37 -99.58 14.87
N ASN Q 190 -26.69 -99.78 14.79
CA ASN Q 190 -27.27 -100.83 13.97
C ASN Q 190 -28.13 -100.34 12.82
N SER Q 191 -28.81 -99.20 12.96
CA SER Q 191 -29.71 -98.69 11.93
C SER Q 191 -29.39 -97.24 11.64
N TYR Q 192 -29.20 -96.93 10.35
CA TYR Q 192 -28.92 -95.57 9.90
C TYR Q 192 -29.87 -95.24 8.76
N THR Q 193 -30.75 -94.26 8.98
CA THR Q 193 -31.74 -93.86 7.99
C THR Q 193 -31.41 -92.47 7.48
N CYS Q 194 -31.45 -92.31 6.15
CA CYS Q 194 -31.15 -91.03 5.49
C CYS Q 194 -32.46 -90.41 5.05
N GLU Q 195 -32.90 -89.39 5.78
CA GLU Q 195 -34.19 -88.72 5.53
C GLU Q 195 -33.95 -87.42 4.78
N ALA Q 196 -34.74 -87.20 3.72
CA ALA Q 196 -34.61 -86.02 2.87
C ALA Q 196 -35.95 -85.28 2.82
N THR Q 197 -35.91 -83.98 3.08
CA THR Q 197 -37.09 -83.13 3.04
C THR Q 197 -37.04 -82.25 1.80
N HIS Q 198 -38.13 -82.23 1.04
CA HIS Q 198 -38.21 -81.47 -0.20
C HIS Q 198 -39.62 -80.92 -0.37
N LYS Q 199 -39.77 -79.99 -1.31
CA LYS Q 199 -41.07 -79.40 -1.59
C LYS Q 199 -41.99 -80.31 -2.38
N THR Q 200 -41.47 -81.39 -2.97
CA THR Q 200 -42.29 -82.25 -3.83
C THR Q 200 -43.13 -83.21 -3.01
N SER Q 201 -42.58 -83.74 -1.91
CA SER Q 201 -43.27 -84.72 -1.09
C SER Q 201 -43.58 -84.11 0.28
N THR Q 202 -44.82 -84.30 0.74
CA THR Q 202 -45.17 -83.86 2.09
C THR Q 202 -44.46 -84.68 3.15
N SER Q 203 -44.16 -85.97 2.85
CA SER Q 203 -43.45 -86.87 3.75
C SER Q 203 -42.01 -87.04 3.29
N PRO Q 204 -41.07 -87.12 4.22
CA PRO Q 204 -39.66 -87.24 3.84
C PRO Q 204 -39.36 -88.58 3.19
N ILE Q 205 -38.51 -88.55 2.17
CA ILE Q 205 -38.06 -89.76 1.49
C ILE Q 205 -36.86 -90.30 2.26
N VAL Q 206 -37.01 -91.48 2.85
CA VAL Q 206 -36.00 -92.05 3.73
C VAL Q 206 -35.47 -93.33 3.11
N LYS Q 207 -34.14 -93.48 3.13
CA LYS Q 207 -33.45 -94.70 2.72
C LYS Q 207 -32.69 -95.25 3.91
N SER Q 208 -32.72 -96.56 4.10
CA SER Q 208 -32.18 -97.17 5.30
C SER Q 208 -31.39 -98.42 4.96
N PHE Q 209 -30.47 -98.77 5.85
CA PHE Q 209 -29.71 -100.01 5.77
C PHE Q 209 -29.27 -100.38 7.18
N ASN Q 210 -29.10 -101.68 7.41
CA ASN Q 210 -28.71 -102.18 8.72
C ASN Q 210 -27.39 -102.93 8.68
N GLU R 1 -8.18 -55.50 -30.28
CA GLU R 1 -8.83 -55.44 -28.96
C GLU R 1 -7.80 -55.44 -27.85
N VAL R 2 -8.04 -54.62 -26.82
CA VAL R 2 -7.16 -54.56 -25.66
C VAL R 2 -7.42 -55.78 -24.76
N GLN R 3 -6.36 -56.54 -24.50
CA GLN R 3 -6.43 -57.75 -23.70
C GLN R 3 -5.66 -57.56 -22.40
N LEU R 4 -5.95 -58.43 -21.43
CA LEU R 4 -5.39 -58.30 -20.09
C LEU R 4 -5.05 -59.69 -19.57
N GLN R 5 -3.81 -59.89 -19.13
CA GLN R 5 -3.30 -61.20 -18.74
C GLN R 5 -2.77 -61.16 -17.31
N GLN R 6 -3.22 -62.10 -16.49
CA GLN R 6 -2.83 -62.18 -15.09
C GLN R 6 -1.92 -63.38 -14.87
N SER R 7 -1.26 -63.40 -13.72
CA SER R 7 -0.36 -64.47 -13.37
C SER R 7 -1.13 -65.69 -12.88
N GLY R 8 -0.42 -66.81 -12.75
CA GLY R 8 -1.06 -68.08 -12.46
C GLY R 8 -1.50 -68.20 -11.01
N PRO R 9 -2.10 -69.36 -10.70
CA PRO R 9 -2.58 -69.59 -9.33
C PRO R 9 -1.42 -69.67 -8.35
N GLU R 10 -1.70 -69.28 -7.11
CA GLU R 10 -0.69 -69.24 -6.07
C GLU R 10 -1.22 -69.90 -4.80
N LEU R 11 -0.38 -70.70 -4.16
CA LEU R 11 -0.65 -71.31 -2.87
C LEU R 11 0.38 -70.79 -1.88
N VAL R 12 -0.08 -70.01 -0.91
CA VAL R 12 0.82 -69.37 0.04
C VAL R 12 0.48 -69.85 1.45
N LYS R 13 1.52 -69.93 2.30
CA LYS R 13 1.33 -70.28 3.70
C LYS R 13 0.83 -69.06 4.48
N PRO R 14 0.08 -69.28 5.57
CA PRO R 14 -0.46 -68.15 6.34
C PRO R 14 0.66 -67.26 6.88
N GLY R 15 0.44 -65.95 6.79
CA GLY R 15 1.42 -64.97 7.24
C GLY R 15 2.44 -64.57 6.22
N ALA R 16 2.54 -65.26 5.09
CA ALA R 16 3.50 -64.93 4.05
C ALA R 16 2.93 -63.83 3.17
N SER R 17 3.60 -63.55 2.05
CA SER R 17 3.17 -62.52 1.12
C SER R 17 3.32 -63.02 -0.31
N MET R 18 2.31 -62.74 -1.13
CA MET R 18 2.31 -63.14 -2.53
C MET R 18 2.23 -61.91 -3.42
N LYS R 19 2.71 -62.06 -4.65
CA LYS R 19 2.73 -60.97 -5.62
C LYS R 19 2.09 -61.45 -6.91
N ILE R 20 1.15 -60.67 -7.43
CA ILE R 20 0.42 -60.99 -8.65
C ILE R 20 0.79 -59.98 -9.72
N SER R 21 0.89 -60.44 -10.96
CA SER R 21 1.23 -59.58 -12.09
C SER R 21 0.04 -59.51 -13.05
N CYS R 22 -0.17 -58.32 -13.61
CA CYS R 22 -1.24 -58.07 -14.58
C CYS R 22 -0.64 -57.35 -15.77
N LYS R 23 -0.70 -57.97 -16.94
CA LYS R 23 -0.07 -57.45 -18.15
C LYS R 23 -1.12 -56.98 -19.14
N ALA R 24 -0.99 -55.74 -19.60
CA ALA R 24 -1.92 -55.15 -20.56
C ALA R 24 -1.32 -55.18 -21.96
N SER R 25 -2.17 -55.40 -22.96
CA SER R 25 -1.72 -55.58 -24.32
C SER R 25 -2.73 -54.98 -25.28
N GLY R 26 -2.26 -54.56 -26.45
CA GLY R 26 -3.16 -54.08 -27.49
C GLY R 26 -3.90 -52.82 -27.14
N TYR R 27 -3.27 -51.90 -26.42
CA TYR R 27 -3.87 -50.64 -26.03
C TYR R 27 -3.47 -49.55 -27.02
N SER R 28 -4.40 -48.64 -27.29
CA SER R 28 -4.16 -47.55 -28.23
C SER R 28 -3.65 -46.29 -27.57
N PHE R 29 -3.86 -46.13 -26.26
CA PHE R 29 -3.34 -45.00 -25.51
C PHE R 29 -2.87 -45.49 -24.16
N THR R 30 -2.10 -44.64 -23.47
CA THR R 30 -1.42 -45.04 -22.24
C THR R 30 -2.13 -44.57 -20.97
N GLY R 31 -3.18 -43.75 -21.09
CA GLY R 31 -3.78 -43.15 -19.92
C GLY R 31 -4.89 -43.95 -19.26
N TYR R 32 -4.82 -45.28 -19.37
CA TYR R 32 -5.81 -46.13 -18.72
C TYR R 32 -5.40 -46.40 -17.27
N THR R 33 -6.40 -46.66 -16.43
CA THR R 33 -6.21 -46.81 -15.00
C THR R 33 -6.32 -48.28 -14.62
N MET R 34 -5.34 -48.77 -13.85
CA MET R 34 -5.32 -50.14 -13.38
C MET R 34 -6.08 -50.26 -12.06
N ASN R 35 -6.97 -51.26 -11.97
CA ASN R 35 -7.72 -51.53 -10.75
C ASN R 35 -7.55 -52.99 -10.35
N TRP R 36 -7.91 -53.30 -9.11
CA TRP R 36 -7.86 -54.66 -8.58
C TRP R 36 -9.13 -54.97 -7.81
N VAL R 37 -9.77 -56.08 -8.13
CA VAL R 37 -11.03 -56.48 -7.51
C VAL R 37 -10.86 -57.88 -6.92
N LYS R 38 -11.32 -58.06 -5.69
CA LYS R 38 -11.27 -59.33 -4.99
C LYS R 38 -12.66 -59.94 -4.92
N GLN R 39 -12.78 -61.19 -5.35
CA GLN R 39 -14.04 -61.94 -5.27
C GLN R 39 -13.82 -63.12 -4.34
N SER R 40 -14.48 -63.08 -3.17
CA SER R 40 -14.27 -64.08 -2.14
C SER R 40 -15.23 -65.26 -2.34
N HIS R 41 -15.16 -66.21 -1.41
CA HIS R 41 -16.15 -67.28 -1.37
C HIS R 41 -17.51 -66.66 -1.09
N GLY R 42 -18.48 -66.96 -1.95
CA GLY R 42 -19.75 -66.25 -1.97
C GLY R 42 -19.88 -65.25 -3.09
N LYS R 43 -18.85 -65.10 -3.93
CA LYS R 43 -18.91 -64.31 -5.16
C LYS R 43 -19.15 -62.82 -4.86
N ASN R 44 -18.48 -62.31 -3.83
CA ASN R 44 -18.63 -60.93 -3.39
C ASN R 44 -17.50 -60.10 -3.97
N LEU R 45 -17.84 -59.04 -4.70
CA LEU R 45 -16.85 -58.22 -5.39
C LEU R 45 -16.48 -57.00 -4.54
N GLU R 46 -15.19 -56.85 -4.27
CA GLU R 46 -14.68 -55.75 -3.47
C GLU R 46 -13.50 -55.11 -4.18
N TRP R 47 -13.63 -53.83 -4.51
CA TRP R 47 -12.56 -53.11 -5.18
C TRP R 47 -11.46 -52.77 -4.20
N ILE R 48 -10.21 -53.10 -4.55
CA ILE R 48 -9.08 -52.95 -3.64
C ILE R 48 -8.40 -51.61 -3.87
N GLY R 49 -7.94 -51.35 -5.09
CA GLY R 49 -7.24 -50.10 -5.35
C GLY R 49 -7.12 -49.82 -6.83
N LEU R 50 -6.71 -48.59 -7.12
CA LEU R 50 -6.48 -48.15 -8.49
C LEU R 50 -5.14 -47.41 -8.57
N ILE R 51 -4.56 -47.42 -9.78
CA ILE R 51 -3.32 -46.72 -10.07
C ILE R 51 -3.50 -45.92 -11.34
N ASN R 52 -3.17 -44.63 -11.27
CA ASN R 52 -3.26 -43.73 -12.40
C ASN R 52 -1.87 -43.33 -12.85
N PRO R 53 -1.57 -43.41 -14.15
CA PRO R 53 -0.21 -43.04 -14.60
C PRO R 53 0.14 -41.58 -14.33
N TYR R 54 -0.83 -40.68 -14.46
CA TYR R 54 -0.58 -39.26 -14.26
C TYR R 54 -0.77 -38.80 -12.82
N ASN R 55 -1.21 -39.69 -11.92
CA ASN R 55 -1.32 -39.36 -10.50
C ASN R 55 -0.06 -39.69 -9.71
N ASP R 56 0.81 -40.54 -10.25
CA ASP R 56 2.10 -40.91 -9.67
C ASP R 56 1.96 -41.57 -8.30
N GLY R 57 0.77 -42.04 -7.94
CA GLY R 57 0.55 -42.63 -6.63
C GLY R 57 -0.72 -43.45 -6.61
N PRO R 58 -0.67 -44.59 -5.92
CA PRO R 58 -1.82 -45.48 -5.89
C PRO R 58 -2.89 -45.01 -4.92
N SER R 59 -4.14 -45.34 -5.25
CA SER R 59 -5.29 -45.09 -4.39
C SER R 59 -5.79 -46.43 -3.84
N TYR R 60 -6.01 -46.50 -2.54
CA TYR R 60 -6.38 -47.73 -1.88
C TYR R 60 -7.75 -47.61 -1.21
N ASN R 61 -8.46 -48.73 -1.15
CA ASN R 61 -9.64 -48.82 -0.30
C ASN R 61 -9.21 -48.92 1.16
N GLN R 62 -9.91 -48.17 2.01
CA GLN R 62 -9.55 -48.12 3.42
C GLN R 62 -9.51 -49.51 4.06
N ASN R 63 -10.38 -50.42 3.61
CA ASN R 63 -10.39 -51.77 4.14
C ASN R 63 -9.16 -52.57 3.72
N PHE R 64 -8.48 -52.15 2.65
CA PHE R 64 -7.30 -52.85 2.15
C PHE R 64 -6.02 -52.05 2.33
N LYS R 65 -6.08 -50.95 3.08
CA LYS R 65 -4.87 -50.18 3.38
C LYS R 65 -4.02 -50.98 4.37
N GLY R 66 -2.80 -51.31 3.96
CA GLY R 66 -1.92 -52.14 4.75
C GLY R 66 -1.94 -53.61 4.37
N LYS R 67 -3.03 -54.08 3.77
CA LYS R 67 -3.12 -55.46 3.31
C LYS R 67 -2.55 -55.65 1.91
N ALA R 68 -2.71 -54.65 1.04
CA ALA R 68 -2.23 -54.74 -0.33
C ALA R 68 -1.47 -53.48 -0.72
N THR R 69 -0.45 -53.65 -1.55
CA THR R 69 0.29 -52.54 -2.13
C THR R 69 0.39 -52.74 -3.64
N LEU R 70 -0.06 -51.74 -4.40
CA LEU R 70 -0.05 -51.80 -5.85
C LEU R 70 1.18 -51.07 -6.40
N THR R 71 1.74 -51.62 -7.49
CA THR R 71 2.92 -51.07 -8.13
C THR R 71 2.82 -51.27 -9.63
N VAL R 72 3.61 -50.52 -10.38
CA VAL R 72 3.55 -50.52 -11.83
C VAL R 72 4.97 -50.53 -12.40
N ASP R 73 5.18 -51.34 -13.43
CA ASP R 73 6.42 -51.38 -14.21
C ASP R 73 6.08 -50.86 -15.60
N LYS R 74 6.28 -49.55 -15.80
CA LYS R 74 5.84 -48.90 -17.03
C LYS R 74 6.65 -49.35 -18.25
N SER R 75 7.88 -49.83 -18.04
CA SER R 75 8.65 -50.34 -19.16
C SER R 75 8.03 -51.62 -19.72
N SER R 76 7.71 -52.57 -18.85
CA SER R 76 7.07 -53.81 -19.26
C SER R 76 5.56 -53.67 -19.43
N SER R 77 4.99 -52.54 -19.01
CA SER R 77 3.54 -52.31 -19.08
C SER R 77 2.78 -53.40 -18.32
N THR R 78 3.21 -53.66 -17.07
CA THR R 78 2.60 -54.67 -16.23
C THR R 78 2.33 -54.08 -14.84
N ALA R 79 1.22 -54.49 -14.24
CA ALA R 79 0.85 -54.04 -12.90
C ALA R 79 1.09 -55.16 -11.90
N TYR R 80 1.36 -54.77 -10.65
CA TYR R 80 1.67 -55.72 -9.60
C TYR R 80 0.92 -55.37 -8.33
N MET R 81 0.28 -56.38 -7.73
CA MET R 81 -0.36 -56.24 -6.42
C MET R 81 0.28 -57.23 -5.47
N GLU R 82 0.67 -56.76 -4.28
CA GLU R 82 1.28 -57.58 -3.25
C GLU R 82 0.35 -57.62 -2.05
N LEU R 83 -0.05 -58.82 -1.65
CA LEU R 83 -0.88 -59.01 -0.46
C LEU R 83 0.02 -59.48 0.68
N LEU R 84 0.04 -58.70 1.77
CA LEU R 84 0.92 -58.95 2.89
C LEU R 84 0.14 -59.54 4.07
N SER R 85 0.81 -60.42 4.81
CA SER R 85 0.24 -61.09 5.98
C SER R 85 -1.06 -61.80 5.63
N LEU R 86 -0.96 -62.75 4.70
CA LEU R 86 -2.13 -63.43 4.20
C LEU R 86 -2.77 -64.29 5.28
N THR R 87 -4.10 -64.37 5.26
CA THR R 87 -4.86 -65.16 6.21
C THR R 87 -5.84 -66.05 5.45
N SER R 88 -6.57 -66.89 6.19
CA SER R 88 -7.57 -67.75 5.57
C SER R 88 -8.70 -66.93 4.94
N GLU R 89 -8.98 -65.74 5.49
CA GLU R 89 -10.00 -64.88 4.91
C GLU R 89 -9.55 -64.25 3.60
N ASP R 90 -8.24 -64.25 3.31
CA ASP R 90 -7.72 -63.67 2.09
C ASP R 90 -7.75 -64.63 0.91
N SER R 91 -8.10 -65.89 1.12
CA SER R 91 -8.20 -66.85 0.02
C SER R 91 -9.38 -66.47 -0.87
N ALA R 92 -9.10 -66.05 -2.09
CA ALA R 92 -10.14 -65.59 -3.01
C ALA R 92 -9.56 -65.51 -4.41
N VAL R 93 -10.39 -65.06 -5.35
CA VAL R 93 -9.98 -64.79 -6.72
C VAL R 93 -9.75 -63.30 -6.86
N TYR R 94 -8.61 -62.93 -7.44
CA TYR R 94 -8.23 -61.53 -7.58
C TYR R 94 -8.16 -61.18 -9.06
N TYR R 95 -9.03 -60.25 -9.49
CA TYR R 95 -9.08 -59.77 -10.85
C TYR R 95 -8.39 -58.41 -10.96
N CYS R 96 -7.90 -58.12 -12.16
CA CYS R 96 -7.50 -56.75 -12.50
C CYS R 96 -8.37 -56.28 -13.65
N ALA R 97 -8.85 -55.04 -13.54
CA ALA R 97 -9.69 -54.44 -14.55
C ALA R 97 -9.27 -53.01 -14.76
N ILE R 98 -9.35 -52.54 -16.00
CA ILE R 98 -8.84 -51.23 -16.34
C ILE R 98 -9.97 -50.30 -16.78
N HIS R 99 -9.79 -49.02 -16.49
CA HIS R 99 -10.63 -47.96 -17.05
C HIS R 99 -10.08 -47.56 -18.42
N TYR R 100 -10.34 -48.43 -19.41
CA TYR R 100 -9.90 -48.13 -20.77
C TYR R 100 -10.82 -47.09 -21.40
N TYR R 101 -12.04 -47.51 -21.74
CA TYR R 101 -13.05 -46.57 -22.22
C TYR R 101 -13.82 -45.92 -21.08
N GLY R 102 -13.74 -46.47 -19.87
CA GLY R 102 -14.50 -45.98 -18.75
C GLY R 102 -13.71 -45.07 -17.82
N ILE R 103 -12.87 -44.22 -18.40
CA ILE R 103 -11.99 -43.39 -17.58
C ILE R 103 -12.74 -42.26 -16.88
N SER R 104 -13.80 -41.73 -17.48
CA SER R 104 -14.45 -40.59 -16.85
C SER R 104 -15.59 -40.98 -15.93
N TYR R 105 -16.29 -42.07 -16.23
CA TYR R 105 -17.43 -42.49 -15.45
C TYR R 105 -17.16 -43.76 -14.65
N TRP R 106 -15.93 -44.28 -14.71
CA TRP R 106 -15.43 -45.25 -13.74
C TRP R 106 -16.18 -46.57 -13.82
N TYR R 107 -16.25 -47.12 -15.02
CA TYR R 107 -16.69 -48.49 -15.22
C TYR R 107 -15.54 -49.32 -15.79
N PHE R 108 -15.37 -50.51 -15.25
CA PHE R 108 -14.32 -51.42 -15.71
C PHE R 108 -14.80 -52.12 -16.98
N ASP R 109 -14.22 -51.78 -18.12
CA ASP R 109 -14.66 -52.31 -19.40
C ASP R 109 -13.76 -53.42 -19.94
N VAL R 110 -12.65 -53.72 -19.26
CA VAL R 110 -11.75 -54.80 -19.66
C VAL R 110 -11.31 -55.54 -18.41
N TRP R 111 -11.53 -56.86 -18.38
CA TRP R 111 -11.23 -57.67 -17.21
C TRP R 111 -10.23 -58.77 -17.56
N GLY R 112 -9.40 -59.11 -16.58
CA GLY R 112 -8.45 -60.19 -16.73
C GLY R 112 -9.07 -61.54 -16.42
N ALA R 113 -8.28 -62.59 -16.61
CA ALA R 113 -8.76 -63.94 -16.37
C ALA R 113 -8.95 -64.21 -14.88
N GLY R 114 -8.21 -63.53 -14.04
CA GLY R 114 -8.28 -63.73 -12.61
C GLY R 114 -7.16 -64.60 -12.08
N THR R 115 -6.78 -64.36 -10.83
CA THR R 115 -5.75 -65.14 -10.16
C THR R 115 -6.32 -65.65 -8.84
N THR R 116 -6.36 -66.96 -8.67
CA THR R 116 -6.87 -67.58 -7.46
C THR R 116 -5.72 -67.79 -6.48
N VAL R 117 -5.86 -67.24 -5.28
CA VAL R 117 -4.84 -67.35 -4.24
C VAL R 117 -5.40 -68.17 -3.10
N THR R 118 -4.70 -69.24 -2.73
CA THR R 118 -5.12 -70.14 -1.66
C THR R 118 -4.17 -70.01 -0.49
N VAL R 119 -4.73 -69.83 0.71
CA VAL R 119 -3.94 -69.71 1.93
C VAL R 119 -4.26 -70.92 2.81
N SER R 120 -3.26 -71.77 3.04
CA SER R 120 -3.43 -72.96 3.86
C SER R 120 -2.12 -73.29 4.55
N SER R 121 -2.23 -73.91 5.72
CA SER R 121 -1.06 -74.36 6.47
C SER R 121 -0.78 -75.84 6.27
N ALA R 122 -1.61 -76.55 5.51
CA ALA R 122 -1.45 -77.98 5.31
C ALA R 122 -0.50 -78.26 4.15
N LYS R 123 0.07 -79.46 4.16
CA LYS R 123 1.04 -79.88 3.15
C LYS R 123 0.36 -80.78 2.11
N THR R 124 1.09 -81.01 1.02
CA THR R 124 0.57 -81.80 -0.09
C THR R 124 0.36 -83.25 0.36
N THR R 125 -0.90 -83.69 0.35
CA THR R 125 -1.28 -85.02 0.79
C THR R 125 -2.01 -85.75 -0.31
N ALA R 126 -1.74 -87.05 -0.43
CA ALA R 126 -2.34 -87.91 -1.44
C ALA R 126 -3.77 -88.29 -1.07
N PRO R 127 -4.66 -88.43 -2.06
CA PRO R 127 -6.05 -88.77 -1.77
C PRO R 127 -6.26 -90.27 -1.63
N SER R 128 -7.33 -90.62 -0.93
CA SER R 128 -7.76 -92.00 -0.76
C SER R 128 -9.15 -92.15 -1.37
N VAL R 129 -9.30 -93.15 -2.24
CA VAL R 129 -10.53 -93.36 -2.98
C VAL R 129 -11.26 -94.56 -2.40
N TYR R 130 -12.52 -94.37 -2.03
CA TYR R 130 -13.36 -95.44 -1.50
C TYR R 130 -14.55 -95.67 -2.41
N PRO R 131 -14.65 -96.80 -3.10
CA PRO R 131 -15.84 -97.07 -3.91
C PRO R 131 -17.00 -97.56 -3.05
N LEU R 132 -18.19 -97.03 -3.34
CA LEU R 132 -19.39 -97.33 -2.58
C LEU R 132 -20.38 -98.10 -3.45
N VAL R 133 -21.02 -99.11 -2.86
CA VAL R 133 -21.98 -99.95 -3.57
C VAL R 133 -23.12 -100.31 -2.68
N PRO R 134 -24.32 -100.48 -3.22
CA PRO R 134 -25.49 -100.81 -2.41
C PRO R 134 -25.67 -102.31 -2.23
N VAL R 135 -26.00 -102.70 -1.00
CA VAL R 135 -26.19 -104.11 -0.66
C VAL R 135 -27.29 -104.26 0.39
N GLY R 141 -34.79 -102.68 -8.19
CA GLY R 141 -35.63 -101.90 -9.07
C GLY R 141 -35.25 -102.02 -10.53
N SER R 142 -35.25 -100.89 -11.24
CA SER R 142 -34.90 -100.85 -12.65
C SER R 142 -33.62 -100.10 -12.95
N SER R 143 -33.13 -99.27 -12.03
CA SER R 143 -31.90 -98.53 -12.21
C SER R 143 -31.13 -98.49 -10.90
N VAL R 144 -29.83 -98.72 -10.97
CA VAL R 144 -28.97 -98.76 -9.79
C VAL R 144 -28.01 -97.58 -9.82
N THR R 145 -27.65 -97.10 -8.63
CA THR R 145 -26.73 -95.98 -8.47
C THR R 145 -25.44 -96.46 -7.84
N LEU R 146 -24.33 -95.95 -8.34
CA LEU R 146 -23.00 -96.26 -7.84
C LEU R 146 -22.31 -94.98 -7.40
N GLY R 147 -21.29 -95.15 -6.56
CA GLY R 147 -20.62 -94.03 -5.93
C GLY R 147 -19.13 -94.21 -5.85
N CYS R 148 -18.41 -93.11 -6.03
CA CYS R 148 -16.97 -93.04 -5.93
C CYS R 148 -16.61 -91.91 -4.98
N LEU R 149 -16.00 -92.25 -3.84
CA LEU R 149 -15.65 -91.28 -2.82
C LEU R 149 -14.14 -91.04 -2.84
N VAL R 150 -13.75 -89.78 -2.63
CA VAL R 150 -12.34 -89.39 -2.59
C VAL R 150 -12.17 -88.40 -1.44
N LYS R 151 -11.31 -88.74 -0.48
CA LYS R 151 -11.08 -87.89 0.67
C LYS R 151 -9.60 -87.94 1.05
N GLY R 152 -9.10 -86.83 1.60
CA GLY R 152 -7.77 -86.77 2.15
C GLY R 152 -6.71 -86.03 1.35
N TYR R 153 -7.07 -85.41 0.22
CA TYR R 153 -6.13 -84.66 -0.61
C TYR R 153 -6.19 -83.19 -0.21
N PHE R 154 -5.03 -82.54 -0.13
CA PHE R 154 -4.91 -81.20 0.46
C PHE R 154 -4.78 -80.11 -0.60
N PRO R 155 -4.04 -80.35 -1.70
CA PRO R 155 -4.07 -79.41 -2.83
C PRO R 155 -5.10 -79.76 -3.89
N GLU R 156 -5.84 -78.77 -4.37
CA GLU R 156 -6.79 -78.97 -5.46
C GLU R 156 -6.05 -78.75 -6.78
N PRO R 157 -6.59 -79.28 -7.91
CA PRO R 157 -7.83 -80.03 -8.09
C PRO R 157 -7.64 -81.55 -8.16
N VAL R 158 -8.75 -82.28 -8.12
CA VAL R 158 -8.77 -83.73 -8.28
C VAL R 158 -9.69 -84.06 -9.44
N THR R 159 -9.24 -84.94 -10.34
CA THR R 159 -9.97 -85.30 -11.54
C THR R 159 -10.40 -86.76 -11.45
N LEU R 160 -11.70 -87.01 -11.62
CA LEU R 160 -12.27 -88.35 -11.56
C LEU R 160 -13.02 -88.63 -12.86
N THR R 161 -12.77 -89.80 -13.44
CA THR R 161 -13.44 -90.24 -14.65
C THR R 161 -14.14 -91.57 -14.40
N TRP R 162 -15.12 -91.88 -15.24
CA TRP R 162 -15.89 -93.11 -15.15
C TRP R 162 -15.61 -93.95 -16.40
N ASN R 163 -15.04 -95.14 -16.18
CA ASN R 163 -14.68 -96.07 -17.26
C ASN R 163 -13.78 -95.39 -18.30
N SER R 164 -12.69 -94.78 -17.81
CA SER R 164 -11.71 -94.08 -18.64
C SER R 164 -12.36 -92.98 -19.46
N GLY R 165 -13.37 -92.31 -18.90
CA GLY R 165 -14.05 -91.24 -19.59
C GLY R 165 -15.02 -91.67 -20.66
N SER R 166 -15.42 -92.95 -20.67
CA SER R 166 -16.33 -93.44 -21.70
C SER R 166 -17.75 -92.94 -21.45
N LEU R 167 -18.33 -93.33 -20.33
CA LEU R 167 -19.69 -92.93 -19.98
C LEU R 167 -19.67 -91.57 -19.28
N SER R 168 -20.48 -90.65 -19.79
CA SER R 168 -20.61 -89.32 -19.19
C SER R 168 -22.03 -89.00 -18.75
N SER R 169 -23.03 -89.75 -19.20
CA SER R 169 -24.41 -89.52 -18.80
C SER R 169 -24.74 -90.28 -17.52
N VAL R 171 -23.73 -89.59 -13.65
CA VAL R 171 -22.40 -89.01 -13.55
C VAL R 171 -22.46 -87.58 -13.00
N HIS R 172 -22.67 -87.46 -11.70
CA HIS R 172 -22.69 -86.17 -11.00
C HIS R 172 -21.51 -86.10 -10.05
N THR R 173 -20.63 -85.13 -10.26
CA THR R 173 -19.48 -84.90 -9.39
C THR R 173 -19.72 -83.62 -8.59
N PHE R 174 -19.68 -83.74 -7.26
CA PHE R 174 -19.97 -82.65 -6.34
C PHE R 174 -18.69 -81.91 -5.99
N PRO R 175 -18.78 -80.59 -5.72
CA PRO R 175 -17.57 -79.81 -5.44
C PRO R 175 -16.90 -80.24 -4.15
N ALA R 176 -15.59 -79.99 -4.07
CA ALA R 176 -14.81 -80.37 -2.91
C ALA R 176 -15.27 -79.61 -1.67
N LEU R 177 -15.12 -80.24 -0.51
CA LEU R 177 -15.51 -79.67 0.77
C LEU R 177 -14.31 -79.67 1.70
N LEU R 178 -14.03 -78.51 2.30
CA LEU R 178 -12.88 -78.37 3.18
C LEU R 178 -13.24 -78.88 4.57
N GLN R 179 -12.54 -79.94 5.01
CA GLN R 179 -12.76 -80.51 6.33
C GLN R 179 -11.39 -80.75 6.98
N SER R 180 -10.99 -79.83 7.86
CA SER R 180 -9.75 -79.94 8.63
C SER R 180 -8.53 -80.04 7.69
N GLY R 181 -8.40 -79.07 6.80
CA GLY R 181 -7.29 -79.06 5.87
C GLY R 181 -7.27 -80.20 4.88
N LEU R 182 -8.41 -80.86 4.66
CA LEU R 182 -8.51 -81.94 3.70
C LEU R 182 -9.80 -81.78 2.90
N TYR R 183 -9.70 -81.94 1.59
CA TYR R 183 -10.86 -81.83 0.70
C TYR R 183 -11.45 -83.22 0.45
N THR R 184 -12.77 -83.27 0.31
CA THR R 184 -13.49 -84.50 0.02
C THR R 184 -14.44 -84.28 -1.14
N LEU R 185 -14.25 -85.02 -2.23
CA LEU R 185 -15.10 -84.95 -3.40
C LEU R 185 -15.82 -86.28 -3.60
N SER R 186 -17.04 -86.20 -4.12
CA SER R 186 -17.89 -87.37 -4.32
C SER R 186 -18.45 -87.37 -5.73
N SER R 187 -18.56 -88.56 -6.32
CA SER R 187 -19.10 -88.73 -7.66
C SER R 187 -20.18 -89.79 -7.66
N SER R 188 -21.27 -89.53 -8.38
CA SER R 188 -22.45 -90.41 -8.41
C SER R 188 -22.79 -90.74 -9.84
N VAL R 189 -22.69 -92.01 -10.20
CA VAL R 189 -23.04 -92.50 -11.53
C VAL R 189 -24.17 -93.52 -11.38
N THR R 190 -25.26 -93.30 -12.12
CA THR R 190 -26.39 -94.22 -12.12
C THR R 190 -26.50 -94.88 -13.50
N VAL R 191 -26.82 -96.17 -13.49
CA VAL R 191 -26.94 -96.96 -14.71
C VAL R 191 -28.18 -97.84 -14.61
N THR R 192 -28.52 -98.48 -15.72
CA THR R 192 -29.64 -99.41 -15.74
C THR R 192 -29.30 -100.65 -14.92
N SER R 193 -30.33 -101.22 -14.29
CA SER R 193 -30.11 -102.36 -13.38
C SER R 193 -29.61 -103.58 -14.12
N ASN R 194 -29.92 -103.69 -15.41
CA ASN R 194 -29.39 -104.82 -16.16
C ASN R 194 -27.94 -104.60 -16.56
N THR R 195 -27.51 -103.35 -16.64
CA THR R 195 -26.20 -103.08 -17.23
C THR R 195 -25.09 -103.19 -16.21
N TRP R 196 -25.34 -102.77 -14.97
CA TRP R 196 -24.28 -102.80 -13.96
C TRP R 196 -23.77 -104.22 -13.71
N PRO R 197 -24.60 -105.25 -13.49
CA PRO R 197 -23.97 -106.56 -13.25
C PRO R 197 -23.12 -107.01 -14.42
N SER R 198 -23.50 -106.68 -15.65
CA SER R 198 -22.72 -107.11 -16.82
C SER R 198 -21.50 -106.21 -17.05
N GLN R 199 -21.74 -104.92 -17.22
CA GLN R 199 -20.68 -103.98 -17.56
C GLN R 199 -19.85 -103.62 -16.32
N THR R 200 -18.53 -103.60 -16.49
CA THR R 200 -17.61 -103.26 -15.41
C THR R 200 -17.44 -101.75 -15.36
N ILE R 201 -17.77 -101.16 -14.21
CA ILE R 201 -17.66 -99.72 -14.00
C ILE R 201 -16.55 -99.46 -13.01
N THR R 202 -15.52 -98.73 -13.43
CA THR R 202 -14.38 -98.39 -12.59
C THR R 202 -14.09 -96.91 -12.68
N CYS R 203 -14.01 -96.24 -11.53
CA CYS R 203 -13.70 -94.82 -11.46
C CYS R 203 -12.22 -94.62 -11.15
N ASN R 204 -11.55 -93.83 -11.97
CA ASN R 204 -10.13 -93.54 -11.82
C ASN R 204 -9.95 -92.07 -11.47
N VAL R 205 -9.12 -91.80 -10.46
CA VAL R 205 -8.84 -90.45 -9.99
C VAL R 205 -7.33 -90.25 -9.92
N ALA R 206 -6.84 -89.18 -10.53
CA ALA R 206 -5.42 -88.88 -10.55
C ALA R 206 -5.21 -87.45 -10.07
N HIS R 207 -4.33 -87.28 -9.09
CA HIS R 207 -4.07 -85.97 -8.48
C HIS R 207 -2.70 -85.48 -8.92
N PRO R 208 -2.61 -84.42 -9.73
CA PRO R 208 -1.29 -83.99 -10.23
C PRO R 208 -0.38 -83.46 -9.15
N ALA R 209 -0.92 -82.73 -8.16
CA ALA R 209 -0.08 -82.13 -7.14
C ALA R 209 0.62 -83.20 -6.29
N SER R 210 -0.06 -84.32 -6.06
CA SER R 210 0.53 -85.44 -5.34
C SER R 210 1.11 -86.50 -6.26
N SER R 211 0.84 -86.43 -7.56
CA SER R 211 1.32 -87.39 -8.55
C SER R 211 0.92 -88.82 -8.16
N THR R 212 -0.36 -88.99 -7.84
CA THR R 212 -0.89 -90.27 -7.38
C THR R 212 -2.03 -90.70 -8.31
N LYS R 213 -1.93 -91.92 -8.81
CA LYS R 213 -2.97 -92.54 -9.62
C LYS R 213 -3.62 -93.66 -8.83
N VAL R 214 -4.94 -93.64 -8.72
CA VAL R 214 -5.68 -94.63 -7.96
C VAL R 214 -6.28 -95.65 -8.91
N ASP R 215 -6.27 -96.90 -8.49
CA ASP R 215 -6.89 -98.01 -9.22
C ASP R 215 -8.08 -98.47 -8.39
N LYS R 216 -9.27 -98.05 -8.81
CA LYS R 216 -10.50 -98.33 -8.06
C LYS R 216 -11.49 -99.06 -8.96
N LYS R 217 -12.06 -100.15 -8.44
CA LYS R 217 -13.11 -100.91 -9.09
C LYS R 217 -14.36 -100.89 -8.22
N ILE R 218 -15.42 -101.51 -8.72
CA ILE R 218 -16.71 -101.56 -8.01
C ILE R 218 -16.93 -102.98 -7.53
N GLU R 219 -17.10 -103.15 -6.22
CA GLU R 219 -17.33 -104.45 -5.59
C GLU R 219 -16.25 -105.47 -5.97
#